data_8GDR
#
_entry.id   8GDR
#
_cell.length_a   1.00
_cell.length_b   1.00
_cell.length_c   1.00
_cell.angle_alpha   90.00
_cell.angle_beta   90.00
_cell.angle_gamma   90.00
#
_symmetry.space_group_name_H-M   'P 1'
#
loop_
_entity.id
_entity.type
_entity.pdbx_description
1 polymer 'Spike glycoprotein'
2 polymer 'Monoclonal antibody 002-S21B10 heavy chain variable domain'
3 polymer 'Monoclonal antibody 002-S21B10 light chain variable domain'
4 branched 2-acetamido-2-deoxy-beta-D-glucopyranose-(1-4)-2-acetamido-2-deoxy-beta-D-glucopyranose
5 non-polymer 2-acetamido-2-deoxy-beta-D-glucopyranose
#
loop_
_entity_poly.entity_id
_entity_poly.type
_entity_poly.pdbx_seq_one_letter_code
_entity_poly.pdbx_strand_id
1 'polypeptide(L)'
;MGILPSPGMPALLSLVSLLSVLLMGCVAETGTQCVNLTTRTQLPPAYTNSFTRGVYYPDKVFRSSVLHSTQDLFLPFFSN
VTWFHAIHVSGTNGTKRFDNPVLPFNDGVYFASTEKSNIIRGWIFGTTLDSKTQSLLIVNNATNVVIKVCEFQFCNDPFL
GVYYHKNNKSWMESEFRVYSSANNCTFEYVSQPFLMDLEGKQGNFKNLREFVFKNIDGYFKIYSKHTPINLVRDLPQGFS
ALEPLVDLPIGINITRFQTLLALHRSYLTPGDSSSGWTAGAAAYYVGYLQPRTFLLKYNENGTITDAVDCALDPLSETKC
TLKSFTVEKGIYQTSNFRVQPTESIVRFPNITNLCPFGEVFNATRFASVYAWNRKRISNCVADYSVLYNSASFSTFKCYG
VSPTKLNDLCFTNVYADSFVIRGDEVRQIAPGQTGKIADYNYKLPDDFTGCVIAWNSNNLDSKVGGNYNYLYRLFRKSNL
KPFERDISTEIYQAGSTPCNGVEGFNCYFPLQSYGFQPTNGVGYQPYRVVVLSFELLHAPATVCGPKKSTNLVKNKCVNF
NFNGLTGTGVLTESNKKFLPFQQFGRDIADTTDAVRDPQTLEILDITPCSFGGVSVITPGTNTSNQVAVLYQDVNCTEVP
VAIHADQLTPTWRVYSTGSNVFQTRAGCLIGAEHVNNSYECDIPIGAGICASYQTQTNSPSGAGSVASQSIIAYTMSLGA
ENSVAYSNNSIAIPTNFTISVTTEILPVSMTKTSVDCTMYICGDSTECSNLLLQYGSFCTQLNRALTGIAVEQDKNTQEV
FAQVKQIYKTPPIKDFGGFNFSQILPDPSKPSKRSPIEDLLFNKVTLADAGFIKQYGDCLGDIAARDLICAQKFNGLTVL
PPLLTDEMIAQYTSALLAGTITSGWTFGAGPALQIPFPMQMAYRFNGIGVTQNVLYENQKLIANQFNSAIGKIQDSLSST
PSALGKLQDVVNQNAQALNTLVKQLSSNFGAISSVLNDILSRLDPPEAEVQIDRLITGRLQSLQTYVTQQLIRAAEIRAS
ANLAATKMSECVLGQSKRVDFCGKGYHLMSFPQSAPHGVVFLHVTYVPAQEKNFTTAPAICHDGKAHFPREGVFVSNGTH
WFVTQRNFYEPQIITTDNTFVSGNCDVVIGIVNNTVYDPLQPELDSFK
;
A,E,F
2 'polypeptide(L)'
;QITLKESGPTLVKSTQTLTLTCTFSGFSLSTYGVGVGWIRQPPGKALEWLALIYWDDDKRYTPSLKSRLTITKDTSKNQV
VLTMTNMDPLDTATYYCAQHTVPTIFDYWGQGTLVTVSSASTKGPSVFPLAPSSKSTSGGTAALGCLVKDYFPEPVTVSW
NSGALTSGVHTFPAVLQSSGLYSLSSVVTVPSSSLGTQTYICNVNHKPSNTKVDKRVEPKSCDK
;
C,H
3 'polypeptide(L)'
;QSALTQPASVSGSPEQSITISCSGTSRDIGGYNYVAWYQHHPGKAPKLMIYEVSNRPSGVSNRFSGSKSGNMASLTISGL
QAEDKADYYCTSYTTGSTVVFGGGTKLTVLGQPKAAPSVTLFPPSSEELQANKATLVCLISDFYPGAVTVAWKADSSPVK
AGVETTTPSKQSNNKYAASSYLSLTPEQWKSHRSYSCQVTHEGSTVEKTVAPTECS
;
D,J
#
loop_
_chem_comp.id
_chem_comp.type
_chem_comp.name
_chem_comp.formula
NAG D-saccharide, beta linking 2-acetamido-2-deoxy-beta-D-glucopyranose 'C8 H15 N O6'
#
# COMPACT_ATOMS: atom_id res chain seq x y z
N GLN A 33 -3.45 -65.62 4.74
CA GLN A 33 -4.18 -66.41 3.71
C GLN A 33 -3.84 -65.93 2.31
N CYS A 34 -3.79 -66.86 1.36
CA CYS A 34 -3.49 -66.54 -0.02
C CYS A 34 -4.23 -67.51 -0.94
N VAL A 35 -4.42 -67.10 -2.18
CA VAL A 35 -5.10 -67.93 -3.17
C VAL A 35 -4.13 -68.98 -3.70
N ASN A 36 -4.69 -70.01 -4.33
CA ASN A 36 -3.89 -71.12 -4.86
C ASN A 36 -2.93 -70.68 -5.96
N LEU A 37 -3.12 -69.50 -6.54
CA LEU A 37 -2.24 -69.02 -7.60
C LEU A 37 -0.89 -68.54 -7.09
N THR A 38 -0.62 -68.67 -5.79
CA THR A 38 0.65 -68.22 -5.24
C THR A 38 1.80 -68.98 -5.87
N THR A 39 2.91 -68.27 -6.11
CA THR A 39 4.08 -68.89 -6.71
C THR A 39 4.70 -69.92 -5.76
N ARG A 40 5.13 -71.04 -6.32
CA ARG A 40 5.85 -72.05 -5.57
C ARG A 40 7.36 -71.80 -5.55
N THR A 41 7.84 -70.80 -6.29
CA THR A 41 9.25 -70.43 -6.27
C THR A 41 9.34 -68.99 -6.72
N GLN A 42 9.71 -68.10 -5.79
CA GLN A 42 9.75 -66.67 -6.07
C GLN A 42 10.98 -66.31 -6.89
N LEU A 43 10.86 -65.27 -7.70
CA LEU A 43 11.95 -64.75 -8.51
C LEU A 43 12.04 -63.24 -8.33
N PRO A 44 13.24 -62.68 -8.49
CA PRO A 44 13.40 -61.23 -8.27
C PRO A 44 12.97 -60.44 -9.49
N PRO A 45 12.77 -59.14 -9.35
CA PRO A 45 12.38 -58.31 -10.50
C PRO A 45 13.57 -58.03 -11.42
N ALA A 46 13.27 -57.51 -12.60
CA ALA A 46 14.28 -57.16 -13.59
C ALA A 46 14.37 -55.65 -13.71
N TYR A 47 15.46 -55.18 -14.33
CA TYR A 47 15.70 -53.77 -14.56
C TYR A 47 15.93 -53.54 -16.04
N THR A 48 15.51 -52.37 -16.52
CA THR A 48 15.77 -51.99 -17.91
C THR A 48 15.93 -50.48 -18.00
N ASN A 49 16.84 -50.03 -18.86
CA ASN A 49 17.15 -48.62 -18.99
C ASN A 49 16.22 -47.98 -20.02
N SER A 50 15.31 -47.13 -19.56
CA SER A 50 14.47 -46.37 -20.48
C SER A 50 15.32 -45.40 -21.28
N PHE A 51 15.04 -45.32 -22.58
CA PHE A 51 15.85 -44.49 -23.47
C PHE A 51 15.30 -43.08 -23.59
N THR A 52 14.07 -42.94 -24.11
CA THR A 52 13.49 -41.63 -24.34
C THR A 52 12.02 -41.57 -23.94
N ARG A 53 11.51 -42.59 -23.28
CA ARG A 53 10.07 -42.76 -23.10
C ARG A 53 9.60 -42.12 -21.80
N GLY A 54 8.31 -41.80 -21.76
CA GLY A 54 7.70 -41.22 -20.58
C GLY A 54 7.45 -39.74 -20.69
N VAL A 55 7.07 -39.29 -21.89
CA VAL A 55 6.81 -37.88 -22.17
C VAL A 55 5.35 -37.73 -22.55
N TYR A 56 4.66 -36.80 -21.89
CA TYR A 56 3.25 -36.55 -22.11
C TYR A 56 3.01 -35.06 -22.20
N TYR A 57 1.93 -34.68 -22.88
CA TYR A 57 1.61 -33.26 -23.05
C TYR A 57 1.28 -32.65 -21.70
N PRO A 58 2.18 -31.84 -21.14
CA PRO A 58 1.92 -31.30 -19.79
C PRO A 58 0.69 -30.39 -19.73
N ASP A 59 0.27 -29.84 -20.85
CA ASP A 59 -0.89 -28.96 -20.91
C ASP A 59 -1.70 -29.31 -22.15
N LYS A 60 -2.88 -28.70 -22.26
CA LYS A 60 -3.80 -29.04 -23.35
C LYS A 60 -4.06 -27.83 -24.24
N VAL A 61 -3.00 -27.10 -24.62
CA VAL A 61 -3.11 -25.92 -25.45
C VAL A 61 -2.15 -26.05 -26.62
N PHE A 62 -2.66 -25.83 -27.82
CA PHE A 62 -1.82 -25.83 -29.02
C PHE A 62 -0.75 -24.76 -28.89
N ARG A 63 0.48 -25.08 -29.31
CA ARG A 63 1.61 -24.20 -29.08
C ARG A 63 2.45 -23.91 -30.33
N SER A 64 2.14 -24.53 -31.46
CA SER A 64 2.62 -24.06 -32.77
C SER A 64 4.14 -23.94 -32.81
N SER A 65 4.81 -25.09 -32.70
CA SER A 65 6.24 -25.18 -32.92
C SER A 65 7.02 -24.20 -32.05
N VAL A 66 6.77 -24.27 -30.75
CA VAL A 66 7.45 -23.42 -29.77
C VAL A 66 8.21 -24.32 -28.82
N LEU A 67 9.48 -24.00 -28.57
CA LEU A 67 10.30 -24.73 -27.62
C LEU A 67 9.84 -24.33 -26.23
N HIS A 68 8.82 -25.02 -25.73
CA HIS A 68 8.26 -24.68 -24.44
C HIS A 68 9.08 -25.30 -23.32
N SER A 69 8.92 -24.77 -22.11
CA SER A 69 9.58 -25.30 -20.93
C SER A 69 8.62 -25.27 -19.76
N THR A 70 8.61 -26.34 -18.98
CA THR A 70 7.68 -26.42 -17.86
C THR A 70 8.20 -27.40 -16.83
N GLN A 71 7.92 -27.10 -15.56
CA GLN A 71 8.25 -27.98 -14.45
C GLN A 71 7.02 -28.81 -14.12
N ASP A 72 7.14 -30.13 -14.29
CA ASP A 72 6.00 -31.03 -14.11
C ASP A 72 6.51 -32.40 -13.72
N LEU A 73 5.58 -33.29 -13.41
CA LEU A 73 5.92 -34.67 -13.08
C LEU A 73 6.19 -35.43 -14.37
N PHE A 74 7.42 -35.93 -14.51
CA PHE A 74 7.85 -36.59 -15.73
C PHE A 74 8.63 -37.84 -15.36
N LEU A 75 8.88 -38.68 -16.35
CA LEU A 75 9.72 -39.85 -16.15
C LEU A 75 11.15 -39.46 -16.51
N PRO A 76 12.09 -39.43 -15.53
CA PRO A 76 13.47 -39.02 -15.86
C PRO A 76 13.96 -39.66 -17.16
N PHE A 77 14.64 -38.87 -17.97
CA PHE A 77 14.89 -39.25 -19.36
C PHE A 77 15.60 -40.59 -19.44
N PHE A 78 16.57 -40.83 -18.56
CA PHE A 78 17.26 -42.12 -18.47
C PHE A 78 17.20 -42.58 -17.02
N SER A 79 16.42 -43.63 -16.75
CA SER A 79 16.31 -44.18 -15.42
C SER A 79 16.00 -45.67 -15.53
N ASN A 80 16.29 -46.39 -14.46
CA ASN A 80 16.09 -47.84 -14.43
C ASN A 80 14.63 -48.13 -14.08
N VAL A 81 13.87 -48.58 -15.06
CA VAL A 81 12.47 -48.97 -14.87
C VAL A 81 12.42 -50.44 -14.53
N THR A 82 11.53 -50.80 -13.62
CA THR A 82 11.36 -52.18 -13.22
C THR A 82 10.62 -52.96 -14.30
N TRP A 83 10.96 -54.25 -14.42
CA TRP A 83 10.42 -55.12 -15.44
C TRP A 83 9.95 -56.41 -14.77
N PHE A 84 8.70 -56.78 -15.01
CA PHE A 84 8.09 -57.96 -14.41
C PHE A 84 7.63 -58.90 -15.52
N HIS A 85 8.00 -60.16 -15.39
CA HIS A 85 7.75 -61.19 -16.39
C HIS A 85 6.58 -62.08 -15.93
N ALA A 86 6.20 -63.02 -16.80
CA ALA A 86 5.12 -63.96 -16.50
C ALA A 86 5.46 -65.38 -16.93
N ILE A 87 6.74 -65.70 -17.09
CA ILE A 87 7.18 -67.04 -17.47
C ILE A 87 8.17 -67.53 -16.44
N HIS A 88 7.94 -68.74 -15.93
CA HIS A 88 8.85 -69.35 -14.98
C HIS A 88 10.15 -69.75 -15.67
N VAL A 89 11.24 -69.71 -14.91
CA VAL A 89 12.56 -70.06 -15.43
C VAL A 89 12.53 -71.48 -16.02
N THR A 95 7.81 -73.70 -9.06
CA THR A 95 7.65 -74.44 -10.31
C THR A 95 6.69 -73.72 -11.25
N LYS A 96 5.84 -72.86 -10.69
CA LYS A 96 4.90 -72.07 -11.45
C LYS A 96 5.00 -70.61 -11.03
N ARG A 97 4.81 -69.71 -11.99
CA ARG A 97 4.97 -68.28 -11.77
C ARG A 97 3.72 -67.54 -12.22
N PHE A 98 3.15 -66.73 -11.33
CA PHE A 98 2.02 -65.88 -11.63
C PHE A 98 2.24 -64.51 -10.98
N ASP A 99 3.45 -63.99 -11.14
CA ASP A 99 3.87 -62.80 -10.39
C ASP A 99 3.22 -61.55 -10.94
N ASN A 100 2.48 -60.85 -10.09
CA ASN A 100 1.96 -59.52 -10.37
C ASN A 100 1.79 -58.80 -9.04
N PRO A 101 2.85 -58.67 -8.25
CA PRO A 101 2.69 -58.20 -6.87
C PRO A 101 2.36 -56.72 -6.80
N VAL A 102 1.94 -56.30 -5.60
CA VAL A 102 1.62 -54.91 -5.37
C VAL A 102 2.87 -54.05 -5.56
N LEU A 103 2.70 -52.89 -6.19
CA LEU A 103 3.79 -51.96 -6.38
C LEU A 103 3.36 -50.56 -5.95
N PRO A 104 4.26 -49.78 -5.35
CA PRO A 104 3.88 -48.43 -4.92
C PRO A 104 3.51 -47.53 -6.10
N PHE A 105 2.64 -46.56 -5.82
CA PHE A 105 2.34 -45.52 -6.79
C PHE A 105 3.41 -44.44 -6.79
N ASN A 106 3.79 -43.97 -5.60
CA ASN A 106 4.93 -43.07 -5.42
C ASN A 106 4.85 -41.86 -6.35
N ASP A 107 3.80 -41.06 -6.16
CA ASP A 107 3.67 -39.77 -6.82
C ASP A 107 3.74 -39.89 -8.34
N GLY A 108 2.94 -40.80 -8.89
CA GLY A 108 2.84 -40.97 -10.34
C GLY A 108 3.43 -42.28 -10.79
N VAL A 109 2.94 -42.78 -11.93
CA VAL A 109 3.37 -44.07 -12.45
C VAL A 109 3.37 -44.01 -13.97
N TYR A 110 4.28 -44.77 -14.57
CA TYR A 110 4.32 -44.97 -16.02
C TYR A 110 4.33 -46.46 -16.28
N PHE A 111 3.33 -46.95 -16.99
CA PHE A 111 3.15 -48.37 -17.24
C PHE A 111 3.35 -48.65 -18.73
N ALA A 112 3.90 -49.82 -19.04
CA ALA A 112 4.06 -50.20 -20.44
C ALA A 112 3.98 -51.71 -20.56
N SER A 113 3.54 -52.17 -21.74
CA SER A 113 3.47 -53.60 -22.00
C SER A 113 3.44 -53.84 -23.50
N THR A 114 4.09 -54.91 -23.94
CA THR A 114 4.10 -55.30 -25.34
C THR A 114 3.01 -56.31 -25.69
N GLU A 115 2.14 -56.63 -24.73
CA GLU A 115 1.09 -57.62 -24.98
C GLU A 115 0.11 -57.12 -26.03
N LYS A 116 -0.44 -58.09 -26.79
CA LYS A 116 -1.45 -57.79 -27.79
C LYS A 116 -2.83 -58.31 -27.42
N SER A 117 -2.93 -59.29 -26.53
CA SER A 117 -4.19 -59.84 -26.08
C SER A 117 -4.75 -59.13 -24.85
N ASN A 118 -4.08 -58.09 -24.38
CA ASN A 118 -4.48 -57.38 -23.17
C ASN A 118 -4.67 -58.36 -22.01
N ILE A 119 -3.67 -59.24 -21.84
CA ILE A 119 -3.68 -60.15 -20.71
C ILE A 119 -3.81 -59.38 -19.40
N ILE A 120 -3.42 -58.11 -19.39
CA ILE A 120 -3.68 -57.21 -18.27
C ILE A 120 -4.97 -56.46 -18.58
N ARG A 121 -6.05 -56.85 -17.90
CA ARG A 121 -7.36 -56.29 -18.18
C ARG A 121 -7.54 -54.89 -17.61
N GLY A 122 -6.71 -54.48 -16.66
CA GLY A 122 -6.87 -53.17 -16.05
C GLY A 122 -5.97 -52.98 -14.85
N TRP A 123 -6.42 -52.12 -13.94
CA TRP A 123 -5.60 -51.73 -12.80
C TRP A 123 -6.48 -51.47 -11.59
N ILE A 124 -5.87 -51.55 -10.42
CA ILE A 124 -6.52 -51.22 -9.15
C ILE A 124 -5.56 -50.35 -8.33
N PHE A 125 -6.10 -49.27 -7.76
CA PHE A 125 -5.31 -48.33 -6.98
C PHE A 125 -5.99 -48.08 -5.64
N GLY A 126 -5.17 -47.84 -4.62
CA GLY A 126 -5.69 -47.53 -3.31
C GLY A 126 -4.57 -47.43 -2.30
N THR A 127 -4.96 -47.16 -1.06
CA THR A 127 -4.00 -47.05 0.04
C THR A 127 -3.82 -48.39 0.75
N THR A 128 -4.91 -48.95 1.27
CA THR A 128 -4.89 -50.25 1.91
C THR A 128 -5.40 -51.37 1.01
N LEU A 129 -6.03 -51.04 -0.11
CA LEU A 129 -6.53 -52.03 -1.06
C LEU A 129 -7.48 -53.01 -0.38
N ASP A 130 -8.37 -52.49 0.46
CA ASP A 130 -9.40 -53.30 1.09
C ASP A 130 -10.61 -52.40 1.35
N SER A 131 -11.67 -53.01 1.89
CA SER A 131 -12.95 -52.32 2.02
C SER A 131 -12.87 -51.14 2.98
N LYS A 132 -11.93 -51.14 3.93
CA LYS A 132 -11.91 -50.08 4.93
C LYS A 132 -11.60 -48.71 4.35
N THR A 133 -11.10 -48.63 3.12
CA THR A 133 -10.83 -47.35 2.48
C THR A 133 -11.24 -47.44 1.01
N GLN A 134 -11.51 -46.27 0.43
CA GLN A 134 -11.93 -46.21 -0.97
C GLN A 134 -10.78 -46.59 -1.89
N SER A 135 -11.15 -46.99 -3.11
CA SER A 135 -10.17 -47.44 -4.09
C SER A 135 -10.73 -47.23 -5.49
N LEU A 136 -9.84 -47.28 -6.47
CA LEU A 136 -10.18 -47.09 -7.87
C LEU A 136 -9.89 -48.37 -8.64
N LEU A 137 -10.71 -48.64 -9.65
CA LEU A 137 -10.61 -49.88 -10.43
C LEU A 137 -10.95 -49.57 -11.88
N ILE A 138 -9.96 -49.74 -12.76
CA ILE A 138 -10.14 -49.57 -14.21
C ILE A 138 -10.11 -50.95 -14.83
N VAL A 139 -11.06 -51.21 -15.74
CA VAL A 139 -11.13 -52.48 -16.45
C VAL A 139 -11.48 -52.21 -17.91
N ASN A 140 -11.07 -53.13 -18.78
CA ASN A 140 -11.40 -53.06 -20.20
C ASN A 140 -11.80 -54.44 -20.69
N ASN A 141 -12.66 -54.47 -21.70
CA ASN A 141 -13.13 -55.74 -22.25
C ASN A 141 -13.25 -55.71 -23.78
N ALA A 142 -12.52 -54.81 -24.45
CA ALA A 142 -12.55 -54.63 -25.90
C ALA A 142 -13.88 -54.07 -26.40
N THR A 143 -14.84 -53.81 -25.50
CA THR A 143 -16.09 -53.17 -25.87
C THR A 143 -16.38 -51.91 -25.08
N ASN A 144 -15.68 -51.67 -23.97
CA ASN A 144 -15.83 -50.47 -23.18
C ASN A 144 -14.77 -50.45 -22.10
N VAL A 145 -14.31 -49.26 -21.75
CA VAL A 145 -13.38 -49.06 -20.65
C VAL A 145 -14.17 -48.47 -19.49
N VAL A 146 -14.21 -49.17 -18.37
CA VAL A 146 -15.07 -48.83 -17.24
C VAL A 146 -14.21 -48.58 -16.03
N ILE A 147 -14.45 -47.45 -15.36
CA ILE A 147 -13.72 -47.06 -14.15
C ILE A 147 -14.72 -46.92 -13.02
N LYS A 148 -14.40 -47.51 -11.88
CA LYS A 148 -15.24 -47.43 -10.68
C LYS A 148 -14.39 -46.94 -9.51
N VAL A 149 -15.05 -46.24 -8.58
CA VAL A 149 -14.43 -45.77 -7.35
C VAL A 149 -15.29 -46.29 -6.21
N CYS A 150 -14.82 -47.33 -5.53
CA CYS A 150 -15.59 -47.96 -4.46
C CYS A 150 -14.64 -48.50 -3.41
N GLU A 151 -15.20 -48.78 -2.23
CA GLU A 151 -14.45 -49.42 -1.14
C GLU A 151 -14.34 -50.92 -1.40
N PHE A 152 -13.64 -51.24 -2.49
CA PHE A 152 -13.51 -52.64 -2.91
C PHE A 152 -12.76 -53.44 -1.87
N GLN A 153 -13.16 -54.70 -1.70
CA GLN A 153 -12.45 -55.65 -0.84
C GLN A 153 -11.60 -56.53 -1.74
N PHE A 154 -10.43 -55.99 -2.11
CA PHE A 154 -9.55 -56.69 -3.04
C PHE A 154 -9.03 -57.98 -2.43
N CYS A 155 -9.00 -59.03 -3.23
CA CYS A 155 -8.33 -60.26 -2.83
C CYS A 155 -6.82 -60.05 -2.84
N ASN A 156 -6.13 -60.72 -1.91
CA ASN A 156 -4.68 -60.58 -1.85
C ASN A 156 -4.00 -61.06 -3.13
N ASP A 157 -4.67 -61.89 -3.91
CA ASP A 157 -4.16 -62.36 -5.20
C ASP A 157 -5.25 -62.14 -6.24
N PRO A 158 -5.48 -60.89 -6.63
CA PRO A 158 -6.60 -60.60 -7.54
C PRO A 158 -6.34 -61.15 -8.94
N PHE A 159 -7.43 -61.45 -9.64
CA PHE A 159 -7.37 -61.93 -11.02
C PHE A 159 -8.78 -61.97 -11.56
N LEU A 160 -8.88 -62.14 -12.88
CA LEU A 160 -10.17 -62.26 -13.56
C LEU A 160 -10.11 -63.49 -14.46
N GLY A 161 -11.00 -64.45 -14.20
CA GLY A 161 -10.99 -65.72 -14.90
C GLY A 161 -12.09 -65.83 -15.93
N VAL A 162 -11.78 -66.51 -17.04
CA VAL A 162 -12.74 -66.78 -18.10
C VAL A 162 -12.60 -68.24 -18.52
N TYR A 163 -13.68 -68.79 -19.06
CA TYR A 163 -13.69 -70.19 -19.46
C TYR A 163 -14.57 -70.35 -20.68
N TYR A 164 -14.30 -71.39 -21.47
CA TYR A 164 -15.10 -71.66 -22.65
C TYR A 164 -16.52 -72.02 -22.25
N HIS A 165 -17.50 -71.41 -22.92
CA HIS A 165 -18.90 -71.63 -22.62
C HIS A 165 -19.68 -71.81 -23.92
N LYS A 166 -20.74 -72.61 -23.84
CA LYS A 166 -21.60 -72.88 -24.99
C LYS A 166 -22.53 -71.71 -25.29
N ASN A 167 -22.96 -70.96 -24.27
CA ASN A 167 -23.85 -69.84 -24.51
C ASN A 167 -23.25 -68.86 -25.50
N ASN A 168 -21.99 -68.50 -25.30
CA ASN A 168 -21.25 -67.70 -26.27
C ASN A 168 -20.45 -68.56 -27.25
N LYS A 169 -20.38 -69.87 -27.02
CA LYS A 169 -19.55 -70.76 -27.84
C LYS A 169 -18.09 -70.30 -27.85
N SER A 170 -17.67 -69.63 -26.80
CA SER A 170 -16.37 -68.96 -26.76
C SER A 170 -16.08 -68.58 -25.31
N TRP A 171 -15.06 -67.77 -25.10
CA TRP A 171 -14.70 -67.35 -23.75
C TRP A 171 -15.88 -66.62 -23.10
N MET A 172 -16.10 -66.92 -21.82
CA MET A 172 -17.18 -66.34 -21.04
C MET A 172 -16.67 -66.03 -19.65
N GLU A 173 -17.30 -65.06 -19.01
CA GLU A 173 -16.92 -64.59 -17.68
C GLU A 173 -18.16 -64.62 -16.78
N SER A 174 -18.05 -65.32 -15.65
CA SER A 174 -19.15 -65.44 -14.71
C SER A 174 -18.85 -64.86 -13.33
N GLU A 175 -17.57 -64.75 -12.96
CA GLU A 175 -17.19 -64.23 -11.65
C GLU A 175 -16.05 -63.25 -11.81
N PHE A 176 -15.95 -62.33 -10.85
CA PHE A 176 -14.90 -61.31 -10.80
C PHE A 176 -14.15 -61.51 -9.49
N ARG A 177 -13.06 -62.29 -9.54
CA ARG A 177 -12.26 -62.58 -8.36
C ARG A 177 -11.31 -61.45 -8.00
N VAL A 178 -11.41 -60.30 -8.67
CA VAL A 178 -10.55 -59.17 -8.34
C VAL A 178 -10.82 -58.70 -6.92
N TYR A 179 -12.09 -58.59 -6.55
CA TYR A 179 -12.49 -58.13 -5.23
C TYR A 179 -13.58 -59.03 -4.66
N SER A 180 -13.58 -59.18 -3.34
CA SER A 180 -14.58 -60.01 -2.69
C SER A 180 -15.93 -59.32 -2.66
N SER A 181 -15.95 -58.02 -2.38
CA SER A 181 -17.20 -57.27 -2.30
C SER A 181 -16.90 -55.80 -2.53
N ALA A 182 -17.96 -55.04 -2.82
CA ALA A 182 -17.86 -53.61 -3.06
C ALA A 182 -19.07 -52.92 -2.47
N ASN A 183 -18.85 -51.72 -1.91
CA ASN A 183 -19.93 -50.96 -1.31
C ASN A 183 -19.49 -49.50 -1.20
N ASN A 184 -20.47 -48.63 -0.92
CA ASN A 184 -20.23 -47.20 -0.76
C ASN A 184 -19.52 -46.62 -1.98
N CYS A 185 -19.99 -47.00 -3.16
CA CYS A 185 -19.41 -46.49 -4.40
C CYS A 185 -19.61 -44.98 -4.48
N THR A 186 -18.62 -44.30 -5.09
CA THR A 186 -18.63 -42.85 -5.17
C THR A 186 -18.69 -42.31 -6.59
N PHE A 187 -18.08 -43.00 -7.56
CA PHE A 187 -18.03 -42.48 -8.92
C PHE A 187 -17.87 -43.62 -9.90
N GLU A 188 -18.47 -43.45 -11.09
CA GLU A 188 -18.31 -44.39 -12.19
C GLU A 188 -18.09 -43.61 -13.48
N TYR A 189 -17.44 -44.27 -14.44
CA TYR A 189 -17.22 -43.67 -15.74
C TYR A 189 -17.07 -44.77 -16.78
N VAL A 190 -17.51 -44.46 -18.01
CA VAL A 190 -17.42 -45.40 -19.12
C VAL A 190 -16.86 -44.65 -20.32
N SER A 191 -16.17 -45.39 -21.18
CA SER A 191 -15.61 -44.82 -22.40
C SER A 191 -15.45 -45.92 -23.43
N GLN A 192 -15.06 -45.53 -24.64
CA GLN A 192 -14.91 -46.47 -25.74
C GLN A 192 -13.74 -47.40 -25.49
N PRO A 193 -13.75 -48.59 -26.10
CA PRO A 193 -12.66 -49.54 -25.91
C PRO A 193 -11.45 -49.16 -26.77
N PHE A 194 -10.40 -49.96 -26.65
CA PHE A 194 -9.21 -49.78 -27.46
C PHE A 194 -9.38 -50.55 -28.77
N LEU A 195 -8.31 -50.68 -29.54
CA LEU A 195 -8.43 -51.19 -30.90
C LEU A 195 -8.54 -52.71 -30.95
N MET A 196 -7.52 -53.41 -30.47
CA MET A 196 -7.43 -54.85 -30.63
C MET A 196 -8.36 -55.56 -29.66
N ASP A 197 -8.45 -56.88 -29.82
CA ASP A 197 -9.27 -57.74 -28.98
C ASP A 197 -8.41 -58.52 -27.99
N LEU A 198 -9.08 -59.23 -27.09
CA LEU A 198 -8.41 -60.04 -26.06
C LEU A 198 -8.59 -61.51 -26.41
N GLU A 199 -7.61 -62.06 -27.14
CA GLU A 199 -7.61 -63.47 -27.49
C GLU A 199 -6.73 -64.23 -26.51
N GLY A 200 -7.30 -65.27 -25.90
CA GLY A 200 -6.57 -66.01 -24.87
C GLY A 200 -5.43 -66.86 -25.40
N LYS A 201 -5.42 -67.14 -26.70
CA LYS A 201 -4.37 -67.96 -27.29
C LYS A 201 -3.06 -67.17 -27.34
N GLN A 202 -1.95 -67.91 -27.37
CA GLN A 202 -0.64 -67.29 -27.42
C GLN A 202 -0.49 -66.47 -28.69
N GLY A 203 0.17 -65.31 -28.58
CA GLY A 203 0.35 -64.44 -29.71
C GLY A 203 1.73 -63.77 -29.68
N ASN A 204 2.06 -63.14 -30.80
CA ASN A 204 3.35 -62.47 -30.93
C ASN A 204 3.32 -61.10 -30.26
N PHE A 205 4.50 -60.64 -29.85
CA PHE A 205 4.65 -59.34 -29.21
C PHE A 205 5.09 -58.31 -30.25
N LYS A 206 4.17 -58.04 -31.18
CA LYS A 206 4.41 -57.12 -32.28
C LYS A 206 3.91 -55.71 -32.01
N ASN A 207 3.37 -55.45 -30.82
CA ASN A 207 2.79 -54.15 -30.50
C ASN A 207 3.27 -53.69 -29.14
N LEU A 208 3.27 -52.38 -28.93
CA LEU A 208 3.63 -51.76 -27.67
C LEU A 208 2.51 -50.81 -27.25
N ARG A 209 2.19 -50.83 -25.95
CA ARG A 209 1.18 -49.96 -25.39
C ARG A 209 1.74 -49.34 -24.11
N GLU A 210 1.40 -48.09 -23.86
CA GLU A 210 1.99 -47.35 -22.75
C GLU A 210 0.94 -46.41 -22.16
N PHE A 211 0.98 -46.26 -20.84
CA PHE A 211 0.11 -45.37 -20.11
C PHE A 211 0.92 -44.59 -19.10
N VAL A 212 0.39 -43.43 -18.71
CA VAL A 212 0.92 -42.62 -17.63
C VAL A 212 -0.22 -42.24 -16.71
N PHE A 213 -0.08 -42.55 -15.42
CA PHE A 213 -1.10 -42.30 -14.42
C PHE A 213 -0.60 -41.26 -13.43
N LYS A 214 -1.40 -40.21 -13.21
CA LYS A 214 -1.06 -39.14 -12.31
C LYS A 214 -2.23 -38.88 -11.36
N ASN A 215 -1.90 -38.44 -10.14
CA ASN A 215 -2.91 -38.08 -9.15
C ASN A 215 -2.46 -36.78 -8.48
N ILE A 216 -3.11 -35.67 -8.83
CA ILE A 216 -2.73 -34.36 -8.31
C ILE A 216 -3.98 -33.53 -8.11
N ASP A 217 -4.05 -32.83 -6.97
CA ASP A 217 -5.16 -31.93 -6.66
C ASP A 217 -6.50 -32.65 -6.78
N GLY A 218 -6.57 -33.86 -6.25
CA GLY A 218 -7.80 -34.62 -6.32
C GLY A 218 -8.24 -34.97 -7.72
N TYR A 219 -7.31 -35.00 -8.67
CA TYR A 219 -7.62 -35.33 -10.06
C TYR A 219 -6.74 -36.49 -10.50
N PHE A 220 -7.36 -37.49 -11.11
CA PHE A 220 -6.69 -38.66 -11.66
C PHE A 220 -6.62 -38.51 -13.17
N LYS A 221 -5.41 -38.51 -13.71
CA LYS A 221 -5.17 -38.26 -15.12
C LYS A 221 -4.53 -39.49 -15.74
N ILE A 222 -5.10 -39.95 -16.87
CA ILE A 222 -4.61 -41.10 -17.61
C ILE A 222 -4.24 -40.61 -19.00
N TYR A 223 -2.96 -40.75 -19.35
CA TYR A 223 -2.47 -40.53 -20.70
C TYR A 223 -2.10 -41.88 -21.30
N SER A 224 -2.26 -42.01 -22.61
CA SER A 224 -2.04 -43.31 -23.25
C SER A 224 -1.47 -43.13 -24.65
N LYS A 225 -0.84 -44.20 -25.13
CA LYS A 225 -0.33 -44.26 -26.49
C LYS A 225 -0.06 -45.72 -26.83
N HIS A 226 -0.02 -46.01 -28.13
CA HIS A 226 0.27 -47.36 -28.58
C HIS A 226 0.80 -47.32 -30.02
N THR A 227 1.56 -48.34 -30.38
CA THR A 227 2.09 -48.44 -31.74
C THR A 227 2.63 -49.84 -32.02
N PRO A 228 2.48 -50.37 -33.24
CA PRO A 228 3.15 -51.62 -33.57
C PRO A 228 4.66 -51.46 -33.51
N ILE A 229 5.33 -52.51 -33.06
CA ILE A 229 6.79 -52.52 -32.96
C ILE A 229 7.30 -53.87 -33.45
N ASN A 230 8.36 -53.83 -34.25
CA ASN A 230 9.04 -55.03 -34.74
C ASN A 230 10.37 -55.28 -34.05
N LEU A 231 10.74 -54.44 -33.09
CA LEU A 231 12.05 -54.56 -32.46
C LEU A 231 12.02 -55.56 -31.32
N VAL A 232 13.15 -56.27 -31.15
CA VAL A 232 13.26 -57.23 -30.05
C VAL A 232 13.16 -56.50 -28.71
N ARG A 233 13.83 -55.36 -28.59
CA ARG A 233 13.79 -54.59 -27.35
C ARG A 233 12.36 -54.24 -26.99
N ASP A 234 12.01 -54.40 -25.71
CA ASP A 234 10.64 -54.13 -25.28
C ASP A 234 10.34 -52.64 -25.30
N LEU A 235 11.32 -51.81 -24.92
CA LEU A 235 11.15 -50.37 -24.94
C LEU A 235 12.01 -49.78 -26.05
N PRO A 236 11.56 -49.84 -27.30
CA PRO A 236 12.42 -49.40 -28.41
C PRO A 236 12.75 -47.91 -28.30
N GLN A 237 13.98 -47.58 -28.68
CA GLN A 237 14.38 -46.17 -28.73
C GLN A 237 13.55 -45.43 -29.77
N GLY A 238 13.20 -44.20 -29.46
CA GLY A 238 12.36 -43.41 -30.34
C GLY A 238 11.78 -42.23 -29.57
N PHE A 239 10.66 -41.73 -30.08
CA PHE A 239 9.98 -40.62 -29.41
C PHE A 239 8.56 -40.50 -29.95
N SER A 240 7.57 -40.61 -29.07
CA SER A 240 6.18 -40.38 -29.45
C SER A 240 5.43 -39.97 -28.18
N ALA A 241 5.08 -38.70 -28.08
CA ALA A 241 4.49 -38.18 -26.86
C ALA A 241 3.12 -38.81 -26.61
N LEU A 242 2.87 -39.19 -25.36
CA LEU A 242 1.57 -39.71 -24.98
C LEU A 242 0.56 -38.57 -24.92
N GLU A 243 -0.65 -38.85 -25.40
CA GLU A 243 -1.71 -37.86 -25.36
C GLU A 243 -2.65 -38.13 -24.19
N PRO A 244 -3.25 -37.11 -23.60
CA PRO A 244 -4.24 -37.35 -22.54
C PRO A 244 -5.40 -38.17 -23.07
N LEU A 245 -5.88 -39.09 -22.24
CA LEU A 245 -7.02 -39.93 -22.58
C LEU A 245 -8.20 -39.71 -21.64
N VAL A 246 -7.96 -39.67 -20.33
CA VAL A 246 -9.03 -39.49 -19.36
C VAL A 246 -8.56 -38.58 -18.24
N ASP A 247 -9.52 -37.87 -17.65
CA ASP A 247 -9.23 -37.01 -16.50
C ASP A 247 -10.49 -36.97 -15.64
N LEU A 248 -10.39 -37.50 -14.43
CA LEU A 248 -11.53 -37.69 -13.54
C LEU A 248 -11.22 -37.14 -12.15
N PRO A 249 -12.23 -36.97 -11.31
CA PRO A 249 -12.00 -36.51 -9.94
C PRO A 249 -11.79 -37.67 -8.96
N ILE A 250 -11.12 -37.34 -7.86
CA ILE A 250 -10.91 -38.28 -6.76
C ILE A 250 -10.52 -37.48 -5.54
N GLY A 251 -10.70 -38.07 -4.36
CA GLY A 251 -10.41 -37.37 -3.12
C GLY A 251 -9.81 -38.24 -2.04
N ILE A 252 -9.09 -39.31 -2.44
CA ILE A 252 -8.46 -40.21 -1.49
C ILE A 252 -7.00 -40.39 -1.87
N ASN A 253 -6.18 -40.62 -0.84
CA ASN A 253 -4.76 -40.86 -1.06
C ASN A 253 -4.55 -42.16 -1.83
N ILE A 254 -3.54 -42.17 -2.69
CA ILE A 254 -3.14 -43.37 -3.42
C ILE A 254 -1.65 -43.57 -3.19
N THR A 255 -1.28 -44.75 -2.69
CA THR A 255 0.13 -45.07 -2.46
C THR A 255 0.52 -46.45 -2.96
N ARG A 256 -0.39 -47.18 -3.60
CA ARG A 256 -0.06 -48.49 -4.15
C ARG A 256 -0.98 -48.75 -5.34
N PHE A 257 -0.53 -49.62 -6.24
CA PHE A 257 -1.35 -50.03 -7.37
C PHE A 257 -0.94 -51.44 -7.79
N GLN A 258 -1.84 -52.11 -8.49
CA GLN A 258 -1.62 -53.49 -8.90
C GLN A 258 -2.34 -53.75 -10.21
N THR A 259 -1.77 -54.61 -11.03
CA THR A 259 -2.35 -54.99 -12.30
C THR A 259 -3.31 -56.16 -12.12
N LEU A 260 -4.32 -56.21 -12.97
CA LEU A 260 -5.27 -57.31 -13.02
C LEU A 260 -4.95 -58.18 -14.23
N LEU A 261 -4.66 -59.44 -14.00
CA LEU A 261 -4.21 -60.36 -15.04
C LEU A 261 -5.30 -61.37 -15.35
N ALA A 262 -5.55 -61.60 -16.64
CA ALA A 262 -6.57 -62.53 -17.07
C ALA A 262 -6.09 -63.98 -16.91
N LEU A 263 -7.04 -64.87 -16.64
CA LEU A 263 -6.77 -66.29 -16.48
C LEU A 263 -7.77 -67.09 -17.30
N HIS A 264 -7.31 -68.23 -17.81
CA HIS A 264 -8.13 -69.09 -18.67
C HIS A 264 -8.31 -70.45 -18.02
N ARG A 265 -9.52 -70.97 -18.08
CA ARG A 265 -9.83 -72.25 -17.49
C ARG A 265 -9.49 -73.40 -18.43
N SER A 266 -8.99 -74.49 -17.85
CA SER A 266 -8.77 -75.75 -18.56
C SER A 266 -9.32 -76.85 -17.69
N TYR A 267 -10.34 -77.55 -18.20
CA TYR A 267 -11.17 -78.45 -17.39
C TYR A 267 -10.41 -79.74 -17.08
N LEU A 268 -9.47 -79.63 -16.15
CA LEU A 268 -8.78 -80.80 -15.63
C LEU A 268 -9.62 -81.48 -14.56
N THR A 269 -9.70 -82.80 -14.64
CA THR A 269 -10.54 -83.61 -13.78
C THR A 269 -9.73 -84.29 -12.69
N PRO A 270 -10.39 -84.92 -11.71
CA PRO A 270 -9.64 -85.63 -10.67
C PRO A 270 -8.72 -86.71 -11.23
N GLY A 271 -9.07 -87.30 -12.37
CA GLY A 271 -8.18 -88.27 -12.98
C GLY A 271 -6.81 -87.70 -13.26
N ASP A 272 -6.76 -86.45 -13.75
CA ASP A 272 -5.49 -85.76 -13.94
C ASP A 272 -4.88 -85.27 -12.64
N SER A 273 -5.63 -85.31 -11.53
CA SER A 273 -5.13 -84.87 -10.23
C SER A 273 -4.70 -83.41 -10.26
N SER A 274 -5.40 -82.59 -11.05
CA SER A 274 -5.07 -81.16 -11.14
C SER A 274 -6.29 -80.41 -11.64
N SER A 275 -6.26 -79.10 -11.44
CA SER A 275 -7.28 -78.18 -11.93
C SER A 275 -6.64 -77.22 -12.91
N GLY A 276 -7.23 -77.08 -14.10
CA GLY A 276 -6.59 -76.33 -15.16
C GLY A 276 -6.75 -74.82 -15.06
N TRP A 277 -5.66 -74.11 -14.81
CA TRP A 277 -5.64 -72.66 -14.89
C TRP A 277 -4.39 -72.23 -15.63
N THR A 278 -4.56 -71.43 -16.69
CA THR A 278 -3.46 -71.04 -17.55
C THR A 278 -3.55 -69.55 -17.85
N ALA A 279 -2.50 -69.05 -18.50
CA ALA A 279 -2.46 -67.65 -18.92
C ALA A 279 -1.51 -67.52 -20.09
N GLY A 280 -1.72 -66.50 -20.91
CA GLY A 280 -0.84 -66.25 -22.03
C GLY A 280 0.44 -65.56 -21.62
N ALA A 281 1.43 -65.63 -22.51
CA ALA A 281 2.70 -64.98 -22.26
C ALA A 281 2.52 -63.47 -22.17
N ALA A 282 3.10 -62.86 -21.14
CA ALA A 282 2.95 -61.42 -20.93
C ALA A 282 4.04 -60.93 -20.00
N ALA A 283 4.17 -59.62 -19.93
CA ALA A 283 5.13 -58.95 -19.07
C ALA A 283 4.90 -57.45 -19.19
N TYR A 284 5.43 -56.69 -18.23
CA TYR A 284 5.20 -55.25 -18.24
C TYR A 284 6.35 -54.52 -17.56
N TYR A 285 6.38 -53.21 -17.78
CA TYR A 285 7.41 -52.33 -17.27
C TYR A 285 6.77 -51.18 -16.48
N VAL A 286 7.39 -50.84 -15.36
CA VAL A 286 6.91 -49.81 -14.45
C VAL A 286 8.01 -48.79 -14.24
N GLY A 287 7.64 -47.51 -14.30
CA GLY A 287 8.57 -46.43 -14.07
C GLY A 287 7.96 -45.39 -13.16
N TYR A 288 8.84 -44.72 -12.40
CA TYR A 288 8.43 -43.78 -11.38
C TYR A 288 8.69 -42.35 -11.85
N LEU A 289 7.72 -41.47 -11.59
CA LEU A 289 7.81 -40.08 -12.01
C LEU A 289 8.46 -39.23 -10.90
N GLN A 290 9.06 -38.13 -11.33
CA GLN A 290 9.71 -37.18 -10.46
C GLN A 290 9.40 -35.77 -10.97
N PRO A 291 9.50 -34.76 -10.12
CA PRO A 291 9.31 -33.38 -10.57
C PRO A 291 10.55 -32.89 -11.32
N ARG A 292 10.42 -32.70 -12.63
CA ARG A 292 11.51 -32.30 -13.48
C ARG A 292 11.09 -31.14 -14.36
N THR A 293 12.06 -30.32 -14.75
CA THR A 293 11.84 -29.16 -15.62
C THR A 293 12.17 -29.58 -17.04
N PHE A 294 11.16 -30.02 -17.77
CA PHE A 294 11.35 -30.52 -19.13
C PHE A 294 11.16 -29.40 -20.13
N LEU A 295 11.99 -29.40 -21.17
CA LEU A 295 11.85 -28.48 -22.30
C LEU A 295 11.43 -29.30 -23.50
N LEU A 296 10.23 -29.03 -24.02
CA LEU A 296 9.61 -29.82 -25.06
C LEU A 296 9.54 -29.02 -26.35
N LYS A 297 10.01 -29.62 -27.44
CA LYS A 297 10.01 -28.99 -28.75
C LYS A 297 8.74 -29.40 -29.47
N TYR A 298 7.76 -28.50 -29.52
CA TYR A 298 6.57 -28.74 -30.31
C TYR A 298 6.91 -28.65 -31.80
N ASN A 299 5.90 -28.82 -32.65
CA ASN A 299 6.09 -28.86 -34.09
C ASN A 299 4.96 -28.08 -34.74
N GLU A 300 5.22 -27.61 -35.96
CA GLU A 300 4.19 -26.85 -36.68
C GLU A 300 2.90 -27.65 -36.80
N ASN A 301 3.02 -28.98 -36.90
CA ASN A 301 1.86 -29.85 -36.88
C ASN A 301 1.18 -29.88 -35.52
N GLY A 302 1.81 -29.32 -34.48
CA GLY A 302 1.25 -29.30 -33.15
C GLY A 302 1.60 -30.49 -32.29
N THR A 303 2.39 -31.43 -32.80
CA THR A 303 2.71 -32.66 -32.08
C THR A 303 4.11 -32.57 -31.49
N ILE A 304 4.23 -32.91 -30.21
CA ILE A 304 5.52 -32.90 -29.55
C ILE A 304 6.45 -33.87 -30.26
N THR A 305 7.62 -33.40 -30.67
CA THR A 305 8.56 -34.20 -31.43
C THR A 305 9.78 -34.64 -30.64
N ASP A 306 10.19 -33.86 -29.64
CA ASP A 306 11.34 -34.24 -28.83
C ASP A 306 11.31 -33.47 -27.53
N ALA A 307 12.09 -33.95 -26.56
CA ALA A 307 12.12 -33.34 -25.23
C ALA A 307 13.53 -33.42 -24.67
N VAL A 308 13.83 -32.50 -23.75
CA VAL A 308 15.13 -32.41 -23.11
C VAL A 308 14.92 -32.27 -21.61
N ASP A 309 15.68 -33.02 -20.83
CA ASP A 309 15.60 -32.99 -19.39
C ASP A 309 16.61 -32.00 -18.83
N CYS A 310 16.14 -31.08 -17.99
CA CYS A 310 17.00 -30.02 -17.49
C CYS A 310 18.13 -30.54 -16.62
N ALA A 311 17.99 -31.73 -16.04
CA ALA A 311 18.95 -32.22 -15.05
C ALA A 311 19.60 -33.54 -15.45
N LEU A 312 19.39 -34.00 -16.68
CA LEU A 312 19.98 -35.29 -17.08
C LEU A 312 21.50 -35.21 -17.10
N ASP A 313 22.05 -34.14 -17.66
CA ASP A 313 23.49 -33.96 -17.78
C ASP A 313 23.77 -32.49 -18.07
N PRO A 314 25.02 -32.04 -17.89
CA PRO A 314 25.31 -30.61 -18.12
C PRO A 314 24.94 -30.13 -19.50
N LEU A 315 25.16 -30.95 -20.53
CA LEU A 315 24.83 -30.53 -21.88
C LEU A 315 23.34 -30.20 -21.98
N SER A 316 22.49 -31.08 -21.46
CA SER A 316 21.06 -30.77 -21.44
C SER A 316 20.76 -29.58 -20.55
N GLU A 317 21.56 -29.35 -19.51
CA GLU A 317 21.37 -28.18 -18.67
C GLU A 317 21.56 -26.91 -19.50
N THR A 318 22.60 -26.86 -20.33
CA THR A 318 22.75 -25.73 -21.24
C THR A 318 21.58 -25.66 -22.20
N LYS A 319 21.23 -26.79 -22.83
CA LYS A 319 20.14 -26.78 -23.79
C LYS A 319 18.89 -26.17 -23.19
N CYS A 320 18.66 -26.40 -21.90
CA CYS A 320 17.56 -25.71 -21.21
C CYS A 320 17.87 -24.24 -21.02
N THR A 321 19.11 -23.92 -20.63
CA THR A 321 19.45 -22.53 -20.33
C THR A 321 19.28 -21.65 -21.57
N LEU A 322 19.77 -22.11 -22.72
CA LEU A 322 19.60 -21.35 -23.96
C LEU A 322 18.20 -21.45 -24.52
N LYS A 323 17.35 -22.31 -23.94
CA LYS A 323 15.99 -22.50 -24.45
C LYS A 323 16.01 -22.87 -25.94
N SER A 324 17.01 -23.67 -26.32
CA SER A 324 17.14 -24.14 -27.68
C SER A 324 17.79 -25.51 -27.66
N PHE A 325 17.33 -26.39 -28.55
CA PHE A 325 17.94 -27.71 -28.66
C PHE A 325 19.40 -27.61 -29.06
N THR A 326 19.70 -26.76 -30.03
CA THR A 326 21.07 -26.63 -30.52
C THR A 326 21.86 -25.66 -29.65
N VAL A 327 23.04 -26.09 -29.22
CA VAL A 327 23.94 -25.26 -28.43
C VAL A 327 25.23 -25.09 -29.22
N GLU A 328 25.58 -23.85 -29.52
CA GLU A 328 26.78 -23.57 -30.29
C GLU A 328 28.02 -23.71 -29.41
N LYS A 329 29.17 -23.81 -30.06
CA LYS A 329 30.43 -23.96 -29.35
C LYS A 329 30.69 -22.75 -28.46
N GLY A 330 31.32 -22.99 -27.33
CA GLY A 330 31.72 -21.92 -26.44
C GLY A 330 31.68 -22.38 -24.99
N ILE A 331 31.69 -21.39 -24.11
CA ILE A 331 31.61 -21.60 -22.66
C ILE A 331 30.29 -20.99 -22.19
N TYR A 332 29.48 -21.81 -21.52
CA TYR A 332 28.13 -21.42 -21.14
C TYR A 332 27.96 -21.47 -19.64
N GLN A 333 27.40 -20.41 -19.07
CA GLN A 333 27.03 -20.38 -17.66
C GLN A 333 25.58 -20.84 -17.53
N THR A 334 25.36 -21.83 -16.67
CA THR A 334 24.05 -22.46 -16.54
C THR A 334 23.38 -22.14 -15.22
N SER A 335 24.02 -22.44 -14.09
CA SER A 335 23.39 -22.31 -12.79
C SER A 335 24.45 -21.96 -11.76
N ASN A 336 24.02 -21.87 -10.50
CA ASN A 336 24.91 -21.65 -9.38
C ASN A 336 24.60 -22.68 -8.30
N PHE A 337 25.63 -23.35 -7.82
CA PHE A 337 25.48 -24.46 -6.90
C PHE A 337 26.02 -24.10 -5.52
N ARG A 338 25.36 -24.63 -4.50
CA ARG A 338 25.76 -24.50 -3.11
C ARG A 338 25.79 -25.88 -2.47
N VAL A 339 26.78 -26.12 -1.61
CA VAL A 339 26.86 -27.41 -0.92
C VAL A 339 25.78 -27.47 0.15
N GLN A 340 24.97 -28.53 0.11
CA GLN A 340 23.87 -28.66 1.04
C GLN A 340 24.41 -28.86 2.46
N PRO A 341 23.80 -28.23 3.47
CA PRO A 341 24.26 -28.44 4.84
C PRO A 341 23.92 -29.84 5.33
N THR A 342 24.93 -30.54 5.83
CA THR A 342 24.74 -31.93 6.24
C THR A 342 23.98 -32.04 7.56
N GLU A 343 24.16 -31.10 8.48
CA GLU A 343 23.54 -31.16 9.79
C GLU A 343 23.02 -29.78 10.18
N SER A 344 22.05 -29.78 11.09
CA SER A 344 21.48 -28.56 11.63
C SER A 344 21.65 -28.56 13.15
N ILE A 345 22.20 -27.48 13.69
CA ILE A 345 22.46 -27.36 15.12
C ILE A 345 21.59 -26.26 15.70
N VAL A 346 21.31 -26.39 17.00
CA VAL A 346 20.58 -25.37 17.75
C VAL A 346 21.29 -25.18 19.08
N ARG A 347 21.51 -23.94 19.46
CA ARG A 347 22.23 -23.61 20.69
C ARG A 347 21.47 -22.55 21.47
N PHE A 348 21.05 -22.91 22.68
CA PHE A 348 20.44 -21.99 23.62
C PHE A 348 21.12 -22.14 24.96
N PRO A 349 21.15 -21.10 25.79
CA PRO A 349 21.71 -21.25 27.13
C PRO A 349 20.94 -22.30 27.93
N ASN A 350 21.68 -23.09 28.70
CA ASN A 350 21.07 -24.22 29.42
C ASN A 350 20.42 -23.71 30.70
N ILE A 351 19.33 -22.96 30.50
CA ILE A 351 18.51 -22.45 31.60
C ILE A 351 17.44 -23.50 31.88
N THR A 352 17.68 -24.35 32.88
CA THR A 352 16.75 -25.42 33.23
C THR A 352 15.73 -24.92 34.26
N ASN A 353 14.97 -23.90 33.86
CA ASN A 353 13.98 -23.28 34.71
C ASN A 353 12.79 -22.86 33.87
N LEU A 354 11.59 -23.01 34.44
CA LEU A 354 10.35 -22.61 33.79
C LEU A 354 9.68 -21.52 34.62
N CYS A 355 9.30 -20.43 33.96
CA CYS A 355 8.63 -19.30 34.59
C CYS A 355 7.36 -19.00 33.82
N PRO A 356 6.31 -19.81 33.99
CA PRO A 356 5.07 -19.57 33.26
C PRO A 356 4.43 -18.25 33.67
N PHE A 357 3.68 -17.67 32.74
CA PHE A 357 2.98 -16.41 32.97
C PHE A 357 1.71 -16.58 33.78
N GLY A 358 1.43 -17.79 34.28
CA GLY A 358 0.19 -18.02 34.99
C GLY A 358 0.03 -17.10 36.18
N GLU A 359 1.11 -16.88 36.93
CA GLU A 359 1.02 -16.01 38.10
C GLU A 359 0.51 -14.62 37.73
N VAL A 360 0.71 -14.20 36.48
CA VAL A 360 0.17 -12.93 36.02
C VAL A 360 -1.20 -13.12 35.37
N PHE A 361 -1.43 -14.24 34.69
CA PHE A 361 -2.65 -14.41 33.91
C PHE A 361 -3.86 -14.56 34.82
N ASN A 362 -3.77 -15.40 35.83
CA ASN A 362 -4.85 -15.58 36.80
C ASN A 362 -4.63 -14.76 38.07
N ALA A 363 -3.90 -13.66 37.97
CA ALA A 363 -3.76 -12.76 39.11
C ALA A 363 -5.14 -12.35 39.59
N THR A 364 -5.42 -12.65 40.86
CA THR A 364 -6.77 -12.46 41.39
C THR A 364 -7.25 -11.03 41.19
N ARG A 365 -6.37 -10.06 41.38
CA ARG A 365 -6.70 -8.65 41.27
C ARG A 365 -6.06 -8.07 40.02
N PHE A 366 -6.86 -7.37 39.21
CA PHE A 366 -6.39 -6.74 37.98
C PHE A 366 -6.45 -5.23 38.15
N ALA A 367 -5.37 -4.56 37.76
CA ALA A 367 -5.31 -3.11 37.88
C ALA A 367 -6.23 -2.44 36.87
N SER A 368 -6.56 -1.18 37.14
CA SER A 368 -7.39 -0.42 36.23
C SER A 368 -6.62 -0.09 34.95
N VAL A 369 -7.37 0.21 33.89
CA VAL A 369 -6.74 0.53 32.61
C VAL A 369 -5.91 1.80 32.73
N TYR A 370 -6.43 2.81 33.41
CA TYR A 370 -5.66 4.03 33.63
C TYR A 370 -4.40 3.76 34.44
N ALA A 371 -4.35 2.65 35.16
CA ALA A 371 -3.17 2.22 35.92
C ALA A 371 -2.78 0.81 35.50
N TRP A 372 -2.77 0.58 34.18
CA TRP A 372 -2.41 -0.72 33.63
C TRP A 372 -1.18 -1.28 34.32
N ASN A 373 -1.26 -2.56 34.69
CA ASN A 373 -0.15 -3.21 35.38
C ASN A 373 0.87 -3.72 34.37
N ARG A 374 2.14 -3.69 34.76
CA ARG A 374 3.23 -4.19 33.93
C ARG A 374 4.11 -5.12 34.75
N LYS A 375 4.53 -6.22 34.12
CA LYS A 375 5.42 -7.19 34.72
C LYS A 375 6.53 -7.51 33.74
N ARG A 376 7.76 -7.59 34.23
CA ARG A 376 8.91 -7.90 33.40
C ARG A 376 9.36 -9.33 33.66
N ILE A 377 9.51 -10.11 32.59
CA ILE A 377 9.94 -11.50 32.71
C ILE A 377 11.16 -11.70 31.81
N SER A 378 12.18 -12.36 32.35
CA SER A 378 13.44 -12.56 31.66
C SER A 378 14.19 -13.68 32.35
N ASN A 379 15.23 -14.17 31.69
CA ASN A 379 16.10 -15.21 32.21
C ASN A 379 15.30 -16.44 32.63
N CYS A 380 14.63 -17.03 31.65
CA CYS A 380 13.81 -18.21 31.88
C CYS A 380 13.36 -18.77 30.54
N VAL A 381 12.83 -19.99 30.56
CA VAL A 381 12.33 -20.66 29.39
C VAL A 381 10.80 -20.67 29.46
N ALA A 382 10.15 -20.29 28.37
CA ALA A 382 8.70 -20.19 28.31
C ALA A 382 8.18 -21.15 27.25
N ASP A 383 7.15 -21.91 27.60
CA ASP A 383 6.49 -22.84 26.68
C ASP A 383 5.22 -22.16 26.19
N TYR A 384 5.36 -21.35 25.13
CA TYR A 384 4.23 -20.56 24.65
C TYR A 384 3.09 -21.41 24.11
N SER A 385 3.36 -22.68 23.78
CA SER A 385 2.28 -23.54 23.28
C SER A 385 1.12 -23.56 24.26
N VAL A 386 1.41 -23.75 25.54
CA VAL A 386 0.35 -23.85 26.54
C VAL A 386 -0.56 -22.63 26.48
N LEU A 387 -0.03 -21.48 26.04
CA LEU A 387 -0.84 -20.28 26.01
C LEU A 387 -1.97 -20.39 24.99
N TYR A 388 -1.69 -20.94 23.81
CA TYR A 388 -2.66 -21.00 22.73
C TYR A 388 -3.17 -22.41 22.45
N ASN A 389 -2.70 -23.41 23.19
CA ASN A 389 -3.19 -24.77 23.03
C ASN A 389 -4.44 -25.06 23.85
N SER A 390 -4.85 -24.13 24.71
CA SER A 390 -6.01 -24.31 25.57
C SER A 390 -7.11 -23.35 25.14
N ALA A 391 -8.32 -23.88 24.93
CA ALA A 391 -9.46 -23.08 24.48
C ALA A 391 -9.97 -22.26 25.67
N SER A 392 -9.23 -21.20 25.98
CA SER A 392 -9.57 -20.35 27.11
C SER A 392 -9.42 -18.86 26.82
N PHE A 393 -9.10 -18.48 25.58
CA PHE A 393 -8.90 -17.08 25.22
C PHE A 393 -9.74 -16.74 24.01
N SER A 394 -10.51 -15.65 24.11
CA SER A 394 -11.40 -15.26 23.02
C SER A 394 -10.62 -14.69 21.84
N THR A 395 -9.66 -13.81 22.13
CA THR A 395 -8.88 -13.16 21.08
C THR A 395 -7.40 -13.37 21.37
N PHE A 396 -6.65 -13.81 20.36
CA PHE A 396 -5.20 -14.04 20.45
C PHE A 396 -4.60 -13.52 19.15
N LYS A 397 -4.20 -12.25 19.15
CA LYS A 397 -3.72 -11.59 17.94
C LYS A 397 -2.26 -11.21 18.11
N CYS A 398 -1.42 -11.66 17.18
CA CYS A 398 0.00 -11.41 17.22
C CYS A 398 0.39 -10.44 16.12
N TYR A 399 1.11 -9.38 16.50
CA TYR A 399 1.54 -8.34 15.57
C TYR A 399 3.05 -8.38 15.45
N GLY A 400 3.55 -8.48 14.22
CA GLY A 400 4.97 -8.53 13.97
C GLY A 400 5.62 -9.86 14.28
N VAL A 401 4.84 -10.88 14.63
CA VAL A 401 5.39 -12.21 14.91
C VAL A 401 4.24 -13.19 14.90
N SER A 402 4.52 -14.42 14.46
CA SER A 402 3.49 -15.44 14.34
C SER A 402 3.46 -16.29 15.60
N PRO A 403 2.29 -16.57 16.19
CA PRO A 403 2.27 -17.37 17.41
C PRO A 403 2.83 -18.77 17.23
N THR A 404 2.63 -19.38 16.07
CA THR A 404 3.07 -20.76 15.87
C THR A 404 4.58 -20.88 16.03
N LYS A 405 5.33 -19.96 15.43
CA LYS A 405 6.79 -20.02 15.47
C LYS A 405 7.37 -19.47 16.76
N LEU A 406 6.55 -18.88 17.63
CA LEU A 406 7.07 -18.20 18.81
C LEU A 406 7.78 -19.16 19.75
N ASN A 407 7.49 -20.45 19.68
CA ASN A 407 8.18 -21.43 20.52
C ASN A 407 9.63 -21.65 20.11
N ASP A 408 10.06 -21.12 18.96
CA ASP A 408 11.41 -21.30 18.45
C ASP A 408 12.15 -19.98 18.34
N LEU A 409 11.81 -19.01 19.19
CA LEU A 409 12.41 -17.69 19.15
C LEU A 409 12.94 -17.32 20.53
N CYS A 410 13.97 -16.46 20.53
CA CYS A 410 14.59 -15.96 21.74
C CYS A 410 14.44 -14.43 21.78
N PHE A 411 14.37 -13.89 22.99
CA PHE A 411 14.15 -12.46 23.16
C PHE A 411 14.94 -11.96 24.36
N THR A 412 15.23 -10.64 24.34
CA THR A 412 15.95 -10.03 25.44
C THR A 412 15.11 -10.00 26.71
N ASN A 413 13.87 -9.53 26.59
CA ASN A 413 12.97 -9.42 27.74
C ASN A 413 11.55 -9.45 27.22
N VAL A 414 10.61 -9.77 28.11
CA VAL A 414 9.19 -9.75 27.77
C VAL A 414 8.46 -8.91 28.81
N TYR A 415 7.68 -7.94 28.33
CA TYR A 415 6.87 -7.08 29.19
C TYR A 415 5.42 -7.52 29.03
N ALA A 416 4.84 -8.07 30.10
CA ALA A 416 3.45 -8.49 30.11
C ALA A 416 2.63 -7.38 30.77
N ASP A 417 1.76 -6.77 29.98
CA ASP A 417 0.87 -5.72 30.44
C ASP A 417 -0.51 -6.33 30.69
N SER A 418 -1.20 -5.82 31.70
CA SER A 418 -2.50 -6.36 32.07
C SER A 418 -3.47 -5.25 32.43
N PHE A 419 -4.70 -5.39 31.96
CA PHE A 419 -5.79 -4.49 32.33
C PHE A 419 -7.11 -5.17 31.99
N VAL A 420 -8.21 -4.44 32.17
CA VAL A 420 -9.55 -4.96 31.92
C VAL A 420 -10.36 -3.88 31.20
N ILE A 421 -11.05 -4.27 30.14
CA ILE A 421 -11.92 -3.36 29.37
C ILE A 421 -13.14 -4.13 28.90
N ARG A 422 -14.15 -3.39 28.44
CA ARG A 422 -15.32 -4.03 27.87
C ARG A 422 -14.97 -4.68 26.54
N GLY A 423 -15.67 -5.77 26.23
CA GLY A 423 -15.34 -6.54 25.04
C GLY A 423 -15.39 -5.70 23.76
N ASP A 424 -16.39 -4.82 23.66
CA ASP A 424 -16.55 -4.03 22.44
C ASP A 424 -15.31 -3.19 22.15
N GLU A 425 -14.58 -2.79 23.18
CA GLU A 425 -13.40 -1.97 23.01
C GLU A 425 -12.11 -2.79 22.89
N VAL A 426 -12.21 -4.11 22.86
CA VAL A 426 -11.01 -4.94 22.80
C VAL A 426 -10.20 -4.61 21.55
N ARG A 427 -10.87 -4.33 20.43
CA ARG A 427 -10.16 -4.01 19.21
C ARG A 427 -9.28 -2.79 19.35
N GLN A 428 -9.57 -1.90 20.31
CA GLN A 428 -8.76 -0.70 20.47
C GLN A 428 -7.34 -1.01 20.90
N ILE A 429 -7.08 -2.21 21.41
CA ILE A 429 -5.72 -2.59 21.82
C ILE A 429 -5.04 -3.19 20.59
N ALA A 430 -4.50 -2.30 19.77
CA ALA A 430 -3.79 -2.71 18.56
C ALA A 430 -3.04 -1.51 17.99
N PRO A 431 -1.83 -1.71 17.47
CA PRO A 431 -1.07 -0.56 16.94
C PRO A 431 -1.82 0.13 15.82
N GLY A 432 -1.68 1.46 15.76
CA GLY A 432 -2.34 2.23 14.72
C GLY A 432 -3.85 2.32 14.85
N GLN A 433 -4.36 2.26 16.08
CA GLN A 433 -5.78 2.38 16.33
C GLN A 433 -6.08 3.68 17.05
N THR A 434 -7.18 4.31 16.69
CA THR A 434 -7.59 5.60 17.26
C THR A 434 -8.84 5.40 18.11
N GLY A 435 -8.78 5.86 19.36
CA GLY A 435 -9.92 5.75 20.25
C GLY A 435 -9.53 6.24 21.62
N LYS A 436 -10.55 6.50 22.43
CA LYS A 436 -10.32 7.05 23.77
C LYS A 436 -9.40 6.14 24.57
N ILE A 437 -9.69 4.83 24.57
CA ILE A 437 -8.88 3.90 25.34
C ILE A 437 -7.42 3.96 24.89
N ALA A 438 -7.20 3.87 23.59
CA ALA A 438 -5.84 3.88 23.08
C ALA A 438 -5.21 5.27 23.17
N ASP A 439 -6.02 6.32 22.94
CA ASP A 439 -5.46 7.67 22.89
C ASP A 439 -5.06 8.17 24.27
N TYR A 440 -5.75 7.74 25.33
CA TYR A 440 -5.53 8.30 26.65
C TYR A 440 -5.08 7.30 27.70
N ASN A 441 -5.21 6.00 27.46
CA ASN A 441 -4.92 5.00 28.48
C ASN A 441 -3.77 4.07 28.10
N TYR A 442 -3.83 3.44 26.93
CA TYR A 442 -2.82 2.46 26.54
C TYR A 442 -2.56 2.60 25.05
N LYS A 443 -1.40 3.16 24.71
CA LYS A 443 -1.00 3.37 23.32
C LYS A 443 0.14 2.44 22.97
N LEU A 444 -0.03 1.66 21.91
CA LEU A 444 1.03 0.76 21.46
C LEU A 444 1.84 1.42 20.35
N PRO A 445 3.14 1.14 20.27
CA PRO A 445 3.97 1.78 19.25
C PRO A 445 3.75 1.18 17.87
N ASP A 446 4.11 1.96 16.85
CA ASP A 446 4.06 1.48 15.48
C ASP A 446 5.03 0.33 15.27
N ASP A 447 6.19 0.40 15.93
CA ASP A 447 7.19 -0.67 15.87
C ASP A 447 6.88 -1.81 16.84
N PHE A 448 5.63 -1.92 17.29
CA PHE A 448 5.25 -2.97 18.23
C PHE A 448 5.50 -4.34 17.61
N THR A 449 5.99 -5.26 18.44
CA THR A 449 6.23 -6.64 18.05
C THR A 449 5.86 -7.52 19.24
N GLY A 450 4.66 -8.09 19.21
CA GLY A 450 4.21 -8.89 20.33
C GLY A 450 2.86 -9.57 20.13
N CYS A 451 2.16 -9.82 21.23
CA CYS A 451 0.90 -10.53 21.21
C CYS A 451 -0.10 -9.85 22.13
N VAL A 452 -1.38 -10.01 21.82
CA VAL A 452 -2.48 -9.49 22.62
C VAL A 452 -3.45 -10.64 22.87
N ILE A 453 -3.81 -10.87 24.13
CA ILE A 453 -4.70 -11.95 24.52
C ILE A 453 -5.81 -11.36 25.35
N ALA A 454 -7.04 -11.46 24.86
CA ALA A 454 -8.22 -10.93 25.55
C ALA A 454 -9.20 -12.07 25.79
N TRP A 455 -9.68 -12.18 27.03
CA TRP A 455 -10.59 -13.25 27.40
C TRP A 455 -11.65 -12.72 28.35
N ASN A 456 -12.88 -13.21 28.17
CA ASN A 456 -13.99 -12.73 28.98
C ASN A 456 -13.75 -13.05 30.45
N SER A 457 -14.19 -12.13 31.32
CA SER A 457 -14.06 -12.27 32.76
C SER A 457 -15.35 -11.89 33.47
N ASN A 458 -16.49 -12.14 32.83
CA ASN A 458 -17.77 -11.79 33.44
C ASN A 458 -17.98 -12.52 34.76
N ASN A 459 -17.68 -13.82 34.79
CA ASN A 459 -17.88 -14.60 36.01
C ASN A 459 -16.90 -14.26 37.11
N LEU A 460 -15.85 -13.48 36.81
CA LEU A 460 -14.82 -13.16 37.79
C LEU A 460 -14.68 -11.67 38.07
N ASP A 461 -15.30 -10.80 37.27
CA ASP A 461 -15.18 -9.36 37.46
C ASP A 461 -16.54 -8.69 37.28
N SER A 462 -17.58 -9.29 37.86
CA SER A 462 -18.92 -8.72 37.82
C SER A 462 -19.56 -8.87 39.19
N LYS A 463 -20.47 -7.95 39.51
CA LYS A 463 -21.18 -7.95 40.77
C LYS A 463 -22.67 -7.74 40.51
N VAL A 464 -23.49 -8.29 41.41
CA VAL A 464 -24.93 -8.14 41.27
C VAL A 464 -25.31 -6.67 41.35
N GLY A 465 -24.74 -5.94 42.31
CA GLY A 465 -25.01 -4.52 42.45
C GLY A 465 -24.22 -3.63 41.50
N GLY A 466 -23.30 -4.20 40.73
CA GLY A 466 -22.51 -3.44 39.79
C GLY A 466 -21.10 -3.18 40.29
N ASN A 467 -20.12 -3.76 39.62
CA ASN A 467 -18.72 -3.56 40.00
C ASN A 467 -18.23 -2.21 39.48
N TYR A 468 -17.55 -1.47 40.35
CA TYR A 468 -17.01 -0.16 39.98
C TYR A 468 -15.53 -0.02 40.36
N ASN A 469 -14.87 -1.12 40.74
CA ASN A 469 -13.46 -1.05 41.10
C ASN A 469 -12.57 -0.76 39.90
N TYR A 470 -13.06 -0.90 38.68
CA TYR A 470 -12.28 -0.68 37.48
C TYR A 470 -12.60 0.70 36.91
N LEU A 471 -11.57 1.54 36.80
CA LEU A 471 -11.71 2.90 36.30
C LEU A 471 -10.95 3.03 34.98
N TYR A 472 -11.14 4.19 34.34
CA TYR A 472 -10.40 4.49 33.12
C TYR A 472 -10.44 5.99 32.89
N ARG A 473 -9.32 6.53 32.41
CA ARG A 473 -9.26 7.94 32.07
C ARG A 473 -10.20 8.24 30.90
N LEU A 474 -10.88 9.39 30.98
CA LEU A 474 -11.81 9.81 29.95
C LEU A 474 -11.40 11.09 29.24
N PHE A 475 -10.59 11.95 29.86
CA PHE A 475 -10.14 13.17 29.25
C PHE A 475 -8.66 13.37 29.55
N ARG A 476 -7.99 14.15 28.70
CA ARG A 476 -6.58 14.45 28.89
C ARG A 476 -6.24 15.73 28.13
N LYS A 477 -5.19 16.41 28.59
CA LYS A 477 -4.75 17.62 27.92
C LYS A 477 -4.28 17.32 26.50
N SER A 478 -3.55 16.23 26.31
CA SER A 478 -3.05 15.84 25.01
C SER A 478 -3.09 14.32 24.90
N ASN A 479 -2.82 13.83 23.69
CA ASN A 479 -2.84 12.40 23.44
C ASN A 479 -1.69 11.72 24.20
N LEU A 480 -1.91 10.45 24.54
CA LEU A 480 -0.95 9.69 25.33
C LEU A 480 0.10 9.05 24.43
N LYS A 481 1.36 9.16 24.83
CA LYS A 481 2.45 8.59 24.05
C LYS A 481 2.52 7.08 24.25
N PRO A 482 3.22 6.37 23.37
CA PRO A 482 3.29 4.91 23.49
C PRO A 482 3.92 4.49 24.81
N PHE A 483 3.38 3.43 25.40
CA PHE A 483 3.87 2.87 26.66
C PHE A 483 4.11 3.97 27.68
N GLU A 484 3.04 4.66 28.03
CA GLU A 484 3.07 5.72 29.02
C GLU A 484 1.95 5.50 30.02
N ARG A 485 2.20 5.93 31.26
CA ARG A 485 1.22 5.78 32.33
C ARG A 485 1.17 7.07 33.14
N ASP A 486 -0.05 7.50 33.47
CA ASP A 486 -0.27 8.66 34.32
C ASP A 486 -1.31 8.32 35.38
N ILE A 487 -1.17 8.94 36.55
CA ILE A 487 -2.10 8.73 37.65
C ILE A 487 -2.56 10.08 38.18
N SER A 488 -2.27 11.15 37.44
CA SER A 488 -2.71 12.48 37.86
C SER A 488 -4.23 12.58 37.79
N THR A 489 -4.79 13.39 38.70
CA THR A 489 -6.23 13.57 38.81
C THR A 489 -6.58 15.05 38.66
N GLU A 490 -5.89 15.75 37.77
CA GLU A 490 -6.20 17.15 37.52
C GLU A 490 -7.60 17.28 36.93
N ILE A 491 -8.29 18.35 37.30
CA ILE A 491 -9.64 18.59 36.82
C ILE A 491 -9.57 19.11 35.38
N TYR A 492 -10.29 18.44 34.49
CA TYR A 492 -10.27 18.84 33.08
C TYR A 492 -10.88 20.23 32.91
N GLN A 493 -10.31 21.00 32.00
CA GLN A 493 -10.75 22.38 31.73
C GLN A 493 -11.54 22.39 30.43
N ALA A 494 -12.85 22.65 30.55
CA ALA A 494 -13.71 22.88 29.40
C ALA A 494 -14.23 24.30 29.34
N GLY A 495 -13.74 25.18 30.22
CA GLY A 495 -14.20 26.56 30.27
C GLY A 495 -13.09 27.53 30.62
N SER A 496 -13.34 28.38 31.61
CA SER A 496 -12.35 29.38 32.00
C SER A 496 -11.08 28.71 32.52
N THR A 497 -9.95 29.39 32.34
CA THR A 497 -8.67 28.81 32.72
C THR A 497 -8.60 28.42 34.19
N PRO A 498 -8.98 29.27 35.15
CA PRO A 498 -8.85 28.87 36.56
C PRO A 498 -9.84 27.76 36.91
N CYS A 499 -9.34 26.75 37.61
CA CYS A 499 -10.17 25.64 38.07
C CYS A 499 -10.01 25.42 39.57
N ASN A 500 -8.78 25.64 40.08
CA ASN A 500 -8.48 25.49 41.50
C ASN A 500 -8.75 24.09 42.01
N GLY A 501 -8.76 23.10 41.12
CA GLY A 501 -8.99 21.72 41.54
C GLY A 501 -10.33 21.50 42.21
N VAL A 502 -11.38 22.16 41.70
CA VAL A 502 -12.72 22.01 42.23
C VAL A 502 -13.64 21.62 41.07
N GLU A 503 -14.36 20.51 41.24
CA GLU A 503 -15.28 20.05 40.21
C GLU A 503 -16.46 21.01 40.09
N GLY A 504 -16.96 21.15 38.87
CA GLY A 504 -18.06 22.04 38.62
C GLY A 504 -18.33 22.16 37.13
N PHE A 505 -19.13 23.17 36.79
CA PHE A 505 -19.45 23.42 35.39
C PHE A 505 -18.17 23.62 34.59
N ASN A 506 -18.06 22.90 33.47
CA ASN A 506 -16.85 22.91 32.66
C ASN A 506 -15.62 22.54 33.49
N CYS A 507 -15.79 21.65 34.46
CA CYS A 507 -14.70 21.20 35.32
C CYS A 507 -15.05 19.78 35.75
N TYR A 508 -14.41 18.78 35.13
CA TYR A 508 -14.78 17.38 35.30
C TYR A 508 -13.57 16.55 35.67
N PHE A 509 -13.82 15.49 36.43
CA PHE A 509 -12.77 14.56 36.81
C PHE A 509 -12.27 13.82 35.58
N PRO A 510 -10.98 13.50 35.51
CA PRO A 510 -10.45 12.82 34.32
C PRO A 510 -10.61 11.31 34.33
N LEU A 511 -11.15 10.73 35.40
CA LEU A 511 -11.32 9.28 35.51
C LEU A 511 -12.79 8.96 35.69
N GLN A 512 -13.27 7.95 34.96
CA GLN A 512 -14.64 7.48 35.06
C GLN A 512 -14.63 5.98 35.37
N SER A 513 -15.55 5.56 36.23
CA SER A 513 -15.61 4.17 36.67
C SER A 513 -16.43 3.33 35.69
N TYR A 514 -15.97 2.12 35.45
CA TYR A 514 -16.71 1.18 34.61
C TYR A 514 -17.88 0.60 35.40
N GLY A 515 -18.82 0.02 34.65
CA GLY A 515 -19.95 -0.67 35.25
C GLY A 515 -20.12 -2.07 34.68
N PHE A 516 -19.95 -3.09 35.53
CA PHE A 516 -20.03 -4.47 35.11
C PHE A 516 -21.02 -5.21 36.01
N GLN A 517 -21.95 -5.92 35.39
CA GLN A 517 -22.93 -6.73 36.09
C GLN A 517 -23.08 -8.06 35.38
N PRO A 518 -23.47 -9.12 36.09
CA PRO A 518 -23.61 -10.43 35.42
C PRO A 518 -24.64 -10.42 34.30
N THR A 519 -25.65 -9.56 34.40
CA THR A 519 -26.72 -9.51 33.41
C THR A 519 -26.38 -8.60 32.22
N ASN A 520 -25.23 -7.95 32.23
CA ASN A 520 -24.85 -7.09 31.13
C ASN A 520 -24.56 -7.92 29.88
N GLY A 521 -24.69 -7.26 28.73
CA GLY A 521 -24.48 -7.94 27.46
C GLY A 521 -23.02 -8.27 27.21
N VAL A 522 -22.81 -9.13 26.22
CA VAL A 522 -21.46 -9.56 25.89
C VAL A 522 -20.61 -8.36 25.46
N GLY A 523 -21.21 -7.42 24.74
CA GLY A 523 -20.48 -6.24 24.32
C GLY A 523 -19.97 -5.42 25.49
N TYR A 524 -20.80 -5.26 26.51
CA TYR A 524 -20.43 -4.50 27.70
C TYR A 524 -19.79 -5.37 28.78
N GLN A 525 -19.75 -6.69 28.60
CA GLN A 525 -19.19 -7.55 29.62
C GLN A 525 -17.70 -7.29 29.78
N PRO A 526 -17.16 -7.48 30.99
CA PRO A 526 -15.74 -7.23 31.20
C PRO A 526 -14.87 -8.26 30.49
N TYR A 527 -13.65 -7.87 30.18
CA TYR A 527 -12.69 -8.73 29.51
C TYR A 527 -11.30 -8.39 30.02
N ARG A 528 -10.56 -9.42 30.44
CA ARG A 528 -9.19 -9.26 30.87
C ARG A 528 -8.30 -9.31 29.64
N VAL A 529 -7.44 -8.30 29.48
CA VAL A 529 -6.56 -8.16 28.33
C VAL A 529 -5.12 -8.12 28.83
N VAL A 530 -4.30 -9.03 28.31
CA VAL A 530 -2.88 -9.09 28.61
C VAL A 530 -2.11 -8.98 27.30
N VAL A 531 -1.18 -8.05 27.24
CA VAL A 531 -0.42 -7.75 26.04
C VAL A 531 1.06 -8.00 26.34
N LEU A 532 1.64 -8.98 25.64
CA LEU A 532 3.05 -9.29 25.78
C LEU A 532 3.83 -8.57 24.69
N SER A 533 4.89 -7.89 25.08
CA SER A 533 5.79 -7.23 24.14
C SER A 533 7.19 -7.78 24.32
N PHE A 534 7.78 -8.26 23.23
CA PHE A 534 9.13 -8.81 23.25
C PHE A 534 10.12 -7.75 22.81
N GLU A 535 11.27 -7.70 23.49
CA GLU A 535 12.33 -6.75 23.19
C GLU A 535 13.46 -7.48 22.51
N LEU A 536 13.79 -7.07 21.28
CA LEU A 536 14.89 -7.65 20.54
C LEU A 536 15.53 -6.57 19.67
N LEU A 537 16.77 -6.24 19.98
CA LEU A 537 17.53 -5.23 19.23
C LEU A 537 18.95 -5.70 19.01
N HIS A 538 19.13 -6.99 18.70
CA HIS A 538 20.44 -7.60 18.57
C HIS A 538 21.21 -7.49 19.89
N ALA A 539 20.61 -8.07 20.92
CA ALA A 539 21.12 -8.05 22.28
C ALA A 539 21.12 -9.47 22.84
N PRO A 540 21.91 -9.72 23.88
CA PRO A 540 21.90 -11.08 24.47
C PRO A 540 20.50 -11.48 24.89
N ALA A 541 20.16 -12.73 24.62
CA ALA A 541 18.80 -13.23 24.82
C ALA A 541 18.68 -13.85 26.21
N THR A 542 17.62 -13.47 26.92
CA THR A 542 17.34 -14.02 28.25
C THR A 542 16.09 -14.90 28.28
N VAL A 543 15.18 -14.75 27.32
CA VAL A 543 13.98 -15.56 27.22
C VAL A 543 14.14 -16.48 26.01
N CYS A 544 13.94 -17.78 26.23
CA CYS A 544 14.13 -18.79 25.20
C CYS A 544 12.90 -19.68 25.14
N GLY A 545 12.93 -20.63 24.21
CA GLY A 545 11.86 -21.58 24.05
C GLY A 545 12.26 -22.97 24.51
N PRO A 546 11.32 -23.90 24.51
CA PRO A 546 11.61 -25.27 24.98
C PRO A 546 12.23 -26.13 23.89
N LYS A 547 13.47 -25.80 23.55
CA LYS A 547 14.23 -26.55 22.55
C LYS A 547 15.57 -26.97 23.14
N LYS A 548 15.85 -28.26 23.10
CA LYS A 548 17.13 -28.77 23.61
C LYS A 548 18.27 -28.28 22.72
N SER A 549 19.37 -27.90 23.35
CA SER A 549 20.54 -27.44 22.61
C SER A 549 21.34 -28.63 22.11
N THR A 550 21.44 -28.76 20.79
CA THR A 550 22.16 -29.87 20.18
C THR A 550 23.66 -29.66 20.31
N ASN A 551 24.41 -30.73 20.09
CA ASN A 551 25.86 -30.64 20.16
C ASN A 551 26.40 -29.73 19.06
N LEU A 552 27.55 -29.12 19.32
CA LEU A 552 28.16 -28.16 18.41
C LEU A 552 29.17 -28.89 17.53
N VAL A 553 29.07 -28.67 16.22
CA VAL A 553 29.95 -29.30 15.24
C VAL A 553 30.66 -28.20 14.46
N LYS A 554 31.84 -28.53 13.93
CA LYS A 554 32.68 -27.58 13.23
C LYS A 554 33.21 -28.19 11.95
N ASN A 555 33.65 -27.32 11.04
CA ASN A 555 34.34 -27.66 9.79
C ASN A 555 33.42 -28.19 8.71
N LYS A 556 32.10 -28.13 8.89
CA LYS A 556 31.15 -28.58 7.88
C LYS A 556 29.98 -27.62 7.80
N CYS A 557 29.50 -27.38 6.58
CA CYS A 557 28.34 -26.51 6.40
C CYS A 557 27.15 -27.07 7.15
N VAL A 558 26.62 -26.30 8.10
CA VAL A 558 25.49 -26.71 8.91
C VAL A 558 24.49 -25.56 8.99
N ASN A 559 23.24 -25.91 9.27
CA ASN A 559 22.18 -24.94 9.48
C ASN A 559 22.13 -24.60 10.97
N PHE A 560 22.61 -23.44 11.33
CA PHE A 560 22.82 -23.06 12.72
C PHE A 560 21.67 -22.19 13.22
N ASN A 561 21.41 -22.29 14.52
CA ASN A 561 20.41 -21.46 15.20
C ASN A 561 20.99 -21.13 16.58
N PHE A 562 21.58 -19.94 16.71
CA PHE A 562 22.23 -19.50 17.93
C PHE A 562 21.32 -18.50 18.64
N ASN A 563 20.74 -18.92 19.77
CA ASN A 563 19.94 -18.05 20.63
C ASN A 563 18.99 -17.17 19.83
N GLY A 564 18.45 -17.71 18.72
CA GLY A 564 17.46 -17.00 17.94
C GLY A 564 17.92 -16.68 16.53
N LEU A 565 19.16 -16.24 16.37
CA LEU A 565 19.68 -15.91 15.05
C LEU A 565 19.91 -17.18 14.25
N THR A 566 19.31 -17.26 13.08
CA THR A 566 19.32 -18.47 12.27
C THR A 566 20.09 -18.22 10.97
N GLY A 567 20.81 -19.24 10.52
CA GLY A 567 21.55 -19.13 9.29
C GLY A 567 22.14 -20.45 8.89
N THR A 568 23.10 -20.40 7.97
CA THR A 568 23.75 -21.62 7.49
C THR A 568 25.17 -21.29 7.06
N GLY A 569 26.08 -22.23 7.30
CA GLY A 569 27.44 -22.07 6.86
C GLY A 569 28.37 -22.96 7.66
N VAL A 570 29.67 -22.80 7.37
CA VAL A 570 30.72 -23.53 8.06
C VAL A 570 31.13 -22.74 9.29
N LEU A 571 31.42 -23.46 10.38
CA LEU A 571 31.72 -22.89 11.67
C LEU A 571 33.12 -23.31 12.10
N THR A 572 33.91 -22.36 12.60
CA THR A 572 35.26 -22.66 13.03
C THR A 572 35.58 -21.81 14.26
N GLU A 573 36.73 -22.06 14.87
CA GLU A 573 37.17 -21.23 15.98
C GLU A 573 37.67 -19.89 15.47
N SER A 574 37.19 -18.80 16.07
CA SER A 574 37.60 -17.47 15.65
C SER A 574 39.04 -17.21 16.06
N ASN A 575 39.70 -16.34 15.31
CA ASN A 575 41.11 -16.03 15.53
C ASN A 575 41.33 -14.93 16.55
N LYS A 576 40.28 -14.24 16.99
CA LYS A 576 40.43 -13.18 17.97
C LYS A 576 39.17 -13.09 18.83
N LYS A 577 39.32 -12.49 20.00
CA LYS A 577 38.28 -12.42 21.00
C LYS A 577 37.51 -11.11 20.92
N PHE A 578 36.31 -11.13 21.50
CA PHE A 578 35.49 -9.93 21.64
C PHE A 578 35.75 -9.30 23.00
N LEU A 579 34.91 -8.36 23.40
CA LEU A 579 34.94 -7.85 24.76
C LEU A 579 34.48 -8.94 25.71
N PRO A 580 34.79 -8.80 27.00
CA PRO A 580 34.50 -9.89 27.96
C PRO A 580 33.10 -10.48 27.84
N PHE A 581 32.11 -9.70 27.41
CA PHE A 581 30.75 -10.21 27.26
C PHE A 581 30.12 -9.69 25.97
N GLN A 582 30.93 -9.55 24.93
CA GLN A 582 30.47 -9.21 23.59
C GLN A 582 30.37 -10.51 22.80
N GLN A 583 29.18 -10.80 22.25
CA GLN A 583 28.82 -12.16 21.90
C GLN A 583 28.54 -12.40 20.42
N PHE A 584 28.82 -11.43 19.54
CA PHE A 584 28.89 -11.72 18.10
C PHE A 584 29.33 -10.48 17.37
N GLY A 585 29.80 -10.68 16.14
CA GLY A 585 30.25 -9.58 15.29
C GLY A 585 29.53 -9.55 13.96
N ARG A 586 30.04 -8.75 13.02
CA ARG A 586 29.41 -8.62 11.72
C ARG A 586 30.46 -8.25 10.69
N ASP A 587 30.13 -8.51 9.42
CA ASP A 587 30.96 -8.11 8.30
C ASP A 587 30.50 -6.75 7.80
N ILE A 588 30.96 -6.35 6.61
CA ILE A 588 30.58 -5.06 6.05
C ILE A 588 29.06 -4.93 5.96
N ALA A 589 28.36 -6.05 5.85
CA ALA A 589 26.91 -6.08 5.81
C ALA A 589 26.38 -6.66 7.12
N ASP A 590 25.06 -6.86 7.19
CA ASP A 590 24.45 -7.43 8.38
C ASP A 590 24.73 -8.92 8.54
N THR A 591 25.26 -9.58 7.52
CA THR A 591 25.61 -10.99 7.65
C THR A 591 26.62 -11.18 8.76
N THR A 592 26.40 -12.20 9.59
CA THR A 592 27.22 -12.42 10.78
C THR A 592 28.55 -13.02 10.40
N ASP A 593 29.64 -12.43 10.89
CA ASP A 593 30.98 -12.97 10.67
C ASP A 593 31.45 -13.84 11.82
N ALA A 594 31.01 -13.55 13.04
CA ALA A 594 31.41 -14.33 14.20
C ALA A 594 30.27 -14.34 15.21
N VAL A 595 30.28 -15.36 16.07
CA VAL A 595 29.26 -15.56 17.08
C VAL A 595 29.87 -16.21 18.31
N ARG A 596 29.30 -15.90 19.47
CA ARG A 596 29.74 -16.48 20.74
C ARG A 596 28.73 -17.55 21.14
N ASP A 597 29.22 -18.75 21.38
CA ASP A 597 28.35 -19.86 21.72
C ASP A 597 27.67 -19.60 23.06
N PRO A 598 26.34 -19.60 23.13
CA PRO A 598 25.69 -19.30 24.41
C PRO A 598 25.87 -20.41 25.45
N GLN A 599 26.24 -21.61 25.03
CA GLN A 599 26.43 -22.70 25.99
C GLN A 599 27.82 -22.63 26.63
N THR A 600 28.86 -22.73 25.82
CA THR A 600 30.24 -22.74 26.31
C THR A 600 30.89 -21.36 26.29
N LEU A 601 30.17 -20.32 25.87
CA LEU A 601 30.72 -18.97 25.78
C LEU A 601 31.97 -18.91 24.91
N GLU A 602 32.11 -19.85 23.99
CA GLU A 602 33.29 -19.91 23.14
C GLU A 602 33.08 -19.08 21.86
N ILE A 603 34.13 -18.39 21.46
CA ILE A 603 34.11 -17.59 20.25
C ILE A 603 34.16 -18.51 19.04
N LEU A 604 33.49 -18.10 17.96
CA LEU A 604 33.52 -18.85 16.71
C LEU A 604 33.33 -17.88 15.56
N ASP A 605 33.81 -18.30 14.39
CA ASP A 605 33.65 -17.54 13.15
C ASP A 605 32.86 -18.38 12.15
N ILE A 606 32.06 -17.68 11.35
CA ILE A 606 31.15 -18.29 10.38
C ILE A 606 31.59 -17.89 8.99
N THR A 607 31.56 -18.84 8.06
CA THR A 607 31.84 -18.53 6.66
C THR A 607 30.81 -19.23 5.79
N PRO A 608 30.27 -18.56 4.77
CA PRO A 608 29.37 -19.26 3.84
C PRO A 608 30.09 -20.45 3.21
N CYS A 609 29.40 -21.57 3.13
CA CYS A 609 30.07 -22.80 2.71
C CYS A 609 30.25 -22.82 1.19
N SER A 610 30.99 -23.81 0.72
CA SER A 610 31.39 -23.88 -0.67
C SER A 610 30.22 -23.61 -1.60
N PHE A 611 30.40 -22.64 -2.49
CA PHE A 611 29.38 -22.26 -3.46
C PHE A 611 30.07 -21.70 -4.70
N GLY A 612 29.27 -21.51 -5.73
CA GLY A 612 29.77 -20.81 -6.91
C GLY A 612 28.98 -21.15 -8.14
N GLY A 613 29.21 -20.35 -9.19
CA GLY A 613 28.60 -20.61 -10.47
C GLY A 613 29.20 -21.84 -11.14
N VAL A 614 28.44 -22.41 -12.07
CA VAL A 614 28.87 -23.56 -12.84
C VAL A 614 28.65 -23.27 -14.31
N SER A 615 29.68 -23.51 -15.12
CA SER A 615 29.60 -23.37 -16.56
C SER A 615 30.04 -24.68 -17.19
N VAL A 616 29.85 -24.82 -18.49
CA VAL A 616 30.24 -26.04 -19.19
C VAL A 616 30.88 -25.69 -20.52
N ILE A 617 31.95 -26.39 -20.84
CA ILE A 617 32.65 -26.28 -22.11
C ILE A 617 32.04 -27.31 -23.06
N THR A 618 31.50 -26.84 -24.18
CA THR A 618 30.91 -27.70 -25.20
C THR A 618 31.47 -27.28 -26.56
N PRO A 619 32.03 -28.21 -27.34
CA PRO A 619 32.53 -27.85 -28.67
C PRO A 619 31.46 -27.73 -29.74
N GLY A 620 30.18 -27.82 -29.37
CA GLY A 620 29.11 -27.74 -30.33
C GLY A 620 28.35 -29.04 -30.46
N THR A 621 27.02 -28.99 -30.29
CA THR A 621 26.22 -30.20 -30.37
C THR A 621 26.36 -30.85 -31.74
N ASN A 622 26.39 -30.04 -32.80
CA ASN A 622 26.44 -30.54 -34.16
C ASN A 622 27.80 -31.10 -34.53
N THR A 623 28.75 -31.15 -33.59
CA THR A 623 30.04 -31.80 -33.81
C THR A 623 30.40 -32.82 -32.75
N SER A 624 29.75 -32.80 -31.59
CA SER A 624 30.00 -33.78 -30.53
C SER A 624 28.91 -33.60 -29.48
N ASN A 625 28.95 -34.45 -28.46
CA ASN A 625 28.00 -34.36 -27.36
C ASN A 625 28.65 -34.44 -25.98
N GLN A 626 29.94 -34.73 -25.88
CA GLN A 626 30.61 -34.66 -24.60
C GLN A 626 30.84 -33.20 -24.20
N VAL A 627 31.00 -32.99 -22.90
CA VAL A 627 31.09 -31.64 -22.36
C VAL A 627 31.89 -31.72 -21.07
N ALA A 628 32.61 -30.64 -20.76
CA ALA A 628 33.46 -30.58 -19.58
C ALA A 628 32.98 -29.47 -18.65
N VAL A 629 32.69 -29.81 -17.42
CA VAL A 629 32.10 -28.84 -16.50
C VAL A 629 33.20 -28.06 -15.80
N LEU A 630 32.86 -26.84 -15.39
CA LEU A 630 33.79 -25.93 -14.73
C LEU A 630 33.07 -25.25 -13.57
N TYR A 631 33.55 -25.49 -12.36
CA TYR A 631 33.06 -24.80 -11.17
C TYR A 631 33.92 -23.55 -10.97
N GLN A 632 33.27 -22.39 -10.94
CA GLN A 632 33.99 -21.14 -11.14
C GLN A 632 35.05 -20.90 -10.08
N ASP A 633 34.67 -20.95 -8.81
CA ASP A 633 35.56 -20.58 -7.72
C ASP A 633 35.51 -21.62 -6.62
N VAL A 634 35.61 -22.89 -6.99
CA VAL A 634 35.59 -23.99 -6.05
C VAL A 634 36.96 -24.66 -6.05
N ASN A 635 37.30 -25.26 -4.92
CA ASN A 635 38.59 -25.91 -4.72
C ASN A 635 38.41 -27.41 -4.81
N CYS A 636 39.20 -28.05 -5.67
CA CYS A 636 39.12 -29.50 -5.86
C CYS A 636 40.51 -30.09 -6.06
N ASN A 660 38.85 -35.91 -17.16
CA ASN A 660 39.73 -35.91 -15.99
C ASN A 660 39.35 -34.77 -15.05
N VAL A 661 40.04 -34.70 -13.92
CA VAL A 661 39.93 -33.57 -13.02
C VAL A 661 41.12 -32.63 -13.27
N PHE A 662 40.93 -31.35 -12.96
CA PHE A 662 41.97 -30.38 -13.23
C PHE A 662 41.66 -29.10 -12.46
N GLN A 663 42.69 -28.47 -11.91
CA GLN A 663 42.56 -27.25 -11.13
C GLN A 663 43.20 -26.09 -11.87
N THR A 664 42.55 -24.92 -11.81
CA THR A 664 43.05 -23.75 -12.50
C THR A 664 42.75 -22.53 -11.66
N ARG A 665 43.47 -21.45 -11.93
CA ARG A 665 43.20 -20.19 -11.25
C ARG A 665 41.80 -19.70 -11.53
N ALA A 666 41.16 -20.21 -12.59
CA ALA A 666 39.79 -19.84 -12.93
C ALA A 666 38.75 -20.78 -12.34
N GLY A 667 39.16 -21.83 -11.63
CA GLY A 667 38.25 -22.73 -10.98
C GLY A 667 38.62 -24.18 -11.21
N CYS A 668 37.69 -25.07 -10.86
CA CYS A 668 37.90 -26.51 -10.98
C CYS A 668 37.24 -26.99 -12.26
N LEU A 669 38.06 -27.43 -13.22
CA LEU A 669 37.58 -27.90 -14.51
C LEU A 669 37.71 -29.42 -14.54
N ILE A 670 36.59 -30.11 -14.73
CA ILE A 670 36.61 -31.56 -14.85
C ILE A 670 35.96 -31.94 -16.17
N GLY A 671 36.35 -33.11 -16.69
CA GLY A 671 35.92 -33.54 -18.00
C GLY A 671 36.82 -33.10 -19.12
N ALA A 672 37.79 -32.23 -18.85
CA ALA A 672 38.76 -31.78 -19.85
C ALA A 672 40.14 -32.28 -19.44
N GLU A 673 40.85 -32.88 -20.38
CA GLU A 673 42.14 -33.49 -20.12
C GLU A 673 43.25 -32.49 -20.44
N HIS A 674 44.14 -32.26 -19.47
CA HIS A 674 45.27 -31.37 -19.70
C HIS A 674 46.18 -31.92 -20.79
N VAL A 675 46.78 -31.00 -21.54
CA VAL A 675 47.76 -31.34 -22.56
C VAL A 675 48.93 -30.37 -22.46
N ASN A 676 50.12 -30.87 -22.77
CA ASN A 676 51.36 -30.11 -22.62
C ASN A 676 51.37 -28.85 -23.48
N ASN A 677 51.36 -29.04 -24.79
CA ASN A 677 51.60 -27.93 -25.72
C ASN A 677 50.40 -27.00 -25.75
N SER A 678 50.50 -25.96 -26.57
CA SER A 678 49.51 -24.90 -26.63
C SER A 678 49.21 -24.53 -28.08
N TYR A 679 47.99 -24.07 -28.32
CA TYR A 679 47.54 -23.68 -29.65
C TYR A 679 46.75 -22.38 -29.53
N GLU A 680 46.71 -21.62 -30.62
CA GLU A 680 45.79 -20.48 -30.69
C GLU A 680 44.43 -20.99 -30.26
N CYS A 681 43.92 -20.51 -29.13
CA CYS A 681 42.89 -21.27 -28.44
C CYS A 681 41.50 -20.94 -28.95
N ASP A 682 40.61 -21.93 -28.84
CA ASP A 682 39.27 -21.84 -29.39
C ASP A 682 38.35 -21.04 -28.49
N ILE A 683 38.21 -21.47 -27.24
CA ILE A 683 37.24 -20.88 -26.32
C ILE A 683 37.93 -20.51 -25.02
N PRO A 684 37.51 -19.45 -24.33
CA PRO A 684 38.22 -19.00 -23.14
C PRO A 684 37.69 -19.61 -21.85
N ILE A 685 38.58 -20.15 -21.03
CA ILE A 685 38.21 -20.58 -19.68
C ILE A 685 38.56 -19.45 -18.73
N GLY A 686 39.82 -19.07 -18.69
CA GLY A 686 40.26 -17.95 -17.87
C GLY A 686 41.68 -18.16 -17.38
N ALA A 687 42.26 -17.07 -16.89
CA ALA A 687 43.63 -17.10 -16.36
C ALA A 687 44.60 -17.67 -17.39
N GLY A 688 44.43 -17.26 -18.64
CA GLY A 688 45.31 -17.72 -19.69
C GLY A 688 45.17 -19.18 -20.02
N ILE A 689 44.10 -19.82 -19.57
CA ILE A 689 43.82 -21.22 -19.88
C ILE A 689 42.59 -21.27 -20.76
N CYS A 690 42.69 -22.01 -21.86
CA CYS A 690 41.62 -22.22 -22.81
C CYS A 690 41.34 -23.72 -22.91
N ALA A 691 40.39 -24.09 -23.76
CA ALA A 691 40.07 -25.49 -23.99
C ALA A 691 39.51 -25.64 -25.39
N SER A 692 39.47 -26.89 -25.86
CA SER A 692 38.94 -27.16 -27.19
C SER A 692 38.84 -28.67 -27.40
N TYR A 693 38.05 -29.04 -28.42
CA TYR A 693 37.85 -30.43 -28.82
C TYR A 693 38.80 -30.84 -29.93
N GLN A 694 40.04 -30.32 -29.92
CA GLN A 694 41.03 -30.56 -31.00
C GLN A 694 41.98 -31.72 -30.66
N THR A 695 43.27 -31.63 -30.97
CA THR A 695 44.29 -32.71 -30.76
C THR A 695 43.96 -33.87 -31.71
N SER A 708 42.55 -38.83 -29.53
CA SER A 708 42.25 -37.46 -30.04
C SER A 708 40.75 -37.35 -30.32
N GLN A 709 39.91 -37.35 -29.28
CA GLN A 709 38.44 -37.26 -29.43
C GLN A 709 37.81 -36.85 -28.09
N SER A 710 38.40 -35.85 -27.42
CA SER A 710 37.87 -35.35 -26.16
C SER A 710 38.32 -33.92 -25.94
N ILE A 711 37.66 -33.26 -24.98
CA ILE A 711 37.99 -31.89 -24.65
C ILE A 711 39.31 -31.84 -23.91
N ILE A 712 40.23 -31.01 -24.40
CA ILE A 712 41.52 -30.80 -23.78
C ILE A 712 41.60 -29.33 -23.38
N ALA A 713 42.01 -29.08 -22.13
CA ALA A 713 42.21 -27.74 -21.62
C ALA A 713 43.71 -27.50 -21.49
N TYR A 714 44.20 -26.42 -22.09
CA TYR A 714 45.61 -26.08 -22.11
C TYR A 714 45.78 -24.63 -21.69
N THR A 715 47.03 -24.18 -21.68
CA THR A 715 47.36 -22.78 -21.48
C THR A 715 47.55 -22.13 -22.84
N MET A 716 46.91 -20.98 -23.05
CA MET A 716 46.85 -20.41 -24.38
C MET A 716 48.25 -20.08 -24.90
N SER A 717 48.44 -20.27 -26.20
CA SER A 717 49.62 -19.79 -26.91
C SER A 717 49.32 -18.46 -27.57
N LEU A 718 50.31 -17.57 -27.55
CA LEU A 718 50.15 -16.23 -28.08
C LEU A 718 50.51 -16.13 -29.55
N GLY A 719 51.61 -16.76 -29.94
CA GLY A 719 52.02 -16.75 -31.34
C GLY A 719 53.34 -17.46 -31.50
N ALA A 720 53.67 -17.73 -32.75
CA ALA A 720 54.92 -18.43 -33.05
C ALA A 720 56.12 -17.53 -32.76
N GLU A 721 57.15 -18.12 -32.16
CA GLU A 721 58.37 -17.37 -31.91
C GLU A 721 58.98 -16.92 -33.23
N ASN A 722 59.47 -15.68 -33.26
CA ASN A 722 60.08 -15.13 -34.47
C ASN A 722 61.17 -14.15 -34.05
N SER A 723 62.40 -14.63 -33.99
CA SER A 723 63.56 -13.80 -33.66
C SER A 723 64.03 -13.10 -34.93
N VAL A 724 63.80 -11.79 -35.01
CA VAL A 724 64.24 -11.03 -36.18
C VAL A 724 65.76 -10.95 -36.17
N ALA A 725 66.38 -11.33 -37.28
CA ALA A 725 67.83 -11.34 -37.37
C ALA A 725 68.36 -9.91 -37.46
N TYR A 726 68.56 -9.28 -36.31
CA TYR A 726 68.94 -7.88 -36.24
C TYR A 726 70.44 -7.74 -36.05
N SER A 727 71.06 -6.90 -36.88
CA SER A 727 72.45 -6.51 -36.70
C SER A 727 72.59 -5.06 -37.14
N ASN A 728 73.60 -4.39 -36.60
CA ASN A 728 73.70 -2.95 -36.78
C ASN A 728 73.96 -2.53 -38.22
N ASN A 729 74.33 -3.46 -39.10
CA ASN A 729 74.61 -3.13 -40.50
C ASN A 729 73.96 -4.14 -41.42
N SER A 730 72.69 -4.45 -41.18
CA SER A 730 71.96 -5.41 -42.00
C SER A 730 70.51 -4.97 -42.10
N ILE A 731 70.07 -4.64 -43.32
CA ILE A 731 68.69 -4.28 -43.56
C ILE A 731 68.05 -5.38 -44.39
N ALA A 732 66.73 -5.44 -44.35
CA ALA A 732 65.96 -6.40 -45.13
C ALA A 732 64.95 -5.63 -45.96
N ILE A 733 65.00 -5.84 -47.27
CA ILE A 733 64.16 -5.12 -48.22
C ILE A 733 63.34 -6.12 -49.00
N PRO A 734 62.04 -5.91 -49.18
CA PRO A 734 61.24 -6.83 -49.98
C PRO A 734 61.61 -6.74 -51.45
N THR A 735 61.45 -7.87 -52.14
CA THR A 735 61.62 -7.92 -53.58
C THR A 735 60.32 -8.14 -54.32
N ASN A 736 59.22 -8.38 -53.61
CA ASN A 736 57.95 -8.68 -54.25
C ASN A 736 56.84 -8.22 -53.33
N PHE A 737 55.60 -8.24 -53.85
CA PHE A 737 54.45 -7.79 -53.09
C PHE A 737 53.30 -8.75 -53.33
N THR A 738 52.27 -8.63 -52.50
CA THR A 738 51.07 -9.46 -52.64
C THR A 738 49.86 -8.59 -52.29
N ILE A 739 49.21 -8.05 -53.32
CA ILE A 739 48.00 -7.26 -53.07
C ILE A 739 46.96 -8.16 -52.43
N SER A 740 46.43 -7.73 -51.30
CA SER A 740 45.50 -8.51 -50.51
C SER A 740 44.25 -7.68 -50.23
N VAL A 741 43.09 -8.27 -50.47
CA VAL A 741 41.82 -7.63 -50.21
C VAL A 741 41.19 -8.34 -49.02
N THR A 742 41.00 -7.61 -47.93
CA THR A 742 40.47 -8.17 -46.69
C THR A 742 39.18 -7.46 -46.31
N THR A 743 38.23 -8.21 -45.76
CA THR A 743 36.94 -7.67 -45.41
C THR A 743 36.96 -7.04 -44.02
N GLU A 744 35.99 -6.15 -43.79
CA GLU A 744 35.75 -5.59 -42.47
C GLU A 744 34.29 -5.22 -42.39
N ILE A 745 33.55 -5.88 -41.50
CA ILE A 745 32.11 -5.72 -41.38
C ILE A 745 31.81 -4.82 -40.20
N LEU A 746 30.98 -3.82 -40.40
CA LEU A 746 30.64 -2.86 -39.36
C LEU A 746 29.14 -2.64 -39.34
N PRO A 747 28.46 -2.87 -38.21
CA PRO A 747 27.03 -2.54 -38.14
C PRO A 747 26.84 -1.04 -38.03
N VAL A 748 25.94 -0.50 -38.84
CA VAL A 748 25.67 0.93 -38.87
C VAL A 748 24.31 1.30 -38.30
N SER A 749 23.37 0.36 -38.25
CA SER A 749 22.05 0.67 -37.71
C SER A 749 21.44 -0.61 -37.17
N MET A 750 20.42 -0.45 -36.32
CA MET A 750 19.67 -1.54 -35.75
C MET A 750 18.20 -1.37 -36.07
N THR A 751 17.52 -2.46 -36.37
CA THR A 751 16.10 -2.41 -36.65
C THR A 751 15.39 -1.59 -35.57
N LYS A 752 14.68 -0.56 -36.00
CA LYS A 752 14.10 0.42 -35.08
C LYS A 752 12.68 -0.03 -34.74
N THR A 753 12.51 -0.54 -33.52
CA THR A 753 11.19 -0.87 -33.00
C THR A 753 10.62 0.32 -32.24
N SER A 754 9.37 0.17 -31.81
CA SER A 754 8.70 1.23 -31.06
C SER A 754 7.48 0.64 -30.39
N VAL A 755 7.32 0.93 -29.10
CA VAL A 755 6.19 0.45 -28.32
C VAL A 755 5.62 1.63 -27.55
N ASP A 756 4.51 1.36 -26.85
CA ASP A 756 3.84 2.36 -26.04
C ASP A 756 3.13 1.64 -24.90
N CYS A 757 3.23 2.19 -23.69
CA CYS A 757 2.62 1.54 -22.54
C CYS A 757 1.12 1.39 -22.74
N THR A 758 0.45 2.49 -23.06
CA THR A 758 -1.01 2.52 -23.13
C THR A 758 -1.55 1.31 -23.86
N MET A 759 -0.75 0.76 -24.78
CA MET A 759 -1.09 -0.48 -25.46
C MET A 759 -0.31 -1.68 -24.94
N TYR A 760 0.85 -1.46 -24.31
CA TYR A 760 1.68 -2.56 -23.83
C TYR A 760 1.30 -2.99 -22.42
N ILE A 761 1.39 -2.08 -21.45
CA ILE A 761 1.05 -2.40 -20.07
C ILE A 761 -0.44 -2.34 -19.77
N CYS A 762 -1.24 -1.78 -20.68
CA CYS A 762 -2.69 -1.76 -20.53
C CYS A 762 -3.29 -2.26 -21.82
N GLY A 763 -3.95 -3.42 -21.76
CA GLY A 763 -4.54 -4.00 -22.95
C GLY A 763 -5.75 -3.21 -23.42
N ASP A 764 -5.53 -1.95 -23.78
CA ASP A 764 -6.59 -1.03 -24.21
C ASP A 764 -7.79 -1.08 -23.27
N SER A 765 -7.51 -1.29 -21.98
CA SER A 765 -8.54 -1.27 -20.95
C SER A 765 -8.57 0.11 -20.29
N THR A 766 -9.77 0.69 -20.19
CA THR A 766 -9.88 2.05 -19.67
C THR A 766 -9.40 2.15 -18.24
N GLU A 767 -9.70 1.14 -17.41
CA GLU A 767 -9.29 1.19 -16.01
C GLU A 767 -7.79 1.28 -15.88
N CYS A 768 -7.06 0.41 -16.58
CA CYS A 768 -5.60 0.41 -16.50
C CYS A 768 -5.03 1.71 -17.01
N SER A 769 -5.59 2.23 -18.11
CA SER A 769 -5.09 3.49 -18.66
C SER A 769 -5.29 4.64 -17.68
N ASN A 770 -6.45 4.67 -17.00
CA ASN A 770 -6.68 5.71 -16.01
C ASN A 770 -5.71 5.59 -14.84
N LEU A 771 -5.50 4.35 -14.36
CA LEU A 771 -4.55 4.16 -13.27
C LEU A 771 -3.16 4.65 -13.68
N LEU A 772 -2.75 4.33 -14.90
CA LEU A 772 -1.44 4.80 -15.35
C LEU A 772 -1.40 6.33 -15.46
N LEU A 773 -2.45 6.93 -16.02
CA LEU A 773 -2.51 8.39 -16.07
C LEU A 773 -2.27 8.96 -14.68
N GLN A 774 -2.83 8.31 -13.66
CA GLN A 774 -2.52 8.69 -12.30
C GLN A 774 -1.05 8.43 -11.96
N TYR A 775 -0.46 7.38 -12.54
CA TYR A 775 0.92 7.04 -12.20
C TYR A 775 1.88 8.17 -12.52
N GLY A 776 1.75 8.78 -13.68
CA GLY A 776 2.62 9.88 -14.06
C GLY A 776 2.74 9.95 -15.58
N SER A 777 3.87 10.50 -16.02
CA SER A 777 4.17 10.67 -17.44
C SER A 777 5.45 9.94 -17.80
N PHE A 778 5.64 8.74 -17.25
CA PHE A 778 6.78 7.91 -17.62
C PHE A 778 6.72 7.54 -19.11
N CYS A 779 5.52 7.27 -19.61
CA CYS A 779 5.38 6.66 -20.92
C CYS A 779 5.59 7.66 -22.04
N THR A 780 5.23 8.92 -21.85
CA THR A 780 5.68 9.94 -22.79
C THR A 780 7.19 9.91 -22.93
N GLN A 781 7.90 9.77 -21.81
CA GLN A 781 9.35 9.69 -21.84
C GLN A 781 9.84 8.46 -22.59
N LEU A 782 9.24 7.30 -22.32
CA LEU A 782 9.68 6.09 -22.99
C LEU A 782 9.43 6.16 -24.49
N ASN A 783 8.26 6.65 -24.90
CA ASN A 783 7.98 6.81 -26.31
C ASN A 783 8.96 7.79 -26.95
N ARG A 784 9.28 8.88 -26.26
CA ARG A 784 10.24 9.84 -26.77
C ARG A 784 11.61 9.19 -26.96
N ALA A 785 12.05 8.38 -25.99
CA ALA A 785 13.35 7.73 -26.10
C ALA A 785 13.39 6.78 -27.29
N LEU A 786 12.35 5.96 -27.45
CA LEU A 786 12.35 5.02 -28.57
C LEU A 786 12.26 5.75 -29.91
N THR A 787 11.51 6.84 -29.97
CA THR A 787 11.46 7.64 -31.19
C THR A 787 12.82 8.22 -31.51
N GLY A 788 13.54 8.70 -30.48
CA GLY A 788 14.88 9.20 -30.71
C GLY A 788 15.79 8.14 -31.28
N ILE A 789 15.74 6.93 -30.71
CA ILE A 789 16.54 5.84 -31.25
C ILE A 789 16.18 5.58 -32.71
N ALA A 790 14.88 5.55 -33.00
CA ALA A 790 14.43 5.23 -34.35
C ALA A 790 14.94 6.25 -35.36
N VAL A 791 14.83 7.54 -35.04
CA VAL A 791 15.32 8.55 -35.97
C VAL A 791 16.84 8.50 -36.06
N GLU A 792 17.51 8.18 -34.96
CA GLU A 792 18.97 8.09 -34.99
C GLU A 792 19.43 6.97 -35.91
N GLN A 793 18.65 5.91 -36.05
CA GLN A 793 19.05 4.83 -36.97
C GLN A 793 19.11 5.35 -38.41
N ASP A 794 18.08 6.08 -38.84
CA ASP A 794 18.10 6.68 -40.17
C ASP A 794 19.25 7.65 -40.30
N LYS A 795 19.49 8.46 -39.26
CA LYS A 795 20.63 9.38 -39.32
C LYS A 795 21.93 8.61 -39.51
N ASN A 796 22.09 7.48 -38.82
CA ASN A 796 23.30 6.69 -38.95
C ASN A 796 23.48 6.20 -40.37
N THR A 797 22.45 5.58 -40.94
CA THR A 797 22.62 5.02 -42.28
C THR A 797 22.87 6.12 -43.30
N GLN A 798 22.18 7.25 -43.17
CA GLN A 798 22.37 8.35 -44.11
C GLN A 798 23.76 8.97 -43.98
N GLU A 799 24.29 9.05 -42.77
CA GLU A 799 25.64 9.56 -42.59
C GLU A 799 26.67 8.60 -43.18
N VAL A 800 26.51 7.30 -42.95
CA VAL A 800 27.50 6.35 -43.42
C VAL A 800 27.52 6.29 -44.94
N PHE A 801 26.35 6.16 -45.56
CA PHE A 801 26.34 5.83 -46.98
C PHE A 801 26.27 7.06 -47.88
N ALA A 802 25.51 8.08 -47.52
CA ALA A 802 25.31 9.24 -48.38
C ALA A 802 26.46 10.23 -48.26
N GLN A 803 27.68 9.72 -48.45
CA GLN A 803 28.84 10.60 -48.49
C GLN A 803 28.78 11.50 -49.71
N VAL A 804 28.40 10.96 -50.86
CA VAL A 804 28.35 11.74 -52.09
C VAL A 804 26.97 12.36 -52.23
N LYS A 805 26.89 13.39 -53.08
CA LYS A 805 25.62 13.98 -53.47
C LYS A 805 25.30 13.80 -54.94
N GLN A 806 26.24 13.27 -55.72
CA GLN A 806 25.99 12.86 -57.10
C GLN A 806 26.04 11.34 -57.18
N ILE A 807 25.32 10.78 -58.13
CA ILE A 807 25.25 9.34 -58.33
C ILE A 807 26.02 9.03 -59.61
N TYR A 808 27.25 8.55 -59.45
CA TYR A 808 28.11 8.26 -60.60
C TYR A 808 27.75 6.90 -61.18
N LYS A 809 28.02 6.75 -62.48
CA LYS A 809 27.74 5.52 -63.21
C LYS A 809 29.02 4.98 -63.82
N THR A 810 29.20 3.68 -63.75
CA THR A 810 30.33 3.03 -64.39
C THR A 810 30.20 3.16 -65.90
N PRO A 811 31.29 3.35 -66.63
CA PRO A 811 31.19 3.43 -68.08
C PRO A 811 30.70 2.11 -68.66
N PRO A 812 30.04 2.15 -69.81
CA PRO A 812 29.57 0.90 -70.42
C PRO A 812 30.69 -0.07 -70.74
N ILE A 813 31.86 0.44 -71.11
CA ILE A 813 33.01 -0.41 -71.41
C ILE A 813 33.85 -0.53 -70.14
N LYS A 814 34.17 -1.77 -69.77
CA LYS A 814 34.80 -2.08 -68.49
C LYS A 814 36.29 -2.38 -68.64
N ASP A 815 36.99 -1.66 -69.52
CA ASP A 815 38.43 -1.84 -69.69
C ASP A 815 39.15 -0.99 -68.66
N PHE A 816 39.37 -1.57 -67.47
CA PHE A 816 40.07 -0.90 -66.39
C PHE A 816 41.53 -1.33 -66.31
N GLY A 817 42.16 -1.60 -67.45
CA GLY A 817 43.56 -1.98 -67.47
C GLY A 817 43.84 -3.32 -66.82
N GLY A 818 42.95 -4.29 -66.99
CA GLY A 818 43.15 -5.63 -66.50
C GLY A 818 42.49 -5.93 -65.17
N PHE A 819 42.10 -4.90 -64.42
CA PHE A 819 41.45 -5.11 -63.14
C PHE A 819 40.01 -5.56 -63.35
N ASN A 820 39.46 -6.22 -62.34
CA ASN A 820 38.18 -6.91 -62.44
C ASN A 820 37.28 -6.49 -61.29
N PHE A 821 36.35 -5.59 -61.56
CA PHE A 821 35.37 -5.17 -60.57
C PHE A 821 34.01 -5.81 -60.80
N SER A 822 33.94 -6.82 -61.67
CA SER A 822 32.67 -7.49 -61.91
C SER A 822 32.10 -8.08 -60.63
N GLN A 823 32.96 -8.40 -59.67
CA GLN A 823 32.51 -9.02 -58.43
C GLN A 823 31.96 -8.02 -57.43
N ILE A 824 32.09 -6.71 -57.68
CA ILE A 824 31.59 -5.71 -56.75
C ILE A 824 30.65 -4.71 -57.40
N LEU A 825 30.70 -4.48 -58.70
CA LEU A 825 29.76 -3.57 -59.33
C LEU A 825 28.40 -4.25 -59.44
N PRO A 826 27.33 -3.46 -59.53
CA PRO A 826 26.00 -4.06 -59.59
C PRO A 826 25.83 -4.94 -60.82
N ASP A 827 25.09 -6.03 -60.65
CA ASP A 827 24.84 -6.96 -61.75
C ASP A 827 23.50 -6.62 -62.38
N PRO A 828 23.45 -6.09 -63.60
CA PRO A 828 22.17 -5.69 -64.18
C PRO A 828 21.19 -6.84 -64.36
N SER A 829 21.68 -8.08 -64.48
CA SER A 829 20.79 -9.20 -64.73
C SER A 829 19.83 -9.42 -63.57
N LYS A 830 20.34 -9.35 -62.34
CA LYS A 830 19.50 -9.65 -61.18
C LYS A 830 18.52 -8.51 -60.93
N PRO A 831 17.26 -8.82 -60.58
CA PRO A 831 16.30 -7.73 -60.31
C PRO A 831 16.72 -6.81 -59.18
N SER A 832 17.40 -7.33 -58.16
CA SER A 832 17.76 -6.51 -57.00
C SER A 832 18.78 -5.44 -57.35
N LYS A 833 19.49 -5.57 -58.47
CA LYS A 833 20.48 -4.59 -58.90
C LYS A 833 21.60 -4.44 -57.86
N ARG A 834 21.87 -5.51 -57.12
CA ARG A 834 23.00 -5.52 -56.20
C ARG A 834 24.22 -6.11 -56.91
N SER A 835 25.26 -6.42 -56.17
CA SER A 835 26.47 -7.03 -56.69
C SER A 835 26.61 -8.45 -56.19
N PRO A 836 27.39 -9.29 -56.88
CA PRO A 836 27.52 -10.69 -56.44
C PRO A 836 28.06 -10.84 -55.04
N ILE A 837 28.74 -9.84 -54.49
CA ILE A 837 29.15 -9.88 -53.09
C ILE A 837 28.07 -9.30 -52.19
N GLU A 838 27.43 -8.21 -52.60
CA GLU A 838 26.35 -7.64 -51.80
C GLU A 838 25.19 -8.62 -51.68
N ASP A 839 24.85 -9.31 -52.76
CA ASP A 839 23.76 -10.28 -52.69
C ASP A 839 24.13 -11.45 -51.78
N LEU A 840 25.40 -11.86 -51.79
CA LEU A 840 25.84 -12.91 -50.88
C LEU A 840 25.72 -12.46 -49.44
N LEU A 841 26.15 -11.24 -49.14
CA LEU A 841 26.02 -10.72 -47.78
C LEU A 841 24.56 -10.57 -47.38
N PHE A 842 23.68 -10.33 -48.35
CA PHE A 842 22.26 -10.32 -48.06
C PHE A 842 21.79 -11.72 -47.66
N ASN A 843 21.94 -12.67 -48.58
CA ASN A 843 21.43 -14.01 -48.34
C ASN A 843 22.06 -14.67 -47.13
N LYS A 844 23.27 -14.24 -46.74
CA LYS A 844 23.94 -14.87 -45.60
C LYS A 844 23.25 -14.52 -44.29
N VAL A 845 22.92 -13.25 -44.10
CA VAL A 845 22.34 -12.79 -42.84
C VAL A 845 20.86 -13.14 -42.81
N THR A 846 20.36 -13.50 -41.63
CA THR A 846 18.96 -13.86 -41.46
C THR A 846 18.05 -12.70 -41.85
N LEU A 868 11.49 -13.01 -34.29
CA LEU A 868 10.29 -12.44 -33.69
C LEU A 868 9.95 -11.10 -34.33
N ILE A 869 10.92 -10.50 -35.01
CA ILE A 869 10.71 -9.19 -35.63
C ILE A 869 9.56 -9.27 -36.63
N CYS A 870 9.55 -10.31 -37.47
CA CYS A 870 8.49 -10.48 -38.45
C CYS A 870 7.26 -11.16 -37.87
N ALA A 871 7.34 -11.72 -36.67
CA ALA A 871 6.24 -12.46 -36.05
C ALA A 871 6.05 -12.03 -34.61
N GLN A 872 6.06 -10.71 -34.37
CA GLN A 872 5.90 -10.19 -33.02
C GLN A 872 4.45 -10.08 -32.57
N LYS A 873 3.50 -10.17 -33.51
CA LYS A 873 2.06 -10.21 -33.22
C LYS A 873 1.55 -8.95 -32.54
N PHE A 874 2.35 -7.89 -32.48
CA PHE A 874 1.87 -6.54 -32.19
C PHE A 874 1.15 -6.48 -30.83
N ASN A 875 1.94 -6.71 -29.77
CA ASN A 875 1.45 -6.46 -28.42
C ASN A 875 1.62 -4.98 -28.10
N GLY A 876 1.09 -4.11 -28.95
CA GLY A 876 1.39 -2.69 -28.85
C GLY A 876 2.87 -2.44 -29.08
N LEU A 877 3.42 -3.12 -30.10
CA LEU A 877 4.86 -3.14 -30.31
C LEU A 877 5.08 -3.36 -31.80
N THR A 878 5.55 -2.32 -32.51
CA THR A 878 5.67 -2.37 -33.95
C THR A 878 7.03 -1.89 -34.40
N VAL A 879 7.50 -2.46 -35.51
CA VAL A 879 8.75 -2.05 -36.13
C VAL A 879 8.40 -1.28 -37.40
N LEU A 880 8.96 -0.08 -37.54
CA LEU A 880 8.68 0.73 -38.71
C LEU A 880 9.87 0.72 -39.67
N PRO A 881 9.63 0.87 -40.96
CA PRO A 881 10.66 0.55 -41.96
C PRO A 881 11.78 1.57 -41.96
N PRO A 882 12.95 1.21 -42.47
CA PRO A 882 14.03 2.19 -42.60
C PRO A 882 13.73 3.18 -43.71
N LEU A 883 14.32 4.37 -43.59
CA LEU A 883 14.13 5.39 -44.60
C LEU A 883 14.69 4.95 -45.95
N LEU A 884 15.92 4.45 -45.96
CA LEU A 884 16.61 4.06 -47.19
C LEU A 884 16.46 2.56 -47.37
N THR A 885 15.57 2.16 -48.27
CA THR A 885 15.41 0.75 -48.58
C THR A 885 16.73 0.18 -49.09
N ASP A 886 16.80 -1.15 -49.10
CA ASP A 886 18.03 -1.80 -49.57
C ASP A 886 18.41 -1.36 -50.97
N GLU A 887 17.42 -1.06 -51.81
CA GLU A 887 17.72 -0.58 -53.15
C GLU A 887 18.45 0.75 -53.11
N MET A 888 18.01 1.67 -52.24
CA MET A 888 18.64 2.97 -52.17
C MET A 888 20.04 2.87 -51.58
N ILE A 889 20.22 2.03 -50.57
CA ILE A 889 21.55 1.81 -50.02
C ILE A 889 22.47 1.23 -51.08
N ALA A 890 21.96 0.28 -51.87
CA ALA A 890 22.77 -0.29 -52.94
C ALA A 890 23.12 0.77 -53.98
N GLN A 891 22.17 1.66 -54.29
CA GLN A 891 22.48 2.73 -55.24
C GLN A 891 23.56 3.65 -54.71
N TYR A 892 23.50 4.01 -53.43
CA TYR A 892 24.54 4.84 -52.84
C TYR A 892 25.89 4.14 -52.92
N THR A 893 25.94 2.87 -52.55
CA THR A 893 27.20 2.14 -52.55
C THR A 893 27.75 1.99 -53.97
N SER A 894 26.88 1.73 -54.94
CA SER A 894 27.32 1.63 -56.32
C SER A 894 27.81 2.97 -56.84
N ALA A 895 27.18 4.06 -56.40
CA ALA A 895 27.67 5.39 -56.77
C ALA A 895 29.08 5.59 -56.24
N LEU A 896 29.31 5.24 -54.97
CA LEU A 896 30.65 5.36 -54.42
C LEU A 896 31.64 4.49 -55.18
N LEU A 897 31.25 3.25 -55.51
CA LEU A 897 32.15 2.34 -56.21
C LEU A 897 32.51 2.88 -57.60
N ALA A 898 31.51 3.31 -58.37
CA ALA A 898 31.78 3.84 -59.69
C ALA A 898 32.61 5.11 -59.61
N GLY A 899 32.30 5.98 -58.66
CA GLY A 899 33.07 7.20 -58.52
C GLY A 899 34.52 6.92 -58.23
N THR A 900 34.80 6.03 -57.27
CA THR A 900 36.19 5.74 -56.96
C THR A 900 36.88 5.08 -58.14
N ILE A 901 36.22 4.11 -58.78
CA ILE A 901 36.84 3.40 -59.90
C ILE A 901 37.22 4.39 -61.00
N THR A 902 36.32 5.31 -61.34
CA THR A 902 36.52 6.16 -62.50
C THR A 902 37.27 7.44 -62.20
N SER A 903 37.40 7.86 -60.94
CA SER A 903 38.04 9.14 -60.67
C SER A 903 38.88 9.12 -59.39
N GLY A 904 39.42 7.97 -59.00
CA GLY A 904 40.31 8.04 -57.85
C GLY A 904 39.62 8.62 -56.63
N TRP A 905 40.39 9.34 -55.84
CA TRP A 905 39.90 9.95 -54.61
C TRP A 905 39.36 11.36 -54.84
N THR A 906 39.39 11.86 -56.06
CA THR A 906 39.11 13.27 -56.30
C THR A 906 37.62 13.57 -56.44
N PHE A 907 36.75 12.56 -56.36
CA PHE A 907 35.32 12.82 -56.37
C PHE A 907 34.78 13.12 -54.99
N GLY A 908 35.48 12.72 -53.93
CA GLY A 908 35.14 13.08 -52.58
C GLY A 908 35.75 14.36 -52.10
N ALA A 909 36.55 15.03 -52.94
CA ALA A 909 37.22 16.27 -52.58
C ALA A 909 37.06 17.30 -53.69
N GLY A 910 35.85 17.46 -54.22
CA GLY A 910 35.60 18.38 -55.30
C GLY A 910 34.87 17.70 -56.44
N PRO A 911 34.95 18.26 -57.63
CA PRO A 911 34.31 17.63 -58.79
C PRO A 911 35.05 16.36 -59.19
N ALA A 912 34.32 15.47 -59.84
CA ALA A 912 34.89 14.19 -60.29
C ALA A 912 35.77 14.42 -61.51
N LEU A 913 37.00 13.95 -61.42
CA LEU A 913 37.98 14.09 -62.49
C LEU A 913 38.42 12.70 -62.93
N GLN A 914 38.08 12.33 -64.16
CA GLN A 914 38.43 11.01 -64.65
C GLN A 914 39.93 10.78 -64.56
N ILE A 915 40.32 9.51 -64.52
CA ILE A 915 41.72 9.13 -64.54
C ILE A 915 41.80 7.64 -64.83
N PRO A 916 42.61 7.19 -65.79
CA PRO A 916 42.66 5.76 -66.08
C PRO A 916 43.04 4.98 -64.84
N PHE A 917 42.38 3.84 -64.63
CA PHE A 917 42.62 3.09 -63.40
C PHE A 917 44.08 2.68 -63.22
N PRO A 918 44.82 2.21 -64.23
CA PRO A 918 46.24 1.97 -64.00
C PRO A 918 46.95 3.21 -63.48
N MET A 919 46.57 4.39 -63.98
CA MET A 919 47.17 5.62 -63.49
C MET A 919 46.79 5.89 -62.04
N GLN A 920 45.54 5.62 -61.67
CA GLN A 920 45.13 5.80 -60.28
C GLN A 920 45.90 4.87 -59.37
N MET A 921 46.09 3.61 -59.77
CA MET A 921 46.85 2.69 -58.95
C MET A 921 48.31 3.09 -58.89
N ALA A 922 48.84 3.69 -59.96
CA ALA A 922 50.17 4.28 -59.89
C ALA A 922 50.21 5.38 -58.84
N TYR A 923 49.17 6.22 -58.81
CA TYR A 923 49.11 7.28 -57.82
C TYR A 923 49.13 6.70 -56.42
N ARG A 924 48.36 5.64 -56.20
CA ARG A 924 48.27 5.03 -54.87
C ARG A 924 49.60 4.40 -54.47
N PHE A 925 50.23 3.66 -55.39
CA PHE A 925 51.56 3.11 -55.11
C PHE A 925 52.53 4.21 -54.73
N ASN A 926 52.54 5.30 -55.50
CA ASN A 926 53.37 6.44 -55.16
C ASN A 926 53.03 6.95 -53.76
N GLY A 927 51.75 6.89 -53.40
CA GLY A 927 51.35 7.36 -52.09
C GLY A 927 51.92 6.54 -50.96
N ILE A 928 51.95 5.21 -51.12
CA ILE A 928 52.41 4.35 -50.04
C ILE A 928 53.94 4.26 -50.04
N GLY A 929 54.59 5.04 -50.89
CA GLY A 929 56.03 5.13 -50.90
C GLY A 929 56.74 4.25 -51.92
N VAL A 930 56.03 3.70 -52.89
CA VAL A 930 56.62 2.89 -53.96
C VAL A 930 56.50 3.68 -55.25
N THR A 931 57.63 3.93 -55.91
CA THR A 931 57.61 4.66 -57.16
C THR A 931 56.60 4.03 -58.11
N GLN A 932 56.03 4.85 -58.99
CA GLN A 932 54.94 4.37 -59.84
C GLN A 932 55.42 3.41 -60.92
N ASN A 933 56.69 3.48 -61.32
CA ASN A 933 57.19 2.51 -62.30
C ASN A 933 56.96 1.10 -61.80
N VAL A 934 57.18 0.85 -60.51
CA VAL A 934 57.00 -0.47 -59.92
C VAL A 934 55.63 -1.03 -60.27
N LEU A 935 54.64 -0.17 -60.51
CA LEU A 935 53.33 -0.66 -60.92
C LEU A 935 53.33 -1.08 -62.38
N TYR A 936 53.72 -0.17 -63.27
CA TYR A 936 53.55 -0.44 -64.70
C TYR A 936 54.36 -1.65 -65.13
N GLU A 937 55.61 -1.73 -64.68
CA GLU A 937 56.44 -2.89 -65.05
C GLU A 937 55.78 -4.20 -64.67
N ASN A 938 54.83 -4.18 -63.72
CA ASN A 938 54.12 -5.37 -63.30
C ASN A 938 52.61 -5.19 -63.38
N GLN A 939 52.13 -4.17 -64.09
CA GLN A 939 50.71 -3.87 -64.13
C GLN A 939 49.88 -5.14 -64.29
N LYS A 940 50.07 -5.85 -65.40
CA LYS A 940 49.28 -7.04 -65.66
C LYS A 940 49.33 -7.98 -64.47
N LEU A 941 50.53 -8.31 -64.00
CA LEU A 941 50.66 -9.16 -62.82
C LEU A 941 49.75 -8.68 -61.71
N ILE A 942 49.92 -7.41 -61.32
CA ILE A 942 49.11 -6.88 -60.23
C ILE A 942 47.64 -7.04 -60.54
N ALA A 943 47.24 -6.68 -61.76
CA ALA A 943 45.85 -6.86 -62.16
C ALA A 943 45.39 -8.27 -61.81
N ASN A 944 46.10 -9.27 -62.34
CA ASN A 944 45.74 -10.65 -62.05
C ASN A 944 45.61 -10.86 -60.55
N GLN A 945 46.63 -10.44 -59.80
CA GLN A 945 46.59 -10.61 -58.36
C GLN A 945 45.32 -10.02 -57.79
N PHE A 946 45.03 -8.76 -58.14
CA PHE A 946 43.84 -8.10 -57.63
C PHE A 946 42.63 -8.98 -57.87
N ASN A 947 42.46 -9.46 -59.11
CA ASN A 947 41.29 -10.27 -59.40
C ASN A 947 41.19 -11.44 -58.43
N SER A 948 42.28 -12.21 -58.33
CA SER A 948 42.25 -13.33 -57.40
C SER A 948 41.89 -12.85 -56.01
N ALA A 949 42.57 -11.80 -55.55
CA ALA A 949 42.39 -11.35 -54.19
C ALA A 949 40.97 -10.94 -53.89
N ILE A 950 40.16 -10.63 -54.91
CA ILE A 950 38.76 -10.32 -54.66
C ILE A 950 37.90 -11.57 -54.78
N GLY A 951 38.19 -12.43 -55.77
CA GLY A 951 37.39 -13.62 -55.90
C GLY A 951 37.39 -14.45 -54.64
N LYS A 952 38.57 -14.64 -54.04
CA LYS A 952 38.68 -15.41 -52.81
C LYS A 952 37.72 -14.89 -51.74
N ILE A 953 37.48 -13.57 -51.71
CA ILE A 953 36.61 -13.03 -50.68
C ILE A 953 35.25 -13.70 -50.75
N GLN A 954 34.70 -13.86 -51.95
CA GLN A 954 33.43 -14.58 -52.07
C GLN A 954 33.54 -15.95 -51.42
N ASP A 955 34.57 -16.71 -51.81
CA ASP A 955 34.80 -18.01 -51.17
C ASP A 955 34.94 -17.85 -49.66
N SER A 956 35.63 -16.79 -49.22
CA SER A 956 35.76 -16.56 -47.78
C SER A 956 34.41 -16.31 -47.15
N LEU A 957 33.53 -15.57 -47.83
CA LEU A 957 32.21 -15.29 -47.30
C LEU A 957 31.26 -16.47 -47.51
N SER A 958 31.64 -17.47 -48.29
CA SER A 958 30.86 -18.68 -48.45
C SER A 958 31.11 -19.70 -47.35
N SER A 959 32.07 -19.44 -46.47
CA SER A 959 32.40 -20.37 -45.38
C SER A 959 31.21 -20.55 -44.44
N ALA A 963 31.36 -15.06 -40.56
CA ALA A 963 32.07 -13.83 -40.27
C ALA A 963 31.10 -12.68 -40.04
N LEU A 964 29.85 -12.87 -40.47
CA LEU A 964 28.81 -11.85 -40.30
C LEU A 964 28.30 -11.76 -38.88
N GLY A 965 28.92 -12.44 -37.92
CA GLY A 965 28.48 -12.35 -36.54
C GLY A 965 28.47 -10.92 -36.02
N LYS A 966 29.32 -10.05 -36.59
CA LYS A 966 29.32 -8.66 -36.17
C LYS A 966 27.96 -8.02 -36.42
N LEU A 967 27.32 -8.35 -37.54
CA LEU A 967 25.97 -7.90 -37.80
C LEU A 967 24.94 -8.81 -37.17
N GLN A 968 25.02 -10.11 -37.45
CA GLN A 968 24.02 -11.05 -36.94
C GLN A 968 23.84 -10.88 -35.44
N ASP A 969 24.95 -10.87 -34.69
CA ASP A 969 24.85 -10.72 -33.25
C ASP A 969 23.99 -9.51 -32.90
N VAL A 970 24.30 -8.36 -33.49
CA VAL A 970 23.49 -7.17 -33.24
C VAL A 970 22.02 -7.51 -33.37
N VAL A 971 21.63 -8.02 -34.54
CA VAL A 971 20.22 -8.33 -34.76
C VAL A 971 19.71 -9.23 -33.64
N ASN A 972 20.43 -10.33 -33.39
CA ASN A 972 19.99 -11.26 -32.36
C ASN A 972 19.70 -10.51 -31.08
N GLN A 973 20.66 -9.71 -30.62
CA GLN A 973 20.48 -8.96 -29.39
C GLN A 973 19.12 -8.29 -29.40
N ASN A 974 18.89 -7.41 -30.38
CA ASN A 974 17.61 -6.74 -30.47
C ASN A 974 16.47 -7.73 -30.31
N ALA A 975 16.41 -8.71 -31.21
CA ALA A 975 15.31 -9.67 -31.17
C ALA A 975 15.20 -10.28 -29.78
N GLN A 976 16.32 -10.77 -29.26
CA GLN A 976 16.28 -11.40 -27.94
C GLN A 976 15.68 -10.44 -26.92
N ALA A 977 16.21 -9.22 -26.86
CA ALA A 977 15.68 -8.26 -25.91
C ALA A 977 14.18 -8.10 -26.11
N LEU A 978 13.75 -7.92 -27.36
CA LEU A 978 12.34 -7.75 -27.62
C LEU A 978 11.54 -8.93 -27.09
N ASN A 979 12.04 -10.15 -27.32
CA ASN A 979 11.35 -11.31 -26.76
C ASN A 979 11.23 -11.19 -25.25
N THR A 980 12.35 -10.89 -24.59
CA THR A 980 12.32 -10.80 -23.13
C THR A 980 11.37 -9.71 -22.67
N LEU A 981 11.01 -8.78 -23.54
CA LEU A 981 10.00 -7.79 -23.18
C LEU A 981 8.61 -8.43 -23.20
N VAL A 982 8.24 -9.05 -24.33
CA VAL A 982 6.88 -9.56 -24.45
C VAL A 982 6.65 -10.69 -23.46
N LYS A 983 7.67 -11.50 -23.20
CA LYS A 983 7.54 -12.57 -22.23
C LYS A 983 7.21 -12.03 -20.84
N GLN A 984 7.60 -10.78 -20.56
CA GLN A 984 7.28 -10.19 -19.26
C GLN A 984 5.78 -10.01 -19.08
N LEU A 985 5.01 -9.98 -20.17
CA LEU A 985 3.56 -9.93 -20.04
C LEU A 985 3.01 -11.21 -19.40
N SER A 986 3.78 -12.29 -19.41
CA SER A 986 3.33 -13.54 -18.80
C SER A 986 3.39 -13.46 -17.28
N SER A 987 4.43 -12.85 -16.73
CA SER A 987 4.58 -12.78 -15.28
C SER A 987 3.45 -11.95 -14.68
N ASN A 988 3.03 -12.35 -13.47
CA ASN A 988 1.91 -11.72 -12.79
C ASN A 988 2.35 -10.76 -11.69
N PHE A 989 3.64 -10.63 -11.45
CA PHE A 989 4.16 -9.62 -10.50
C PHE A 989 3.39 -9.63 -9.19
N GLY A 990 2.98 -10.82 -8.75
CA GLY A 990 2.25 -10.96 -7.51
C GLY A 990 0.76 -10.74 -7.61
N ALA A 991 0.24 -10.37 -8.78
CA ALA A 991 -1.19 -10.23 -8.95
C ALA A 991 -1.85 -11.60 -8.97
N ILE A 992 -3.19 -11.60 -8.88
CA ILE A 992 -3.91 -12.87 -8.83
C ILE A 992 -3.66 -13.67 -10.11
N SER A 993 -3.72 -13.01 -11.26
CA SER A 993 -3.42 -13.68 -12.53
C SER A 993 -2.82 -12.66 -13.49
N SER A 994 -2.01 -13.17 -14.42
CA SER A 994 -1.25 -12.30 -15.30
C SER A 994 -2.15 -11.48 -16.21
N VAL A 995 -3.15 -12.12 -16.81
CA VAL A 995 -3.97 -11.44 -17.82
C VAL A 995 -4.73 -10.30 -17.17
N LEU A 996 -4.50 -9.08 -17.66
CA LEU A 996 -5.20 -7.92 -17.11
C LEU A 996 -6.70 -8.04 -17.32
N ASN A 997 -7.13 -8.45 -18.52
CA ASN A 997 -8.55 -8.57 -18.80
C ASN A 997 -9.21 -9.55 -17.84
N ASP A 998 -8.52 -10.64 -17.52
CA ASP A 998 -9.12 -11.66 -16.67
C ASP A 998 -9.40 -11.11 -15.28
N ILE A 999 -8.40 -10.45 -14.67
CA ILE A 999 -8.61 -9.92 -13.32
C ILE A 999 -9.61 -8.78 -13.34
N LEU A 1000 -9.65 -8.00 -14.41
CA LEU A 1000 -10.67 -6.95 -14.49
C LEU A 1000 -12.06 -7.56 -14.61
N SER A 1001 -12.18 -8.72 -15.25
CA SER A 1001 -13.47 -9.38 -15.37
C SER A 1001 -13.90 -10.06 -14.07
N ARG A 1002 -12.95 -10.58 -13.29
CA ARG A 1002 -13.30 -11.30 -12.08
C ARG A 1002 -13.62 -10.36 -10.92
N LEU A 1003 -12.87 -9.28 -10.77
CA LEU A 1003 -12.91 -8.47 -9.56
C LEU A 1003 -13.81 -7.24 -9.73
N ASP A 1004 -13.98 -6.53 -8.62
CA ASP A 1004 -14.82 -5.35 -8.52
C ASP A 1004 -13.94 -4.12 -8.34
N PRO A 1005 -14.21 -3.03 -9.06
CA PRO A 1005 -13.21 -1.95 -9.24
C PRO A 1005 -12.35 -1.70 -8.01
N PRO A 1006 -12.92 -1.58 -6.80
CA PRO A 1006 -12.07 -1.20 -5.65
C PRO A 1006 -10.91 -2.14 -5.41
N GLU A 1007 -11.06 -3.45 -5.68
CA GLU A 1007 -9.98 -4.41 -5.51
C GLU A 1007 -9.26 -4.74 -6.81
N ALA A 1008 -9.98 -4.74 -7.93
CA ALA A 1008 -9.33 -4.84 -9.22
C ALA A 1008 -8.30 -3.74 -9.38
N GLU A 1009 -8.54 -2.57 -8.78
CA GLU A 1009 -7.56 -1.49 -8.82
C GLU A 1009 -6.31 -1.87 -8.03
N VAL A 1010 -6.47 -2.50 -6.87
CA VAL A 1010 -5.32 -2.91 -6.08
C VAL A 1010 -4.48 -3.91 -6.86
N GLN A 1011 -5.13 -4.80 -7.61
CA GLN A 1011 -4.38 -5.76 -8.41
C GLN A 1011 -3.74 -5.11 -9.63
N ILE A 1012 -4.49 -4.24 -10.32
CA ILE A 1012 -4.02 -3.61 -11.54
C ILE A 1012 -2.85 -2.68 -11.25
N ASP A 1013 -2.84 -2.03 -10.09
CA ASP A 1013 -1.71 -1.16 -9.76
C ASP A 1013 -0.41 -1.96 -9.69
N ARG A 1014 -0.45 -3.12 -9.03
CA ARG A 1014 0.72 -3.98 -8.97
C ARG A 1014 1.13 -4.44 -10.36
N LEU A 1015 0.15 -4.86 -11.16
CA LEU A 1015 0.46 -5.30 -12.52
C LEU A 1015 1.09 -4.18 -13.33
N ILE A 1016 0.56 -2.96 -13.21
CA ILE A 1016 1.09 -1.83 -13.96
C ILE A 1016 2.50 -1.52 -13.50
N THR A 1017 2.76 -1.56 -12.20
CA THR A 1017 4.12 -1.31 -11.73
C THR A 1017 5.09 -2.30 -12.33
N GLY A 1018 4.74 -3.59 -12.31
CA GLY A 1018 5.64 -4.59 -12.89
C GLY A 1018 5.87 -4.36 -14.37
N ARG A 1019 4.78 -4.16 -15.13
CA ARG A 1019 4.91 -3.97 -16.57
C ARG A 1019 5.72 -2.72 -16.89
N LEU A 1020 5.50 -1.64 -16.13
CA LEU A 1020 6.23 -0.40 -16.35
C LEU A 1020 7.71 -0.60 -16.09
N GLN A 1021 8.06 -1.34 -15.04
CA GLN A 1021 9.47 -1.60 -14.79
C GLN A 1021 10.09 -2.40 -15.92
N SER A 1022 9.35 -3.41 -16.42
CA SER A 1022 9.88 -4.20 -17.53
C SER A 1022 10.13 -3.32 -18.76
N LEU A 1023 9.16 -2.48 -19.10
CA LEU A 1023 9.30 -1.63 -20.27
C LEU A 1023 10.42 -0.63 -20.10
N GLN A 1024 10.59 -0.09 -18.89
CA GLN A 1024 11.65 0.88 -18.66
C GLN A 1024 13.02 0.22 -18.77
N THR A 1025 13.15 -1.01 -18.26
CA THR A 1025 14.40 -1.73 -18.43
C THR A 1025 14.70 -1.95 -19.91
N TYR A 1026 13.68 -2.33 -20.69
CA TYR A 1026 13.89 -2.52 -22.11
C TYR A 1026 14.33 -1.24 -22.78
N VAL A 1027 13.71 -0.11 -22.43
CA VAL A 1027 14.05 1.16 -23.07
C VAL A 1027 15.47 1.57 -22.71
N THR A 1028 15.86 1.40 -21.45
CA THR A 1028 17.23 1.76 -21.07
C THR A 1028 18.25 0.88 -21.80
N GLN A 1029 17.97 -0.42 -21.88
CA GLN A 1029 18.85 -1.30 -22.62
C GLN A 1029 18.95 -0.87 -24.09
N GLN A 1030 17.83 -0.50 -24.68
CA GLN A 1030 17.85 -0.04 -26.06
C GLN A 1030 18.66 1.23 -26.21
N LEU A 1031 18.56 2.15 -25.25
CA LEU A 1031 19.35 3.37 -25.33
C LEU A 1031 20.83 3.05 -25.30
N ILE A 1032 21.26 2.18 -24.39
CA ILE A 1032 22.67 1.85 -24.30
C ILE A 1032 23.15 1.16 -25.59
N ARG A 1033 22.36 0.20 -26.07
CA ARG A 1033 22.75 -0.52 -27.29
C ARG A 1033 22.80 0.43 -28.48
N ALA A 1034 21.87 1.38 -28.54
CA ALA A 1034 21.88 2.35 -29.62
C ALA A 1034 23.09 3.26 -29.53
N ALA A 1035 23.52 3.61 -28.32
CA ALA A 1035 24.76 4.37 -28.18
C ALA A 1035 25.93 3.58 -28.73
N GLU A 1036 26.02 2.30 -28.39
CA GLU A 1036 27.11 1.47 -28.91
C GLU A 1036 27.06 1.41 -30.44
N ILE A 1037 25.86 1.21 -31.00
CA ILE A 1037 25.75 1.08 -32.44
C ILE A 1037 25.98 2.42 -33.12
N ARG A 1038 25.72 3.53 -32.44
CA ARG A 1038 26.05 4.83 -33.02
C ARG A 1038 27.55 5.05 -33.03
N ALA A 1039 28.25 4.59 -32.00
CA ALA A 1039 29.70 4.62 -32.05
C ALA A 1039 30.22 3.80 -33.22
N SER A 1040 29.66 2.61 -33.42
CA SER A 1040 30.05 1.78 -34.56
C SER A 1040 29.72 2.46 -35.88
N ALA A 1041 28.56 3.13 -35.96
CA ALA A 1041 28.17 3.80 -37.19
C ALA A 1041 29.08 4.97 -37.50
N ASN A 1042 29.49 5.71 -36.48
CA ASN A 1042 30.44 6.80 -36.69
C ASN A 1042 31.79 6.27 -37.14
N LEU A 1043 32.23 5.15 -36.57
CA LEU A 1043 33.45 4.53 -37.04
C LEU A 1043 33.33 4.11 -38.49
N ALA A 1044 32.17 3.56 -38.87
CA ALA A 1044 31.96 3.17 -40.26
C ALA A 1044 31.94 4.36 -41.18
N ALA A 1045 31.33 5.47 -40.75
CA ALA A 1045 31.34 6.69 -41.56
C ALA A 1045 32.75 7.20 -41.76
N THR A 1046 33.56 7.19 -40.69
CA THR A 1046 34.94 7.62 -40.80
C THR A 1046 35.72 6.70 -41.75
N LYS A 1047 35.48 5.40 -41.66
CA LYS A 1047 36.15 4.47 -42.56
C LYS A 1047 35.75 4.74 -44.01
N MET A 1048 34.46 4.97 -44.25
CA MET A 1048 34.00 5.27 -45.60
C MET A 1048 34.65 6.54 -46.11
N SER A 1049 34.76 7.55 -45.27
CA SER A 1049 35.31 8.83 -45.71
C SER A 1049 36.81 8.74 -45.97
N GLU A 1050 37.54 8.05 -45.10
CA GLU A 1050 39.00 8.12 -45.14
C GLU A 1050 39.63 6.99 -45.94
N CYS A 1051 39.00 5.82 -46.01
CA CYS A 1051 39.54 4.71 -46.79
C CYS A 1051 38.99 4.68 -48.20
N VAL A 1052 37.70 4.95 -48.38
CA VAL A 1052 37.10 4.89 -49.70
C VAL A 1052 37.37 6.17 -50.49
N LEU A 1053 37.03 7.32 -49.92
CA LEU A 1053 37.18 8.60 -50.60
C LEU A 1053 38.62 9.10 -50.58
N GLY A 1054 39.58 8.25 -50.23
CA GLY A 1054 40.95 8.68 -50.20
C GLY A 1054 41.85 7.52 -49.85
N GLN A 1055 43.11 7.84 -49.57
CA GLN A 1055 44.10 6.86 -49.17
C GLN A 1055 44.58 7.22 -47.78
N SER A 1056 44.51 6.26 -46.86
CA SER A 1056 44.76 6.51 -45.45
C SER A 1056 46.19 6.16 -45.10
N LYS A 1057 46.88 7.10 -44.44
CA LYS A 1057 48.18 6.83 -43.85
C LYS A 1057 48.07 6.16 -42.48
N ARG A 1058 46.88 6.15 -41.88
CA ARG A 1058 46.69 5.46 -40.62
C ARG A 1058 46.95 3.98 -40.81
N VAL A 1059 47.63 3.36 -39.83
CA VAL A 1059 48.32 2.12 -40.12
C VAL A 1059 47.36 0.93 -40.21
N ASP A 1060 46.83 0.49 -39.07
CA ASP A 1060 45.90 -0.64 -39.06
C ASP A 1060 44.47 -0.12 -38.97
N PHE A 1061 44.13 0.77 -39.89
CA PHE A 1061 42.80 1.36 -39.93
C PHE A 1061 42.00 0.83 -41.11
N CYS A 1062 42.51 1.01 -42.33
CA CYS A 1062 41.89 0.44 -43.52
C CYS A 1062 42.55 -0.89 -43.88
N GLY A 1063 42.51 -1.81 -42.93
CA GLY A 1063 43.01 -3.15 -43.14
C GLY A 1063 44.50 -3.27 -42.93
N LYS A 1064 44.95 -4.51 -42.78
CA LYS A 1064 46.37 -4.78 -42.58
C LYS A 1064 47.15 -4.45 -43.84
N GLY A 1065 48.43 -4.12 -43.66
CA GLY A 1065 49.28 -3.73 -44.76
C GLY A 1065 49.15 -2.25 -45.06
N TYR A 1066 49.87 -1.84 -46.09
CA TYR A 1066 49.77 -0.46 -46.57
C TYR A 1066 48.49 -0.33 -47.40
N HIS A 1067 47.70 0.69 -47.09
CA HIS A 1067 46.39 0.81 -47.69
C HIS A 1067 46.49 1.37 -49.09
N LEU A 1068 45.89 0.68 -50.06
CA LEU A 1068 45.79 1.16 -51.42
C LEU A 1068 44.41 1.77 -51.69
N MET A 1069 43.35 1.02 -51.47
CA MET A 1069 42.02 1.57 -51.75
C MET A 1069 40.95 0.67 -51.19
N SER A 1070 39.84 1.27 -50.77
CA SER A 1070 38.75 0.51 -50.17
C SER A 1070 37.52 0.55 -51.07
N PHE A 1071 36.79 -0.56 -51.09
CA PHE A 1071 35.55 -0.69 -51.84
C PHE A 1071 34.41 -0.97 -50.86
N PRO A 1072 33.39 -0.12 -50.77
CA PRO A 1072 32.29 -0.40 -49.85
C PRO A 1072 31.28 -1.36 -50.45
N GLN A 1073 30.56 -2.05 -49.57
CA GLN A 1073 29.49 -2.94 -49.96
C GLN A 1073 28.39 -2.85 -48.92
N SER A 1074 27.15 -2.87 -49.38
CA SER A 1074 26.03 -2.87 -48.45
C SER A 1074 25.91 -4.23 -47.77
N ALA A 1075 25.24 -4.24 -46.63
CA ALA A 1075 24.86 -5.48 -45.96
C ALA A 1075 23.69 -5.16 -45.05
N PRO A 1076 22.86 -6.14 -44.73
CA PRO A 1076 21.68 -5.83 -43.91
C PRO A 1076 22.08 -5.13 -42.62
N HIS A 1077 21.72 -3.85 -42.51
CA HIS A 1077 22.02 -3.05 -41.33
C HIS A 1077 23.52 -2.99 -41.06
N GLY A 1078 24.31 -2.80 -42.12
CA GLY A 1078 25.74 -2.71 -41.94
C GLY A 1078 26.44 -2.48 -43.26
N VAL A 1079 27.75 -2.24 -43.16
CA VAL A 1079 28.60 -1.99 -44.31
C VAL A 1079 29.80 -2.92 -44.24
N VAL A 1080 30.13 -3.53 -45.37
CA VAL A 1080 31.25 -4.44 -45.48
C VAL A 1080 32.28 -3.77 -46.39
N PHE A 1081 33.44 -3.43 -45.84
CA PHE A 1081 34.50 -2.83 -46.62
C PHE A 1081 35.45 -3.91 -47.12
N LEU A 1082 35.83 -3.80 -48.38
CA LEU A 1082 36.94 -4.59 -48.94
C LEU A 1082 38.14 -3.66 -49.01
N HIS A 1083 39.06 -3.81 -48.06
CA HIS A 1083 40.28 -3.02 -48.05
C HIS A 1083 41.30 -3.72 -48.94
N VAL A 1084 41.74 -3.04 -50.00
CA VAL A 1084 42.80 -3.52 -50.89
C VAL A 1084 44.09 -2.88 -50.40
N THR A 1085 45.02 -3.72 -49.96
CA THR A 1085 46.26 -3.26 -49.36
C THR A 1085 47.44 -3.96 -50.02
N TYR A 1086 48.60 -3.35 -49.88
CA TYR A 1086 49.83 -3.81 -50.52
C TYR A 1086 50.78 -4.25 -49.42
N VAL A 1087 51.03 -5.56 -49.33
CA VAL A 1087 51.88 -6.14 -48.29
C VAL A 1087 53.15 -6.66 -48.95
N PRO A 1088 54.34 -6.32 -48.46
CA PRO A 1088 55.57 -6.85 -49.05
C PRO A 1088 55.67 -8.36 -48.88
N ALA A 1089 56.65 -8.93 -49.54
CA ALA A 1089 56.91 -10.37 -49.47
C ALA A 1089 58.15 -10.68 -50.30
N GLN A 1090 58.75 -11.84 -50.01
CA GLN A 1090 59.98 -12.28 -50.67
C GLN A 1090 61.10 -11.26 -50.45
N GLU A 1091 61.47 -11.11 -49.19
CA GLU A 1091 62.43 -10.11 -48.76
C GLU A 1091 63.82 -10.70 -48.67
N LYS A 1092 64.82 -9.90 -49.04
CA LYS A 1092 66.22 -10.28 -48.97
C LYS A 1092 66.97 -9.32 -48.06
N ASN A 1093 67.98 -9.83 -47.37
CA ASN A 1093 68.76 -9.01 -46.46
C ASN A 1093 70.10 -8.65 -47.09
N PHE A 1094 70.44 -7.37 -47.02
CA PHE A 1094 71.69 -6.83 -47.48
C PHE A 1094 72.40 -6.12 -46.36
N THR A 1095 73.67 -5.78 -46.60
CA THR A 1095 74.45 -4.99 -45.66
C THR A 1095 74.28 -3.52 -46.03
N THR A 1096 73.75 -2.73 -45.10
CA THR A 1096 73.41 -1.34 -45.37
C THR A 1096 74.50 -0.42 -44.84
N ALA A 1097 74.26 0.89 -44.95
CA ALA A 1097 75.19 1.90 -44.48
C ALA A 1097 74.45 3.22 -44.36
N PRO A 1098 74.63 3.97 -43.28
CA PRO A 1098 73.91 5.25 -43.16
C PRO A 1098 74.17 6.18 -44.33
N ALA A 1099 75.41 6.24 -44.80
CA ALA A 1099 75.78 7.09 -45.92
C ALA A 1099 76.98 6.44 -46.61
N ILE A 1100 77.44 7.06 -47.69
CA ILE A 1100 78.65 6.62 -48.36
C ILE A 1100 79.59 7.80 -48.49
N CYS A 1101 80.85 7.60 -48.12
CA CYS A 1101 81.83 8.65 -48.11
C CYS A 1101 82.77 8.52 -49.30
N HIS A 1102 83.05 9.64 -49.96
CA HIS A 1102 84.13 9.67 -50.93
C HIS A 1102 84.74 11.07 -50.93
N ASP A 1103 86.05 11.10 -51.10
CA ASP A 1103 86.86 12.32 -51.11
C ASP A 1103 86.32 13.37 -50.13
N GLY A 1104 86.22 12.96 -48.87
CA GLY A 1104 85.81 13.87 -47.82
C GLY A 1104 84.43 14.44 -48.02
N LYS A 1105 83.47 13.58 -48.33
CA LYS A 1105 82.12 14.03 -48.66
C LYS A 1105 81.16 12.89 -48.36
N ALA A 1106 80.19 13.11 -47.46
CA ALA A 1106 79.25 12.07 -47.06
C ALA A 1106 77.96 12.25 -47.85
N HIS A 1107 77.69 11.31 -48.76
CA HIS A 1107 76.47 11.34 -49.54
C HIS A 1107 75.42 10.47 -48.86
N PHE A 1108 74.24 11.06 -48.65
CA PHE A 1108 73.10 10.37 -48.07
C PHE A 1108 72.05 10.14 -49.15
N PRO A 1109 71.21 9.11 -49.02
CA PRO A 1109 70.26 8.81 -50.09
C PRO A 1109 69.14 9.84 -50.11
N ARG A 1110 68.85 10.35 -51.31
CA ARG A 1110 67.81 11.36 -51.45
C ARG A 1110 66.47 10.83 -50.95
N GLU A 1111 66.06 9.66 -51.45
CA GLU A 1111 64.87 8.99 -50.96
C GLU A 1111 65.08 7.50 -51.22
N GLY A 1112 65.44 6.76 -50.19
CA GLY A 1112 65.79 5.37 -50.33
C GLY A 1112 66.84 4.99 -49.29
N VAL A 1113 67.62 3.97 -49.64
CA VAL A 1113 68.57 3.39 -48.69
C VAL A 1113 69.72 2.78 -49.46
N PHE A 1114 70.92 2.85 -48.87
CA PHE A 1114 72.08 2.22 -49.45
C PHE A 1114 72.08 0.72 -49.13
N VAL A 1115 72.62 -0.06 -50.05
CA VAL A 1115 72.47 -1.51 -50.03
C VAL A 1115 73.66 -2.14 -50.71
N SER A 1116 74.14 -3.26 -50.16
CA SER A 1116 75.29 -3.97 -50.69
C SER A 1116 74.82 -5.27 -51.31
N ASN A 1117 74.82 -5.32 -52.65
CA ASN A 1117 74.56 -6.56 -53.37
C ASN A 1117 75.73 -7.54 -53.25
N GLY A 1118 76.85 -7.10 -52.70
CA GLY A 1118 78.06 -7.88 -52.72
C GLY A 1118 79.29 -7.00 -52.72
N THR A 1119 80.12 -7.12 -53.75
CA THR A 1119 81.35 -6.34 -53.79
C THR A 1119 81.07 -4.84 -53.81
N HIS A 1120 80.09 -4.41 -54.58
CA HIS A 1120 79.79 -2.99 -54.75
C HIS A 1120 78.37 -2.68 -54.27
N TRP A 1121 78.09 -1.39 -54.17
CA TRP A 1121 76.91 -0.87 -53.48
C TRP A 1121 75.88 -0.35 -54.48
N PHE A 1122 74.73 0.03 -53.93
CA PHE A 1122 73.57 0.47 -54.72
C PHE A 1122 72.70 1.34 -53.84
N VAL A 1123 71.81 2.09 -54.48
CA VAL A 1123 70.74 2.82 -53.81
C VAL A 1123 69.42 2.22 -54.24
N THR A 1124 68.59 1.82 -53.28
CA THR A 1124 67.30 1.22 -53.57
C THR A 1124 66.23 1.87 -52.73
N GLN A 1125 65.07 2.11 -53.34
CA GLN A 1125 63.94 2.63 -52.60
C GLN A 1125 63.54 1.66 -51.51
N ARG A 1126 62.97 2.19 -50.43
CA ARG A 1126 62.53 1.36 -49.32
C ARG A 1126 61.33 0.53 -49.74
N ASN A 1127 61.08 -0.56 -49.01
CA ASN A 1127 59.89 -1.40 -49.19
C ASN A 1127 59.67 -1.84 -50.62
N PHE A 1128 60.72 -1.84 -51.44
CA PHE A 1128 60.76 -2.58 -52.69
C PHE A 1128 62.17 -2.52 -53.25
N TYR A 1129 62.67 -3.64 -53.77
CA TYR A 1129 64.08 -3.76 -54.10
C TYR A 1129 64.29 -3.43 -55.58
N GLU A 1130 64.76 -2.21 -55.85
CA GLU A 1130 65.06 -1.77 -57.21
C GLU A 1130 66.41 -1.07 -57.19
N PRO A 1131 67.50 -1.83 -57.33
CA PRO A 1131 68.84 -1.21 -57.24
C PRO A 1131 69.06 -0.16 -58.31
N GLN A 1132 69.81 0.87 -57.93
CA GLN A 1132 70.21 1.92 -58.85
C GLN A 1132 71.63 2.35 -58.51
N ILE A 1133 72.47 2.50 -59.54
CA ILE A 1133 73.82 2.97 -59.30
C ILE A 1133 73.78 4.25 -58.48
N ILE A 1134 74.66 4.34 -57.50
CA ILE A 1134 74.70 5.53 -56.65
C ILE A 1134 75.20 6.70 -57.50
N THR A 1135 74.44 7.78 -57.51
CA THR A 1135 74.68 8.88 -58.43
C THR A 1135 74.39 10.19 -57.72
N THR A 1136 74.98 11.27 -58.22
CA THR A 1136 74.75 12.59 -57.65
C THR A 1136 73.30 13.02 -57.78
N ASP A 1137 72.52 12.36 -58.63
CA ASP A 1137 71.13 12.73 -58.87
C ASP A 1137 70.17 12.02 -57.93
N ASN A 1138 70.64 11.10 -57.08
CA ASN A 1138 69.78 10.46 -56.09
C ASN A 1138 70.43 10.41 -54.71
N THR A 1139 71.52 11.16 -54.52
CA THR A 1139 72.13 11.32 -53.20
C THR A 1139 72.44 12.79 -53.00
N PHE A 1140 72.24 13.26 -51.77
CA PHE A 1140 72.54 14.64 -51.41
C PHE A 1140 73.74 14.68 -50.48
N VAL A 1141 74.57 15.69 -50.64
CA VAL A 1141 75.86 15.77 -49.97
C VAL A 1141 75.69 16.40 -48.60
N SER A 1142 76.61 16.06 -47.71
CA SER A 1142 76.73 16.72 -46.41
C SER A 1142 78.03 16.24 -45.76
N GLY A 1143 78.22 16.62 -44.50
CA GLY A 1143 79.28 16.09 -43.68
C GLY A 1143 80.66 16.23 -44.28
N ASN A 1144 81.64 15.59 -43.64
CA ASN A 1144 83.01 15.64 -44.11
C ASN A 1144 83.69 14.28 -44.02
N CYS A 1145 82.93 13.19 -43.85
CA CYS A 1145 83.45 11.83 -43.76
C CYS A 1145 84.05 11.53 -42.39
N ASP A 1146 83.75 12.34 -41.38
CA ASP A 1146 84.30 12.12 -40.04
C ASP A 1146 83.26 12.17 -38.94
N VAL A 1147 82.11 12.79 -39.15
CA VAL A 1147 81.09 12.92 -38.10
C VAL A 1147 80.13 11.75 -38.10
N VAL A 1148 79.64 11.36 -39.29
CA VAL A 1148 78.71 10.24 -39.36
C VAL A 1148 79.41 8.97 -38.85
N ILE A 1149 78.60 8.05 -38.34
CA ILE A 1149 79.09 6.78 -37.80
C ILE A 1149 78.70 5.68 -38.76
N GLY A 1150 79.67 4.84 -39.13
CA GLY A 1150 79.40 3.69 -39.97
C GLY A 1150 79.41 3.96 -41.46
N ILE A 1151 80.08 5.03 -41.91
CA ILE A 1151 80.12 5.30 -43.34
C ILE A 1151 80.89 4.19 -44.04
N VAL A 1152 80.74 4.15 -45.37
CA VAL A 1152 81.53 3.26 -46.22
C VAL A 1152 82.18 4.09 -47.30
N ASN A 1153 83.16 3.49 -47.98
CA ASN A 1153 84.08 4.22 -48.84
C ASN A 1153 83.78 4.05 -50.33
N ASN A 1154 82.57 3.64 -50.68
CA ASN A 1154 82.24 3.48 -52.09
C ASN A 1154 82.21 4.85 -52.77
N THR A 1155 82.14 4.82 -54.10
CA THR A 1155 82.17 6.02 -54.93
C THR A 1155 80.82 6.28 -55.55
N VAL A 1156 80.62 7.53 -55.98
CA VAL A 1156 79.40 7.97 -56.65
C VAL A 1156 79.72 8.25 -58.11
N TYR A 1157 79.00 7.58 -59.00
CA TYR A 1157 79.14 7.85 -60.43
C TYR A 1157 78.50 9.19 -60.77
N ASP A 1158 79.21 9.99 -61.55
CA ASP A 1158 78.74 11.32 -61.94
C ASP A 1158 78.26 11.30 -63.38
N PRO A 1159 77.00 11.62 -63.67
CA PRO A 1159 76.56 11.58 -65.07
C PRO A 1159 77.25 12.59 -65.97
N LEU A 1160 77.87 13.63 -65.41
CA LEU A 1160 78.44 14.68 -66.23
C LEU A 1160 79.76 14.26 -66.88
N GLN A 1161 80.55 13.43 -66.21
CA GLN A 1161 81.83 13.01 -66.77
C GLN A 1161 81.69 12.34 -68.13
N PRO A 1162 80.83 11.34 -68.32
CA PRO A 1162 80.70 10.74 -69.66
C PRO A 1162 80.29 11.75 -70.71
N GLU A 1163 79.44 12.72 -70.35
CA GLU A 1163 79.10 13.77 -71.30
C GLU A 1163 80.32 14.60 -71.68
N LEU A 1164 81.14 14.94 -70.70
CA LEU A 1164 82.34 15.72 -70.99
C LEU A 1164 83.30 14.95 -71.90
N ASP A 1165 83.48 13.66 -71.62
CA ASP A 1165 84.39 12.84 -72.42
C ASP A 1165 83.79 12.57 -73.81
N GLN B 1 -53.16 -32.23 6.65
CA GLN B 1 -53.37 -31.69 8.02
C GLN B 1 -52.56 -32.48 9.03
N ILE B 2 -52.27 -31.85 10.17
CA ILE B 2 -51.48 -32.45 11.25
C ILE B 2 -52.37 -32.54 12.47
N THR B 3 -52.43 -33.73 13.07
CA THR B 3 -53.33 -33.98 14.18
C THR B 3 -52.70 -34.97 15.16
N LEU B 4 -52.82 -34.65 16.44
CA LEU B 4 -52.34 -35.49 17.53
C LEU B 4 -53.52 -36.04 18.32
N LYS B 5 -53.26 -37.08 19.09
CA LYS B 5 -54.29 -37.71 19.91
C LYS B 5 -53.64 -38.39 21.10
N GLU B 6 -54.13 -38.09 22.29
CA GLU B 6 -53.64 -38.70 23.51
C GLU B 6 -54.57 -39.83 23.93
N SER B 7 -53.99 -40.84 24.57
CA SER B 7 -54.78 -41.94 25.11
C SER B 7 -54.07 -42.51 26.32
N GLY B 8 -54.85 -43.17 27.17
CA GLY B 8 -54.33 -43.77 28.37
C GLY B 8 -55.43 -43.96 29.40
N PRO B 9 -55.10 -44.63 30.50
CA PRO B 9 -56.11 -44.83 31.55
C PRO B 9 -56.59 -43.49 32.10
N THR B 10 -57.88 -43.41 32.39
CA THR B 10 -58.46 -42.21 32.95
C THR B 10 -58.32 -42.13 34.47
N LEU B 11 -57.91 -43.22 35.12
CA LEU B 11 -57.69 -43.23 36.56
C LEU B 11 -56.53 -44.16 36.86
N VAL B 12 -55.90 -43.94 38.02
CA VAL B 12 -54.74 -44.72 38.42
C VAL B 12 -54.78 -44.94 39.92
N LYS B 13 -54.11 -46.00 40.37
CA LYS B 13 -53.91 -46.27 41.78
C LYS B 13 -52.65 -45.55 42.25
N SER B 14 -52.77 -44.82 43.36
CA SER B 14 -51.66 -44.00 43.82
C SER B 14 -50.43 -44.88 44.09
N THR B 15 -49.26 -44.33 43.79
CA THR B 15 -47.94 -44.94 43.91
C THR B 15 -47.70 -45.95 42.78
N GLN B 16 -48.67 -46.21 41.92
CA GLN B 16 -48.45 -47.04 40.75
C GLN B 16 -47.84 -46.18 39.65
N THR B 17 -47.80 -46.69 38.43
CA THR B 17 -47.19 -45.99 37.30
C THR B 17 -48.25 -45.64 36.26
N LEU B 18 -48.02 -44.52 35.58
CA LEU B 18 -48.92 -44.01 34.57
C LEU B 18 -48.21 -44.05 33.22
N THR B 19 -48.87 -44.64 32.22
CA THR B 19 -48.34 -44.75 30.87
C THR B 19 -49.29 -44.03 29.92
N LEU B 20 -48.74 -43.12 29.12
CA LEU B 20 -49.48 -42.45 28.07
C LEU B 20 -48.91 -42.84 26.73
N THR B 21 -49.78 -43.00 25.73
CA THR B 21 -49.39 -43.39 24.37
C THR B 21 -49.96 -42.36 23.41
N CYS B 22 -49.21 -41.28 23.18
CA CYS B 22 -49.64 -40.25 22.26
C CYS B 22 -49.34 -40.70 20.83
N THR B 23 -50.27 -40.39 19.92
CA THR B 23 -50.14 -40.76 18.51
C THR B 23 -50.38 -39.53 17.65
N PHE B 24 -49.91 -39.59 16.41
CA PHE B 24 -49.90 -38.43 15.55
C PHE B 24 -50.03 -38.86 14.10
N SER B 25 -50.53 -37.94 13.28
CA SER B 25 -50.55 -38.14 11.84
C SER B 25 -50.48 -36.79 11.16
N GLY B 26 -49.99 -36.80 9.92
CA GLY B 26 -49.77 -35.59 9.17
C GLY B 26 -48.32 -35.14 9.15
N PHE B 27 -47.50 -35.63 10.06
CA PHE B 27 -46.06 -35.36 10.05
C PHE B 27 -45.32 -36.63 10.42
N SER B 28 -44.09 -36.73 9.96
CA SER B 28 -43.23 -37.87 10.24
C SER B 28 -42.22 -37.46 11.31
N LEU B 29 -42.20 -38.21 12.41
CA LEU B 29 -41.32 -37.86 13.51
C LEU B 29 -39.85 -37.94 13.12
N SER B 30 -39.53 -38.60 12.01
CA SER B 30 -38.14 -38.71 11.59
C SER B 30 -37.61 -37.42 10.98
N THR B 31 -38.46 -36.43 10.76
CA THR B 31 -38.01 -35.18 10.17
C THR B 31 -36.94 -34.54 11.05
N TYR B 32 -36.22 -33.58 10.48
CA TYR B 32 -35.17 -32.89 11.21
C TYR B 32 -35.74 -31.71 11.99
N GLY B 33 -35.26 -31.52 13.21
CA GLY B 33 -35.72 -30.43 14.03
C GLY B 33 -37.14 -30.56 14.51
N VAL B 34 -37.65 -31.79 14.63
CA VAL B 34 -39.02 -32.05 15.05
C VAL B 34 -38.98 -33.11 16.13
N GLY B 35 -39.56 -32.81 17.28
CA GLY B 35 -39.63 -33.78 18.37
C GLY B 35 -40.92 -33.59 19.13
N VAL B 36 -41.43 -34.68 19.68
CA VAL B 36 -42.72 -34.64 20.36
C VAL B 36 -42.46 -34.53 21.85
N GLY B 37 -43.31 -33.77 22.54
CA GLY B 37 -43.13 -33.54 23.96
C GLY B 37 -44.46 -33.56 24.69
N TRP B 38 -44.37 -33.46 26.01
CA TRP B 38 -45.52 -33.52 26.89
C TRP B 38 -45.58 -32.28 27.76
N ILE B 39 -46.78 -31.75 27.94
CA ILE B 39 -47.03 -30.71 28.95
C ILE B 39 -48.31 -31.10 29.69
N ARG B 40 -48.28 -31.02 31.00
CA ARG B 40 -49.44 -31.33 31.83
C ARG B 40 -49.90 -30.09 32.57
N GLN B 41 -51.21 -29.92 32.65
CA GLN B 41 -51.83 -28.79 33.33
C GLN B 41 -52.61 -29.29 34.52
N PRO B 42 -52.16 -29.10 35.74
CA PRO B 42 -53.00 -29.37 36.90
C PRO B 42 -54.17 -28.40 36.95
N PRO B 43 -55.36 -28.86 37.29
CA PRO B 43 -56.55 -28.01 37.10
C PRO B 43 -56.43 -26.70 37.87
N GLY B 44 -56.79 -25.61 37.22
CA GLY B 44 -56.78 -24.31 37.83
C GLY B 44 -55.41 -23.74 38.14
N LYS B 45 -54.34 -24.42 37.75
CA LYS B 45 -52.98 -23.97 37.97
C LYS B 45 -52.31 -23.66 36.65
N ALA B 46 -51.08 -23.17 36.72
CA ALA B 46 -50.29 -22.89 35.53
C ALA B 46 -49.77 -24.19 34.93
N LEU B 47 -49.31 -24.10 33.68
CA LEU B 47 -48.82 -25.27 32.98
C LEU B 47 -47.50 -25.73 33.58
N GLU B 48 -47.03 -26.90 33.12
CA GLU B 48 -45.83 -27.49 33.68
C GLU B 48 -45.25 -28.46 32.64
N TRP B 49 -44.14 -28.09 32.04
CA TRP B 49 -43.50 -28.97 31.06
C TRP B 49 -43.07 -30.26 31.72
N LEU B 50 -43.16 -31.37 30.98
CA LEU B 50 -42.91 -32.68 31.55
C LEU B 50 -41.67 -33.35 30.94
N ALA B 51 -41.64 -33.50 29.62
CA ALA B 51 -40.53 -34.18 28.96
C ALA B 51 -40.66 -33.94 27.46
N LEU B 52 -39.64 -34.38 26.72
CA LEU B 52 -39.57 -34.07 25.29
C LEU B 52 -38.53 -34.94 24.60
N ILE B 53 -38.89 -35.57 23.48
CA ILE B 53 -38.03 -36.51 22.78
C ILE B 53 -37.91 -36.06 21.34
N TYR B 54 -36.67 -36.01 20.85
CA TYR B 54 -36.36 -35.46 19.54
C TYR B 54 -36.30 -36.57 18.50
N TRP B 55 -36.05 -36.18 17.25
CA TRP B 55 -36.11 -37.12 16.14
C TRP B 55 -35.10 -38.25 16.31
N ASP B 56 -33.87 -37.94 16.69
CA ASP B 56 -32.80 -38.93 16.70
C ASP B 56 -32.69 -39.63 18.05
N ASP B 57 -33.80 -40.21 18.50
CA ASP B 57 -33.84 -41.04 19.70
C ASP B 57 -33.02 -40.39 20.82
N ASP B 58 -33.25 -39.09 21.00
CA ASP B 58 -32.60 -38.32 22.04
C ASP B 58 -33.67 -37.76 22.96
N LYS B 59 -33.62 -38.16 24.22
CA LYS B 59 -34.67 -37.84 25.19
C LYS B 59 -34.19 -36.77 26.15
N ARG B 60 -35.12 -35.97 26.65
CA ARG B 60 -34.77 -34.91 27.59
C ARG B 60 -35.98 -34.66 28.50
N TYR B 61 -35.70 -34.30 29.74
CA TYR B 61 -36.74 -34.10 30.73
C TYR B 61 -36.47 -32.84 31.52
N THR B 62 -37.53 -32.27 32.09
CA THR B 62 -37.35 -31.16 33.02
C THR B 62 -36.55 -31.64 34.22
N PRO B 63 -35.69 -30.80 34.78
CA PRO B 63 -34.85 -31.28 35.90
C PRO B 63 -35.66 -31.84 37.05
N SER B 64 -36.71 -31.14 37.47
CA SER B 64 -37.35 -31.45 38.73
C SER B 64 -38.00 -32.82 38.73
N LEU B 65 -38.20 -33.43 37.56
CA LEU B 65 -38.76 -34.77 37.47
C LEU B 65 -37.85 -35.74 36.74
N LYS B 66 -36.55 -35.47 36.68
CA LYS B 66 -35.66 -36.30 35.88
C LYS B 66 -35.74 -37.76 36.28
N SER B 67 -35.58 -38.05 37.57
CA SER B 67 -35.60 -39.43 38.03
C SER B 67 -36.97 -40.09 37.87
N ARG B 68 -38.00 -39.31 37.56
CA ARG B 68 -39.37 -39.82 37.56
C ARG B 68 -39.79 -40.40 36.22
N LEU B 69 -39.54 -39.68 35.13
CA LEU B 69 -40.15 -39.99 33.85
C LEU B 69 -39.23 -40.84 32.98
N THR B 70 -39.78 -41.28 31.85
CA THR B 70 -38.99 -41.88 30.79
C THR B 70 -39.83 -41.92 29.53
N ILE B 71 -39.26 -41.47 28.42
CA ILE B 71 -39.99 -41.33 27.16
C ILE B 71 -39.38 -42.28 26.13
N THR B 72 -40.23 -42.76 25.23
CA THR B 72 -39.80 -43.68 24.18
C THR B 72 -40.55 -43.35 22.91
N LYS B 73 -39.88 -43.49 21.77
CA LYS B 73 -40.48 -43.25 20.48
C LYS B 73 -40.66 -44.56 19.72
N ASP B 74 -41.52 -44.51 18.71
CA ASP B 74 -41.56 -45.56 17.71
C ASP B 74 -42.14 -44.96 16.43
N THR B 75 -41.26 -44.65 15.48
CA THR B 75 -41.71 -44.19 14.17
C THR B 75 -42.46 -45.29 13.43
N SER B 76 -42.11 -46.55 13.69
CA SER B 76 -42.84 -47.65 13.08
C SER B 76 -44.29 -47.65 13.53
N LYS B 77 -44.53 -47.41 14.83
CA LYS B 77 -45.89 -47.23 15.30
C LYS B 77 -46.36 -45.78 15.23
N ASN B 78 -45.45 -44.84 14.99
CA ASN B 78 -45.78 -43.41 15.03
C ASN B 78 -46.36 -43.03 16.38
N GLN B 79 -45.81 -43.59 17.45
CA GLN B 79 -46.33 -43.38 18.79
C GLN B 79 -45.21 -42.99 19.74
N VAL B 80 -45.53 -42.11 20.68
CA VAL B 80 -44.61 -41.69 21.73
C VAL B 80 -45.21 -42.14 23.06
N VAL B 81 -44.46 -42.93 23.81
CA VAL B 81 -44.91 -43.49 25.08
C VAL B 81 -44.18 -42.79 26.20
N LEU B 82 -44.95 -42.26 27.16
CA LEU B 82 -44.40 -41.57 28.32
C LEU B 82 -44.78 -42.37 29.56
N THR B 83 -43.77 -42.84 30.29
CA THR B 83 -43.98 -43.67 31.47
C THR B 83 -43.44 -42.94 32.69
N MET B 84 -44.28 -42.83 33.73
CA MET B 84 -43.89 -42.20 34.98
C MET B 84 -44.28 -43.08 36.14
N THR B 85 -43.45 -43.12 37.17
CA THR B 85 -43.62 -44.05 38.28
C THR B 85 -44.19 -43.33 39.51
N ASN B 86 -44.71 -44.13 40.43
CA ASN B 86 -45.14 -43.65 41.75
C ASN B 86 -45.94 -42.36 41.65
N MET B 87 -47.10 -42.46 40.98
CA MET B 87 -47.99 -41.33 40.84
C MET B 87 -48.54 -40.90 42.20
N ASP B 88 -49.31 -39.81 42.20
CA ASP B 88 -49.85 -39.27 43.44
C ASP B 88 -50.97 -38.28 43.17
N PRO B 89 -51.91 -38.09 44.10
CA PRO B 89 -52.99 -37.11 43.87
C PRO B 89 -52.50 -35.71 43.53
N LEU B 90 -51.39 -35.26 44.12
CA LEU B 90 -50.85 -33.97 43.74
C LEU B 90 -50.51 -33.92 42.26
N ASP B 91 -50.35 -35.07 41.62
CA ASP B 91 -49.97 -35.14 40.22
C ASP B 91 -51.16 -35.31 39.30
N THR B 92 -52.38 -35.16 39.82
CA THR B 92 -53.58 -35.26 39.00
C THR B 92 -53.68 -34.04 38.10
N ALA B 93 -54.03 -34.25 36.83
CA ALA B 93 -54.02 -33.15 35.87
C ALA B 93 -54.50 -33.57 34.50
N THR B 94 -54.55 -32.64 33.56
CA THR B 94 -54.88 -32.93 32.17
C THR B 94 -53.59 -32.90 31.36
N TYR B 95 -53.33 -33.97 30.63
CA TYR B 95 -52.07 -34.16 29.92
C TYR B 95 -52.25 -33.82 28.43
N TYR B 96 -51.21 -33.24 27.86
CA TYR B 96 -51.18 -32.82 26.46
C TYR B 96 -49.88 -33.34 25.85
N CYS B 97 -49.98 -34.00 24.71
CA CYS B 97 -48.80 -34.29 23.90
C CYS B 97 -48.84 -33.35 22.70
N ALA B 98 -47.70 -32.71 22.42
CA ALA B 98 -47.65 -31.70 21.37
C ALA B 98 -46.34 -31.80 20.61
N GLN B 99 -46.43 -31.62 19.29
CA GLN B 99 -45.23 -31.52 18.48
C GLN B 99 -44.46 -30.26 18.84
N HIS B 100 -43.15 -30.32 18.70
CA HIS B 100 -42.27 -29.27 19.16
C HIS B 100 -41.14 -29.10 18.17
N THR B 101 -40.83 -27.84 17.88
CA THR B 101 -39.71 -27.51 17.00
C THR B 101 -39.36 -26.05 17.26
N VAL B 102 -38.14 -25.81 17.72
CA VAL B 102 -37.76 -24.41 17.98
C VAL B 102 -37.92 -23.63 16.68
N PRO B 103 -38.43 -22.39 16.72
CA PRO B 103 -38.92 -21.62 17.86
C PRO B 103 -40.41 -21.82 18.14
N THR B 104 -41.15 -22.51 17.28
CA THR B 104 -42.56 -22.71 17.55
C THR B 104 -42.69 -23.73 18.66
N ILE B 105 -42.37 -23.32 19.89
CA ILE B 105 -42.38 -24.24 21.02
C ILE B 105 -43.77 -24.84 21.13
N PHE B 106 -43.88 -26.15 20.93
CA PHE B 106 -45.15 -26.85 21.06
C PHE B 106 -46.19 -26.25 20.10
N ASP B 107 -45.90 -26.42 18.81
CA ASP B 107 -46.71 -25.79 17.77
C ASP B 107 -48.13 -26.33 17.78
N TYR B 108 -48.30 -27.66 17.74
CA TYR B 108 -49.61 -28.29 17.66
C TYR B 108 -49.81 -29.16 18.89
N TRP B 109 -50.91 -28.93 19.60
CA TRP B 109 -51.24 -29.68 20.80
C TRP B 109 -52.45 -30.55 20.55
N GLY B 110 -52.53 -31.67 21.24
CA GLY B 110 -53.68 -32.54 21.17
C GLY B 110 -54.82 -32.04 22.04
N GLN B 111 -55.94 -32.75 21.96
CA GLN B 111 -57.08 -32.41 22.78
C GLN B 111 -56.75 -32.56 24.26
N GLY B 112 -55.97 -33.56 24.61
CA GLY B 112 -55.58 -33.80 25.99
C GLY B 112 -56.51 -34.76 26.70
N THR B 113 -56.05 -35.28 27.83
CA THR B 113 -56.82 -36.23 28.60
C THR B 113 -56.67 -35.97 30.08
N LEU B 114 -57.79 -35.94 30.80
CA LEU B 114 -57.74 -35.84 32.25
C LEU B 114 -57.26 -37.15 32.86
N VAL B 115 -56.53 -37.04 33.96
CA VAL B 115 -56.06 -38.21 34.69
C VAL B 115 -55.98 -37.85 36.16
N THR B 116 -56.42 -38.79 37.00
CA THR B 116 -56.54 -38.57 38.44
C THR B 116 -55.90 -39.71 39.20
N VAL B 117 -55.45 -39.42 40.41
CA VAL B 117 -54.81 -40.40 41.28
C VAL B 117 -55.65 -40.50 42.54
N SER B 118 -56.33 -41.63 42.73
CA SER B 118 -57.12 -41.90 43.91
C SER B 118 -56.78 -43.28 44.43
N SER B 119 -56.88 -43.46 45.75
CA SER B 119 -56.51 -44.71 46.40
C SER B 119 -57.67 -45.31 47.19
N ALA B 120 -58.91 -44.94 46.88
CA ALA B 120 -60.06 -45.41 47.63
C ALA B 120 -61.15 -45.84 46.66
N SER B 121 -62.01 -46.74 47.14
CA SER B 121 -63.16 -47.19 46.38
C SER B 121 -64.36 -46.29 46.70
N THR B 122 -65.55 -46.70 46.28
CA THR B 122 -66.74 -45.90 46.53
C THR B 122 -66.93 -45.67 48.02
N LYS B 123 -67.22 -44.42 48.39
CA LYS B 123 -67.48 -44.07 49.78
C LYS B 123 -68.59 -43.03 49.82
N GLY B 124 -69.54 -43.23 50.74
CA GLY B 124 -70.64 -42.30 50.88
C GLY B 124 -70.17 -40.96 51.41
N PRO B 125 -70.94 -39.91 51.15
CA PRO B 125 -70.53 -38.57 51.58
C PRO B 125 -70.91 -38.29 53.03
N SER B 126 -70.17 -37.34 53.61
CA SER B 126 -70.53 -36.74 54.88
C SER B 126 -71.11 -35.36 54.60
N VAL B 127 -72.32 -35.11 55.10
CA VAL B 127 -73.09 -33.93 54.74
C VAL B 127 -73.25 -33.05 55.97
N PHE B 128 -73.00 -31.76 55.80
CA PHE B 128 -73.09 -30.79 56.87
C PHE B 128 -73.99 -29.64 56.45
N PRO B 129 -74.70 -29.03 57.41
CA PRO B 129 -75.43 -27.79 57.12
C PRO B 129 -74.55 -26.56 57.32
N LEU B 130 -75.01 -25.43 56.78
CA LEU B 130 -74.28 -24.18 56.88
C LEU B 130 -75.29 -23.05 56.93
N ALA B 131 -75.29 -22.28 58.01
CA ALA B 131 -76.22 -21.17 58.17
C ALA B 131 -75.53 -20.05 58.93
N PRO B 132 -76.03 -18.82 58.80
CA PRO B 132 -75.44 -17.72 59.57
C PRO B 132 -75.60 -17.93 61.07
N SER B 133 -74.65 -17.39 61.83
CA SER B 133 -74.70 -17.47 63.27
C SER B 133 -75.69 -16.48 63.88
N SER B 134 -76.27 -15.59 63.08
CA SER B 134 -77.21 -14.60 63.58
C SER B 134 -78.16 -14.21 62.46
N LYS B 135 -79.26 -13.56 62.83
CA LYS B 135 -80.26 -13.11 61.88
C LYS B 135 -79.84 -11.86 61.12
N SER B 136 -78.58 -11.46 61.19
CA SER B 136 -78.12 -10.26 60.50
C SER B 136 -78.20 -10.51 59.00
N THR B 137 -79.20 -9.91 58.36
CA THR B 137 -79.47 -10.06 56.94
C THR B 137 -79.75 -8.71 56.30
N SER B 138 -78.86 -7.74 56.56
CA SER B 138 -79.08 -6.38 56.08
C SER B 138 -79.25 -6.33 54.57
N GLY B 139 -78.72 -7.31 53.83
CA GLY B 139 -78.93 -7.39 52.41
C GLY B 139 -80.29 -7.85 51.98
N GLY B 140 -81.17 -8.16 52.93
CA GLY B 140 -82.53 -8.58 52.64
C GLY B 140 -82.70 -10.07 52.47
N THR B 141 -81.63 -10.85 52.46
CA THR B 141 -81.72 -12.29 52.28
C THR B 141 -80.61 -12.97 53.07
N ALA B 142 -80.78 -14.27 53.29
CA ALA B 142 -79.82 -15.10 53.98
C ALA B 142 -79.41 -16.26 53.09
N ALA B 143 -78.13 -16.60 53.13
CA ALA B 143 -77.58 -17.72 52.36
C ALA B 143 -77.48 -18.95 53.26
N LEU B 144 -78.03 -20.06 52.79
CA LEU B 144 -77.99 -21.33 53.52
C LEU B 144 -77.37 -22.38 52.62
N GLY B 145 -76.39 -23.12 53.15
CA GLY B 145 -75.62 -24.03 52.32
C GLY B 145 -75.57 -25.46 52.83
N CYS B 146 -75.29 -26.36 51.90
CA CYS B 146 -75.05 -27.77 52.19
C CYS B 146 -73.63 -28.10 51.76
N LEU B 147 -72.88 -28.78 52.65
CA LEU B 147 -71.52 -29.19 52.37
C LEU B 147 -71.47 -30.71 52.25
N VAL B 148 -70.85 -31.18 51.18
CA VAL B 148 -70.61 -32.61 50.97
C VAL B 148 -69.10 -32.82 50.99
N LYS B 149 -68.64 -33.77 51.80
CA LYS B 149 -67.22 -34.01 51.96
C LYS B 149 -66.94 -35.51 51.97
N ASP B 150 -65.71 -35.85 51.60
CA ASP B 150 -65.21 -37.22 51.70
C ASP B 150 -66.13 -38.20 50.98
N TYR B 151 -66.26 -38.01 49.67
CA TYR B 151 -67.06 -38.88 48.83
C TYR B 151 -66.28 -39.18 47.55
N PHE B 152 -66.61 -40.32 46.95
CA PHE B 152 -65.95 -40.75 45.73
C PHE B 152 -66.71 -41.92 45.11
N PRO B 153 -66.85 -41.98 43.78
CA PRO B 153 -66.46 -41.00 42.77
C PRO B 153 -67.61 -40.06 42.42
N GLU B 154 -67.42 -39.19 41.44
CA GLU B 154 -68.48 -38.30 41.00
C GLU B 154 -69.55 -39.08 40.26
N PRO B 155 -70.76 -38.53 40.12
CA PRO B 155 -71.25 -37.23 40.63
C PRO B 155 -72.17 -37.38 41.83
N VAL B 156 -72.74 -36.28 42.30
CA VAL B 156 -73.71 -36.28 43.38
C VAL B 156 -74.87 -35.38 42.99
N THR B 157 -76.09 -35.85 43.24
CA THR B 157 -77.29 -35.08 42.93
C THR B 157 -77.73 -34.34 44.18
N VAL B 158 -77.95 -33.03 44.06
CA VAL B 158 -78.30 -32.16 45.17
C VAL B 158 -79.63 -31.47 44.88
N SER B 159 -80.39 -31.21 45.93
CA SER B 159 -81.69 -30.57 45.78
C SER B 159 -82.08 -29.93 47.11
N TRP B 160 -83.03 -29.00 47.03
CA TRP B 160 -83.55 -28.31 48.20
C TRP B 160 -85.06 -28.44 48.21
N ASN B 161 -85.60 -28.96 49.32
CA ASN B 161 -87.03 -29.02 49.54
C ASN B 161 -87.75 -29.70 48.37
N SER B 162 -87.34 -30.95 48.12
CA SER B 162 -87.95 -31.77 47.08
C SER B 162 -87.87 -31.10 45.71
N GLY B 163 -86.81 -30.31 45.49
CA GLY B 163 -86.66 -29.61 44.23
C GLY B 163 -87.56 -28.42 44.05
N ALA B 164 -88.26 -27.99 45.11
CA ALA B 164 -89.19 -26.88 44.98
C ALA B 164 -88.47 -25.60 44.57
N LEU B 165 -87.32 -25.33 45.16
CA LEU B 165 -86.58 -24.10 44.91
C LEU B 165 -85.44 -24.35 43.93
N THR B 166 -85.36 -23.52 42.91
CA THR B 166 -84.23 -23.53 41.98
C THR B 166 -83.63 -22.14 41.75
N SER B 167 -84.35 -21.07 42.07
CA SER B 167 -83.81 -19.72 41.95
C SER B 167 -82.86 -19.44 43.10
N GLY B 168 -81.79 -18.70 42.80
CA GLY B 168 -80.80 -18.40 43.81
C GLY B 168 -80.08 -19.62 44.33
N VAL B 169 -79.88 -20.63 43.50
CA VAL B 169 -79.21 -21.86 43.88
C VAL B 169 -77.88 -21.92 43.13
N HIS B 170 -76.78 -22.05 43.88
CA HIS B 170 -75.45 -22.13 43.30
C HIS B 170 -74.76 -23.40 43.80
N THR B 171 -74.13 -24.12 42.88
CA THR B 171 -73.38 -25.32 43.20
C THR B 171 -71.99 -25.21 42.60
N PHE B 172 -71.06 -25.97 43.17
CA PHE B 172 -69.68 -25.98 42.72
C PHE B 172 -69.27 -27.37 42.30
N PRO B 173 -68.28 -27.50 41.41
CA PRO B 173 -67.81 -28.83 41.03
C PRO B 173 -67.00 -29.45 42.15
N ALA B 174 -66.86 -30.77 42.08
CA ALA B 174 -66.05 -31.49 43.05
C ALA B 174 -64.60 -31.01 42.99
N VAL B 175 -63.96 -30.96 44.15
CA VAL B 175 -62.57 -30.54 44.27
C VAL B 175 -61.79 -31.69 44.90
N LEU B 176 -60.63 -31.99 44.32
CA LEU B 176 -59.82 -33.14 44.73
C LEU B 176 -58.94 -32.73 45.89
N GLN B 177 -59.32 -33.14 47.10
CA GLN B 177 -58.44 -32.97 48.24
C GLN B 177 -57.29 -33.95 48.15
N SER B 178 -56.12 -33.53 48.65
CA SER B 178 -54.94 -34.38 48.57
C SER B 178 -55.21 -35.77 49.15
N SER B 179 -56.20 -35.88 50.04
CA SER B 179 -56.56 -37.19 50.56
C SER B 179 -57.05 -38.13 49.47
N GLY B 180 -57.47 -37.59 48.33
CA GLY B 180 -57.92 -38.40 47.21
C GLY B 180 -59.42 -38.50 47.07
N LEU B 181 -60.20 -37.83 47.91
CA LEU B 181 -61.64 -37.83 47.83
C LEU B 181 -62.11 -36.53 47.18
N TYR B 182 -63.42 -36.32 47.16
CA TYR B 182 -64.02 -35.13 46.55
C TYR B 182 -64.91 -34.45 47.58
N SER B 183 -64.99 -33.13 47.49
CA SER B 183 -65.85 -32.34 48.36
C SER B 183 -66.32 -31.12 47.59
N LEU B 184 -67.46 -30.58 48.01
CA LEU B 184 -68.08 -29.43 47.37
C LEU B 184 -69.19 -28.94 48.28
N SER B 185 -69.94 -27.93 47.81
CA SER B 185 -71.07 -27.43 48.57
C SER B 185 -71.91 -26.55 47.66
N SER B 186 -73.15 -26.33 48.08
CA SER B 186 -74.08 -25.48 47.36
C SER B 186 -74.79 -24.56 48.33
N VAL B 187 -75.37 -23.50 47.80
CA VAL B 187 -76.01 -22.46 48.61
C VAL B 187 -77.29 -22.00 47.94
N VAL B 188 -78.32 -21.78 48.75
CA VAL B 188 -79.59 -21.20 48.32
C VAL B 188 -79.80 -19.90 49.08
N THR B 189 -80.45 -18.95 48.41
CA THR B 189 -80.77 -17.66 49.01
C THR B 189 -82.25 -17.65 49.41
N VAL B 190 -82.52 -17.19 50.63
CA VAL B 190 -83.89 -17.17 51.15
C VAL B 190 -84.19 -15.77 51.66
N PRO B 191 -85.45 -15.33 51.69
CA PRO B 191 -85.76 -14.00 52.20
C PRO B 191 -85.33 -13.85 53.66
N SER B 192 -84.92 -12.64 54.01
CA SER B 192 -84.54 -12.34 55.39
C SER B 192 -85.70 -12.46 56.36
N SER B 193 -86.93 -12.53 55.87
CA SER B 193 -88.10 -12.72 56.71
C SER B 193 -88.47 -14.19 56.88
N SER B 194 -87.77 -15.10 56.21
CA SER B 194 -88.04 -16.53 56.28
C SER B 194 -87.03 -17.27 57.16
N LEU B 195 -86.26 -16.55 57.97
CA LEU B 195 -85.23 -17.16 58.81
C LEU B 195 -85.89 -17.87 59.97
N GLY B 196 -85.78 -19.20 60.00
CA GLY B 196 -86.36 -19.98 61.08
C GLY B 196 -87.84 -20.23 60.90
N THR B 197 -88.59 -19.18 60.53
CA THR B 197 -90.03 -19.33 60.39
C THR B 197 -90.38 -20.35 59.32
N GLN B 198 -89.68 -20.31 58.18
CA GLN B 198 -89.94 -21.22 57.08
C GLN B 198 -88.96 -22.38 57.14
N THR B 199 -89.50 -23.60 57.09
CA THR B 199 -88.67 -24.79 57.14
C THR B 199 -87.84 -24.92 55.86
N TYR B 200 -86.61 -25.43 56.01
CA TYR B 200 -85.72 -25.63 54.88
C TYR B 200 -84.99 -26.96 55.05
N ILE B 201 -85.10 -27.81 54.03
CA ILE B 201 -84.50 -29.13 54.02
C ILE B 201 -83.63 -29.24 52.78
N CYS B 202 -82.43 -29.78 52.94
CA CYS B 202 -81.49 -29.98 51.84
C CYS B 202 -81.21 -31.47 51.70
N ASN B 203 -81.42 -32.02 50.51
CA ASN B 203 -81.28 -33.45 50.27
C ASN B 203 -80.23 -33.68 49.19
N VAL B 204 -79.55 -34.81 49.30
CA VAL B 204 -78.49 -35.18 48.36
C VAL B 204 -78.43 -36.69 48.26
N ASN B 205 -78.10 -37.17 47.08
CA ASN B 205 -77.91 -38.60 46.83
C ASN B 205 -76.62 -38.81 46.06
N HIS B 206 -75.91 -39.87 46.42
CA HIS B 206 -74.64 -40.24 45.79
C HIS B 206 -74.87 -41.60 45.14
N LYS B 207 -75.20 -41.58 43.85
CA LYS B 207 -75.69 -42.77 43.17
C LYS B 207 -74.77 -43.98 43.30
N PRO B 208 -73.44 -43.86 43.20
CA PRO B 208 -72.60 -45.05 43.35
C PRO B 208 -72.89 -45.85 44.60
N SER B 209 -73.26 -45.20 45.71
CA SER B 209 -73.67 -45.89 46.93
C SER B 209 -75.15 -45.70 47.24
N ASN B 210 -75.92 -45.13 46.31
CA ASN B 210 -77.35 -44.88 46.49
C ASN B 210 -77.64 -44.39 47.92
N THR B 211 -76.81 -43.47 48.41
CA THR B 211 -76.96 -42.94 49.76
C THR B 211 -77.88 -41.72 49.70
N LYS B 212 -79.18 -42.00 49.78
CA LYS B 212 -80.18 -40.94 49.78
C LYS B 212 -80.26 -40.33 51.18
N VAL B 213 -79.81 -39.08 51.31
CA VAL B 213 -79.68 -38.42 52.60
C VAL B 213 -80.34 -37.05 52.54
N ASP B 214 -80.70 -36.55 53.72
CA ASP B 214 -81.30 -35.23 53.85
C ASP B 214 -80.90 -34.64 55.20
N LYS B 215 -81.04 -33.32 55.30
CA LYS B 215 -80.70 -32.63 56.54
C LYS B 215 -81.41 -31.28 56.57
N ARG B 216 -82.02 -30.97 57.71
CA ARG B 216 -82.59 -29.64 57.91
C ARG B 216 -81.48 -28.63 58.17
N VAL B 217 -81.64 -27.43 57.62
CA VAL B 217 -80.68 -26.35 57.78
C VAL B 217 -81.39 -25.16 58.42
N GLU B 218 -80.80 -24.63 59.48
CA GLU B 218 -81.37 -23.51 60.21
C GLU B 218 -80.25 -22.71 60.86
N PRO B 219 -80.37 -21.39 60.92
CA PRO B 219 -79.40 -20.61 61.69
C PRO B 219 -79.54 -20.86 63.18
N LYS B 220 -78.46 -20.60 63.91
CA LYS B 220 -78.40 -20.80 65.35
C LYS B 220 -77.92 -19.54 66.03
N SER B 221 -78.55 -19.21 67.16
CA SER B 221 -78.25 -17.98 67.88
C SER B 221 -76.96 -18.12 68.68
N CYS B 222 -76.44 -16.98 69.14
CA CYS B 222 -75.21 -16.92 69.91
C CYS B 222 -75.45 -16.63 71.39
N ASP B 223 -76.71 -16.71 71.86
CA ASP B 223 -77.00 -16.46 73.26
C ASP B 223 -76.35 -17.50 74.16
N LYS B 224 -75.92 -18.63 73.62
CA LYS B 224 -75.27 -19.66 74.40
C LYS B 224 -74.07 -19.10 75.16
N GLN C 1 -36.59 -18.31 41.81
CA GLN C 1 -37.76 -18.21 40.88
C GLN C 1 -37.46 -18.92 39.56
N SER C 2 -38.38 -19.77 39.13
CA SER C 2 -38.24 -20.52 37.89
C SER C 2 -39.56 -20.50 37.12
N ALA C 3 -40.21 -19.35 37.07
CA ALA C 3 -41.46 -19.20 36.34
C ALA C 3 -41.67 -17.73 36.03
N LEU C 4 -42.56 -17.47 35.08
CA LEU C 4 -42.88 -16.12 34.67
C LEU C 4 -44.03 -15.58 35.52
N THR C 5 -44.63 -14.48 35.10
CA THR C 5 -45.77 -13.91 35.79
C THR C 5 -46.71 -13.30 34.76
N GLN C 6 -47.99 -13.24 35.10
CA GLN C 6 -49.00 -12.74 34.19
C GLN C 6 -50.08 -12.03 35.01
N PRO C 7 -50.79 -11.09 34.41
CA PRO C 7 -51.93 -10.48 35.11
C PRO C 7 -53.05 -11.48 35.29
N ALA C 8 -53.85 -11.27 36.34
CA ALA C 8 -54.97 -12.18 36.60
C ALA C 8 -55.98 -12.14 35.47
N SER C 9 -56.30 -10.94 34.97
CA SER C 9 -57.30 -10.81 33.93
C SER C 9 -57.26 -9.41 33.35
N VAL C 10 -57.83 -9.27 32.16
CA VAL C 10 -58.00 -7.98 31.49
C VAL C 10 -59.30 -8.05 30.70
N SER C 11 -59.76 -6.89 30.23
CA SER C 11 -61.00 -6.83 29.47
C SER C 11 -60.97 -5.60 28.58
N GLY C 12 -62.08 -5.39 27.89
CA GLY C 12 -62.22 -4.27 26.97
C GLY C 12 -63.46 -4.43 26.10
N SER C 13 -64.02 -3.32 25.65
CA SER C 13 -65.23 -3.38 24.85
C SER C 13 -64.94 -4.08 23.52
N PRO C 14 -65.97 -4.64 22.88
CA PRO C 14 -65.75 -5.27 21.57
C PRO C 14 -65.16 -4.28 20.58
N GLU C 15 -64.31 -4.80 19.69
CA GLU C 15 -63.60 -3.98 18.72
C GLU C 15 -62.73 -2.93 19.42
N GLN C 16 -61.98 -3.38 20.41
CA GLN C 16 -61.00 -2.56 21.12
C GLN C 16 -59.64 -3.24 21.05
N SER C 17 -58.64 -2.62 21.67
CA SER C 17 -57.29 -3.15 21.71
C SER C 17 -56.84 -3.25 23.16
N ILE C 18 -56.08 -4.29 23.47
CA ILE C 18 -55.66 -4.56 24.84
C ILE C 18 -54.34 -5.32 24.82
N THR C 19 -53.54 -5.11 25.85
CA THR C 19 -52.23 -5.74 25.97
C THR C 19 -52.19 -6.63 27.22
N ILE C 20 -51.50 -7.75 27.10
CA ILE C 20 -51.27 -8.68 28.20
C ILE C 20 -49.78 -8.76 28.44
N SER C 21 -49.36 -8.49 29.67
CA SER C 21 -47.95 -8.52 30.02
C SER C 21 -47.51 -9.93 30.38
N CYS C 22 -46.19 -10.13 30.37
CA CYS C 22 -45.61 -11.40 30.80
C CYS C 22 -44.19 -11.08 31.27
N SER C 23 -44.00 -11.02 32.58
CA SER C 23 -42.73 -10.63 33.16
C SER C 23 -41.92 -11.86 33.54
N GLY C 24 -40.64 -11.85 33.13
CA GLY C 24 -39.73 -12.92 33.50
C GLY C 24 -38.63 -12.41 34.41
N THR C 25 -37.53 -13.15 34.49
CA THR C 25 -36.36 -12.75 35.25
C THR C 25 -35.15 -12.68 34.32
N SER C 26 -33.97 -12.47 34.92
CA SER C 26 -32.75 -12.37 34.12
C SER C 26 -32.49 -13.65 33.34
N ARG C 27 -32.70 -14.81 33.98
CA ARG C 27 -32.37 -16.09 33.38
C ARG C 27 -33.52 -16.70 32.59
N ASP C 28 -34.71 -16.10 32.63
CA ASP C 28 -35.83 -16.60 31.83
C ASP C 28 -35.90 -15.90 30.48
N ILE C 29 -35.89 -14.57 30.49
CA ILE C 29 -35.78 -13.78 29.26
C ILE C 29 -34.62 -12.80 29.48
N GLY C 30 -33.39 -13.27 29.27
CA GLY C 30 -32.23 -12.41 29.34
C GLY C 30 -31.90 -11.85 27.97
N GLY C 31 -32.87 -11.17 27.36
CA GLY C 31 -32.74 -10.76 25.98
C GLY C 31 -33.04 -11.84 24.98
N TYR C 32 -33.55 -12.98 25.42
CA TYR C 32 -33.85 -14.07 24.52
C TYR C 32 -35.10 -13.75 23.70
N ASN C 33 -35.08 -14.14 22.42
CA ASN C 33 -36.18 -13.88 21.51
C ASN C 33 -37.06 -15.11 21.31
N TYR C 34 -37.23 -15.93 22.36
CA TYR C 34 -37.98 -17.16 22.25
C TYR C 34 -39.19 -17.15 23.17
N VAL C 35 -39.94 -16.07 23.15
CA VAL C 35 -41.22 -15.99 23.84
C VAL C 35 -42.31 -16.52 22.93
N ALA C 36 -43.30 -17.20 23.49
CA ALA C 36 -44.41 -17.72 22.71
C ALA C 36 -45.71 -17.54 23.48
N TRP C 37 -46.78 -17.26 22.74
CA TRP C 37 -48.09 -16.99 23.30
C TRP C 37 -49.11 -17.91 22.69
N TYR C 38 -49.85 -18.63 23.56
CA TYR C 38 -50.89 -19.56 23.15
C TYR C 38 -52.25 -19.11 23.63
N GLN C 39 -53.21 -19.04 22.73
CA GLN C 39 -54.60 -18.97 23.14
C GLN C 39 -55.05 -20.33 23.64
N HIS C 40 -56.05 -20.33 24.52
CA HIS C 40 -56.52 -21.59 25.10
C HIS C 40 -58.01 -21.43 25.44
N HIS C 41 -58.87 -21.96 24.58
CA HIS C 41 -60.26 -22.13 24.94
C HIS C 41 -60.44 -23.41 25.76
N PRO C 42 -61.23 -23.38 26.83
CA PRO C 42 -61.49 -24.62 27.57
C PRO C 42 -62.12 -25.66 26.66
N GLY C 43 -61.80 -26.92 26.93
CA GLY C 43 -62.30 -28.00 26.11
C GLY C 43 -61.42 -28.26 24.90
N LYS C 44 -61.32 -27.27 24.02
CA LYS C 44 -60.44 -27.38 22.87
C LYS C 44 -58.99 -27.23 23.29
N ALA C 45 -58.09 -27.60 22.39
CA ALA C 45 -56.67 -27.59 22.67
C ALA C 45 -56.08 -26.20 22.46
N PRO C 46 -54.90 -25.93 23.01
CA PRO C 46 -54.24 -24.65 22.75
C PRO C 46 -53.87 -24.51 21.28
N LYS C 47 -53.81 -23.27 20.83
CA LYS C 47 -53.46 -22.95 19.44
C LYS C 47 -52.39 -21.87 19.46
N LEU C 48 -51.18 -22.23 19.08
CA LEU C 48 -50.07 -21.28 19.04
C LEU C 48 -50.49 -20.01 18.33
N MET C 49 -50.21 -18.87 18.96
CA MET C 49 -50.58 -17.57 18.42
C MET C 49 -49.38 -16.70 18.10
N ILE C 50 -48.35 -16.72 18.93
CA ILE C 50 -47.10 -16.02 18.64
C ILE C 50 -45.96 -16.96 18.95
N TYR C 51 -44.97 -17.05 18.04
CA TYR C 51 -44.04 -18.16 18.11
C TYR C 51 -42.55 -17.81 18.15
N GLU C 52 -42.12 -16.59 17.81
CA GLU C 52 -40.75 -16.19 18.09
C GLU C 52 -40.72 -15.07 19.11
N VAL C 53 -41.16 -13.86 18.74
CA VAL C 53 -41.72 -12.92 19.70
C VAL C 53 -42.89 -12.20 19.06
N SER C 54 -42.95 -12.23 17.73
CA SER C 54 -44.00 -11.54 16.98
C SER C 54 -44.51 -12.30 15.77
N ASN C 55 -43.82 -13.34 15.30
CA ASN C 55 -44.26 -14.03 14.10
C ASN C 55 -45.56 -14.76 14.34
N ARG C 56 -46.41 -14.81 13.32
CA ARG C 56 -47.74 -15.39 13.43
C ARG C 56 -47.84 -16.63 12.53
N PRO C 57 -48.19 -17.80 13.06
CA PRO C 57 -48.37 -18.95 12.19
C PRO C 57 -49.54 -18.75 11.24
N SER C 58 -49.46 -19.41 10.08
CA SER C 58 -50.51 -19.29 9.09
C SER C 58 -51.85 -19.70 9.69
N GLY C 59 -52.88 -18.90 9.39
CA GLY C 59 -54.21 -19.19 9.85
C GLY C 59 -54.69 -18.23 10.93
N VAL C 60 -53.82 -17.91 11.88
CA VAL C 60 -54.20 -16.99 12.94
C VAL C 60 -54.41 -15.60 12.35
N SER C 61 -55.52 -14.96 12.72
CA SER C 61 -55.80 -13.62 12.23
C SER C 61 -54.69 -12.67 12.63
N ASN C 62 -54.35 -11.76 11.72
CA ASN C 62 -53.25 -10.82 11.94
C ASN C 62 -53.50 -9.87 13.10
N ARG C 63 -54.65 -9.94 13.77
CA ARG C 63 -54.92 -9.03 14.88
C ARG C 63 -53.78 -9.04 15.89
N PHE C 64 -53.35 -10.22 16.31
CA PHE C 64 -52.31 -10.33 17.32
C PHE C 64 -51.00 -9.76 16.78
N SER C 65 -50.24 -9.12 17.64
CA SER C 65 -48.99 -8.49 17.21
C SER C 65 -47.77 -8.94 18.00
N GLY C 66 -47.88 -9.05 19.32
CA GLY C 66 -46.73 -9.41 20.13
C GLY C 66 -45.69 -8.30 20.17
N SER C 67 -44.88 -8.26 21.23
CA SER C 67 -43.85 -7.23 21.36
C SER C 67 -42.97 -7.59 22.54
N LYS C 68 -41.83 -6.89 22.63
CA LYS C 68 -40.85 -7.14 23.68
C LYS C 68 -39.82 -6.03 23.73
N SER C 69 -39.56 -5.48 24.92
CA SER C 69 -38.59 -4.41 25.05
C SER C 69 -37.54 -4.68 26.12
N GLY C 70 -37.92 -5.26 27.25
CA GLY C 70 -36.98 -5.49 28.33
C GLY C 70 -37.07 -6.90 28.87
N ASN C 71 -36.94 -7.05 30.18
CA ASN C 71 -37.17 -8.34 30.82
C ASN C 71 -38.67 -8.55 30.96
N MET C 72 -39.38 -8.43 29.84
CA MET C 72 -40.84 -8.42 29.84
C MET C 72 -41.35 -8.53 28.41
N ALA C 73 -42.26 -9.47 28.16
CA ALA C 73 -42.92 -9.60 26.87
C ALA C 73 -44.34 -9.07 26.99
N SER C 74 -44.95 -8.80 25.84
CA SER C 74 -46.29 -8.22 25.83
C SER C 74 -47.01 -8.66 24.56
N LEU C 75 -48.16 -9.31 24.73
CA LEU C 75 -49.02 -9.66 23.61
C LEU C 75 -50.07 -8.57 23.44
N THR C 76 -50.05 -7.90 22.28
CA THR C 76 -50.94 -6.80 21.99
C THR C 76 -51.96 -7.28 20.97
N ILE C 77 -53.24 -7.21 21.32
CA ILE C 77 -54.32 -7.67 20.46
C ILE C 77 -55.21 -6.48 20.15
N SER C 78 -55.39 -6.20 18.86
CA SER C 78 -56.30 -5.16 18.40
C SER C 78 -57.62 -5.78 18.00
N GLY C 79 -58.70 -5.01 18.15
CA GLY C 79 -59.99 -5.50 17.73
C GLY C 79 -60.44 -6.72 18.49
N LEU C 80 -60.82 -6.55 19.75
CA LEU C 80 -61.31 -7.65 20.57
C LEU C 80 -62.67 -8.10 20.04
N GLN C 81 -62.68 -9.24 19.33
CA GLN C 81 -63.92 -9.86 18.92
C GLN C 81 -64.54 -10.64 20.08
N ALA C 82 -65.85 -10.85 19.99
CA ALA C 82 -66.58 -11.50 21.07
C ALA C 82 -66.18 -12.95 21.27
N GLU C 83 -65.45 -13.55 20.32
CA GLU C 83 -65.12 -14.97 20.36
C GLU C 83 -63.71 -15.22 20.88
N ASP C 84 -63.07 -14.22 21.49
CA ASP C 84 -61.72 -14.36 22.01
C ASP C 84 -61.69 -14.53 23.53
N LYS C 85 -62.83 -14.80 24.15
CA LYS C 85 -62.87 -15.12 25.57
C LYS C 85 -62.15 -16.45 25.79
N ALA C 86 -60.95 -16.41 26.34
CA ALA C 86 -60.14 -17.60 26.53
C ALA C 86 -58.99 -17.26 27.47
N ASP C 87 -58.07 -18.19 27.65
CA ASP C 87 -56.83 -17.95 28.38
C ASP C 87 -55.71 -17.64 27.38
N TYR C 88 -54.66 -17.00 27.88
CA TYR C 88 -53.54 -16.60 27.03
C TYR C 88 -52.24 -16.91 27.79
N TYR C 89 -51.70 -18.09 27.54
CA TYR C 89 -50.47 -18.51 28.21
C TYR C 89 -49.26 -17.91 27.51
N CYS C 90 -48.26 -17.53 28.30
CA CYS C 90 -46.99 -17.03 27.81
C CYS C 90 -45.89 -17.97 28.27
N THR C 91 -44.90 -18.20 27.40
CA THR C 91 -43.89 -19.20 27.68
C THR C 91 -42.57 -18.80 27.04
N SER C 92 -41.52 -19.50 27.43
CA SER C 92 -40.19 -19.28 26.86
C SER C 92 -39.28 -20.40 27.34
N TYR C 93 -38.00 -20.29 27.00
CA TYR C 93 -36.99 -21.21 27.47
C TYR C 93 -36.38 -20.67 28.76
N THR C 94 -35.29 -21.28 29.21
CA THR C 94 -34.59 -20.82 30.40
C THR C 94 -33.12 -21.15 30.24
N THR C 95 -32.28 -20.43 30.99
CA THR C 95 -30.84 -20.69 30.89
C THR C 95 -30.53 -22.16 31.13
N GLY C 96 -31.28 -22.81 32.00
CA GLY C 96 -31.20 -24.24 32.15
C GLY C 96 -31.97 -24.97 31.06
N SER C 97 -31.77 -26.28 31.01
CA SER C 97 -32.43 -27.13 30.02
C SER C 97 -33.90 -27.26 30.40
N THR C 98 -34.69 -26.24 30.02
CA THR C 98 -36.08 -26.22 30.44
C THR C 98 -36.87 -25.27 29.55
N VAL C 99 -38.14 -25.60 29.37
CA VAL C 99 -39.14 -24.69 28.81
C VAL C 99 -40.17 -24.43 29.90
N VAL C 100 -40.48 -23.16 30.13
CA VAL C 100 -41.38 -22.78 31.21
C VAL C 100 -42.53 -21.97 30.66
N PHE C 101 -43.68 -22.08 31.34
CA PHE C 101 -44.92 -21.43 30.98
C PHE C 101 -45.24 -20.36 32.02
N GLY C 102 -46.12 -19.43 31.64
CA GLY C 102 -46.45 -18.34 32.51
C GLY C 102 -47.47 -18.72 33.58
N GLY C 103 -48.44 -17.84 33.82
CA GLY C 103 -49.46 -18.09 34.82
C GLY C 103 -50.86 -18.05 34.22
N GLY C 104 -50.97 -17.68 32.95
CA GLY C 104 -52.26 -17.63 32.29
C GLY C 104 -52.98 -16.32 32.53
N THR C 105 -53.63 -15.81 31.49
CA THR C 105 -54.37 -14.56 31.54
C THR C 105 -55.75 -14.78 30.97
N LYS C 106 -56.77 -14.26 31.65
CA LYS C 106 -58.17 -14.48 31.27
C LYS C 106 -58.71 -13.18 30.68
N LEU C 107 -58.56 -13.03 29.37
CA LEU C 107 -59.17 -11.91 28.68
C LEU C 107 -60.69 -12.01 28.76
N THR C 108 -61.36 -10.88 28.64
CA THR C 108 -62.81 -10.82 28.77
C THR C 108 -63.37 -9.70 27.90
N VAL C 109 -64.24 -10.05 26.96
CA VAL C 109 -64.84 -9.10 26.03
C VAL C 109 -66.37 -9.07 26.20
N LEU C 110 -67.00 -10.22 26.16
CA LEU C 110 -68.46 -10.33 26.32
C LEU C 110 -68.78 -10.13 27.79
N GLY C 111 -69.24 -8.93 28.15
CA GLY C 111 -69.33 -8.55 29.53
C GLY C 111 -70.65 -7.86 29.89
N GLN C 112 -70.97 -7.98 31.15
CA GLN C 112 -72.04 -7.29 31.86
C GLN C 112 -71.42 -6.30 32.84
N PRO C 113 -72.12 -5.22 33.17
CA PRO C 113 -71.50 -4.17 33.99
C PRO C 113 -70.88 -4.72 35.26
N LYS C 114 -69.67 -4.25 35.55
CA LYS C 114 -68.83 -4.86 36.57
C LYS C 114 -69.54 -4.92 37.92
N ALA C 115 -69.43 -6.07 38.59
CA ALA C 115 -70.09 -6.29 39.87
C ALA C 115 -69.14 -7.02 40.82
N ALA C 116 -69.01 -6.49 42.03
CA ALA C 116 -68.14 -7.10 43.01
C ALA C 116 -68.75 -8.38 43.56
N PRO C 117 -67.94 -9.26 44.15
CA PRO C 117 -68.49 -10.49 44.73
C PRO C 117 -69.23 -10.24 46.04
N SER C 118 -70.05 -11.22 46.40
CA SER C 118 -70.64 -11.32 47.73
C SER C 118 -70.02 -12.51 48.42
N VAL C 119 -69.39 -12.29 49.57
CA VAL C 119 -68.55 -13.28 50.23
C VAL C 119 -69.22 -13.72 51.53
N THR C 120 -69.18 -15.01 51.80
CA THR C 120 -69.67 -15.59 53.04
C THR C 120 -68.63 -16.55 53.59
N LEU C 121 -68.64 -16.71 54.91
CA LEU C 121 -67.71 -17.57 55.61
C LEU C 121 -68.48 -18.52 56.52
N PHE C 122 -67.98 -19.76 56.63
CA PHE C 122 -68.59 -20.74 57.50
C PHE C 122 -67.49 -21.51 58.23
N PRO C 123 -67.66 -21.76 59.53
CA PRO C 123 -66.58 -22.35 60.31
C PRO C 123 -66.69 -23.86 60.36
N PRO C 124 -65.70 -24.53 60.94
CA PRO C 124 -65.81 -25.99 61.17
C PRO C 124 -66.97 -26.30 62.12
N SER C 125 -67.91 -27.09 61.63
CA SER C 125 -69.09 -27.42 62.43
C SER C 125 -68.70 -28.34 63.59
N SER C 126 -69.54 -28.32 64.63
CA SER C 126 -69.27 -29.14 65.81
C SER C 126 -69.26 -30.63 65.45
N GLU C 127 -70.20 -31.06 64.62
CA GLU C 127 -70.23 -32.46 64.21
C GLU C 127 -68.92 -32.87 63.55
N GLU C 128 -68.30 -31.96 62.81
CA GLU C 128 -67.01 -32.28 62.21
C GLU C 128 -65.95 -32.52 63.29
N LEU C 129 -65.99 -31.72 64.36
CA LEU C 129 -65.10 -31.97 65.49
C LEU C 129 -65.39 -33.35 66.10
N GLN C 130 -66.67 -33.69 66.23
CA GLN C 130 -67.01 -35.05 66.66
C GLN C 130 -66.38 -36.09 65.74
N ALA C 131 -66.23 -35.76 64.45
CA ALA C 131 -65.52 -36.59 63.49
C ALA C 131 -64.04 -36.22 63.38
N ASN C 132 -63.47 -35.62 64.43
CA ASN C 132 -62.07 -35.22 64.49
C ASN C 132 -61.57 -34.62 63.17
N LYS C 133 -62.40 -33.80 62.53
CA LYS C 133 -61.98 -33.01 61.37
C LYS C 133 -62.55 -31.61 61.49
N ALA C 134 -61.91 -30.67 60.79
CA ALA C 134 -62.33 -29.28 60.81
C ALA C 134 -62.06 -28.66 59.44
N THR C 135 -62.95 -27.77 59.01
CA THR C 135 -62.79 -27.11 57.72
C THR C 135 -63.45 -25.74 57.77
N LEU C 136 -62.79 -24.78 57.11
CA LEU C 136 -63.32 -23.43 56.93
C LEU C 136 -63.73 -23.28 55.48
N VAL C 137 -64.93 -22.73 55.26
CA VAL C 137 -65.51 -22.58 53.93
C VAL C 137 -65.58 -21.08 53.63
N CYS C 138 -64.99 -20.67 52.52
CA CYS C 138 -65.02 -19.28 52.06
C CYS C 138 -65.72 -19.29 50.70
N LEU C 139 -66.98 -18.87 50.68
CA LEU C 139 -67.82 -18.94 49.50
C LEU C 139 -67.99 -17.56 48.89
N ILE C 140 -67.95 -17.48 47.56
CA ILE C 140 -68.05 -16.23 46.82
C ILE C 140 -69.12 -16.40 45.76
N SER C 141 -69.98 -15.39 45.61
CA SER C 141 -71.13 -15.50 44.72
C SER C 141 -71.30 -14.21 43.92
N ASP C 142 -71.76 -14.39 42.67
CA ASP C 142 -72.29 -13.30 41.86
C ASP C 142 -71.23 -12.21 41.63
N PHE C 143 -70.16 -12.59 40.93
CA PHE C 143 -69.12 -11.64 40.55
C PHE C 143 -68.74 -11.83 39.09
N TYR C 144 -68.38 -10.72 38.45
CA TYR C 144 -67.85 -10.68 37.10
C TYR C 144 -66.61 -9.80 37.08
N PRO C 145 -65.61 -10.12 36.25
CA PRO C 145 -65.48 -11.31 35.40
C PRO C 145 -65.06 -12.54 36.19
N GLY C 146 -65.01 -13.71 35.55
CA GLY C 146 -64.64 -14.92 36.25
C GLY C 146 -63.17 -14.95 36.62
N ALA C 147 -62.78 -14.05 37.51
CA ALA C 147 -61.39 -13.96 37.96
C ALA C 147 -61.38 -13.47 39.41
N VAL C 148 -60.75 -14.25 40.28
CA VAL C 148 -60.71 -13.94 41.70
C VAL C 148 -59.45 -14.57 42.30
N THR C 149 -58.92 -13.93 43.33
CA THR C 149 -57.82 -14.48 44.11
C THR C 149 -58.26 -14.64 45.56
N VAL C 150 -57.78 -15.69 46.20
CA VAL C 150 -58.18 -16.02 47.57
C VAL C 150 -56.92 -16.21 48.41
N ALA C 151 -56.94 -15.65 49.62
CA ALA C 151 -55.85 -15.81 50.57
C ALA C 151 -56.44 -16.11 51.94
N TRP C 152 -55.60 -16.68 52.81
CA TRP C 152 -56.00 -17.08 54.15
C TRP C 152 -54.97 -16.62 55.17
N LYS C 153 -55.48 -16.28 56.36
CA LYS C 153 -54.63 -15.88 57.48
C LYS C 153 -55.09 -16.57 58.74
N ALA C 154 -54.13 -16.99 59.56
CA ALA C 154 -54.39 -17.53 60.88
C ALA C 154 -53.65 -16.67 61.90
N ASP C 155 -54.33 -16.32 62.98
CA ASP C 155 -53.79 -15.38 63.96
C ASP C 155 -53.42 -14.05 63.30
N SER C 156 -54.13 -13.70 62.23
CA SER C 156 -53.85 -12.50 61.46
C SER C 156 -52.46 -12.54 60.83
N SER C 157 -52.01 -13.74 60.46
CA SER C 157 -50.74 -13.91 59.77
C SER C 157 -50.94 -14.81 58.55
N PRO C 158 -50.24 -14.57 57.45
CA PRO C 158 -50.51 -15.31 56.22
C PRO C 158 -50.31 -16.81 56.41
N VAL C 159 -51.13 -17.60 55.73
CA VAL C 159 -51.00 -19.05 55.71
C VAL C 159 -51.12 -19.53 54.27
N LYS C 160 -50.47 -20.64 53.98
CA LYS C 160 -50.42 -21.18 52.61
C LYS C 160 -50.84 -22.64 52.53
N ALA C 161 -50.48 -23.45 53.51
CA ALA C 161 -50.72 -24.88 53.44
C ALA C 161 -52.18 -25.20 53.79
N GLY C 162 -52.67 -26.31 53.23
CA GLY C 162 -54.00 -26.78 53.55
C GLY C 162 -55.12 -25.94 52.95
N VAL C 163 -54.84 -25.19 51.90
CA VAL C 163 -55.82 -24.31 51.27
C VAL C 163 -56.07 -24.80 49.86
N GLU C 164 -57.35 -24.93 49.50
CA GLU C 164 -57.74 -25.33 48.16
C GLU C 164 -58.83 -24.40 47.67
N THR C 165 -58.94 -24.27 46.34
CA THR C 165 -59.87 -23.33 45.73
C THR C 165 -60.54 -24.01 44.56
N THR C 166 -61.21 -23.22 43.71
CA THR C 166 -61.93 -23.76 42.57
C THR C 166 -61.95 -22.71 41.47
N THR C 167 -62.14 -23.20 40.24
CA THR C 167 -62.26 -22.30 39.10
C THR C 167 -63.52 -21.43 39.27
N PRO C 168 -63.49 -20.19 38.80
CA PRO C 168 -64.72 -19.40 38.79
C PRO C 168 -65.77 -20.05 37.89
N SER C 169 -66.85 -20.54 38.50
CA SER C 169 -67.84 -21.32 37.78
C SER C 169 -68.96 -20.43 37.26
N LYS C 170 -69.24 -20.53 35.97
CA LYS C 170 -70.38 -19.83 35.40
C LYS C 170 -71.67 -20.37 36.02
N GLN C 171 -72.64 -19.48 36.21
CA GLN C 171 -73.91 -19.82 36.83
C GLN C 171 -75.05 -19.23 36.03
N SER C 172 -76.26 -19.72 36.31
CA SER C 172 -77.43 -19.31 35.54
C SER C 172 -77.67 -17.80 35.61
N ASN C 173 -77.14 -17.13 36.63
CA ASN C 173 -77.28 -15.68 36.72
C ASN C 173 -76.45 -14.95 35.68
N ASN C 174 -75.62 -15.66 34.92
CA ASN C 174 -74.68 -15.07 33.96
C ASN C 174 -73.50 -14.42 34.65
N LYS C 175 -73.18 -14.85 35.87
CA LYS C 175 -72.05 -14.31 36.61
C LYS C 175 -71.39 -15.45 37.36
N TYR C 176 -70.15 -15.24 37.76
CA TYR C 176 -69.30 -16.31 38.27
C TYR C 176 -69.33 -16.36 39.79
N ALA C 177 -69.31 -17.59 40.32
CA ALA C 177 -69.20 -17.85 41.74
C ALA C 177 -68.06 -18.84 41.97
N ALA C 178 -67.50 -18.83 43.16
CA ALA C 178 -66.37 -19.68 43.48
C ALA C 178 -66.40 -20.04 44.96
N SER C 179 -65.43 -20.85 45.38
CA SER C 179 -65.35 -21.26 46.77
C SER C 179 -63.94 -21.71 47.09
N SER C 180 -63.63 -21.76 48.38
CA SER C 180 -62.33 -22.21 48.85
C SER C 180 -62.51 -22.89 50.20
N TYR C 181 -61.61 -23.84 50.47
CA TYR C 181 -61.67 -24.66 51.67
C TYR C 181 -60.32 -24.70 52.34
N LEU C 182 -60.32 -24.55 53.66
CA LEU C 182 -59.11 -24.65 54.47
C LEU C 182 -59.30 -25.76 55.48
N SER C 183 -58.44 -26.78 55.40
CA SER C 183 -58.57 -27.96 56.25
C SER C 183 -57.71 -27.84 57.49
N LEU C 184 -58.23 -28.31 58.62
CA LEU C 184 -57.54 -28.30 59.90
C LEU C 184 -58.10 -29.42 60.76
N THR C 185 -57.44 -29.69 61.87
CA THR C 185 -57.97 -30.57 62.89
C THR C 185 -58.51 -29.76 64.05
N PRO C 186 -59.39 -30.35 64.87
CA PRO C 186 -59.99 -29.56 65.97
C PRO C 186 -58.97 -28.93 66.89
N GLU C 187 -57.86 -29.64 67.16
CA GLU C 187 -56.85 -29.10 68.07
C GLU C 187 -56.23 -27.82 67.52
N GLN C 188 -55.84 -27.83 66.24
CA GLN C 188 -55.25 -26.63 65.66
C GLN C 188 -56.26 -25.51 65.57
N TRP C 189 -57.50 -25.82 65.19
CA TRP C 189 -58.52 -24.79 65.07
C TRP C 189 -58.80 -24.12 66.42
N LYS C 190 -58.90 -24.92 67.49
CA LYS C 190 -59.21 -24.36 68.80
C LYS C 190 -57.99 -23.63 69.39
N SER C 191 -56.80 -24.20 69.24
CA SER C 191 -55.62 -23.57 69.81
C SER C 191 -55.38 -22.18 69.23
N HIS C 192 -55.52 -22.05 67.92
CA HIS C 192 -55.40 -20.76 67.27
C HIS C 192 -56.63 -19.90 67.55
N ARG C 193 -56.45 -18.59 67.52
CA ARG C 193 -57.49 -17.67 67.95
C ARG C 193 -58.45 -17.29 66.83
N SER C 194 -57.93 -16.97 65.64
CA SER C 194 -58.75 -16.42 64.57
C SER C 194 -58.35 -17.02 63.24
N TYR C 195 -59.29 -17.01 62.30
CA TYR C 195 -59.04 -17.43 60.93
C TYR C 195 -59.78 -16.48 59.99
N SER C 196 -59.07 -15.95 59.01
CA SER C 196 -59.60 -14.95 58.10
C SER C 196 -59.38 -15.39 56.65
N CYS C 197 -60.38 -15.13 55.82
CA CYS C 197 -60.30 -15.34 54.37
C CYS C 197 -60.48 -14.01 53.67
N GLN C 198 -59.59 -13.70 52.73
CA GLN C 198 -59.64 -12.45 51.98
C GLN C 198 -59.70 -12.74 50.50
N VAL C 199 -60.58 -12.02 49.81
CA VAL C 199 -60.86 -12.21 48.40
C VAL C 199 -60.46 -10.93 47.67
N THR C 200 -59.69 -11.08 46.59
CA THR C 200 -59.24 -9.98 45.76
C THR C 200 -59.88 -10.10 44.39
N HIS C 201 -60.53 -9.03 43.95
CA HIS C 201 -61.18 -9.01 42.65
C HIS C 201 -61.15 -7.59 42.10
N GLU C 202 -60.66 -7.44 40.87
CA GLU C 202 -60.63 -6.15 40.19
C GLU C 202 -59.94 -5.10 41.07
N GLY C 203 -58.90 -5.52 41.78
CA GLY C 203 -58.19 -4.63 42.67
C GLY C 203 -58.85 -4.49 44.02
N SER C 204 -60.18 -4.44 44.03
CA SER C 204 -60.90 -4.34 45.30
C SER C 204 -60.67 -5.57 46.14
N THR C 205 -60.75 -5.40 47.46
CA THR C 205 -60.50 -6.48 48.41
C THR C 205 -61.64 -6.55 49.42
N VAL C 206 -62.07 -7.77 49.71
CA VAL C 206 -63.05 -8.04 50.76
C VAL C 206 -62.45 -9.05 51.70
N GLU C 207 -62.93 -9.07 52.94
CA GLU C 207 -62.38 -9.95 53.95
C GLU C 207 -63.47 -10.38 54.92
N LYS C 208 -63.27 -11.55 55.52
CA LYS C 208 -64.12 -12.03 56.59
C LYS C 208 -63.28 -12.87 57.54
N THR C 209 -63.78 -13.03 58.77
CA THR C 209 -63.01 -13.70 59.80
C THR C 209 -63.95 -14.37 60.78
N VAL C 210 -63.49 -15.48 61.37
CA VAL C 210 -64.21 -16.18 62.42
C VAL C 210 -63.23 -16.61 63.50
N ALA C 211 -63.77 -16.97 64.65
CA ALA C 211 -62.97 -17.42 65.79
C ALA C 211 -63.73 -18.50 66.54
N PRO C 212 -63.03 -19.38 67.25
CA PRO C 212 -63.73 -20.42 68.02
C PRO C 212 -64.68 -19.87 69.06
N THR C 213 -64.35 -18.74 69.67
CA THR C 213 -65.20 -18.18 70.74
C THR C 213 -66.59 -17.84 70.23
N GLU C 214 -66.77 -17.72 68.91
CA GLU C 214 -68.09 -17.45 68.36
C GLU C 214 -69.06 -18.60 68.62
N CYS C 215 -68.56 -19.77 69.00
CA CYS C 215 -69.44 -20.90 69.27
C CYS C 215 -70.45 -20.58 70.36
N SER C 216 -70.00 -19.90 71.42
CA SER C 216 -70.88 -19.53 72.52
C SER C 216 -72.08 -18.73 72.03
N GLN D 33 20.17 8.33 62.62
CA GLN D 33 20.42 7.98 61.20
C GLN D 33 20.69 9.24 60.37
N CYS D 34 19.73 10.17 60.42
CA CYS D 34 19.86 11.40 59.64
C CYS D 34 21.03 12.23 60.14
N VAL D 35 21.74 12.86 59.21
CA VAL D 35 22.88 13.72 59.52
C VAL D 35 22.92 14.83 58.49
N ASN D 36 23.27 16.04 58.93
CA ASN D 36 23.29 17.21 58.07
C ASN D 36 24.60 17.98 58.27
N LEU D 37 25.10 18.53 57.17
CA LEU D 37 26.28 19.38 57.19
C LEU D 37 26.16 20.41 56.08
N THR D 38 26.47 21.67 56.39
CA THR D 38 26.34 22.74 55.43
C THR D 38 27.48 23.74 55.62
N THR D 39 27.79 24.45 54.54
CA THR D 39 28.80 25.51 54.55
C THR D 39 28.17 26.79 54.03
N ARG D 40 28.35 27.88 54.78
CA ARG D 40 27.76 29.15 54.37
C ARG D 40 28.32 29.62 53.03
N THR D 41 29.63 29.51 52.84
CA THR D 41 30.23 29.89 51.57
C THR D 41 30.13 28.74 50.57
N GLN D 42 29.93 29.09 49.31
CA GLN D 42 29.74 28.13 48.23
C GLN D 42 30.90 28.23 47.26
N LEU D 43 31.50 27.08 46.93
CA LEU D 43 32.61 27.08 45.99
C LEU D 43 32.13 27.51 44.60
N PRO D 44 32.90 28.33 43.89
CA PRO D 44 32.44 28.84 42.59
C PRO D 44 32.47 27.76 41.53
N PRO D 45 31.67 27.90 40.48
CA PRO D 45 31.71 26.92 39.38
C PRO D 45 32.94 27.14 38.49
N ALA D 46 33.23 26.10 37.70
CA ALA D 46 34.38 26.14 36.79
C ALA D 46 34.06 25.33 35.54
N TYR D 47 34.41 25.88 34.39
CA TYR D 47 34.25 25.21 33.11
C TYR D 47 35.62 24.83 32.56
N THR D 48 35.72 23.65 31.97
CA THR D 48 36.96 23.21 31.35
C THR D 48 36.65 22.53 30.03
N ASN D 49 37.49 22.77 29.03
CA ASN D 49 37.29 22.13 27.73
C ASN D 49 37.59 20.64 27.83
N SER D 50 36.92 19.86 26.98
CA SER D 50 37.03 18.41 26.98
C SER D 50 37.37 17.96 25.56
N PHE D 51 38.46 17.21 25.45
CA PHE D 51 38.97 16.66 24.20
C PHE D 51 38.19 15.41 23.81
N THR D 52 38.78 14.58 22.95
CA THR D 52 38.18 13.34 22.47
C THR D 52 37.48 12.57 23.60
N ARG D 53 37.96 12.75 24.83
CA ARG D 53 37.48 12.04 26.00
C ARG D 53 35.97 11.82 25.95
N GLY D 54 35.55 10.57 26.13
CA GLY D 54 34.14 10.26 26.28
C GLY D 54 33.52 9.52 25.10
N VAL D 55 34.26 8.60 24.50
CA VAL D 55 33.76 7.77 23.40
C VAL D 55 33.56 6.36 23.94
N TYR D 56 32.40 5.78 23.64
CA TYR D 56 32.04 4.45 24.11
C TYR D 56 31.49 3.64 22.94
N TYR D 57 31.64 2.33 23.04
CA TYR D 57 31.15 1.46 21.98
C TYR D 57 29.64 1.67 21.80
N PRO D 58 29.17 1.98 20.59
CA PRO D 58 27.76 2.35 20.44
C PRO D 58 26.80 1.18 20.44
N ASP D 59 27.27 -0.03 20.10
CA ASP D 59 26.40 -1.18 19.99
C ASP D 59 27.11 -2.40 20.56
N LYS D 60 26.31 -3.39 20.95
CA LYS D 60 26.87 -4.61 21.50
C LYS D 60 27.52 -5.46 20.43
N VAL D 61 27.18 -5.24 19.15
CA VAL D 61 27.76 -6.02 18.08
C VAL D 61 29.26 -5.73 17.99
N PHE D 62 30.01 -6.75 17.56
CA PHE D 62 31.45 -6.64 17.43
C PHE D 62 31.84 -6.24 16.01
N ARG D 63 32.96 -5.54 15.90
CA ARG D 63 33.49 -5.13 14.61
C ARG D 63 35.01 -5.09 14.71
N SER D 64 35.68 -5.01 13.57
CA SER D 64 37.13 -4.97 13.56
C SER D 64 37.63 -4.49 12.19
N SER D 65 38.67 -3.66 12.22
CA SER D 65 39.35 -3.20 11.02
C SER D 65 38.37 -2.63 10.01
N VAL D 66 37.51 -1.73 10.49
CA VAL D 66 36.48 -1.14 9.65
C VAL D 66 36.10 0.22 10.20
N LEU D 67 35.73 1.13 9.31
CA LEU D 67 35.21 2.43 9.68
C LEU D 67 33.69 2.37 9.64
N HIS D 68 33.05 2.65 10.77
CA HIS D 68 31.60 2.55 10.91
C HIS D 68 31.04 3.87 11.40
N SER D 69 30.02 4.37 10.72
CA SER D 69 29.36 5.62 11.08
C SER D 69 27.99 5.30 11.68
N THR D 70 27.69 5.88 12.83
CA THR D 70 26.45 5.59 13.53
C THR D 70 25.97 6.82 14.29
N GLN D 71 24.65 7.01 14.31
CA GLN D 71 24.03 8.06 15.10
C GLN D 71 23.63 7.51 16.46
N ASP D 72 24.05 8.18 17.52
CA ASP D 72 23.79 7.78 18.90
C ASP D 72 24.07 8.98 19.80
N LEU D 73 23.94 8.77 21.11
CA LEU D 73 24.17 9.81 22.09
C LEU D 73 25.64 9.82 22.48
N PHE D 74 26.34 10.89 22.11
CA PHE D 74 27.73 11.11 22.50
C PHE D 74 27.88 12.56 22.96
N LEU D 75 28.85 12.79 23.82
CA LEU D 75 29.18 14.16 24.19
C LEU D 75 29.95 14.82 23.04
N PRO D 76 29.53 16.01 22.57
CA PRO D 76 30.28 16.69 21.51
C PRO D 76 31.79 16.58 21.69
N PHE D 77 32.51 16.44 20.57
CA PHE D 77 33.90 15.99 20.61
C PHE D 77 34.77 16.97 21.40
N PHE D 78 34.61 18.26 21.16
CA PHE D 78 35.30 19.31 21.91
C PHE D 78 34.23 20.07 22.69
N SER D 79 34.05 19.72 23.96
CA SER D 79 32.88 20.20 24.69
C SER D 79 33.28 20.81 26.04
N ASN D 80 32.65 21.92 26.39
CA ASN D 80 32.92 22.57 27.68
C ASN D 80 32.18 21.82 28.77
N VAL D 81 32.92 21.01 29.52
CA VAL D 81 32.35 20.27 30.64
C VAL D 81 32.47 21.10 31.90
N THR D 82 31.69 20.74 32.92
CA THR D 82 31.72 21.41 34.20
C THR D 82 32.69 20.66 35.11
N TRP D 83 33.76 21.33 35.52
CA TRP D 83 34.74 20.77 36.43
C TRP D 83 34.43 21.25 37.84
N PHE D 84 34.30 20.30 38.76
CA PHE D 84 33.91 20.59 40.14
C PHE D 84 35.06 20.22 41.07
N HIS D 85 35.57 21.22 41.80
CA HIS D 85 36.53 21.00 42.87
C HIS D 85 35.72 20.71 44.14
N ALA D 86 35.20 19.47 44.21
CA ALA D 86 34.18 19.15 45.19
C ALA D 86 34.68 19.38 46.61
N ILE D 87 35.89 18.92 46.92
CA ILE D 87 36.47 19.04 48.25
C ILE D 87 37.79 19.77 48.14
N HIS D 88 37.96 20.80 48.97
CA HIS D 88 39.19 21.60 48.99
C HIS D 88 39.61 21.80 50.44
N VAL D 89 40.93 21.92 50.64
CA VAL D 89 41.49 22.13 51.96
C VAL D 89 42.44 23.33 51.94
N THR D 95 39.33 25.95 56.94
CA THR D 95 40.20 26.03 55.77
C THR D 95 39.85 24.95 54.74
N LYS D 96 38.66 24.38 54.88
CA LYS D 96 38.19 23.35 53.98
C LYS D 96 36.73 23.60 53.61
N ARG D 97 36.34 23.12 52.43
CA ARG D 97 34.99 23.30 51.94
C ARG D 97 34.55 22.04 51.19
N PHE D 98 33.24 21.85 51.11
CA PHE D 98 32.66 20.68 50.48
C PHE D 98 31.57 21.11 49.51
N ASP D 99 31.40 20.32 48.45
CA ASP D 99 30.40 20.56 47.43
C ASP D 99 29.48 19.35 47.32
N ASN D 100 28.17 19.60 47.38
CA ASN D 100 27.14 18.56 47.26
C ASN D 100 26.11 19.02 46.25
N PRO D 101 26.48 19.09 44.97
CA PRO D 101 25.56 19.61 43.96
C PRO D 101 24.59 18.56 43.45
N VAL D 102 23.39 19.02 43.13
CA VAL D 102 22.38 18.19 42.47
C VAL D 102 22.38 18.65 41.01
N LEU D 103 23.20 17.98 40.20
CA LEU D 103 23.38 18.41 38.82
C LEU D 103 22.21 17.93 37.95
N PRO D 104 21.93 18.64 36.86
CA PRO D 104 20.85 18.20 35.96
C PRO D 104 21.27 16.99 35.14
N PHE D 105 20.27 16.37 34.53
CA PHE D 105 20.46 15.20 33.69
C PHE D 105 19.58 15.34 32.46
N ASN D 106 20.11 14.98 31.29
CA ASN D 106 19.36 15.09 30.04
C ASN D 106 19.91 14.07 29.06
N ASP D 107 19.17 12.97 28.89
CA ASP D 107 19.47 11.97 27.87
C ASP D 107 20.94 11.54 27.92
N GLY D 108 21.41 11.26 29.12
CA GLY D 108 22.75 10.71 29.31
C GLY D 108 23.71 11.69 29.93
N VAL D 109 24.77 11.17 30.55
CA VAL D 109 25.75 12.02 31.22
C VAL D 109 27.10 11.30 31.20
N TYR D 110 28.16 12.09 31.03
CA TYR D 110 29.53 11.62 31.07
C TYR D 110 30.18 12.14 32.35
N PHE D 111 30.87 11.25 33.07
CA PHE D 111 31.49 11.55 34.35
C PHE D 111 32.94 11.14 34.29
N ALA D 112 33.82 11.94 34.88
CA ALA D 112 35.23 11.59 34.93
C ALA D 112 35.83 12.07 36.23
N SER D 113 36.82 11.34 36.73
CA SER D 113 37.48 11.72 37.96
C SER D 113 38.86 11.09 38.02
N THR D 114 39.68 11.62 38.94
CA THR D 114 41.02 11.08 39.17
C THR D 114 41.53 11.63 40.50
N GLU D 115 41.91 10.72 41.39
CA GLU D 115 42.43 11.12 42.70
C GLU D 115 42.94 9.87 43.41
N LYS D 116 43.94 10.07 44.28
CA LYS D 116 44.50 8.96 45.05
C LYS D 116 43.60 8.56 46.20
N SER D 117 42.88 9.50 46.80
CA SER D 117 42.06 9.20 47.97
C SER D 117 40.86 8.33 47.61
N ASN D 118 40.29 8.52 46.41
CA ASN D 118 39.13 7.75 45.97
C ASN D 118 37.92 8.04 46.85
N ILE D 119 37.62 9.33 47.00
CA ILE D 119 36.49 9.73 47.84
C ILE D 119 35.17 9.32 47.20
N ILE D 120 35.07 9.41 45.87
CA ILE D 120 33.84 9.06 45.19
C ILE D 120 33.56 7.57 45.41
N ARG D 121 32.32 7.26 45.81
CA ARG D 121 31.96 5.88 46.09
C ARG D 121 30.54 5.52 45.62
N GLY D 122 29.95 6.32 44.75
CA GLY D 122 28.63 5.97 44.23
C GLY D 122 27.91 7.17 43.66
N TRP D 123 26.66 6.92 43.27
CA TRP D 123 25.81 7.93 42.67
C TRP D 123 24.36 7.71 43.08
N ILE D 124 23.58 8.78 42.96
CA ILE D 124 22.14 8.73 43.19
C ILE D 124 21.46 9.48 42.05
N PHE D 125 20.38 8.91 41.53
CA PHE D 125 19.63 9.50 40.43
C PHE D 125 18.15 9.46 40.77
N GLY D 126 17.40 10.41 40.20
CA GLY D 126 15.97 10.43 40.40
C GLY D 126 15.31 11.72 39.99
N THR D 127 14.01 11.66 39.69
CA THR D 127 13.27 12.87 39.32
C THR D 127 13.19 13.83 40.49
N THR D 128 12.96 13.31 41.70
CA THR D 128 12.83 14.13 42.89
C THR D 128 13.78 13.76 44.02
N LEU D 129 14.38 12.57 43.99
CA LEU D 129 15.30 12.12 45.04
C LEU D 129 14.63 12.12 46.41
N ASP D 130 13.35 11.79 46.47
CA ASP D 130 12.61 11.69 47.72
C ASP D 130 11.64 10.52 47.62
N SER D 131 10.89 10.30 48.70
CA SER D 131 9.96 9.17 48.75
C SER D 131 8.78 9.33 47.82
N LYS D 132 8.56 10.51 47.24
CA LYS D 132 7.40 10.71 46.39
C LYS D 132 7.45 9.84 45.15
N THR D 133 8.65 9.53 44.65
CA THR D 133 8.80 8.70 43.46
C THR D 133 10.03 7.83 43.60
N GLN D 134 10.10 6.79 42.79
CA GLN D 134 11.23 5.87 42.81
C GLN D 134 12.50 6.57 42.36
N SER D 135 13.63 6.08 42.86
CA SER D 135 14.93 6.66 42.51
C SER D 135 15.99 5.57 42.57
N LEU D 136 17.07 5.80 41.84
CA LEU D 136 18.14 4.82 41.69
C LEU D 136 19.33 5.18 42.57
N LEU D 137 19.93 4.17 43.18
CA LEU D 137 21.12 4.35 44.00
C LEU D 137 22.17 3.32 43.58
N ILE D 138 23.41 3.75 43.48
CA ILE D 138 24.55 2.87 43.25
C ILE D 138 25.61 3.20 44.28
N VAL D 139 26.10 2.18 44.98
CA VAL D 139 27.11 2.35 46.01
C VAL D 139 28.20 1.31 45.81
N ASN D 140 29.44 1.67 46.14
CA ASN D 140 30.58 0.79 45.98
C ASN D 140 31.31 0.63 47.31
N ASN D 141 31.92 -0.54 47.49
CA ASN D 141 32.81 -0.80 48.62
C ASN D 141 34.02 -1.55 48.09
N ALA D 142 34.95 -1.86 49.00
CA ALA D 142 36.18 -2.53 48.60
C ALA D 142 35.96 -3.96 48.16
N THR D 143 34.78 -4.53 48.37
CA THR D 143 34.51 -5.93 48.06
C THR D 143 33.30 -6.16 47.17
N ASN D 144 32.38 -5.21 47.04
CA ASN D 144 31.18 -5.43 46.24
C ASN D 144 30.57 -4.08 45.87
N VAL D 145 29.68 -4.13 44.88
CA VAL D 145 28.94 -2.96 44.41
C VAL D 145 27.46 -3.30 44.45
N VAL D 146 26.66 -2.39 44.99
CA VAL D 146 25.22 -2.59 45.17
C VAL D 146 24.47 -1.54 44.37
N ILE D 147 23.37 -1.95 43.74
CA ILE D 147 22.49 -1.07 43.00
C ILE D 147 21.05 -1.36 43.43
N LYS D 148 20.27 -0.30 43.64
CA LYS D 148 18.89 -0.48 44.09
C LYS D 148 18.02 0.61 43.47
N VAL D 149 16.72 0.33 43.41
CA VAL D 149 15.72 1.28 42.94
C VAL D 149 14.61 1.31 43.98
N CYS D 150 14.50 2.42 44.71
CA CYS D 150 13.49 2.54 45.75
C CYS D 150 13.15 4.02 45.93
N GLU D 151 12.02 4.27 46.59
CA GLU D 151 11.58 5.62 46.92
C GLU D 151 12.37 6.17 48.10
N PHE D 152 13.69 6.27 47.90
CA PHE D 152 14.57 6.71 48.97
C PHE D 152 14.29 8.17 49.34
N GLN D 153 14.37 8.47 50.63
CA GLN D 153 14.28 9.84 51.12
C GLN D 153 15.69 10.39 51.31
N PHE D 154 16.36 10.60 50.19
CA PHE D 154 17.75 11.00 50.21
C PHE D 154 17.92 12.34 50.92
N CYS D 155 19.02 12.46 51.68
CA CYS D 155 19.32 13.70 52.37
C CYS D 155 19.86 14.74 51.39
N ASN D 156 19.83 15.99 51.83
CA ASN D 156 20.35 17.08 51.01
C ASN D 156 21.87 17.11 50.95
N ASP D 157 22.54 16.49 51.91
CA ASP D 157 24.01 16.40 51.93
C ASP D 157 24.40 14.96 52.23
N PRO D 158 24.10 14.04 51.31
CA PRO D 158 24.37 12.62 51.56
C PRO D 158 25.87 12.32 51.54
N PHE D 159 26.23 11.26 52.25
CA PHE D 159 27.60 10.75 52.25
C PHE D 159 27.64 9.47 53.06
N LEU D 160 28.69 8.69 52.85
CA LEU D 160 28.92 7.44 53.56
C LEU D 160 30.11 7.60 54.48
N GLY D 161 29.93 7.28 55.76
CA GLY D 161 30.94 7.50 56.78
C GLY D 161 31.62 6.21 57.19
N VAL D 162 32.93 6.29 57.40
CA VAL D 162 33.73 5.18 57.92
C VAL D 162 34.66 5.72 59.00
N TYR D 163 35.04 4.85 59.93
CA TYR D 163 35.94 5.27 61.00
C TYR D 163 36.76 4.07 61.47
N TYR D 164 37.94 4.37 62.02
CA TYR D 164 38.86 3.33 62.46
C TYR D 164 38.41 2.84 63.84
N HIS D 165 37.57 1.80 63.85
CA HIS D 165 37.15 1.19 65.10
C HIS D 165 38.37 0.66 65.85
N LYS D 166 38.59 1.20 67.05
CA LYS D 166 39.72 0.80 67.87
C LYS D 166 39.49 -0.56 68.53
N ASN D 167 38.25 -0.88 68.89
CA ASN D 167 37.97 -2.17 69.49
C ASN D 167 38.34 -3.31 68.54
N ASN D 168 37.98 -3.18 67.27
CA ASN D 168 38.35 -4.15 66.26
C ASN D 168 39.69 -3.83 65.60
N LYS D 169 40.28 -2.66 65.90
CA LYS D 169 41.56 -2.28 65.33
C LYS D 169 41.51 -2.28 63.80
N SER D 170 40.39 -1.84 63.24
CA SER D 170 40.21 -1.88 61.80
C SER D 170 39.14 -0.89 61.39
N TRP D 171 39.12 -0.57 60.10
CA TRP D 171 38.13 0.37 59.58
C TRP D 171 36.75 -0.25 59.56
N MET D 172 35.73 0.56 59.86
CA MET D 172 34.36 0.11 59.94
C MET D 172 33.48 1.11 59.18
N GLU D 173 32.42 0.58 58.57
CA GLU D 173 31.51 1.35 57.72
C GLU D 173 30.08 1.09 58.21
N SER D 174 29.54 2.05 58.97
CA SER D 174 28.18 1.92 59.49
C SER D 174 27.39 3.21 59.44
N GLU D 175 27.92 4.29 58.87
CA GLU D 175 27.25 5.59 58.80
C GLU D 175 26.72 5.78 57.39
N PHE D 176 25.52 5.25 57.13
CA PHE D 176 24.86 5.41 55.83
C PHE D 176 23.96 6.64 55.88
N ARG D 177 24.59 7.80 56.00
CA ARG D 177 23.89 9.07 56.10
C ARG D 177 23.32 9.53 54.75
N VAL D 178 23.41 8.71 53.71
CA VAL D 178 22.96 9.13 52.39
C VAL D 178 21.45 9.35 52.38
N TYR D 179 20.70 8.47 53.03
CA TYR D 179 19.25 8.47 52.95
C TYR D 179 18.64 8.41 54.35
N SER D 180 17.39 8.84 54.43
CA SER D 180 16.62 8.81 55.67
C SER D 180 15.74 7.57 55.79
N SER D 181 15.08 7.17 54.71
CA SER D 181 14.19 6.02 54.75
C SER D 181 14.12 5.40 53.36
N ALA D 182 13.69 4.13 53.32
CA ALA D 182 13.55 3.39 52.09
C ALA D 182 12.27 2.58 52.13
N ASN D 183 11.64 2.42 50.96
CA ASN D 183 10.41 1.65 50.86
C ASN D 183 10.25 1.20 49.41
N ASN D 184 9.45 0.14 49.23
CA ASN D 184 9.13 -0.40 47.92
C ASN D 184 10.41 -0.69 47.13
N CYS D 185 11.21 -1.62 47.66
CA CYS D 185 12.46 -2.03 47.03
C CYS D 185 12.13 -2.99 45.89
N THR D 186 11.73 -2.41 44.76
CA THR D 186 11.29 -3.22 43.62
C THR D 186 12.47 -3.92 42.95
N PHE D 187 13.57 -3.21 42.71
CA PHE D 187 14.68 -3.74 41.94
C PHE D 187 15.98 -3.61 42.73
N GLU D 188 16.77 -4.68 42.72
CA GLU D 188 18.05 -4.73 43.39
C GLU D 188 19.03 -5.54 42.54
N TYR D 189 20.32 -5.26 42.71
CA TYR D 189 21.35 -5.97 41.97
C TYR D 189 22.68 -5.80 42.69
N VAL D 190 23.55 -6.80 42.54
CA VAL D 190 24.88 -6.78 43.15
C VAL D 190 25.89 -7.22 42.10
N SER D 191 27.07 -6.61 42.15
CA SER D 191 28.14 -6.92 41.21
C SER D 191 29.49 -6.77 41.91
N GLN D 192 30.55 -7.05 41.17
CA GLN D 192 31.90 -7.00 41.70
C GLN D 192 32.37 -5.55 41.83
N PRO D 193 33.41 -5.30 42.65
CA PRO D 193 34.03 -3.98 42.66
C PRO D 193 34.84 -3.75 41.39
N PHE D 194 34.14 -3.35 40.32
CA PHE D 194 34.75 -3.38 38.99
C PHE D 194 35.98 -2.50 38.90
N LEU D 195 35.93 -1.30 39.50
CA LEU D 195 37.07 -0.38 39.41
C LEU D 195 37.36 0.30 40.74
N MET D 196 37.14 -0.39 41.86
CA MET D 196 37.48 0.13 43.18
C MET D 196 38.93 -0.13 43.55
N ASP D 197 39.81 -0.37 42.58
CA ASP D 197 41.21 -0.64 42.86
C ASP D 197 41.85 0.51 43.62
N LEU D 198 42.22 0.26 44.88
CA LEU D 198 42.86 1.27 45.71
C LEU D 198 44.38 1.12 45.61
N GLU D 199 44.90 1.50 44.44
CA GLU D 199 46.33 1.38 44.19
C GLU D 199 47.11 2.21 45.20
N GLY D 200 48.18 1.61 45.74
CA GLY D 200 49.03 2.30 46.69
C GLY D 200 50.20 2.99 46.01
N LYS D 201 49.90 3.93 45.12
CA LYS D 201 50.92 4.67 44.39
C LYS D 201 50.66 6.16 44.53
N GLN D 202 51.74 6.93 44.62
CA GLN D 202 51.66 8.38 44.73
C GLN D 202 52.65 9.00 43.75
N GLY D 203 52.30 10.19 43.25
CA GLY D 203 53.15 10.90 42.32
C GLY D 203 52.64 10.86 40.90
N ASN D 204 53.50 10.47 39.96
CA ASN D 204 53.13 10.44 38.55
C ASN D 204 52.39 9.15 38.21
N PHE D 205 51.33 8.85 38.96
CA PHE D 205 50.50 7.67 38.71
C PHE D 205 49.03 8.01 38.86
N LYS D 206 48.65 9.20 38.40
CA LYS D 206 47.26 9.62 38.49
C LYS D 206 46.36 8.64 37.74
N ASN D 207 45.33 8.15 38.41
CA ASN D 207 44.40 7.19 37.85
C ASN D 207 43.10 7.89 37.47
N LEU D 208 42.63 7.65 36.25
CA LEU D 208 41.43 8.27 35.72
C LEU D 208 40.34 7.21 35.59
N ARG D 209 39.19 7.50 36.17
CA ARG D 209 37.99 6.68 36.04
C ARG D 209 36.95 7.47 35.26
N GLU D 210 36.42 6.85 34.21
CA GLU D 210 35.45 7.47 33.32
C GLU D 210 34.18 6.63 33.29
N PHE D 211 33.03 7.29 33.27
CA PHE D 211 31.74 6.63 33.26
C PHE D 211 30.81 7.35 32.29
N VAL D 212 29.88 6.59 31.73
CA VAL D 212 28.80 7.13 30.91
C VAL D 212 27.51 6.46 31.34
N PHE D 213 26.52 7.26 31.72
CA PHE D 213 25.21 6.77 32.13
C PHE D 213 24.19 7.17 31.07
N LYS D 214 23.36 6.20 30.66
CA LYS D 214 22.36 6.44 29.63
C LYS D 214 21.05 5.80 30.03
N ASN D 215 19.94 6.43 29.64
CA ASN D 215 18.60 5.92 29.89
C ASN D 215 17.89 5.78 28.55
N ILE D 216 17.64 4.55 28.13
CA ILE D 216 17.03 4.28 26.83
C ILE D 216 16.00 3.17 26.99
N ASP D 217 14.74 3.49 26.71
CA ASP D 217 13.65 2.51 26.62
C ASP D 217 13.70 1.53 27.79
N GLY D 218 13.56 2.07 28.99
CA GLY D 218 13.51 1.24 30.18
C GLY D 218 14.80 0.53 30.51
N TYR D 219 15.93 1.03 30.03
CA TYR D 219 17.24 0.46 30.35
C TYR D 219 18.15 1.57 30.86
N PHE D 220 18.72 1.37 32.04
CA PHE D 220 19.77 2.22 32.57
C PHE D 220 21.09 1.51 32.27
N LYS D 221 21.86 2.05 31.34
CA LYS D 221 23.05 1.38 30.83
C LYS D 221 24.28 2.21 31.17
N ILE D 222 25.29 1.57 31.72
CA ILE D 222 26.48 2.22 32.24
C ILE D 222 27.69 1.64 31.53
N TYR D 223 28.47 2.51 30.87
CA TYR D 223 29.78 2.17 30.35
C TYR D 223 30.85 2.82 31.23
N SER D 224 32.06 2.27 31.18
CA SER D 224 33.13 2.77 32.03
C SER D 224 34.47 2.47 31.41
N LYS D 225 35.49 3.17 31.92
CA LYS D 225 36.88 2.93 31.55
C LYS D 225 37.77 3.36 32.72
N HIS D 226 38.95 2.77 32.77
CA HIS D 226 39.86 2.97 33.89
C HIS D 226 41.29 2.92 33.36
N THR D 227 42.07 3.99 33.60
CA THR D 227 43.42 4.00 33.06
C THR D 227 44.30 4.98 33.82
N PRO D 228 45.59 4.64 34.07
CA PRO D 228 46.48 5.63 34.69
C PRO D 228 47.21 6.48 33.66
N ILE D 229 47.11 7.81 33.79
CA ILE D 229 47.78 8.74 32.90
C ILE D 229 48.14 9.98 33.69
N ASN D 230 49.23 10.64 33.27
CA ASN D 230 49.72 11.84 33.93
C ASN D 230 49.80 12.98 32.92
N LEU D 231 49.35 14.16 33.34
CA LEU D 231 49.40 15.35 32.49
C LEU D 231 49.36 16.58 33.38
N VAL D 232 49.70 17.73 32.80
CA VAL D 232 49.62 18.99 33.54
C VAL D 232 48.22 19.18 34.10
N ARG D 233 47.21 18.99 33.26
CA ARG D 233 45.84 18.98 33.72
C ARG D 233 45.44 17.56 34.13
N ASP D 234 44.36 17.46 34.90
CA ASP D 234 43.92 16.19 35.46
C ASP D 234 42.94 15.45 34.55
N LEU D 235 42.99 15.68 33.25
CA LEU D 235 42.25 14.88 32.29
C LEU D 235 42.98 14.93 30.95
N PRO D 236 43.51 13.81 30.47
CA PRO D 236 44.40 13.85 29.31
C PRO D 236 43.65 14.05 28.00
N GLN D 237 44.42 14.50 27.00
CA GLN D 237 43.88 14.69 25.66
C GLN D 237 43.91 13.42 24.82
N GLY D 238 44.54 12.35 25.31
CA GLY D 238 44.62 11.12 24.56
C GLY D 238 43.25 10.59 24.20
N PHE D 239 43.27 9.54 23.36
CA PHE D 239 42.05 8.92 22.86
C PHE D 239 41.96 7.48 23.38
N SER D 240 40.84 7.17 24.02
CA SER D 240 40.54 5.80 24.43
C SER D 240 39.03 5.65 24.52
N ALA D 241 38.58 4.40 24.50
CA ALA D 241 37.17 4.09 24.39
C ALA D 241 36.66 3.45 25.68
N LEU D 242 35.39 3.73 25.99
CA LEU D 242 34.72 3.17 27.16
C LEU D 242 34.05 1.86 26.79
N GLU D 243 34.24 0.85 27.64
CA GLU D 243 33.61 -0.45 27.45
C GLU D 243 32.31 -0.51 28.22
N PRO D 244 31.38 -1.38 27.82
CA PRO D 244 30.09 -1.45 28.51
C PRO D 244 30.23 -2.18 29.84
N LEU D 245 29.80 -1.52 30.92
CA LEU D 245 29.96 -2.05 32.26
C LEU D 245 28.76 -2.88 32.68
N VAL D 246 27.56 -2.28 32.66
CA VAL D 246 26.35 -2.95 33.12
C VAL D 246 25.13 -2.40 32.40
N ASP D 247 24.05 -3.17 32.45
CA ASP D 247 22.77 -2.76 31.89
C ASP D 247 21.67 -3.24 32.84
N LEU D 248 20.82 -2.32 33.29
CA LEU D 248 19.75 -2.64 34.22
C LEU D 248 18.41 -2.42 33.53
N PRO D 249 17.57 -3.45 33.37
CA PRO D 249 16.25 -3.26 32.73
C PRO D 249 15.24 -2.65 33.69
N ILE D 250 15.44 -1.37 34.03
CA ILE D 250 14.64 -0.66 35.01
C ILE D 250 14.00 0.54 34.33
N GLY D 251 12.68 0.65 34.44
CA GLY D 251 11.97 1.78 33.89
C GLY D 251 11.80 2.89 34.91
N ILE D 252 12.33 4.08 34.60
CA ILE D 252 12.27 5.21 35.52
C ILE D 252 12.59 6.47 34.74
N ASN D 253 12.01 7.59 35.18
CA ASN D 253 12.30 8.90 34.62
C ASN D 253 13.28 9.61 35.54
N ILE D 254 14.42 10.01 35.01
CA ILE D 254 15.49 10.63 35.79
C ILE D 254 15.88 11.95 35.15
N THR D 255 15.95 13.00 35.96
CA THR D 255 16.41 14.29 35.50
C THR D 255 17.40 14.94 36.46
N ARG D 256 17.71 14.32 37.59
CA ARG D 256 18.66 14.85 38.55
C ARG D 256 19.54 13.72 39.06
N PHE D 257 20.74 14.08 39.48
CA PHE D 257 21.65 13.11 40.07
C PHE D 257 22.71 13.86 40.88
N GLN D 258 23.39 13.12 41.76
CA GLN D 258 24.41 13.70 42.61
C GLN D 258 25.40 12.63 43.01
N THR D 259 26.62 13.06 43.29
CA THR D 259 27.69 12.15 43.67
C THR D 259 27.54 11.69 45.11
N LEU D 260 28.23 10.59 45.44
CA LEU D 260 28.32 10.09 46.80
C LEU D 260 29.78 10.09 47.22
N LEU D 261 30.07 10.72 48.36
CA LEU D 261 31.43 10.90 48.83
C LEU D 261 31.61 10.19 50.17
N ALA D 262 32.84 9.74 50.43
CA ALA D 262 33.17 9.01 51.64
C ALA D 262 33.85 9.93 52.64
N LEU D 263 33.40 9.88 53.89
CA LEU D 263 33.94 10.69 54.97
C LEU D 263 34.59 9.77 56.00
N HIS D 264 35.88 10.00 56.26
CA HIS D 264 36.63 9.24 57.25
C HIS D 264 36.61 10.01 58.56
N ARG D 265 35.74 9.58 59.48
CA ARG D 265 35.62 10.24 60.76
C ARG D 265 36.87 10.01 61.60
N SER D 266 37.11 10.92 62.54
CA SER D 266 38.24 10.86 63.44
C SER D 266 37.77 11.11 64.87
N TYR D 267 38.52 10.55 65.83
CA TYR D 267 38.15 10.68 67.23
C TYR D 267 38.45 12.09 67.73
N LEU D 268 37.53 13.01 67.52
CA LEU D 268 37.68 14.40 67.96
C LEU D 268 37.18 14.47 69.41
N THR D 269 38.11 14.56 70.34
CA THR D 269 37.76 14.58 71.76
C THR D 269 37.12 15.90 72.14
N PRO D 270 36.44 15.96 73.29
CA PRO D 270 35.82 17.23 73.71
C PRO D 270 36.83 18.36 73.83
N GLY D 271 38.08 18.06 74.18
CA GLY D 271 39.08 19.10 74.21
C GLY D 271 39.25 19.80 72.87
N ASP D 272 39.22 19.02 71.78
CA ASP D 272 39.28 19.60 70.45
C ASP D 272 38.08 20.50 70.20
N SER D 273 36.89 20.05 70.61
CA SER D 273 35.66 20.83 70.45
C SER D 273 35.42 21.18 68.98
N SER D 274 35.68 20.21 68.10
CA SER D 274 35.52 20.41 66.67
C SER D 274 34.75 19.24 66.07
N SER D 275 33.99 19.53 65.01
CA SER D 275 33.23 18.51 64.30
C SER D 275 32.83 19.07 62.95
N GLY D 276 32.75 18.20 61.96
CA GLY D 276 32.37 18.61 60.61
C GLY D 276 32.92 17.65 59.58
N TRP D 277 33.21 18.20 58.40
CA TRP D 277 33.70 17.39 57.30
C TRP D 277 35.06 16.78 57.65
N THR D 278 35.24 15.51 57.26
CA THR D 278 36.50 14.79 57.46
C THR D 278 36.76 13.99 56.19
N ALA D 279 37.45 14.59 55.24
CA ALA D 279 37.77 13.92 53.99
C ALA D 279 38.80 14.76 53.24
N GLY D 280 39.49 14.13 52.29
CA GLY D 280 40.49 14.80 51.51
C GLY D 280 39.91 15.53 50.31
N ALA D 281 40.76 16.35 49.68
CA ALA D 281 40.33 17.11 48.51
C ALA D 281 39.95 16.17 47.38
N ALA D 282 38.94 16.56 46.60
CA ALA D 282 38.47 15.75 45.49
C ALA D 282 37.85 16.66 44.43
N ALA D 283 37.81 16.16 43.20
CA ALA D 283 37.26 16.91 42.08
C ALA D 283 36.89 15.93 40.98
N TYR D 284 36.12 16.42 40.02
CA TYR D 284 35.67 15.58 38.91
C TYR D 284 35.17 16.48 37.77
N TYR D 285 34.69 15.86 36.71
CA TYR D 285 34.17 16.54 35.54
C TYR D 285 32.86 15.89 35.11
N VAL D 286 31.90 16.73 34.72
CA VAL D 286 30.59 16.27 34.29
C VAL D 286 30.25 16.91 32.95
N GLY D 287 29.63 16.13 32.07
CA GLY D 287 29.21 16.63 30.78
C GLY D 287 27.91 16.00 30.34
N TYR D 288 27.20 16.69 29.46
CA TYR D 288 25.89 16.25 28.99
C TYR D 288 26.01 15.71 27.57
N LEU D 289 25.43 14.55 27.34
CA LEU D 289 25.45 13.92 26.03
C LEU D 289 24.48 14.64 25.08
N GLN D 290 24.71 14.45 23.79
CA GLN D 290 23.87 15.00 22.74
C GLN D 290 23.72 13.98 21.64
N PRO D 291 22.64 14.06 20.85
CA PRO D 291 22.46 13.14 19.73
C PRO D 291 23.34 13.55 18.55
N ARG D 292 24.40 12.78 18.31
CA ARG D 292 25.36 13.09 17.27
C ARG D 292 25.66 11.83 16.47
N THR D 293 26.20 12.06 15.27
CA THR D 293 26.66 10.98 14.40
C THR D 293 28.18 10.90 14.52
N PHE D 294 28.67 9.74 14.91
CA PHE D 294 30.10 9.51 15.12
C PHE D 294 30.60 8.47 14.14
N LEU D 295 31.79 8.70 13.61
CA LEU D 295 32.50 7.71 12.79
C LEU D 295 33.63 7.13 13.62
N LEU D 296 33.64 5.82 13.75
CA LEU D 296 34.59 5.11 14.61
C LEU D 296 35.42 4.13 13.78
N LYS D 297 36.67 3.97 14.18
CA LYS D 297 37.66 3.17 13.45
C LYS D 297 37.97 1.93 14.28
N TYR D 298 37.19 0.87 14.08
CA TYR D 298 37.47 -0.39 14.75
C TYR D 298 38.77 -0.97 14.21
N ASN D 299 39.73 -1.18 15.10
CA ASN D 299 41.07 -1.62 14.71
C ASN D 299 41.07 -3.10 14.37
N GLU D 300 42.25 -3.63 14.04
CA GLU D 300 42.37 -5.04 13.70
C GLU D 300 41.98 -5.92 14.88
N ASN D 301 42.34 -5.51 16.09
CA ASN D 301 42.02 -6.26 17.30
C ASN D 301 40.59 -6.04 17.77
N GLY D 302 39.73 -5.47 16.93
CA GLY D 302 38.37 -5.17 17.35
C GLY D 302 38.29 -4.11 18.42
N THR D 303 39.12 -3.08 18.32
CA THR D 303 39.14 -1.98 19.28
C THR D 303 39.11 -0.67 18.52
N ILE D 304 38.44 0.33 19.08
CA ILE D 304 38.35 1.65 18.47
C ILE D 304 39.37 2.56 19.13
N THR D 305 40.24 3.17 18.33
CA THR D 305 41.27 4.08 18.82
C THR D 305 41.26 5.39 18.05
N ASP D 306 40.20 5.67 17.31
CA ASP D 306 40.10 6.92 16.56
C ASP D 306 38.66 7.13 16.09
N ALA D 307 38.12 8.33 16.32
CA ALA D 307 36.76 8.62 15.89
C ALA D 307 36.64 10.12 15.60
N VAL D 308 35.61 10.46 14.82
CA VAL D 308 35.36 11.84 14.42
C VAL D 308 33.88 12.14 14.55
N ASP D 309 33.58 13.34 15.01
CA ASP D 309 32.21 13.82 15.16
C ASP D 309 31.79 14.53 13.89
N CYS D 310 30.61 14.17 13.37
CA CYS D 310 30.18 14.68 12.08
C CYS D 310 30.02 16.20 12.11
N ALA D 311 29.43 16.75 13.17
CA ALA D 311 29.07 18.15 13.22
C ALA D 311 30.15 19.04 13.83
N LEU D 312 31.30 18.48 14.21
CA LEU D 312 32.31 19.29 14.88
C LEU D 312 32.86 20.38 13.95
N ASP D 313 33.31 20.00 12.77
CA ASP D 313 34.00 20.91 11.86
C ASP D 313 33.62 20.54 10.43
N PRO D 314 33.79 21.47 9.49
CA PRO D 314 33.59 21.09 8.07
C PRO D 314 34.50 19.96 7.64
N LEU D 315 35.74 19.95 8.11
CA LEU D 315 36.65 18.87 7.76
C LEU D 315 36.14 17.53 8.27
N SER D 316 35.61 17.52 9.50
CA SER D 316 35.00 16.29 10.00
C SER D 316 33.78 15.91 9.19
N GLU D 317 33.02 16.89 8.69
CA GLU D 317 31.93 16.58 7.78
C GLU D 317 32.44 15.87 6.54
N THR D 318 33.56 16.35 5.99
CA THR D 318 34.19 15.69 4.86
C THR D 318 34.57 14.26 5.22
N LYS D 319 35.24 14.09 6.35
CA LYS D 319 35.68 12.76 6.74
C LYS D 319 34.50 11.81 6.89
N CYS D 320 33.38 12.32 7.40
CA CYS D 320 32.21 11.46 7.60
C CYS D 320 31.57 11.10 6.26
N THR D 321 31.37 12.10 5.38
CA THR D 321 30.71 11.81 4.11
C THR D 321 31.56 10.89 3.25
N LEU D 322 32.88 11.04 3.29
CA LEU D 322 33.76 10.16 2.54
C LEU D 322 34.04 8.84 3.26
N LYS D 323 33.61 8.70 4.51
CA LYS D 323 33.82 7.48 5.28
C LYS D 323 35.31 7.11 5.32
N SER D 324 36.13 8.10 5.63
CA SER D 324 37.57 7.89 5.74
C SER D 324 38.16 9.04 6.55
N PHE D 325 39.45 8.90 6.87
CA PHE D 325 40.18 9.92 7.60
C PHE D 325 41.22 10.64 6.76
N THR D 326 41.72 10.01 5.69
CA THR D 326 42.74 10.61 4.84
C THR D 326 42.05 11.22 3.62
N VAL D 327 41.44 12.38 3.83
CA VAL D 327 40.78 13.08 2.74
C VAL D 327 41.83 13.67 1.81
N GLU D 328 41.70 13.36 0.52
CA GLU D 328 42.61 13.90 -0.48
C GLU D 328 42.21 15.32 -0.84
N LYS D 329 43.17 16.07 -1.40
CA LYS D 329 42.89 17.44 -1.77
C LYS D 329 41.80 17.50 -2.82
N GLY D 330 40.87 18.43 -2.65
CA GLY D 330 39.75 18.58 -3.56
C GLY D 330 38.63 19.34 -2.91
N ILE D 331 37.52 19.43 -3.64
CA ILE D 331 36.31 20.07 -3.16
C ILE D 331 35.21 19.00 -3.10
N TYR D 332 34.53 18.93 -1.96
CA TYR D 332 33.54 17.89 -1.72
C TYR D 332 32.20 18.52 -1.35
N GLN D 333 31.12 17.94 -1.84
CA GLN D 333 29.77 18.33 -1.47
C GLN D 333 29.41 17.58 -0.19
N THR D 334 29.83 18.13 0.95
CA THR D 334 29.60 17.46 2.23
C THR D 334 28.12 17.27 2.49
N SER D 335 27.35 18.34 2.40
CA SER D 335 25.94 18.30 2.75
C SER D 335 25.23 19.45 2.06
N ASN D 336 24.02 19.75 2.51
CA ASN D 336 23.20 20.80 1.92
C ASN D 336 22.52 21.58 3.03
N PHE D 337 22.30 22.87 2.80
CA PHE D 337 21.73 23.75 3.81
C PHE D 337 20.64 24.60 3.20
N ARG D 338 19.57 24.81 3.97
CA ARG D 338 18.46 25.66 3.58
C ARG D 338 18.12 26.58 4.74
N VAL D 339 17.90 27.87 4.42
CA VAL D 339 17.49 28.81 5.45
C VAL D 339 16.16 28.36 6.01
N GLN D 340 16.12 28.12 7.32
CA GLN D 340 14.93 27.57 7.94
C GLN D 340 13.86 28.64 8.10
N PRO D 341 12.59 28.24 8.16
CA PRO D 341 11.51 29.23 8.31
C PRO D 341 11.56 29.88 9.68
N THR D 342 11.60 31.22 9.69
CA THR D 342 11.72 31.94 10.95
C THR D 342 10.40 31.96 11.71
N GLU D 343 9.27 32.11 10.99
CA GLU D 343 7.99 32.28 11.64
C GLU D 343 6.90 31.68 10.77
N SER D 344 5.76 31.38 11.39
CA SER D 344 4.63 30.75 10.73
C SER D 344 3.48 31.75 10.63
N ILE D 345 2.92 31.90 9.42
CA ILE D 345 1.81 32.80 9.19
C ILE D 345 0.68 32.02 8.52
N VAL D 346 -0.54 32.45 8.79
CA VAL D 346 -1.73 31.86 8.18
C VAL D 346 -2.75 32.98 7.98
N ARG D 347 -3.48 32.92 6.87
CA ARG D 347 -4.42 33.97 6.50
C ARG D 347 -5.76 33.36 6.10
N PHE D 348 -6.81 34.15 6.31
CA PHE D 348 -8.18 33.73 6.01
C PHE D 348 -9.02 34.98 5.83
N PRO D 349 -10.25 34.85 5.33
CA PRO D 349 -11.10 36.03 5.17
C PRO D 349 -11.26 36.78 6.48
N ASN D 350 -11.25 38.11 6.38
CA ASN D 350 -11.22 38.94 7.59
C ASN D 350 -12.47 38.71 8.44
N ILE D 351 -13.63 38.64 7.82
CA ILE D 351 -14.91 38.50 8.53
C ILE D 351 -15.58 37.22 8.06
N THR D 352 -16.07 36.44 9.02
CA THR D 352 -16.73 35.17 8.73
C THR D 352 -17.79 34.92 9.79
N ASN D 353 -18.76 34.06 9.44
CA ASN D 353 -19.87 33.74 10.31
C ASN D 353 -19.69 32.35 10.91
N LEU D 354 -20.13 32.20 12.16
CA LEU D 354 -20.03 30.92 12.85
C LEU D 354 -20.99 29.91 12.26
N CYS D 355 -20.53 28.66 12.15
CA CYS D 355 -21.38 27.62 11.59
C CYS D 355 -22.55 27.32 12.53
N PRO D 356 -23.75 27.10 11.98
CA PRO D 356 -24.91 26.81 12.86
C PRO D 356 -25.03 25.33 13.20
N PHE D 357 -24.11 24.84 14.05
CA PHE D 357 -24.18 23.45 14.49
C PHE D 357 -25.37 23.22 15.42
N GLY D 358 -25.83 24.26 16.10
CA GLY D 358 -26.91 24.08 17.06
C GLY D 358 -28.20 23.60 16.43
N GLU D 359 -28.53 24.14 15.25
CA GLU D 359 -29.82 23.83 14.63
C GLU D 359 -29.95 22.34 14.30
N VAL D 360 -28.84 21.64 14.10
CA VAL D 360 -28.89 20.22 13.77
C VAL D 360 -28.62 19.41 15.03
N PHE D 361 -27.67 19.85 15.85
CA PHE D 361 -27.38 19.18 17.10
C PHE D 361 -28.44 19.44 18.17
N ASN D 362 -29.13 20.57 18.09
CA ASN D 362 -30.20 20.90 19.01
C ASN D 362 -31.57 20.93 18.33
N ALA D 363 -31.71 20.24 17.21
CA ALA D 363 -33.02 20.15 16.56
C ALA D 363 -34.04 19.61 17.53
N THR D 364 -35.19 20.28 17.62
CA THR D 364 -36.19 19.91 18.61
C THR D 364 -36.61 18.46 18.45
N ARG D 365 -36.70 17.97 17.21
CA ARG D 365 -37.12 16.60 16.95
C ARG D 365 -36.29 16.03 15.82
N PHE D 366 -35.86 14.78 16.00
CA PHE D 366 -35.12 14.06 14.97
C PHE D 366 -36.08 13.24 14.12
N ALA D 367 -35.57 12.75 12.98
CA ALA D 367 -36.35 11.92 12.09
C ALA D 367 -36.08 10.44 12.39
N SER D 368 -36.81 9.57 11.70
CA SER D 368 -36.66 8.13 11.89
C SER D 368 -35.42 7.63 11.17
N VAL D 369 -35.01 6.41 11.53
CA VAL D 369 -33.82 5.81 10.93
C VAL D 369 -34.02 5.61 9.43
N TYR D 370 -35.18 5.09 9.04
CA TYR D 370 -35.47 4.89 7.63
C TYR D 370 -35.59 6.21 6.87
N ALA D 371 -35.70 7.33 7.58
CA ALA D 371 -35.78 8.66 6.98
C ALA D 371 -34.80 9.61 7.66
N TRP D 372 -33.55 9.16 7.80
CA TRP D 372 -32.53 9.98 8.47
C TRP D 372 -32.44 11.34 7.81
N ASN D 373 -32.30 12.38 8.64
CA ASN D 373 -32.33 13.74 8.13
C ASN D 373 -30.94 14.18 7.68
N ARG D 374 -30.90 14.97 6.61
CA ARG D 374 -29.66 15.46 6.03
C ARG D 374 -29.63 16.98 6.07
N LYS D 375 -28.45 17.53 6.35
CA LYS D 375 -28.27 18.98 6.35
C LYS D 375 -26.85 19.30 5.88
N ARG D 376 -26.73 20.05 4.79
CA ARG D 376 -25.43 20.47 4.28
C ARG D 376 -24.98 21.73 5.00
N ILE D 377 -23.67 21.86 5.18
CA ILE D 377 -23.09 23.08 5.73
C ILE D 377 -21.75 23.34 5.07
N SER D 378 -21.48 24.63 4.85
CA SER D 378 -20.29 25.11 4.16
C SER D 378 -20.26 26.62 4.30
N ASN D 379 -19.21 27.24 3.74
CA ASN D 379 -19.04 28.69 3.74
C ASN D 379 -19.34 29.29 5.11
N CYS D 380 -18.87 28.64 6.17
CA CYS D 380 -19.04 29.15 7.52
C CYS D 380 -18.00 28.50 8.42
N VAL D 381 -17.49 29.28 9.36
CA VAL D 381 -16.45 28.78 10.26
C VAL D 381 -17.06 27.77 11.22
N ALA D 382 -16.48 26.59 11.30
CA ALA D 382 -16.93 25.52 12.18
C ALA D 382 -15.87 25.27 13.24
N ASP D 383 -16.28 25.33 14.50
CA ASP D 383 -15.39 25.10 15.64
C ASP D 383 -15.59 23.66 16.10
N TYR D 384 -14.63 22.80 15.76
CA TYR D 384 -14.71 21.39 16.11
C TYR D 384 -14.24 21.09 17.53
N SER D 385 -13.73 22.09 18.25
CA SER D 385 -13.26 21.85 19.61
C SER D 385 -14.39 21.35 20.49
N VAL D 386 -15.57 21.95 20.38
CA VAL D 386 -16.69 21.58 21.24
C VAL D 386 -17.07 20.12 21.03
N LEU D 387 -16.76 19.56 19.86
CA LEU D 387 -17.15 18.18 19.58
C LEU D 387 -16.53 17.21 20.57
N TYR D 388 -15.23 17.36 20.84
CA TYR D 388 -14.55 16.51 21.80
C TYR D 388 -14.40 17.16 23.17
N ASN D 389 -14.77 18.43 23.32
CA ASN D 389 -14.70 19.12 24.59
C ASN D 389 -16.00 19.03 25.38
N SER D 390 -17.02 18.39 24.84
CA SER D 390 -18.30 18.22 25.53
C SER D 390 -18.34 16.82 26.14
N ALA D 391 -18.54 16.74 27.44
CA ALA D 391 -18.58 15.47 28.14
C ALA D 391 -19.98 14.86 28.03
N SER D 392 -20.47 14.72 26.80
CA SER D 392 -21.80 14.17 26.57
C SER D 392 -21.84 13.18 25.41
N PHE D 393 -20.74 12.94 24.71
CA PHE D 393 -20.71 12.06 23.56
C PHE D 393 -20.11 10.72 23.96
N SER D 394 -20.89 9.65 23.82
CA SER D 394 -20.42 8.32 24.16
C SER D 394 -19.46 7.77 23.11
N THR D 395 -19.71 8.03 21.84
CA THR D 395 -18.87 7.53 20.76
C THR D 395 -18.55 8.67 19.81
N PHE D 396 -17.26 8.79 19.45
CA PHE D 396 -16.79 9.82 18.52
C PHE D 396 -15.65 9.20 17.71
N LYS D 397 -15.97 8.72 16.51
CA LYS D 397 -15.01 8.05 15.66
C LYS D 397 -14.84 8.84 14.37
N CYS D 398 -13.71 8.59 13.68
CA CYS D 398 -13.40 9.27 12.44
C CYS D 398 -12.75 8.29 11.46
N TYR D 399 -13.17 8.36 10.20
CA TYR D 399 -12.62 7.57 9.11
C TYR D 399 -12.04 8.51 8.07
N GLY D 400 -10.78 8.27 7.71
CA GLY D 400 -10.11 9.11 6.74
C GLY D 400 -9.50 10.38 7.30
N VAL D 401 -9.62 10.62 8.60
CA VAL D 401 -9.07 11.83 9.22
C VAL D 401 -9.02 11.59 10.72
N SER D 402 -8.09 12.28 11.38
CA SER D 402 -7.91 12.14 12.82
C SER D 402 -8.65 13.24 13.55
N PRO D 403 -9.46 12.93 14.56
CA PRO D 403 -10.18 14.00 15.28
C PRO D 403 -9.28 15.03 15.91
N THR D 404 -8.10 14.61 16.37
CA THR D 404 -7.20 15.55 17.06
C THR D 404 -6.79 16.68 16.14
N LYS D 405 -6.46 16.37 14.89
CA LYS D 405 -6.01 17.37 13.92
C LYS D 405 -7.16 17.96 13.11
N LEU D 406 -8.40 17.55 13.36
CA LEU D 406 -9.53 18.05 12.58
C LEU D 406 -9.81 19.52 12.86
N ASN D 407 -9.28 20.07 13.95
CA ASN D 407 -9.59 21.44 14.33
C ASN D 407 -8.97 22.46 13.38
N ASP D 408 -8.00 22.07 12.56
CA ASP D 408 -7.27 22.99 11.70
C ASP D 408 -7.18 22.45 10.28
N LEU D 409 -8.30 21.98 9.74
CA LEU D 409 -8.39 21.52 8.37
C LEU D 409 -9.44 22.32 7.61
N CYS D 410 -9.25 22.40 6.30
CA CYS D 410 -10.16 23.11 5.41
C CYS D 410 -10.84 22.10 4.49
N PHE D 411 -12.11 22.35 4.17
CA PHE D 411 -12.90 21.42 3.38
C PHE D 411 -13.86 22.19 2.49
N THR D 412 -14.33 21.52 1.43
CA THR D 412 -15.27 22.14 0.51
C THR D 412 -16.67 22.18 1.10
N ASN D 413 -17.18 21.04 1.54
CA ASN D 413 -18.51 20.97 2.13
C ASN D 413 -18.52 19.85 3.17
N VAL D 414 -19.52 19.87 4.05
CA VAL D 414 -19.75 18.74 4.94
C VAL D 414 -21.24 18.58 5.16
N TYR D 415 -21.72 17.34 5.03
CA TYR D 415 -23.12 17.01 5.29
C TYR D 415 -23.24 16.37 6.66
N ALA D 416 -24.39 16.57 7.30
CA ALA D 416 -24.69 15.99 8.59
C ALA D 416 -25.94 15.13 8.46
N ASP D 417 -25.81 13.86 8.83
CA ASP D 417 -26.91 12.90 8.81
C ASP D 417 -27.29 12.56 10.24
N SER D 418 -28.54 12.83 10.60
CA SER D 418 -29.02 12.68 11.97
C SER D 418 -30.08 11.59 12.02
N PHE D 419 -29.97 10.70 13.01
CA PHE D 419 -30.99 9.69 13.24
C PHE D 419 -30.87 9.17 14.67
N VAL D 420 -31.91 8.46 15.11
CA VAL D 420 -31.99 7.90 16.45
C VAL D 420 -32.00 6.38 16.35
N ILE D 421 -31.06 5.74 17.04
CA ILE D 421 -30.91 4.29 17.00
C ILE D 421 -30.61 3.78 18.41
N ARG D 422 -30.77 2.48 18.60
CA ARG D 422 -30.46 1.93 19.91
C ARG D 422 -28.95 1.77 20.08
N GLY D 423 -28.53 1.59 21.34
CA GLY D 423 -27.12 1.64 21.65
C GLY D 423 -26.30 0.62 20.88
N ASP D 424 -26.79 -0.62 20.82
CA ASP D 424 -26.03 -1.67 20.15
C ASP D 424 -25.88 -1.43 18.66
N GLU D 425 -26.68 -0.52 18.09
CA GLU D 425 -26.64 -0.24 16.67
C GLU D 425 -25.62 0.84 16.30
N VAL D 426 -24.89 1.38 17.28
CA VAL D 426 -23.85 2.37 16.96
C VAL D 426 -22.78 1.74 16.11
N ARG D 427 -22.35 0.52 16.46
CA ARG D 427 -21.29 -0.13 15.69
C ARG D 427 -21.72 -0.38 14.26
N GLN D 428 -23.02 -0.57 14.01
CA GLN D 428 -23.49 -0.78 12.66
C GLN D 428 -23.25 0.44 11.77
N ILE D 429 -23.10 1.62 12.36
CA ILE D 429 -22.84 2.83 11.59
C ILE D 429 -21.34 2.93 11.33
N ALA D 430 -20.88 2.34 10.24
CA ALA D 430 -19.49 2.35 9.86
C ALA D 430 -19.36 1.81 8.43
N PRO D 431 -18.25 2.12 7.75
CA PRO D 431 -18.07 1.61 6.39
C PRO D 431 -17.49 0.20 6.41
N GLY D 432 -18.15 -0.72 5.70
CA GLY D 432 -17.76 -2.10 5.67
C GLY D 432 -18.38 -2.97 6.74
N GLN D 433 -19.10 -2.39 7.69
CA GLN D 433 -19.76 -3.17 8.72
C GLN D 433 -21.07 -3.74 8.21
N THR D 434 -21.48 -4.86 8.81
CA THR D 434 -22.70 -5.56 8.43
C THR D 434 -23.67 -5.60 9.60
N GLY D 435 -24.95 -5.55 9.28
CA GLY D 435 -25.99 -5.57 10.29
C GLY D 435 -27.31 -5.14 9.71
N LYS D 436 -28.36 -5.28 10.53
CA LYS D 436 -29.69 -4.91 10.09
C LYS D 436 -29.74 -3.44 9.70
N ILE D 437 -29.28 -2.56 10.58
CA ILE D 437 -29.27 -1.13 10.27
C ILE D 437 -28.29 -0.85 9.13
N ALA D 438 -27.11 -1.48 9.17
CA ALA D 438 -26.09 -1.21 8.16
C ALA D 438 -26.55 -1.62 6.77
N ASP D 439 -27.39 -2.65 6.67
CA ASP D 439 -27.81 -3.19 5.38
C ASP D 439 -29.14 -2.64 4.90
N TYR D 440 -30.06 -2.30 5.81
CA TYR D 440 -31.41 -1.90 5.42
C TYR D 440 -31.70 -0.42 5.61
N ASN D 441 -30.99 0.26 6.50
CA ASN D 441 -31.29 1.64 6.85
C ASN D 441 -30.20 2.61 6.40
N TYR D 442 -28.96 2.40 6.83
CA TYR D 442 -27.87 3.32 6.53
C TYR D 442 -26.66 2.53 6.04
N LYS D 443 -26.08 2.98 4.94
CA LYS D 443 -24.91 2.36 4.33
C LYS D 443 -23.87 3.42 4.03
N LEU D 444 -22.61 3.12 4.34
CA LEU D 444 -21.51 4.02 4.07
C LEU D 444 -20.56 3.40 3.06
N PRO D 445 -19.99 4.20 2.15
CA PRO D 445 -19.09 3.64 1.14
C PRO D 445 -17.77 3.17 1.75
N ASP D 446 -17.09 2.29 1.00
CA ASP D 446 -15.81 1.78 1.45
C ASP D 446 -14.79 2.91 1.59
N ASP D 447 -14.83 3.89 0.69
CA ASP D 447 -13.95 5.04 0.74
C ASP D 447 -14.56 6.22 1.50
N PHE D 448 -15.43 5.94 2.47
CA PHE D 448 -16.08 7.00 3.23
C PHE D 448 -15.03 7.82 3.98
N THR D 449 -15.26 9.13 4.03
CA THR D 449 -14.38 10.07 4.71
C THR D 449 -15.22 10.99 5.58
N GLY D 450 -15.21 10.76 6.89
CA GLY D 450 -15.99 11.58 7.79
C GLY D 450 -15.86 11.20 9.25
N CYS D 451 -16.90 11.48 10.03
CA CYS D 451 -16.90 11.22 11.46
C CYS D 451 -18.30 10.78 11.88
N VAL D 452 -18.35 10.05 12.99
CA VAL D 452 -19.59 9.55 13.58
C VAL D 452 -19.61 9.95 15.05
N ILE D 453 -20.73 10.49 15.52
CA ILE D 453 -20.89 10.96 16.90
C ILE D 453 -22.22 10.44 17.41
N ALA D 454 -22.22 9.96 18.66
CA ALA D 454 -23.43 9.43 19.27
C ALA D 454 -23.53 9.88 20.72
N TRP D 455 -24.76 10.00 21.20
CA TRP D 455 -24.98 10.31 22.61
C TRP D 455 -26.35 9.79 23.04
N ASN D 456 -26.54 9.70 24.35
CA ASN D 456 -27.78 9.17 24.91
C ASN D 456 -28.86 10.25 24.95
N SER D 457 -30.02 9.94 24.36
CA SER D 457 -31.11 10.90 24.24
C SER D 457 -32.40 10.38 24.87
N ASN D 458 -32.29 9.60 25.94
CA ASN D 458 -33.47 9.05 26.59
C ASN D 458 -34.35 10.16 27.16
N ASN D 459 -33.74 11.17 27.78
CA ASN D 459 -34.52 12.17 28.50
C ASN D 459 -35.47 12.94 27.59
N LEU D 460 -35.20 13.01 26.30
CA LEU D 460 -36.02 13.79 25.37
C LEU D 460 -36.80 12.94 24.37
N ASP D 461 -36.37 11.72 24.11
CA ASP D 461 -36.97 10.87 23.10
C ASP D 461 -37.50 9.57 23.71
N SER D 462 -38.11 9.68 24.88
CA SER D 462 -38.73 8.54 25.54
C SER D 462 -40.01 9.00 26.22
N LYS D 463 -40.91 8.05 26.47
CA LYS D 463 -42.16 8.31 27.15
C LYS D 463 -42.41 7.20 28.16
N VAL D 464 -43.20 7.52 29.17
CA VAL D 464 -43.42 6.58 30.27
C VAL D 464 -44.01 5.28 29.74
N GLY D 465 -44.98 5.36 28.84
CA GLY D 465 -45.64 4.21 28.28
C GLY D 465 -45.05 3.68 26.99
N GLY D 466 -43.82 4.06 26.66
CA GLY D 466 -43.18 3.59 25.44
C GLY D 466 -43.38 4.54 24.28
N ASN D 467 -42.37 4.66 23.43
CA ASN D 467 -42.42 5.55 22.26
C ASN D 467 -42.47 4.72 20.99
N TYR D 468 -43.42 5.05 20.11
CA TYR D 468 -43.57 4.39 18.83
C TYR D 468 -43.57 5.39 17.68
N ASN D 469 -43.12 6.62 17.93
CA ASN D 469 -43.04 7.62 16.87
C ASN D 469 -41.77 7.49 16.05
N TYR D 470 -40.85 6.62 16.43
CA TYR D 470 -39.60 6.40 15.70
C TYR D 470 -39.59 4.98 15.16
N LEU D 471 -39.40 4.85 13.86
CA LEU D 471 -39.46 3.56 13.18
C LEU D 471 -38.19 3.35 12.36
N TYR D 472 -37.82 2.09 12.20
CA TYR D 472 -36.65 1.73 11.38
C TYR D 472 -37.01 0.56 10.49
N ARG D 473 -36.40 0.52 9.31
CA ARG D 473 -36.67 -0.56 8.37
C ARG D 473 -36.08 -1.87 8.89
N LEU D 474 -36.84 -2.95 8.72
CA LEU D 474 -36.43 -4.27 9.18
C LEU D 474 -36.29 -5.28 8.05
N PHE D 475 -37.02 -5.12 6.95
CA PHE D 475 -36.97 -6.04 5.83
C PHE D 475 -36.65 -5.25 4.56
N ARG D 476 -35.68 -5.72 3.80
CA ARG D 476 -35.25 -5.05 2.58
C ARG D 476 -35.08 -6.06 1.47
N LYS D 477 -35.55 -5.71 0.26
CA LYS D 477 -35.35 -6.57 -0.89
C LYS D 477 -33.87 -6.74 -1.21
N SER D 478 -33.12 -5.64 -1.16
CA SER D 478 -31.69 -5.67 -1.42
C SER D 478 -31.00 -4.62 -0.55
N ASN D 479 -29.76 -4.90 -0.18
CA ASN D 479 -29.02 -3.98 0.67
C ASN D 479 -28.89 -2.62 -0.02
N LEU D 480 -29.10 -1.56 0.76
CA LEU D 480 -29.09 -0.22 0.21
C LEU D 480 -27.70 0.16 -0.30
N LYS D 481 -27.68 0.96 -1.36
CA LYS D 481 -26.43 1.53 -1.85
C LYS D 481 -25.96 2.63 -0.88
N PRO D 482 -24.68 2.97 -0.93
CA PRO D 482 -24.17 3.98 0.01
C PRO D 482 -24.93 5.29 -0.12
N PHE D 483 -25.22 5.91 1.03
CA PHE D 483 -25.93 7.18 1.07
C PHE D 483 -27.23 7.11 0.28
N GLU D 484 -27.97 6.02 0.48
CA GLU D 484 -29.26 5.81 -0.17
C GLU D 484 -30.36 5.82 0.88
N ARG D 485 -31.39 6.63 0.63
CA ARG D 485 -32.51 6.78 1.56
C ARG D 485 -33.74 6.15 0.95
N ASP D 486 -34.42 5.31 1.73
CA ASP D 486 -35.64 4.63 1.29
C ASP D 486 -36.75 4.92 2.28
N ILE D 487 -37.89 5.39 1.77
CA ILE D 487 -39.07 5.66 2.57
C ILE D 487 -40.27 4.84 2.08
N SER D 488 -40.01 3.83 1.25
CA SER D 488 -41.09 3.02 0.71
C SER D 488 -41.77 2.21 1.81
N THR D 489 -43.11 2.19 1.78
CA THR D 489 -43.90 1.41 2.72
C THR D 489 -44.47 0.15 2.08
N GLU D 490 -44.02 -0.20 0.87
CA GLU D 490 -44.57 -1.36 0.18
C GLU D 490 -44.29 -2.63 0.98
N ILE D 491 -45.28 -3.54 0.97
CA ILE D 491 -45.12 -4.79 1.70
C ILE D 491 -43.94 -5.57 1.12
N TYR D 492 -43.34 -6.41 1.96
CA TYR D 492 -42.19 -7.22 1.59
C TYR D 492 -42.56 -8.70 1.66
N GLN D 493 -42.06 -9.47 0.70
CA GLN D 493 -42.33 -10.90 0.61
C GLN D 493 -41.14 -11.67 1.17
N ALA D 494 -41.38 -12.44 2.24
CA ALA D 494 -40.35 -13.25 2.86
C ALA D 494 -40.42 -14.72 2.44
N GLY D 495 -41.30 -15.06 1.52
CA GLY D 495 -41.46 -16.45 1.08
C GLY D 495 -41.94 -16.51 -0.34
N SER D 496 -42.87 -17.44 -0.60
CA SER D 496 -43.41 -17.63 -1.94
C SER D 496 -44.74 -16.93 -2.16
N THR D 497 -45.52 -16.73 -1.11
CA THR D 497 -46.83 -16.11 -1.28
C THR D 497 -46.66 -14.66 -1.75
N PRO D 498 -47.37 -14.23 -2.79
CA PRO D 498 -47.25 -12.83 -3.22
C PRO D 498 -48.11 -11.91 -2.37
N CYS D 499 -47.50 -10.82 -1.90
CA CYS D 499 -48.23 -9.88 -1.05
C CYS D 499 -49.37 -9.23 -1.81
N ASN D 500 -49.14 -8.87 -3.08
CA ASN D 500 -50.14 -8.19 -3.90
C ASN D 500 -50.64 -6.92 -3.20
N GLY D 501 -49.72 -6.20 -2.56
CA GLY D 501 -50.05 -4.96 -1.89
C GLY D 501 -50.79 -5.10 -0.58
N VAL D 502 -50.95 -6.33 -0.08
CA VAL D 502 -51.67 -6.58 1.17
C VAL D 502 -50.78 -7.43 2.07
N GLU D 503 -50.74 -7.08 3.35
CA GLU D 503 -49.96 -7.83 4.31
C GLU D 503 -50.60 -9.20 4.55
N GLY D 504 -49.80 -10.11 5.11
CA GLY D 504 -50.29 -11.44 5.39
C GLY D 504 -49.15 -12.35 5.82
N PHE D 505 -49.45 -13.64 5.87
CA PHE D 505 -48.46 -14.64 6.25
C PHE D 505 -47.19 -14.47 5.43
N ASN D 506 -46.08 -14.18 6.11
CA ASN D 506 -44.81 -13.88 5.47
C ASN D 506 -44.94 -12.69 4.52
N CYS D 507 -45.84 -11.76 4.83
CA CYS D 507 -46.01 -10.53 4.07
C CYS D 507 -46.29 -9.43 5.09
N TYR D 508 -45.27 -8.64 5.41
CA TYR D 508 -45.31 -7.74 6.55
C TYR D 508 -44.81 -6.36 6.15
N PHE D 509 -45.16 -5.38 6.99
CA PHE D 509 -44.70 -4.01 6.77
C PHE D 509 -43.19 -3.95 6.93
N PRO D 510 -42.49 -3.14 6.13
CA PRO D 510 -41.03 -3.09 6.23
C PRO D 510 -40.51 -2.27 7.40
N LEU D 511 -41.35 -1.48 8.06
CA LEU D 511 -40.95 -0.63 9.16
C LEU D 511 -41.38 -1.25 10.49
N GLN D 512 -40.50 -1.14 11.49
CA GLN D 512 -40.78 -1.62 12.83
C GLN D 512 -40.49 -0.50 13.82
N SER D 513 -41.36 -0.37 14.82
CA SER D 513 -41.17 0.64 15.86
C SER D 513 -40.11 0.17 16.86
N TYR D 514 -39.69 1.10 17.72
CA TYR D 514 -38.63 0.85 18.68
C TYR D 514 -39.14 0.60 20.09
N GLY D 515 -40.09 1.41 20.56
CA GLY D 515 -40.61 1.25 21.90
C GLY D 515 -39.60 1.64 22.96
N PHE D 516 -39.25 2.93 23.00
CA PHE D 516 -38.31 3.42 24.00
C PHE D 516 -39.05 3.71 25.31
N GLN D 517 -38.52 3.20 26.42
CA GLN D 517 -39.10 3.41 27.72
C GLN D 517 -38.04 3.92 28.68
N PRO D 518 -38.43 4.72 29.68
CA PRO D 518 -37.43 5.29 30.59
C PRO D 518 -36.59 4.24 31.29
N THR D 519 -37.18 3.11 31.68
CA THR D 519 -36.44 2.04 32.34
C THR D 519 -35.85 1.06 31.36
N ASN D 520 -35.96 1.31 30.06
CA ASN D 520 -35.42 0.39 29.07
C ASN D 520 -33.91 0.24 29.26
N GLY D 521 -33.41 -0.97 29.01
CA GLY D 521 -32.00 -1.23 29.22
C GLY D 521 -31.11 -0.43 28.29
N VAL D 522 -29.84 -0.35 28.68
CA VAL D 522 -28.87 0.42 27.91
C VAL D 522 -28.76 -0.13 26.49
N GLY D 523 -28.82 -1.45 26.34
CA GLY D 523 -28.71 -2.04 25.02
C GLY D 523 -29.75 -1.53 24.05
N TYR D 524 -30.91 -1.11 24.56
CA TYR D 524 -31.98 -0.59 23.72
C TYR D 524 -32.30 0.87 24.01
N GLN D 525 -31.54 1.53 24.88
CA GLN D 525 -31.82 2.93 25.17
C GLN D 525 -31.61 3.76 23.91
N PRO D 526 -32.44 4.79 23.68
CA PRO D 526 -32.29 5.57 22.45
C PRO D 526 -31.04 6.44 22.48
N TYR D 527 -30.37 6.49 21.34
CA TYR D 527 -29.18 7.31 21.14
C TYR D 527 -29.43 8.20 19.93
N ARG D 528 -29.15 9.49 20.09
CA ARG D 528 -29.13 10.42 18.97
C ARG D 528 -27.74 10.40 18.35
N VAL D 529 -27.69 10.24 17.03
CA VAL D 529 -26.44 10.02 16.31
C VAL D 529 -26.37 10.98 15.13
N VAL D 530 -25.23 11.62 14.97
CA VAL D 530 -24.96 12.55 13.87
C VAL D 530 -23.67 12.11 13.18
N VAL D 531 -23.72 11.99 11.86
CA VAL D 531 -22.57 11.59 11.06
C VAL D 531 -22.21 12.76 10.16
N LEU D 532 -20.97 13.23 10.25
CA LEU D 532 -20.47 14.34 9.47
C LEU D 532 -19.62 13.79 8.32
N SER D 533 -20.18 13.80 7.12
CA SER D 533 -19.46 13.35 5.93
C SER D 533 -18.79 14.54 5.26
N PHE D 534 -17.48 14.43 5.06
CA PHE D 534 -16.69 15.51 4.49
C PHE D 534 -16.61 15.36 2.97
N GLU D 535 -16.49 16.49 2.27
CA GLU D 535 -16.43 16.51 0.82
C GLU D 535 -15.39 17.52 0.39
N LEU D 536 -14.35 17.04 -0.28
CA LEU D 536 -13.28 17.87 -0.84
C LEU D 536 -13.31 17.74 -2.36
N LEU D 537 -13.08 18.86 -3.04
CA LEU D 537 -13.10 18.90 -4.49
C LEU D 537 -11.98 19.79 -4.99
N HIS D 538 -11.83 19.84 -6.32
CA HIS D 538 -10.85 20.72 -6.97
C HIS D 538 -11.42 22.13 -7.09
N ALA D 539 -11.85 22.66 -5.94
CA ALA D 539 -12.49 23.97 -5.87
C ALA D 539 -12.08 24.61 -4.55
N PRO D 540 -12.19 25.94 -4.45
CA PRO D 540 -11.84 26.59 -3.18
C PRO D 540 -12.65 26.02 -2.02
N ALA D 541 -11.98 25.81 -0.90
CA ALA D 541 -12.61 25.21 0.27
C ALA D 541 -13.37 26.28 1.05
N THR D 542 -14.64 25.99 1.35
CA THR D 542 -15.49 26.92 2.06
C THR D 542 -15.68 26.58 3.53
N VAL D 543 -15.21 25.42 3.97
CA VAL D 543 -15.26 25.02 5.37
C VAL D 543 -13.89 25.30 5.98
N CYS D 544 -13.86 26.14 7.01
CA CYS D 544 -12.61 26.62 7.58
C CYS D 544 -12.65 26.51 9.10
N GLY D 545 -11.47 26.43 9.69
CA GLY D 545 -11.33 26.36 11.12
C GLY D 545 -11.36 27.72 11.79
N PRO D 546 -11.38 27.74 13.12
CA PRO D 546 -11.48 29.01 13.86
C PRO D 546 -10.16 29.69 14.14
N LYS D 547 -9.03 29.18 13.63
CA LYS D 547 -7.74 29.77 13.95
C LYS D 547 -7.65 31.20 13.42
N LYS D 548 -7.06 32.07 14.23
CA LYS D 548 -6.92 33.47 13.88
C LYS D 548 -5.72 33.67 12.96
N SER D 549 -5.92 34.46 11.90
CA SER D 549 -4.87 34.69 10.94
C SER D 549 -3.71 35.47 11.56
N THR D 550 -2.54 35.35 10.96
CA THR D 550 -1.33 36.00 11.42
C THR D 550 -0.99 37.21 10.54
N ASN D 551 -0.13 38.06 11.05
CA ASN D 551 0.33 39.22 10.29
C ASN D 551 1.19 38.76 9.11
N LEU D 552 1.20 39.58 8.06
CA LEU D 552 1.90 39.25 6.82
C LEU D 552 3.38 39.55 6.99
N VAL D 553 4.12 38.59 7.55
CA VAL D 553 5.58 38.69 7.56
C VAL D 553 6.05 38.52 6.11
N LYS D 554 6.48 39.61 5.50
CA LYS D 554 6.61 39.65 4.04
C LYS D 554 8.01 39.28 3.57
N ASN D 555 9.01 40.09 3.91
CA ASN D 555 10.35 39.94 3.33
C ASN D 555 11.24 39.07 4.21
N LYS D 556 10.76 37.89 4.57
CA LYS D 556 11.54 36.93 5.35
C LYS D 556 11.05 35.53 5.03
N CYS D 557 11.91 34.55 5.27
CA CYS D 557 11.56 33.16 5.02
C CYS D 557 10.59 32.70 6.09
N VAL D 558 9.41 32.25 5.66
CA VAL D 558 8.35 31.82 6.56
C VAL D 558 7.72 30.55 6.02
N ASN D 559 6.84 29.96 6.82
CA ASN D 559 5.90 28.96 6.35
C ASN D 559 4.52 29.58 6.36
N PHE D 560 3.78 29.42 5.26
CA PHE D 560 2.58 30.18 5.01
C PHE D 560 1.42 29.24 4.70
N ASN D 561 0.21 29.75 4.97
CA ASN D 561 -1.04 29.02 4.72
C ASN D 561 -2.09 30.05 4.33
N PHE D 562 -2.39 30.13 3.03
CA PHE D 562 -3.45 30.99 2.52
C PHE D 562 -4.64 30.13 2.13
N ASN D 563 -5.72 30.21 2.91
CA ASN D 563 -6.97 29.52 2.61
C ASN D 563 -6.71 28.03 2.35
N GLY D 564 -5.88 27.43 3.18
CA GLY D 564 -5.59 26.01 3.10
C GLY D 564 -4.42 25.66 2.20
N LEU D 565 -4.00 26.57 1.33
CA LEU D 565 -2.81 26.34 0.51
C LEU D 565 -1.58 26.62 1.36
N THR D 566 -0.82 25.57 1.68
CA THR D 566 0.29 25.66 2.59
C THR D 566 1.61 25.52 1.84
N GLY D 567 2.68 26.02 2.46
CA GLY D 567 3.99 25.89 1.89
C GLY D 567 5.02 26.64 2.72
N THR D 568 6.21 26.77 2.14
CA THR D 568 7.30 27.54 2.75
C THR D 568 7.95 28.42 1.69
N GLY D 569 8.26 29.65 2.06
CA GLY D 569 8.91 30.57 1.14
C GLY D 569 8.95 31.96 1.71
N VAL D 570 9.40 32.89 0.86
CA VAL D 570 9.45 34.31 1.19
C VAL D 570 8.51 35.04 0.24
N LEU D 571 7.66 35.90 0.80
CA LEU D 571 6.58 36.54 0.06
C LEU D 571 6.92 38.00 -0.20
N THR D 572 6.81 38.42 -1.46
CA THR D 572 7.09 39.79 -1.84
C THR D 572 6.07 40.25 -2.87
N GLU D 573 5.95 41.56 -3.03
CA GLU D 573 5.04 42.14 -4.00
C GLU D 573 5.63 42.01 -5.40
N SER D 574 4.79 42.25 -6.40
CA SER D 574 5.23 42.22 -7.80
C SER D 574 4.23 42.98 -8.65
N ASN D 575 4.68 43.33 -9.86
CA ASN D 575 3.81 43.97 -10.84
C ASN D 575 2.76 43.01 -11.41
N LYS D 576 2.88 41.71 -11.11
CA LYS D 576 1.98 40.72 -11.66
C LYS D 576 0.53 41.17 -11.53
N LYS D 577 -0.13 41.35 -12.68
CA LYS D 577 -1.55 41.66 -12.70
C LYS D 577 -2.34 40.36 -12.84
N PHE D 578 -3.19 40.10 -11.86
CA PHE D 578 -3.83 38.80 -11.71
C PHE D 578 -5.25 38.82 -12.27
N LEU D 579 -5.72 37.64 -12.63
CA LEU D 579 -7.13 37.45 -12.93
C LEU D 579 -7.96 37.91 -11.74
N PRO D 580 -8.94 38.80 -11.94
CA PRO D 580 -9.55 39.51 -10.81
C PRO D 580 -10.57 38.71 -10.02
N PHE D 581 -10.61 37.39 -10.15
CA PHE D 581 -11.73 36.61 -9.64
C PHE D 581 -11.31 35.43 -8.76
N GLN D 582 -10.14 34.84 -9.00
CA GLN D 582 -9.65 33.72 -8.21
C GLN D 582 -8.27 34.03 -7.65
N GLN D 583 -7.82 33.17 -6.72
CA GLN D 583 -6.87 33.59 -5.71
C GLN D 583 -5.42 33.53 -6.17
N PHE D 584 -4.91 32.34 -6.46
CA PHE D 584 -3.47 32.11 -6.47
C PHE D 584 -2.98 31.70 -7.86
N GLY D 585 -1.67 31.79 -8.03
CA GLY D 585 -1.00 31.51 -9.30
C GLY D 585 -0.11 30.29 -9.20
N ARG D 586 -0.08 29.51 -10.27
CA ARG D 586 0.73 28.30 -10.39
C ARG D 586 1.55 28.37 -11.68
N ASP D 587 2.17 29.52 -11.90
CA ASP D 587 2.70 29.91 -13.22
C ASP D 587 3.19 28.75 -14.07
N ILE D 588 4.25 28.07 -13.63
CA ILE D 588 4.87 27.02 -14.43
C ILE D 588 5.17 25.81 -13.55
N ALA D 589 5.11 24.63 -14.17
CA ALA D 589 5.55 23.39 -13.55
C ALA D 589 4.85 23.13 -12.22
N ASP D 590 3.57 23.47 -12.15
CA ASP D 590 2.74 23.19 -10.98
C ASP D 590 3.41 23.71 -9.71
N THR D 591 3.95 24.92 -9.79
CA THR D 591 4.61 25.57 -8.65
C THR D 591 3.87 26.86 -8.32
N THR D 592 3.51 27.02 -7.05
CA THR D 592 2.74 28.18 -6.60
C THR D 592 3.68 29.37 -6.49
N ASP D 593 3.79 30.13 -7.59
CA ASP D 593 4.69 31.27 -7.63
C ASP D 593 4.14 32.44 -6.83
N ALA D 594 2.84 32.72 -6.96
CA ALA D 594 2.25 33.89 -6.33
C ALA D 594 0.89 33.54 -5.74
N VAL D 595 0.49 34.33 -4.75
CA VAL D 595 -0.76 34.13 -4.04
C VAL D 595 -1.39 35.48 -3.70
N ARG D 596 -2.73 35.48 -3.62
CA ARG D 596 -3.49 36.62 -3.18
C ARG D 596 -3.93 36.40 -1.73
N ASP D 597 -3.78 37.42 -0.90
CA ASP D 597 -4.11 37.29 0.51
C ASP D 597 -5.62 37.31 0.70
N PRO D 598 -6.21 36.29 1.33
CA PRO D 598 -7.66 36.35 1.58
C PRO D 598 -8.09 37.54 2.43
N GLN D 599 -7.28 37.92 3.42
CA GLN D 599 -7.69 38.98 4.34
C GLN D 599 -7.83 40.32 3.62
N THR D 600 -6.80 40.71 2.87
CA THR D 600 -6.85 41.91 2.03
C THR D 600 -6.40 41.54 0.64
N LEU D 601 -6.92 42.28 -0.34
CA LEU D 601 -6.70 41.93 -1.75
C LEU D 601 -5.26 42.13 -2.21
N GLU D 602 -4.33 42.44 -1.32
CA GLU D 602 -2.93 42.54 -1.71
C GLU D 602 -2.45 41.21 -2.28
N ILE D 603 -1.60 41.29 -3.31
CA ILE D 603 -1.05 40.13 -3.98
C ILE D 603 0.44 40.08 -3.70
N LEU D 604 1.00 38.87 -3.68
CA LEU D 604 2.43 38.71 -3.40
C LEU D 604 2.92 37.48 -4.13
N ASP D 605 4.25 37.36 -4.21
CA ASP D 605 4.90 36.25 -4.89
C ASP D 605 5.42 35.23 -3.89
N ILE D 606 6.08 34.20 -4.40
CA ILE D 606 6.68 33.16 -3.58
C ILE D 606 8.02 32.80 -4.19
N THR D 607 9.10 32.99 -3.43
CA THR D 607 10.43 32.53 -3.82
C THR D 607 10.85 31.45 -2.83
N PRO D 608 11.03 30.21 -3.24
CA PRO D 608 11.37 29.15 -2.28
C PRO D 608 12.55 29.55 -1.40
N CYS D 609 12.58 29.00 -0.19
CA CYS D 609 13.60 29.36 0.77
C CYS D 609 14.99 29.19 0.17
N SER D 610 15.83 30.21 0.31
CA SER D 610 17.17 30.14 -0.22
C SER D 610 17.88 28.92 0.36
N PHE D 611 18.49 28.13 -0.52
CA PHE D 611 19.09 26.86 -0.11
C PHE D 611 20.19 26.51 -1.10
N GLY D 612 20.85 25.40 -0.85
CA GLY D 612 21.84 24.89 -1.78
C GLY D 612 22.83 23.99 -1.08
N GLY D 613 23.63 23.31 -1.89
CA GLY D 613 24.69 22.50 -1.35
C GLY D 613 25.74 23.35 -0.65
N VAL D 614 26.50 22.71 0.24
CA VAL D 614 27.58 23.36 0.96
C VAL D 614 28.83 22.54 0.71
N SER D 615 29.58 22.91 -0.32
CA SER D 615 30.83 22.23 -0.59
C SER D 615 31.89 22.70 0.38
N VAL D 616 32.96 21.91 0.49
CA VAL D 616 34.06 22.24 1.39
C VAL D 616 35.37 21.98 0.67
N ILE D 617 36.27 22.96 0.70
CA ILE D 617 37.55 22.91 0.03
C ILE D 617 38.60 22.59 1.07
N THR D 618 39.36 21.53 0.85
CA THR D 618 40.37 21.10 1.80
C THR D 618 41.61 20.62 1.08
N PRO D 619 42.77 21.26 1.27
CA PRO D 619 44.02 20.63 0.86
C PRO D 619 44.20 19.34 1.64
N GLY D 620 44.87 18.38 1.01
CA GLY D 620 44.99 17.04 1.57
C GLY D 620 45.28 17.05 3.05
N THR D 621 44.77 16.05 3.77
CA THR D 621 44.94 16.02 5.22
C THR D 621 46.40 16.18 5.61
N ASN D 622 47.30 15.58 4.82
CA ASN D 622 48.73 15.74 5.07
C ASN D 622 49.11 17.21 5.17
N THR D 623 48.65 18.02 4.21
CA THR D 623 49.12 19.40 4.11
C THR D 623 48.75 20.20 5.35
N SER D 624 47.49 20.10 5.79
CA SER D 624 47.04 20.90 6.93
C SER D 624 45.61 20.56 7.33
N ASN D 625 45.13 21.20 8.39
CA ASN D 625 43.75 21.07 8.83
C ASN D 625 42.88 22.22 8.33
N GLN D 626 43.47 23.35 7.97
CA GLN D 626 42.68 24.50 7.52
C GLN D 626 41.83 24.13 6.33
N VAL D 627 40.61 24.67 6.28
CA VAL D 627 39.62 24.28 5.31
C VAL D 627 38.68 25.46 5.08
N ALA D 628 38.27 25.65 3.83
CA ALA D 628 37.43 26.79 3.45
C ALA D 628 36.10 26.27 2.91
N VAL D 629 35.01 26.68 3.52
CA VAL D 629 33.70 26.21 3.14
C VAL D 629 33.12 27.12 2.07
N LEU D 630 32.46 26.53 1.08
CA LEU D 630 31.83 27.24 -0.02
C LEU D 630 30.34 26.90 -0.01
N TYR D 631 29.50 27.92 -0.12
CA TYR D 631 28.06 27.72 -0.17
C TYR D 631 27.60 27.93 -1.61
N GLN D 632 26.88 26.95 -2.14
CA GLN D 632 26.72 26.82 -3.59
C GLN D 632 26.04 28.03 -4.23
N ASP D 633 24.77 28.27 -3.91
CA ASP D 633 23.94 29.22 -4.66
C ASP D 633 23.26 30.18 -3.69
N VAL D 634 24.03 30.74 -2.77
CA VAL D 634 23.48 31.62 -1.75
C VAL D 634 24.32 32.89 -1.67
N ASN D 635 23.70 33.93 -1.11
CA ASN D 635 24.37 35.21 -0.92
C ASN D 635 25.05 35.25 0.45
N CYS D 636 26.04 36.13 0.56
CA CYS D 636 26.82 36.24 1.78
C CYS D 636 26.00 36.76 2.96
N THR D 637 24.80 37.31 2.71
CA THR D 637 24.01 37.89 3.78
C THR D 637 23.45 36.82 4.71
N GLU D 638 22.88 35.75 4.15
CA GLU D 638 22.18 34.74 4.92
C GLU D 638 23.07 33.57 5.32
N VAL D 639 24.37 33.65 5.08
CA VAL D 639 25.26 32.51 5.34
C VAL D 639 25.19 32.06 6.79
N PRO D 640 25.17 32.93 7.80
CA PRO D 640 25.33 32.44 9.18
C PRO D 640 24.20 31.53 9.64
N VAL D 641 23.03 31.58 8.99
CA VAL D 641 21.89 30.81 9.46
C VAL D 641 22.20 29.32 9.46
N ALA D 642 23.08 28.87 8.57
CA ALA D 642 23.43 27.45 8.49
C ALA D 642 23.94 26.95 9.83
N THR D 649 31.41 22.32 17.55
CA THR D 649 30.32 23.27 17.39
C THR D 649 30.83 24.71 17.26
N PRO D 650 31.62 25.20 18.22
CA PRO D 650 32.11 26.58 18.10
C PRO D 650 32.91 26.83 16.84
N THR D 651 33.72 25.86 16.42
CA THR D 651 34.46 26.02 15.17
C THR D 651 33.51 26.08 13.97
N TRP D 652 32.48 25.24 13.97
CA TRP D 652 31.49 25.29 12.90
C TRP D 652 30.76 26.63 12.90
N ARG D 653 30.45 27.16 14.09
CA ARG D 653 29.84 28.48 14.17
C ARG D 653 30.76 29.54 13.59
N VAL D 654 32.06 29.47 13.90
CA VAL D 654 33.02 30.42 13.36
C VAL D 654 33.04 30.35 11.84
N TYR D 655 33.12 29.12 11.31
CA TYR D 655 33.17 28.95 9.86
C TYR D 655 31.90 29.47 9.19
N SER D 656 30.74 29.24 9.80
CA SER D 656 29.49 29.76 9.24
C SER D 656 29.50 31.29 9.25
N THR D 657 29.85 31.88 10.39
CA THR D 657 29.93 33.34 10.46
C THR D 657 30.98 33.87 9.50
N GLY D 658 32.25 33.53 9.75
CA GLY D 658 33.31 33.83 8.82
C GLY D 658 34.08 35.10 9.12
N SER D 659 35.30 34.96 9.63
CA SER D 659 36.18 36.12 9.72
C SER D 659 36.64 36.60 8.35
N ASN D 660 36.63 35.72 7.35
CA ASN D 660 36.93 36.07 5.97
C ASN D 660 35.82 35.54 5.09
N VAL D 661 35.14 36.45 4.38
CA VAL D 661 34.01 36.10 3.53
C VAL D 661 34.31 36.59 2.12
N PHE D 662 34.04 35.74 1.13
CA PHE D 662 34.24 36.09 -0.27
C PHE D 662 32.99 35.71 -1.05
N GLN D 663 32.59 36.55 -1.99
CA GLN D 663 31.40 36.32 -2.79
C GLN D 663 31.80 36.06 -4.24
N THR D 664 31.31 34.95 -4.79
CA THR D 664 31.62 34.55 -6.15
C THR D 664 30.34 34.12 -6.84
N ARG D 665 30.45 33.81 -8.13
CA ARG D 665 29.28 33.34 -8.86
C ARG D 665 28.74 32.05 -8.25
N ALA D 666 29.63 31.14 -7.87
CA ALA D 666 29.21 29.91 -7.22
C ALA D 666 28.97 30.14 -5.74
N GLY D 667 28.13 31.13 -5.42
CA GLY D 667 27.81 31.44 -4.04
C GLY D 667 29.00 31.87 -3.23
N CYS D 668 28.77 32.22 -1.97
CA CYS D 668 29.81 32.75 -1.11
C CYS D 668 30.59 31.62 -0.44
N LEU D 669 31.86 31.90 -0.15
CA LEU D 669 32.73 30.95 0.54
C LEU D 669 33.45 31.65 1.68
N ILE D 670 33.80 30.86 2.69
CA ILE D 670 34.45 31.34 3.90
C ILE D 670 35.76 30.57 4.09
N GLY D 671 36.72 31.24 4.73
CA GLY D 671 38.00 30.63 5.01
C GLY D 671 39.02 30.74 3.91
N ALA D 672 38.70 31.37 2.79
CA ALA D 672 39.62 31.55 1.68
C ALA D 672 39.91 33.03 1.50
N GLU D 673 41.19 33.39 1.48
CA GLU D 673 41.60 34.76 1.26
C GLU D 673 41.58 35.08 -0.22
N HIS D 674 40.91 36.18 -0.59
CA HIS D 674 40.78 36.58 -1.99
C HIS D 674 41.90 37.53 -2.36
N VAL D 675 42.57 37.25 -3.46
CA VAL D 675 43.73 38.02 -3.90
C VAL D 675 43.44 38.58 -5.28
N ASN D 676 44.27 39.55 -5.67
CA ASN D 676 44.24 40.11 -7.02
C ASN D 676 45.28 39.47 -7.92
N ASN D 677 46.01 38.48 -7.45
CA ASN D 677 46.95 37.74 -8.27
C ASN D 677 46.17 36.69 -9.08
N SER D 678 46.89 35.77 -9.71
CA SER D 678 46.25 34.71 -10.48
C SER D 678 47.26 33.59 -10.71
N TYR D 679 46.84 32.36 -10.48
CA TYR D 679 47.67 31.18 -10.66
C TYR D 679 46.91 30.15 -11.47
N GLU D 680 47.57 29.02 -11.74
CA GLU D 680 46.90 27.93 -12.44
C GLU D 680 45.90 27.25 -11.52
N CYS D 681 44.88 26.65 -12.14
CA CYS D 681 43.82 26.01 -11.35
C CYS D 681 44.39 24.92 -10.46
N ASP D 682 44.03 24.98 -9.18
CA ASP D 682 44.38 23.94 -8.22
C ASP D 682 43.15 23.23 -7.67
N ILE D 683 42.21 23.98 -7.09
CA ILE D 683 40.95 23.40 -6.63
C ILE D 683 39.82 24.08 -7.40
N PRO D 684 39.13 23.40 -8.30
CA PRO D 684 38.15 24.08 -9.15
C PRO D 684 36.95 24.56 -8.35
N ILE D 685 36.61 25.83 -8.53
CA ILE D 685 35.37 26.41 -8.04
C ILE D 685 34.70 27.10 -9.22
N GLY D 686 33.37 27.21 -9.17
CA GLY D 686 32.63 27.62 -10.34
C GLY D 686 32.99 29.03 -10.79
N ALA D 687 32.82 29.26 -12.09
CA ALA D 687 32.93 30.58 -12.69
C ALA D 687 34.35 31.15 -12.57
N GLY D 688 35.33 30.36 -12.98
CA GLY D 688 36.68 30.86 -13.10
C GLY D 688 37.33 31.29 -11.81
N ILE D 689 36.87 30.78 -10.67
CA ILE D 689 37.53 30.98 -9.39
C ILE D 689 38.14 29.64 -8.98
N CYS D 690 39.39 29.68 -8.56
CA CYS D 690 40.12 28.49 -8.15
C CYS D 690 40.75 28.72 -6.79
N ALA D 691 40.62 27.75 -5.91
CA ALA D 691 41.19 27.81 -4.57
C ALA D 691 42.41 26.92 -4.48
N SER D 692 43.27 27.21 -3.50
CA SER D 692 44.48 26.44 -3.28
C SER D 692 45.02 26.81 -1.90
N TYR D 693 46.19 26.26 -1.59
CA TYR D 693 46.87 26.53 -0.33
C TYR D 693 48.15 27.31 -0.63
N GLN D 694 48.31 28.46 0.03
CA GLN D 694 49.48 29.29 -0.19
C GLN D 694 50.73 28.49 0.12
N GLN D 709 50.30 29.04 3.95
CA GLN D 709 49.89 28.81 5.33
C GLN D 709 48.42 29.17 5.53
N SER D 710 47.72 29.46 4.44
CA SER D 710 46.30 29.74 4.48
C SER D 710 45.69 29.42 3.13
N ILE D 711 44.36 29.30 3.10
CA ILE D 711 43.65 29.00 1.87
C ILE D 711 43.45 30.28 1.09
N ILE D 712 43.72 30.22 -0.22
CA ILE D 712 43.68 31.37 -1.10
C ILE D 712 42.75 31.05 -2.27
N ALA D 713 41.77 31.90 -2.49
CA ALA D 713 40.84 31.77 -3.62
C ALA D 713 41.09 32.92 -4.57
N TYR D 714 41.40 32.59 -5.83
CA TYR D 714 41.82 33.56 -6.83
C TYR D 714 41.02 33.32 -8.10
N THR D 715 41.34 34.10 -9.14
CA THR D 715 40.74 33.93 -10.46
C THR D 715 41.70 33.11 -11.30
N MET D 716 41.22 31.97 -11.81
CA MET D 716 42.05 31.07 -12.58
C MET D 716 42.81 31.82 -13.67
N SER D 717 44.01 31.35 -13.96
CA SER D 717 44.88 31.94 -14.97
C SER D 717 44.94 31.03 -16.19
N LEU D 718 44.93 31.63 -17.37
CA LEU D 718 44.88 30.86 -18.61
C LEU D 718 46.27 30.40 -19.03
N GLY D 719 47.22 31.31 -19.10
CA GLY D 719 48.57 30.94 -19.50
C GLY D 719 49.47 32.16 -19.47
N ALA D 720 50.75 31.90 -19.69
CA ALA D 720 51.77 32.95 -19.67
C ALA D 720 51.60 33.80 -20.92
N GLU D 721 50.97 34.96 -20.76
CA GLU D 721 50.72 35.86 -21.88
C GLU D 721 52.02 36.19 -22.59
N ASN D 722 52.14 35.74 -23.84
CA ASN D 722 53.31 36.03 -24.66
C ASN D 722 52.87 36.19 -26.10
N SER D 723 53.35 37.25 -26.74
CA SER D 723 52.97 37.58 -28.11
C SER D 723 54.05 37.12 -29.06
N VAL D 724 53.66 36.42 -30.13
CA VAL D 724 54.62 36.03 -31.16
C VAL D 724 55.03 37.28 -31.93
N ALA D 725 56.34 37.45 -32.11
CA ALA D 725 56.84 38.64 -32.78
C ALA D 725 56.55 38.57 -34.27
N TYR D 726 55.27 38.64 -34.64
CA TYR D 726 54.90 38.53 -36.03
C TYR D 726 55.52 39.67 -36.83
N SER D 727 55.95 39.36 -38.05
CA SER D 727 56.50 40.36 -38.94
C SER D 727 56.19 39.96 -40.37
N ASN D 728 56.05 40.97 -41.23
CA ASN D 728 55.61 40.76 -42.59
C ASN D 728 56.63 39.95 -43.39
N ASN D 729 57.91 40.04 -43.05
CA ASN D 729 58.97 39.39 -43.82
C ASN D 729 60.02 38.78 -42.90
N SER D 730 59.59 38.05 -41.86
CA SER D 730 60.54 37.40 -40.96
C SER D 730 60.01 36.03 -40.58
N ILE D 731 60.92 35.04 -40.55
CA ILE D 731 60.59 33.68 -40.16
C ILE D 731 61.57 33.23 -39.09
N ALA D 732 61.06 32.58 -38.06
CA ALA D 732 61.89 32.01 -37.00
C ALA D 732 61.89 30.50 -37.14
N ILE D 733 63.06 29.92 -37.29
CA ILE D 733 63.19 28.48 -37.46
C ILE D 733 64.17 27.92 -36.45
N PRO D 734 64.04 26.66 -36.05
CA PRO D 734 64.89 26.12 -34.98
C PRO D 734 66.32 25.91 -35.44
N THR D 735 67.23 25.95 -34.47
CA THR D 735 68.59 25.50 -34.67
C THR D 735 68.91 24.26 -33.85
N ASN D 736 68.00 23.82 -32.98
CA ASN D 736 68.26 22.66 -32.14
C ASN D 736 66.95 21.94 -31.87
N PHE D 737 67.06 20.75 -31.30
CA PHE D 737 65.89 19.94 -30.99
C PHE D 737 66.08 19.27 -29.64
N THR D 738 64.97 18.80 -29.09
CA THR D 738 64.99 17.97 -27.89
C THR D 738 64.02 16.82 -28.09
N ILE D 739 64.46 15.61 -27.78
CA ILE D 739 63.64 14.42 -27.91
C ILE D 739 63.05 14.13 -26.55
N SER D 740 61.73 14.26 -26.42
CA SER D 740 61.03 14.14 -25.15
C SER D 740 60.04 12.98 -25.25
N VAL D 741 60.05 12.11 -24.24
CA VAL D 741 59.10 11.01 -24.16
C VAL D 741 58.09 11.35 -23.08
N THR D 742 56.81 11.32 -23.44
CA THR D 742 55.73 11.64 -22.54
C THR D 742 54.83 10.43 -22.36
N THR D 743 54.44 10.18 -21.12
CA THR D 743 53.55 9.07 -20.82
C THR D 743 52.10 9.44 -21.08
N GLU D 744 51.34 8.46 -21.54
CA GLU D 744 49.89 8.60 -21.67
C GLU D 744 49.25 7.31 -21.17
N ILE D 745 48.37 7.43 -20.18
CA ILE D 745 47.70 6.29 -19.57
C ILE D 745 46.36 6.12 -20.23
N LEU D 746 45.94 4.87 -20.41
CA LEU D 746 44.62 4.59 -20.96
C LEU D 746 44.05 3.33 -20.32
N PRO D 747 42.94 3.41 -19.60
CA PRO D 747 42.32 2.20 -19.05
C PRO D 747 41.61 1.42 -20.14
N VAL D 748 41.98 0.15 -20.30
CA VAL D 748 41.46 -0.68 -21.38
C VAL D 748 40.46 -1.72 -20.91
N SER D 749 40.33 -1.93 -19.61
CA SER D 749 39.41 -2.96 -19.12
C SER D 749 39.18 -2.72 -17.63
N MET D 750 38.24 -3.48 -17.08
CA MET D 750 37.91 -3.41 -15.66
C MET D 750 37.61 -4.82 -15.17
N THR D 751 37.39 -4.94 -13.86
CA THR D 751 37.16 -6.26 -13.27
C THR D 751 35.90 -6.89 -13.85
N LYS D 752 35.96 -8.19 -14.09
CA LYS D 752 34.83 -8.95 -14.62
C LYS D 752 34.00 -9.46 -13.44
N THR D 753 33.19 -8.57 -12.89
CA THR D 753 32.31 -8.93 -11.78
C THR D 753 31.03 -9.57 -12.31
N SER D 754 30.51 -10.51 -11.53
CA SER D 754 29.24 -11.14 -11.84
C SER D 754 28.53 -11.43 -10.54
N VAL D 755 27.21 -11.29 -10.55
CA VAL D 755 26.37 -11.54 -9.38
C VAL D 755 25.15 -12.32 -9.84
N ASP D 756 24.85 -13.41 -9.15
CA ASP D 756 23.66 -14.21 -9.46
C ASP D 756 22.46 -13.56 -8.78
N CYS D 757 21.54 -13.03 -9.58
CA CYS D 757 20.39 -12.31 -9.03
C CYS D 757 19.67 -13.14 -7.97
N THR D 758 19.54 -14.44 -8.20
CA THR D 758 18.77 -15.27 -7.28
C THR D 758 19.36 -15.23 -5.87
N MET D 759 20.67 -15.40 -5.75
CA MET D 759 21.28 -15.39 -4.43
C MET D 759 21.25 -14.02 -3.80
N TYR D 760 21.58 -12.98 -4.58
CA TYR D 760 21.62 -11.64 -4.01
C TYR D 760 20.25 -11.22 -3.49
N ILE D 761 19.20 -11.52 -4.24
CA ILE D 761 17.86 -11.10 -3.85
C ILE D 761 17.30 -11.99 -2.76
N CYS D 762 17.31 -13.30 -2.98
CA CYS D 762 16.66 -14.23 -2.07
C CYS D 762 17.59 -14.76 -0.99
N GLY D 763 18.90 -14.82 -1.25
CA GLY D 763 19.81 -15.35 -0.26
C GLY D 763 19.58 -16.83 0.01
N ASP D 764 19.44 -17.62 -1.04
CA ASP D 764 19.30 -19.08 -0.99
C ASP D 764 18.10 -19.51 -0.15
N SER D 765 17.09 -18.66 -0.02
CA SER D 765 15.84 -18.99 0.67
C SER D 765 14.85 -19.48 -0.37
N THR D 766 14.73 -20.80 -0.51
CA THR D 766 13.83 -21.36 -1.52
C THR D 766 12.42 -20.82 -1.38
N GLU D 767 11.94 -20.69 -0.14
CA GLU D 767 10.63 -20.10 0.09
C GLU D 767 10.58 -18.64 -0.36
N CYS D 768 11.73 -18.01 -0.58
CA CYS D 768 11.79 -16.68 -1.18
C CYS D 768 12.10 -16.72 -2.66
N SER D 769 12.87 -17.71 -3.12
CA SER D 769 13.09 -17.86 -4.55
C SER D 769 11.79 -18.15 -5.28
N ASN D 770 10.90 -18.93 -4.66
CA ASN D 770 9.61 -19.21 -5.27
C ASN D 770 8.85 -17.92 -5.53
N LEU D 771 8.89 -16.98 -4.58
CA LEU D 771 8.23 -15.70 -4.79
C LEU D 771 8.96 -14.87 -5.85
N LEU D 772 10.29 -14.81 -5.75
CA LEU D 772 11.06 -14.04 -6.73
C LEU D 772 10.76 -14.52 -8.15
N LEU D 773 10.43 -15.80 -8.31
CA LEU D 773 10.11 -16.33 -9.63
C LEU D 773 8.91 -15.64 -10.25
N GLN D 774 8.09 -14.95 -9.45
CA GLN D 774 6.90 -14.29 -9.97
C GLN D 774 7.20 -12.96 -10.65
N TYR D 775 8.43 -12.46 -10.53
CA TYR D 775 8.79 -11.17 -11.14
C TYR D 775 9.24 -11.30 -12.57
N GLY D 776 9.27 -12.50 -13.13
CA GLY D 776 9.60 -12.68 -14.52
C GLY D 776 11.04 -13.07 -14.76
N SER D 777 11.61 -12.59 -15.86
CA SER D 777 12.97 -12.95 -16.27
C SER D 777 13.99 -11.88 -15.90
N PHE D 778 13.75 -11.16 -14.80
CA PHE D 778 14.69 -10.11 -14.40
C PHE D 778 16.05 -10.70 -14.04
N CYS D 779 16.06 -11.81 -13.30
CA CYS D 779 17.32 -12.44 -12.92
C CYS D 779 18.13 -12.82 -14.16
N THR D 780 17.49 -13.47 -15.13
CA THR D 780 18.19 -13.89 -16.33
C THR D 780 18.70 -12.69 -17.10
N GLN D 781 17.90 -11.62 -17.19
CA GLN D 781 18.31 -10.44 -17.94
C GLN D 781 19.53 -9.79 -17.30
N LEU D 782 19.51 -9.64 -15.97
CA LEU D 782 20.65 -9.04 -15.29
C LEU D 782 21.91 -9.88 -15.44
N ASN D 783 21.76 -11.20 -15.28
CA ASN D 783 22.91 -12.08 -15.44
C ASN D 783 23.47 -12.00 -16.85
N ARG D 784 22.59 -11.92 -17.85
CA ARG D 784 23.03 -11.79 -19.22
C ARG D 784 23.80 -10.49 -19.43
N ALA D 785 23.29 -9.38 -18.88
CA ALA D 785 23.98 -8.11 -19.04
C ALA D 785 25.38 -8.16 -18.43
N LEU D 786 25.47 -8.69 -17.21
CA LEU D 786 26.77 -8.74 -16.56
C LEU D 786 27.73 -9.67 -17.29
N THR D 787 27.23 -10.80 -17.80
CA THR D 787 28.10 -11.69 -18.57
C THR D 787 28.57 -11.01 -19.86
N GLY D 788 27.69 -10.24 -20.50
CA GLY D 788 28.11 -9.51 -21.68
C GLY D 788 29.24 -8.54 -21.38
N ILE D 789 29.10 -7.78 -20.30
CA ILE D 789 30.18 -6.87 -19.91
C ILE D 789 31.46 -7.66 -19.62
N ALA D 790 31.33 -8.80 -18.96
CA ALA D 790 32.50 -9.58 -18.60
C ALA D 790 33.26 -10.05 -19.84
N VAL D 791 32.55 -10.56 -20.83
CA VAL D 791 33.23 -10.98 -22.06
C VAL D 791 33.77 -9.77 -22.81
N GLU D 792 33.07 -8.64 -22.75
CA GLU D 792 33.54 -7.45 -23.45
C GLU D 792 34.87 -6.97 -22.88
N GLN D 793 35.10 -7.14 -21.58
CA GLN D 793 36.39 -6.73 -21.03
C GLN D 793 37.53 -7.50 -21.67
N ASP D 794 37.37 -8.82 -21.81
CA ASP D 794 38.40 -9.63 -22.44
C ASP D 794 38.55 -9.27 -23.91
N LYS D 795 37.43 -8.95 -24.58
CA LYS D 795 37.53 -8.47 -25.95
C LYS D 795 38.35 -7.19 -26.03
N ASN D 796 38.13 -6.28 -25.08
CA ASN D 796 38.90 -5.04 -25.06
C ASN D 796 40.38 -5.32 -24.95
N THR D 797 40.77 -6.16 -23.99
CA THR D 797 42.19 -6.47 -23.82
C THR D 797 42.76 -7.10 -25.09
N GLN D 798 42.02 -8.04 -25.68
CA GLN D 798 42.50 -8.71 -26.89
C GLN D 798 42.72 -7.71 -28.02
N GLU D 799 41.75 -6.82 -28.25
CA GLU D 799 41.89 -5.85 -29.33
C GLU D 799 43.06 -4.90 -29.07
N VAL D 800 43.22 -4.45 -27.83
CA VAL D 800 44.26 -3.45 -27.56
C VAL D 800 45.64 -4.05 -27.69
N PHE D 801 45.86 -5.24 -27.14
CA PHE D 801 47.23 -5.75 -27.02
C PHE D 801 47.62 -6.71 -28.13
N ALA D 802 46.77 -7.68 -28.46
CA ALA D 802 47.13 -8.72 -29.43
C ALA D 802 47.05 -8.18 -30.86
N GLN D 803 47.90 -7.19 -31.13
CA GLN D 803 48.00 -6.62 -32.47
C GLN D 803 48.94 -7.39 -33.38
N VAL D 804 49.74 -8.31 -32.84
CA VAL D 804 50.80 -8.98 -33.59
C VAL D 804 50.45 -10.46 -33.68
N LYS D 805 50.49 -11.00 -34.89
CA LYS D 805 50.21 -12.42 -35.08
C LYS D 805 51.29 -13.29 -34.45
N GLN D 806 52.51 -12.77 -34.31
CA GLN D 806 53.62 -13.51 -33.75
C GLN D 806 54.36 -12.63 -32.76
N ILE D 807 55.03 -13.27 -31.81
CA ILE D 807 55.79 -12.57 -30.77
C ILE D 807 57.27 -12.61 -31.15
N TYR D 808 57.92 -11.46 -31.06
CA TYR D 808 59.32 -11.32 -31.40
C TYR D 808 60.19 -11.29 -30.14
N LYS D 809 61.45 -11.64 -30.31
CA LYS D 809 62.43 -11.63 -29.23
C LYS D 809 63.54 -10.66 -29.59
N THR D 810 63.80 -9.70 -28.71
CA THR D 810 64.85 -8.74 -28.97
C THR D 810 66.20 -9.45 -29.00
N PRO D 811 67.14 -9.01 -29.85
CA PRO D 811 68.39 -9.73 -29.97
C PRO D 811 69.16 -9.71 -28.66
N PRO D 812 69.95 -10.76 -28.39
CA PRO D 812 70.73 -10.75 -27.14
C PRO D 812 71.65 -9.54 -27.02
N ILE D 813 72.49 -9.31 -28.03
CA ILE D 813 73.33 -8.11 -28.01
C ILE D 813 72.43 -6.89 -28.08
N LYS D 814 72.79 -5.87 -27.29
CA LYS D 814 71.98 -4.66 -27.13
C LYS D 814 72.67 -3.44 -27.72
N ASP D 815 73.27 -3.59 -28.90
CA ASP D 815 73.90 -2.47 -29.60
C ASP D 815 72.88 -1.88 -30.56
N PHE D 816 72.08 -0.94 -30.05
CA PHE D 816 71.09 -0.23 -30.86
C PHE D 816 71.59 1.14 -31.30
N GLY D 817 72.90 1.28 -31.53
CA GLY D 817 73.44 2.54 -31.98
C GLY D 817 73.53 3.61 -30.91
N GLY D 818 73.54 3.22 -29.65
CA GLY D 818 73.61 4.15 -28.54
C GLY D 818 72.31 4.36 -27.80
N PHE D 819 71.18 4.05 -28.43
CA PHE D 819 69.90 4.11 -27.73
C PHE D 819 69.83 2.99 -26.71
N ASN D 820 69.30 3.31 -25.53
CA ASN D 820 69.33 2.42 -24.38
C ASN D 820 67.89 2.13 -23.95
N PHE D 821 67.41 0.93 -24.28
CA PHE D 821 66.03 0.55 -24.02
C PHE D 821 65.89 -0.27 -22.75
N SER D 822 66.96 -0.44 -21.97
CA SER D 822 66.91 -1.29 -20.79
C SER D 822 65.75 -0.92 -19.87
N GLN D 823 65.22 0.29 -19.97
CA GLN D 823 64.18 0.75 -19.06
C GLN D 823 62.78 0.40 -19.53
N ILE D 824 62.62 -0.18 -20.72
CA ILE D 824 61.29 -0.52 -21.22
C ILE D 824 61.24 -2.00 -21.58
N LEU D 825 62.37 -2.58 -21.94
CA LEU D 825 62.40 -3.97 -22.34
C LEU D 825 62.30 -4.88 -21.11
N PRO D 826 61.79 -6.09 -21.28
CA PRO D 826 61.65 -6.98 -20.12
C PRO D 826 62.99 -7.26 -19.46
N ASP D 827 62.97 -7.35 -18.13
CA ASP D 827 64.18 -7.60 -17.37
C ASP D 827 64.20 -9.06 -16.94
N PRO D 828 65.11 -9.89 -17.45
CA PRO D 828 65.15 -11.29 -17.00
C PRO D 828 65.59 -11.46 -15.56
N SER D 829 66.05 -10.41 -14.90
CA SER D 829 66.60 -10.50 -13.56
C SER D 829 65.54 -10.60 -12.47
N LYS D 830 64.29 -10.84 -12.82
CA LYS D 830 63.21 -10.97 -11.86
C LYS D 830 62.36 -12.18 -12.21
N PRO D 831 61.66 -12.76 -11.23
CA PRO D 831 60.81 -13.91 -11.53
C PRO D 831 59.74 -13.60 -12.56
N SER D 832 59.19 -12.39 -12.55
CA SER D 832 58.23 -11.95 -13.55
C SER D 832 58.96 -11.29 -14.71
N LYS D 833 58.45 -11.51 -15.91
CA LYS D 833 59.09 -10.99 -17.13
C LYS D 833 58.60 -9.59 -17.46
N ARG D 834 58.72 -8.68 -16.50
CA ARG D 834 58.34 -7.29 -16.69
C ARG D 834 59.59 -6.43 -16.90
N SER D 835 59.35 -5.16 -17.20
CA SER D 835 60.39 -4.16 -17.32
C SER D 835 60.38 -3.25 -16.10
N PRO D 836 61.49 -2.57 -15.81
CA PRO D 836 61.51 -1.70 -14.63
C PRO D 836 60.38 -0.68 -14.63
N ILE D 837 60.10 -0.06 -15.76
CA ILE D 837 58.96 0.86 -15.83
C ILE D 837 57.67 0.09 -15.60
N GLU D 838 57.53 -1.08 -16.21
CA GLU D 838 56.33 -1.89 -16.00
C GLU D 838 56.18 -2.30 -14.55
N ASP D 839 57.28 -2.69 -13.91
CA ASP D 839 57.21 -3.11 -12.51
C ASP D 839 56.77 -1.94 -11.63
N LEU D 840 57.42 -0.79 -11.79
CA LEU D 840 57.04 0.38 -11.00
C LEU D 840 55.59 0.75 -11.26
N LEU D 841 55.16 0.65 -12.52
CA LEU D 841 53.78 0.99 -12.87
C LEU D 841 52.79 0.05 -12.20
N PHE D 842 53.10 -1.25 -12.19
CA PHE D 842 52.18 -2.23 -11.63
C PHE D 842 52.10 -2.11 -10.11
N ASN D 843 53.24 -1.86 -9.46
CA ASN D 843 53.24 -1.77 -8.00
C ASN D 843 52.58 -0.49 -7.49
N LYS D 844 52.27 0.45 -8.37
CA LYS D 844 51.71 1.73 -7.96
C LYS D 844 50.19 1.77 -8.07
N VAL D 845 49.55 0.66 -8.41
CA VAL D 845 48.09 0.57 -8.47
C VAL D 845 47.66 -0.60 -7.61
N THR D 846 46.73 -0.35 -6.70
CA THR D 846 46.26 -1.37 -5.76
C THR D 846 44.74 -1.32 -5.66
N LEU D 847 44.16 -2.46 -5.32
CA LEU D 847 42.71 -2.56 -5.18
C LEU D 847 42.21 -1.66 -4.05
N ALA D 871 40.72 -10.32 -2.35
CA ALA D 871 40.57 -11.35 -1.33
C ALA D 871 39.19 -11.30 -0.71
N GLN D 872 38.56 -10.13 -0.73
CA GLN D 872 37.23 -9.97 -0.16
C GLN D 872 36.23 -10.84 -0.89
N LYS D 873 35.39 -11.54 -0.13
CA LYS D 873 34.33 -12.36 -0.68
C LYS D 873 33.03 -12.08 0.06
N PHE D 874 31.92 -12.15 -0.68
CA PHE D 874 30.61 -11.83 -0.14
C PHE D 874 29.61 -12.85 -0.67
N ASN D 875 28.32 -12.55 -0.50
CA ASN D 875 27.25 -13.45 -0.94
C ASN D 875 26.83 -13.07 -2.35
N GLY D 876 27.08 -13.96 -3.30
CA GLY D 876 26.70 -13.75 -4.68
C GLY D 876 27.77 -13.08 -5.53
N LEU D 877 28.31 -11.96 -5.06
CA LEU D 877 29.32 -11.23 -5.82
C LEU D 877 30.53 -12.12 -6.07
N THR D 878 31.02 -12.13 -7.30
CA THR D 878 32.24 -12.85 -7.64
C THR D 878 32.95 -12.11 -8.75
N VAL D 879 34.24 -12.39 -8.90
CA VAL D 879 35.08 -11.78 -9.92
C VAL D 879 35.77 -12.89 -10.69
N LEU D 880 35.66 -12.83 -12.03
CA LEU D 880 36.30 -13.83 -12.86
C LEU D 880 37.70 -13.36 -13.28
N PRO D 881 38.67 -14.27 -13.40
CA PRO D 881 40.00 -13.83 -13.83
C PRO D 881 39.96 -13.39 -15.28
N PRO D 882 40.80 -12.44 -15.68
CA PRO D 882 40.85 -12.03 -17.08
C PRO D 882 41.39 -13.16 -17.94
N LEU D 883 40.99 -13.15 -19.21
CA LEU D 883 41.43 -14.19 -20.13
C LEU D 883 42.94 -14.18 -20.26
N LEU D 884 43.52 -13.01 -20.53
CA LEU D 884 44.96 -12.86 -20.72
C LEU D 884 45.57 -12.46 -19.39
N THR D 885 46.28 -13.38 -18.74
CA THR D 885 46.89 -13.09 -17.47
C THR D 885 47.98 -12.01 -17.64
N ASP D 886 48.30 -11.36 -16.53
CA ASP D 886 49.26 -10.25 -16.58
C ASP D 886 50.56 -10.68 -17.26
N GLU D 887 50.99 -11.92 -17.05
CA GLU D 887 52.19 -12.40 -17.74
C GLU D 887 51.99 -12.40 -19.24
N MET D 888 50.81 -12.81 -19.71
CA MET D 888 50.58 -12.86 -21.15
C MET D 888 50.47 -11.47 -21.75
N ILE D 889 49.85 -10.53 -21.02
CA ILE D 889 49.82 -9.15 -21.50
C ILE D 889 51.23 -8.59 -21.56
N ALA D 890 52.06 -8.91 -20.56
CA ALA D 890 53.45 -8.47 -20.59
C ALA D 890 54.18 -9.07 -21.78
N GLN D 891 53.89 -10.33 -22.10
CA GLN D 891 54.53 -10.96 -23.25
C GLN D 891 54.12 -10.27 -24.55
N TYR D 892 52.83 -9.92 -24.68
CA TYR D 892 52.39 -9.19 -25.86
C TYR D 892 53.08 -7.84 -25.96
N THR D 893 53.18 -7.14 -24.83
CA THR D 893 53.85 -5.84 -24.83
C THR D 893 55.31 -5.99 -25.23
N SER D 894 55.99 -7.01 -24.70
CA SER D 894 57.38 -7.25 -25.07
C SER D 894 57.50 -7.58 -26.55
N ALA D 895 56.55 -8.33 -27.09
CA ALA D 895 56.57 -8.62 -28.52
C ALA D 895 56.47 -7.35 -29.35
N LEU D 896 55.50 -6.49 -29.03
CA LEU D 896 55.34 -5.25 -29.77
C LEU D 896 56.60 -4.38 -29.63
N LEU D 897 57.15 -4.34 -28.42
CA LEU D 897 58.29 -3.47 -28.15
C LEU D 897 59.54 -3.95 -28.90
N ALA D 898 59.82 -5.25 -28.86
CA ALA D 898 60.94 -5.79 -29.62
C ALA D 898 60.74 -5.61 -31.11
N GLY D 899 59.52 -5.81 -31.59
CA GLY D 899 59.24 -5.59 -32.99
C GLY D 899 59.54 -4.17 -33.41
N THR D 900 59.08 -3.19 -32.63
CA THR D 900 59.29 -1.80 -33.02
C THR D 900 60.74 -1.40 -32.92
N ILE D 901 61.48 -1.94 -31.94
CA ILE D 901 62.91 -1.63 -31.87
C ILE D 901 63.64 -2.22 -33.07
N THR D 902 63.39 -3.49 -33.37
CA THR D 902 64.27 -4.27 -34.21
C THR D 902 63.82 -4.34 -35.67
N SER D 903 62.62 -3.86 -36.00
CA SER D 903 62.13 -3.98 -37.37
C SER D 903 61.36 -2.75 -37.83
N GLY D 904 61.52 -1.61 -37.16
CA GLY D 904 60.81 -0.42 -37.59
C GLY D 904 59.32 -0.62 -37.51
N TRP D 905 58.61 -0.04 -38.48
CA TRP D 905 57.16 -0.17 -38.55
C TRP D 905 56.72 -1.31 -39.46
N THR D 906 57.67 -2.01 -40.10
CA THR D 906 57.30 -3.02 -41.08
C THR D 906 56.54 -4.17 -40.44
N PHE D 907 56.92 -4.57 -39.23
CA PHE D 907 56.31 -5.73 -38.61
C PHE D 907 54.81 -5.58 -38.43
N GLY D 908 54.30 -4.36 -38.36
CA GLY D 908 52.89 -4.13 -38.20
C GLY D 908 52.09 -4.15 -39.48
N ALA D 909 52.75 -4.15 -40.64
CA ALA D 909 52.07 -4.09 -41.93
C ALA D 909 52.71 -5.05 -42.91
N GLY D 910 52.97 -6.28 -42.46
CA GLY D 910 53.60 -7.28 -43.27
C GLY D 910 54.63 -8.07 -42.49
N PRO D 911 55.57 -8.69 -43.19
CA PRO D 911 56.64 -9.41 -42.49
C PRO D 911 57.58 -8.44 -41.78
N ALA D 912 58.24 -8.96 -40.75
CA ALA D 912 59.18 -8.17 -39.97
C ALA D 912 60.48 -8.02 -40.75
N LEU D 913 60.77 -6.81 -41.22
CA LEU D 913 61.97 -6.53 -41.99
C LEU D 913 62.95 -5.79 -41.08
N GLN D 914 64.03 -6.47 -40.71
CA GLN D 914 65.05 -5.88 -39.85
C GLN D 914 65.53 -4.55 -40.42
N ILE D 915 66.10 -3.70 -39.56
CA ILE D 915 66.75 -2.47 -40.01
C ILE D 915 67.52 -1.89 -38.85
N PRO D 916 68.77 -1.46 -39.03
CA PRO D 916 69.53 -0.92 -37.89
C PRO D 916 68.81 0.25 -37.26
N PHE D 917 68.81 0.29 -35.94
CA PHE D 917 68.02 1.31 -35.25
C PHE D 917 68.41 2.73 -35.62
N PRO D 918 69.69 3.10 -35.71
CA PRO D 918 69.99 4.47 -36.16
C PRO D 918 69.36 4.76 -37.51
N MET D 919 69.33 3.79 -38.42
CA MET D 919 68.67 3.99 -39.70
C MET D 919 67.16 4.09 -39.55
N GLN D 920 66.59 3.32 -38.63
CA GLN D 920 65.15 3.42 -38.39
C GLN D 920 64.78 4.81 -37.88
N MET D 921 65.57 5.34 -36.95
CA MET D 921 65.30 6.68 -36.45
C MET D 921 65.61 7.73 -37.51
N ALA D 922 66.53 7.45 -38.43
CA ALA D 922 66.71 8.34 -39.57
C ALA D 922 65.46 8.38 -40.43
N TYR D 923 64.85 7.22 -40.67
CA TYR D 923 63.59 7.19 -41.41
C TYR D 923 62.51 7.96 -40.67
N ARG D 924 62.42 7.77 -39.36
CA ARG D 924 61.39 8.44 -38.59
C ARG D 924 61.60 9.95 -38.57
N PHE D 925 62.86 10.38 -38.53
CA PHE D 925 63.16 11.80 -38.67
C PHE D 925 62.72 12.31 -40.03
N ASN D 926 63.12 11.61 -41.10
CA ASN D 926 62.72 12.02 -42.45
C ASN D 926 61.21 12.05 -42.60
N GLY D 927 60.49 11.29 -41.78
CA GLY D 927 59.04 11.30 -41.84
C GLY D 927 58.39 12.56 -41.31
N ILE D 928 59.14 13.43 -40.64
CA ILE D 928 58.60 14.67 -40.10
C ILE D 928 59.26 15.89 -40.73
N GLY D 929 59.92 15.72 -41.88
CA GLY D 929 60.50 16.84 -42.59
C GLY D 929 61.88 17.25 -42.14
N VAL D 930 62.59 16.40 -41.40
CA VAL D 930 63.98 16.63 -41.02
C VAL D 930 64.83 15.63 -41.78
N THR D 931 65.71 16.13 -42.65
CA THR D 931 66.50 15.24 -43.48
C THR D 931 67.30 14.25 -42.63
N GLN D 932 67.77 13.19 -43.29
CA GLN D 932 68.45 12.13 -42.58
C GLN D 932 69.73 12.63 -41.92
N ASN D 933 70.46 13.53 -42.59
CA ASN D 933 71.75 13.96 -42.09
C ASN D 933 71.65 14.68 -40.76
N VAL D 934 70.46 15.10 -40.34
CA VAL D 934 70.30 15.70 -39.02
C VAL D 934 70.52 14.66 -37.94
N LEU D 935 70.08 13.43 -38.17
CA LEU D 935 70.20 12.39 -37.15
C LEU D 935 71.63 11.89 -37.02
N TYR D 936 72.20 11.36 -38.11
CA TYR D 936 73.52 10.76 -38.02
C TYR D 936 74.54 11.75 -37.50
N GLU D 937 74.56 12.97 -38.05
CA GLU D 937 75.52 13.96 -37.63
C GLU D 937 75.33 14.37 -36.18
N ASN D 938 74.19 14.04 -35.56
CA ASN D 938 73.97 14.24 -34.15
C ASN D 938 73.55 12.96 -33.44
N GLN D 939 73.82 11.80 -34.06
CA GLN D 939 73.32 10.54 -33.52
C GLN D 939 73.57 10.44 -32.02
N LYS D 940 74.84 10.51 -31.61
CA LYS D 940 75.16 10.36 -30.20
C LYS D 940 74.31 11.31 -29.36
N LEU D 941 74.28 12.59 -29.72
CA LEU D 941 73.48 13.54 -28.97
C LEU D 941 72.05 13.04 -28.85
N ILE D 942 71.43 12.71 -29.99
CA ILE D 942 70.08 12.17 -29.98
C ILE D 942 69.98 11.07 -28.93
N ALA D 943 70.84 10.06 -29.05
CA ALA D 943 70.76 8.93 -28.14
C ALA D 943 70.73 9.41 -26.70
N ASN D 944 71.68 10.27 -26.33
CA ASN D 944 71.74 10.71 -24.95
C ASN D 944 70.39 11.27 -24.53
N GLN D 945 69.87 12.22 -25.29
CA GLN D 945 68.58 12.79 -24.94
C GLN D 945 67.56 11.68 -24.75
N PHE D 946 67.42 10.82 -25.76
CA PHE D 946 66.51 9.70 -25.64
C PHE D 946 66.71 9.00 -24.29
N ASN D 947 67.93 8.51 -24.06
CA ASN D 947 68.19 7.79 -22.83
C ASN D 947 67.74 8.62 -21.63
N SER D 948 68.20 9.87 -21.56
CA SER D 948 67.83 10.71 -20.44
C SER D 948 66.32 10.75 -20.29
N ALA D 949 65.63 11.11 -21.37
CA ALA D 949 64.18 11.20 -21.30
C ALA D 949 63.60 9.92 -20.74
N ILE D 950 64.02 8.78 -21.29
CA ILE D 950 63.46 7.52 -20.83
C ILE D 950 63.68 7.37 -19.34
N GLY D 951 64.91 7.56 -18.88
CA GLY D 951 65.17 7.46 -17.46
C GLY D 951 64.27 8.40 -16.68
N LYS D 952 64.18 9.64 -17.15
CA LYS D 952 63.39 10.64 -16.45
C LYS D 952 61.98 10.13 -16.21
N ILE D 953 61.41 9.41 -17.19
CA ILE D 953 60.01 9.03 -17.08
C ILE D 953 59.79 8.23 -15.81
N GLN D 954 60.73 7.34 -15.48
CA GLN D 954 60.57 6.54 -14.28
C GLN D 954 60.39 7.43 -13.06
N ASP D 955 61.27 8.43 -12.90
CA ASP D 955 61.14 9.33 -11.77
C ASP D 955 59.79 10.02 -11.79
N SER D 956 59.31 10.40 -12.98
CA SER D 956 58.00 11.02 -13.07
C SER D 956 56.93 10.08 -12.55
N LEU D 957 57.00 8.80 -12.92
CA LEU D 957 56.04 7.83 -12.41
C LEU D 957 56.19 7.67 -10.89
N SER D 958 57.38 7.92 -10.37
CA SER D 958 57.62 7.92 -8.93
C SER D 958 57.44 9.30 -8.31
N SER D 959 57.14 10.32 -9.11
CA SER D 959 57.03 11.67 -8.57
C SER D 959 55.84 11.80 -7.63
N THR D 960 54.67 11.36 -8.08
CA THR D 960 53.43 11.49 -7.31
C THR D 960 52.62 10.22 -7.45
N PRO D 961 51.78 9.90 -6.45
CA PRO D 961 50.88 8.76 -6.60
C PRO D 961 49.80 8.97 -7.65
N SER D 962 49.56 10.21 -8.08
CA SER D 962 48.48 10.52 -9.00
C SER D 962 48.79 10.18 -10.45
N ALA D 963 50.02 9.75 -10.75
CA ALA D 963 50.37 9.46 -12.13
C ALA D 963 49.42 8.45 -12.75
N LEU D 964 49.12 7.36 -12.02
CA LEU D 964 48.24 6.32 -12.50
C LEU D 964 46.77 6.65 -12.24
N GLY D 965 46.44 7.91 -12.01
CA GLY D 965 45.09 8.26 -11.58
C GLY D 965 44.02 7.72 -12.51
N LYS D 966 44.20 7.93 -13.82
CA LYS D 966 43.17 7.51 -14.77
C LYS D 966 42.85 6.03 -14.64
N LEU D 967 43.81 5.21 -14.22
CA LEU D 967 43.51 3.81 -13.93
C LEU D 967 42.90 3.67 -12.55
N GLN D 968 43.53 4.27 -11.53
CA GLN D 968 43.06 4.11 -10.17
C GLN D 968 41.57 4.44 -10.08
N ASP D 969 41.19 5.61 -10.59
CA ASP D 969 39.79 6.01 -10.59
C ASP D 969 38.91 4.84 -11.01
N VAL D 970 39.19 4.24 -12.17
CA VAL D 970 38.38 3.14 -12.66
C VAL D 970 38.19 2.11 -11.56
N VAL D 971 39.31 1.57 -11.05
CA VAL D 971 39.22 0.57 -9.99
C VAL D 971 38.32 1.10 -8.87
N ASN D 972 38.65 2.28 -8.36
CA ASN D 972 37.87 2.84 -7.26
C ASN D 972 36.39 2.83 -7.61
N GLN D 973 36.04 3.34 -8.80
CA GLN D 973 34.65 3.39 -9.19
C GLN D 973 34.01 2.02 -9.02
N ASN D 974 34.62 1.00 -9.63
CA ASN D 974 34.07 -0.34 -9.51
C ASN D 974 33.88 -0.70 -8.04
N ALA D 975 34.95 -0.54 -7.26
CA ALA D 975 34.86 -0.87 -5.84
C ALA D 975 33.66 -0.17 -5.23
N GLN D 976 33.53 1.14 -5.46
CA GLN D 976 32.42 1.88 -4.87
C GLN D 976 31.12 1.18 -5.19
N ALA D 977 30.86 0.93 -6.47
CA ALA D 977 29.61 0.29 -6.86
C ALA D 977 29.43 -0.98 -6.06
N LEU D 978 30.43 -1.86 -6.06
CA LEU D 978 30.25 -3.12 -5.36
C LEU D 978 29.91 -2.86 -3.91
N ASN D 979 30.66 -1.98 -3.24
CA ASN D 979 30.33 -1.68 -1.85
C ASN D 979 28.86 -1.28 -1.73
N THR D 980 28.43 -0.29 -2.50
CA THR D 980 27.08 0.22 -2.31
C THR D 980 26.03 -0.79 -2.70
N LEU D 981 26.40 -1.80 -3.48
CA LEU D 981 25.49 -2.91 -3.71
C LEU D 981 25.37 -3.78 -2.46
N VAL D 982 26.51 -4.24 -1.93
CA VAL D 982 26.45 -5.16 -0.80
C VAL D 982 25.84 -4.45 0.41
N LYS D 983 26.18 -3.17 0.60
CA LYS D 983 25.60 -2.44 1.71
C LYS D 983 24.09 -2.33 1.59
N GLN D 984 23.56 -2.39 0.38
CA GLN D 984 22.11 -2.32 0.22
C GLN D 984 21.41 -3.55 0.80
N LEU D 985 22.15 -4.64 1.02
CA LEU D 985 21.55 -5.77 1.72
C LEU D 985 21.24 -5.44 3.17
N SER D 986 21.87 -4.42 3.74
CA SER D 986 21.60 -4.04 5.12
C SER D 986 20.25 -3.34 5.25
N SER D 987 19.81 -2.65 4.20
CA SER D 987 18.55 -1.93 4.24
C SER D 987 17.38 -2.90 4.13
N ASN D 988 16.24 -2.50 4.69
CA ASN D 988 15.05 -3.34 4.73
C ASN D 988 13.93 -2.84 3.83
N PHE D 989 14.04 -1.63 3.29
CA PHE D 989 13.08 -1.12 2.30
C PHE D 989 11.65 -1.14 2.84
N GLY D 990 11.49 -0.77 4.11
CA GLY D 990 10.18 -0.65 4.71
C GLY D 990 9.64 -1.91 5.33
N ALA D 991 10.32 -3.05 5.18
CA ALA D 991 9.89 -4.26 5.86
C ALA D 991 10.15 -4.14 7.35
N ILE D 992 9.84 -5.21 8.10
CA ILE D 992 10.07 -5.19 9.54
C ILE D 992 11.48 -5.64 9.90
N SER D 993 12.25 -6.14 8.95
CA SER D 993 13.64 -6.53 9.19
C SER D 993 14.36 -6.60 7.85
N SER D 994 15.68 -6.46 7.92
CA SER D 994 16.52 -6.44 6.73
C SER D 994 17.09 -7.82 6.38
N VAL D 995 16.83 -8.84 7.19
CA VAL D 995 17.37 -10.17 6.97
C VAL D 995 16.22 -11.12 6.72
N LEU D 996 16.27 -11.84 5.59
CA LEU D 996 15.20 -12.76 5.26
C LEU D 996 15.03 -13.84 6.32
N ASN D 997 16.13 -14.22 6.98
CA ASN D 997 16.03 -15.24 8.02
C ASN D 997 15.13 -14.76 9.16
N ASP D 998 15.30 -13.49 9.57
CA ASP D 998 14.43 -12.96 10.61
C ASP D 998 12.97 -12.94 10.16
N ILE D 999 12.73 -12.55 8.90
CA ILE D 999 11.37 -12.53 8.39
C ILE D 999 10.75 -13.91 8.47
N LEU D 1000 11.47 -14.92 7.97
CA LEU D 1000 10.90 -16.26 7.90
C LEU D 1000 10.87 -16.96 9.25
N SER D 1001 11.64 -16.49 10.22
CA SER D 1001 11.59 -17.07 11.56
C SER D 1001 10.52 -16.41 12.43
N ARG D 1002 10.19 -15.14 12.17
CA ARG D 1002 9.23 -14.43 13.00
C ARG D 1002 7.81 -14.46 12.45
N LEU D 1003 7.63 -14.57 11.14
CA LEU D 1003 6.32 -14.43 10.54
C LEU D 1003 5.98 -15.67 9.71
N ASP D 1004 4.69 -16.01 9.72
CA ASP D 1004 4.20 -17.14 8.96
C ASP D 1004 4.18 -16.82 7.47
N PRO D 1005 4.14 -17.83 6.62
CA PRO D 1005 4.23 -17.59 5.17
C PRO D 1005 3.18 -16.61 4.69
N PRO D 1006 1.90 -16.81 5.02
CA PRO D 1006 0.88 -15.90 4.46
C PRO D 1006 1.12 -14.45 4.81
N GLU D 1007 1.70 -14.16 5.97
CA GLU D 1007 1.98 -12.79 6.36
C GLU D 1007 3.39 -12.37 5.94
N ALA D 1008 4.36 -13.27 6.07
CA ALA D 1008 5.73 -12.94 5.68
C ALA D 1008 5.84 -12.71 4.18
N GLU D 1009 4.83 -13.11 3.41
CA GLU D 1009 4.90 -12.94 1.96
C GLU D 1009 5.02 -11.46 1.59
N VAL D 1010 4.28 -10.59 2.26
CA VAL D 1010 4.31 -9.17 1.91
C VAL D 1010 5.64 -8.54 2.29
N GLN D 1011 6.19 -8.90 3.46
CA GLN D 1011 7.49 -8.37 3.84
C GLN D 1011 8.57 -8.84 2.88
N ILE D 1012 8.54 -10.13 2.53
CA ILE D 1012 9.49 -10.64 1.54
C ILE D 1012 9.27 -9.96 0.20
N ASP D 1013 8.04 -9.57 -0.12
CA ASP D 1013 7.79 -8.83 -1.34
C ASP D 1013 8.50 -7.49 -1.31
N ARG D 1014 8.41 -6.78 -0.18
CA ARG D 1014 9.11 -5.51 -0.06
C ARG D 1014 10.61 -5.70 -0.22
N LEU D 1015 11.16 -6.72 0.44
CA LEU D 1015 12.59 -6.98 0.33
C LEU D 1015 12.98 -7.34 -1.10
N ILE D 1016 12.18 -8.17 -1.75
CA ILE D 1016 12.47 -8.54 -3.13
C ILE D 1016 12.50 -7.31 -4.02
N THR D 1017 11.49 -6.45 -3.89
CA THR D 1017 11.42 -5.26 -4.74
C THR D 1017 12.63 -4.37 -4.50
N GLY D 1018 12.98 -4.14 -3.23
CA GLY D 1018 14.11 -3.28 -2.94
C GLY D 1018 15.42 -3.84 -3.48
N ARG D 1019 15.66 -5.12 -3.22
CA ARG D 1019 16.90 -5.74 -3.68
C ARG D 1019 16.99 -5.74 -5.19
N LEU D 1020 15.87 -6.05 -5.86
CA LEU D 1020 15.87 -6.07 -7.32
C LEU D 1020 16.15 -4.68 -7.87
N GLN D 1021 15.54 -3.64 -7.29
CA GLN D 1021 15.80 -2.29 -7.77
C GLN D 1021 17.26 -1.91 -7.58
N SER D 1022 17.82 -2.24 -6.41
CA SER D 1022 19.22 -1.90 -6.17
C SER D 1022 20.14 -2.61 -7.17
N LEU D 1023 19.88 -3.90 -7.42
CA LEU D 1023 20.73 -4.64 -8.35
C LEU D 1023 20.54 -4.12 -9.78
N GLN D 1024 19.33 -3.74 -10.15
CA GLN D 1024 19.11 -3.16 -11.47
C GLN D 1024 19.88 -1.86 -11.62
N THR D 1025 19.86 -1.02 -10.59
CA THR D 1025 20.65 0.21 -10.65
C THR D 1025 22.13 -0.09 -10.81
N TYR D 1026 22.63 -1.07 -10.05
CA TYR D 1026 24.03 -1.44 -10.20
C TYR D 1026 24.34 -1.89 -11.61
N VAL D 1027 23.48 -2.72 -12.20
CA VAL D 1027 23.74 -3.23 -13.53
C VAL D 1027 23.73 -2.11 -14.56
N THR D 1028 22.78 -1.17 -14.43
CA THR D 1028 22.73 -0.08 -15.40
C THR D 1028 23.96 0.82 -15.28
N GLN D 1029 24.36 1.17 -14.07
CA GLN D 1029 25.58 1.95 -13.89
C GLN D 1029 26.77 1.20 -14.45
N GLN D 1030 26.83 -0.11 -14.25
CA GLN D 1030 27.93 -0.90 -14.79
C GLN D 1030 27.92 -0.90 -16.31
N LEU D 1031 26.74 -0.92 -16.92
CA LEU D 1031 26.67 -0.86 -18.38
C LEU D 1031 27.21 0.46 -18.90
N ILE D 1032 26.84 1.57 -18.25
CA ILE D 1032 27.37 2.87 -18.67
C ILE D 1032 28.89 2.89 -18.51
N ARG D 1033 29.38 2.40 -17.37
CA ARG D 1033 30.82 2.43 -17.12
C ARG D 1033 31.57 1.54 -18.08
N ALA D 1034 30.98 0.38 -18.44
CA ALA D 1034 31.61 -0.50 -19.40
C ALA D 1034 31.62 0.11 -20.79
N ALA D 1035 30.58 0.87 -21.14
CA ALA D 1035 30.63 1.60 -22.41
C ALA D 1035 31.76 2.61 -22.42
N GLU D 1036 31.92 3.34 -21.32
CA GLU D 1036 33.02 4.32 -21.25
C GLU D 1036 34.37 3.62 -21.36
N ILE D 1037 34.55 2.51 -20.64
CA ILE D 1037 35.80 1.78 -20.70
C ILE D 1037 36.02 1.19 -22.08
N ARG D 1038 34.96 0.77 -22.76
CA ARG D 1038 35.11 0.27 -24.13
C ARG D 1038 35.57 1.38 -25.06
N ALA D 1039 35.03 2.58 -24.89
CA ALA D 1039 35.51 3.69 -25.72
C ALA D 1039 36.98 3.97 -25.44
N SER D 1040 37.38 3.96 -24.18
CA SER D 1040 38.79 4.17 -23.84
C SER D 1040 39.67 3.08 -24.41
N ALA D 1041 39.21 1.82 -24.35
CA ALA D 1041 40.00 0.72 -24.89
C ALA D 1041 40.10 0.78 -26.40
N ASN D 1042 39.03 1.22 -27.07
CA ASN D 1042 39.09 1.40 -28.52
C ASN D 1042 40.09 2.49 -28.88
N LEU D 1043 40.09 3.59 -28.13
CA LEU D 1043 41.09 4.62 -28.37
C LEU D 1043 42.50 4.09 -28.10
N ALA D 1044 42.65 3.26 -27.08
CA ALA D 1044 43.96 2.67 -26.81
C ALA D 1044 44.41 1.76 -27.96
N ALA D 1045 43.48 0.97 -28.51
CA ALA D 1045 43.82 0.12 -29.64
C ALA D 1045 44.21 0.96 -30.85
N THR D 1046 43.47 2.05 -31.10
CA THR D 1046 43.83 2.94 -32.20
C THR D 1046 45.21 3.53 -32.00
N LYS D 1047 45.52 3.97 -30.77
CA LYS D 1047 46.85 4.51 -30.50
C LYS D 1047 47.93 3.46 -30.70
N MET D 1048 47.68 2.23 -30.24
CA MET D 1048 48.67 1.17 -30.40
C MET D 1048 48.90 0.87 -31.86
N SER D 1049 47.84 0.90 -32.67
CA SER D 1049 47.98 0.58 -34.09
C SER D 1049 48.67 1.70 -34.85
N GLU D 1050 48.31 2.95 -34.57
CA GLU D 1050 48.76 4.07 -35.38
C GLU D 1050 49.98 4.78 -34.81
N CYS D 1051 50.45 4.41 -33.63
CA CYS D 1051 51.64 4.99 -33.05
C CYS D 1051 52.75 3.99 -32.85
N VAL D 1052 52.48 2.86 -32.20
CA VAL D 1052 53.52 1.86 -32.00
C VAL D 1052 53.91 1.22 -33.34
N LEU D 1053 52.91 0.82 -34.12
CA LEU D 1053 53.16 0.14 -35.39
C LEU D 1053 53.46 1.07 -36.54
N GLY D 1054 53.56 2.38 -36.29
CA GLY D 1054 53.84 3.30 -37.37
C GLY D 1054 54.27 4.67 -36.87
N GLN D 1055 53.83 5.72 -37.57
CA GLN D 1055 54.20 7.08 -37.23
C GLN D 1055 53.12 8.00 -37.77
N SER D 1056 52.47 8.74 -36.88
CA SER D 1056 51.26 9.47 -37.21
C SER D 1056 51.55 10.92 -37.50
N LYS D 1057 50.89 11.45 -38.53
CA LYS D 1057 50.87 12.89 -38.79
C LYS D 1057 49.78 13.59 -37.99
N ARG D 1058 48.94 12.84 -37.28
CA ARG D 1058 47.91 13.45 -36.44
C ARG D 1058 48.60 14.18 -35.29
N VAL D 1059 48.41 15.50 -35.23
CA VAL D 1059 49.41 16.36 -34.60
C VAL D 1059 49.56 16.01 -33.11
N ASP D 1060 48.45 15.94 -32.38
CA ASP D 1060 48.49 15.74 -30.94
C ASP D 1060 48.02 14.35 -30.52
N PHE D 1061 47.94 13.42 -31.47
CA PHE D 1061 47.59 12.05 -31.11
C PHE D 1061 48.63 11.43 -30.19
N CYS D 1062 49.89 11.81 -30.35
CA CYS D 1062 51.01 11.17 -29.65
C CYS D 1062 51.83 12.20 -28.88
N GLY D 1063 51.15 13.02 -28.09
CA GLY D 1063 51.83 13.95 -27.22
C GLY D 1063 52.38 15.15 -27.95
N LYS D 1064 52.73 16.20 -27.20
CA LYS D 1064 53.26 17.40 -27.82
C LYS D 1064 54.56 17.08 -28.55
N GLY D 1065 54.73 17.67 -29.72
CA GLY D 1065 55.88 17.44 -30.56
C GLY D 1065 55.52 16.59 -31.77
N TYR D 1066 56.53 16.39 -32.61
CA TYR D 1066 56.37 15.57 -33.81
C TYR D 1066 56.64 14.12 -33.44
N HIS D 1067 55.66 13.25 -33.67
CA HIS D 1067 55.77 11.87 -33.24
C HIS D 1067 56.91 11.17 -33.96
N LEU D 1068 57.71 10.41 -33.20
CA LEU D 1068 58.75 9.56 -33.76
C LEU D 1068 58.46 8.08 -33.55
N MET D 1069 58.26 7.68 -32.31
CA MET D 1069 57.94 6.29 -32.00
C MET D 1069 57.40 6.24 -30.57
N SER D 1070 56.54 5.26 -30.31
CA SER D 1070 55.98 5.07 -28.99
C SER D 1070 56.11 3.60 -28.60
N PHE D 1071 56.59 3.36 -27.39
CA PHE D 1071 56.71 2.00 -26.89
C PHE D 1071 55.60 1.72 -25.90
N PRO D 1072 54.82 0.65 -26.04
CA PRO D 1072 53.77 0.36 -25.07
C PRO D 1072 54.33 -0.25 -23.80
N GLN D 1073 53.53 -0.15 -22.75
CA GLN D 1073 53.84 -0.79 -21.48
C GLN D 1073 52.52 -1.22 -20.86
N SER D 1074 52.51 -2.42 -20.28
CA SER D 1074 51.30 -2.89 -19.63
C SER D 1074 51.09 -2.15 -18.31
N ALA D 1075 49.87 -2.21 -17.80
CA ALA D 1075 49.56 -1.67 -16.49
C ALA D 1075 48.30 -2.36 -16.00
N PRO D 1076 48.08 -2.46 -14.71
CA PRO D 1076 46.95 -3.24 -14.24
C PRO D 1076 45.64 -2.67 -14.75
N HIS D 1077 45.01 -3.41 -15.66
CA HIS D 1077 43.80 -2.95 -16.34
C HIS D 1077 44.05 -1.64 -17.08
N GLY D 1078 45.05 -1.67 -17.96
CA GLY D 1078 45.31 -0.51 -18.79
C GLY D 1078 46.65 -0.61 -19.49
N VAL D 1079 46.87 0.36 -20.37
CA VAL D 1079 48.11 0.45 -21.13
C VAL D 1079 48.68 1.85 -20.94
N VAL D 1080 49.99 1.96 -21.16
CA VAL D 1080 50.71 3.22 -21.01
C VAL D 1080 51.65 3.37 -22.21
N PHE D 1081 51.55 4.49 -22.91
CA PHE D 1081 52.37 4.75 -24.08
C PHE D 1081 53.44 5.77 -23.72
N LEU D 1082 54.68 5.47 -24.08
CA LEU D 1082 55.79 6.40 -23.91
C LEU D 1082 56.05 7.10 -25.25
N HIS D 1083 55.16 8.02 -25.59
CA HIS D 1083 55.24 8.69 -26.89
C HIS D 1083 56.55 9.47 -26.98
N VAL D 1084 57.41 9.09 -27.92
CA VAL D 1084 58.66 9.81 -28.17
C VAL D 1084 58.40 10.86 -29.22
N THR D 1085 58.83 12.09 -28.95
CA THR D 1085 58.51 13.21 -29.82
C THR D 1085 59.72 14.11 -30.00
N TYR D 1086 59.94 14.51 -31.24
CA TYR D 1086 60.94 15.50 -31.60
C TYR D 1086 60.32 16.88 -31.43
N VAL D 1087 60.93 17.72 -30.59
CA VAL D 1087 60.38 19.03 -30.25
C VAL D 1087 61.43 20.07 -30.60
N PRO D 1088 61.13 21.04 -31.48
CA PRO D 1088 62.12 22.05 -31.82
C PRO D 1088 62.49 22.90 -30.62
N ALA D 1089 63.63 23.58 -30.72
CA ALA D 1089 64.10 24.45 -29.64
C ALA D 1089 65.28 25.26 -30.13
N GLN D 1090 65.51 26.38 -29.44
CA GLN D 1090 66.55 27.35 -29.81
C GLN D 1090 66.25 27.94 -31.19
N GLU D 1091 65.10 28.59 -31.29
CA GLU D 1091 64.68 29.18 -32.56
C GLU D 1091 65.41 30.48 -32.80
N LYS D 1092 65.97 30.62 -34.00
CA LYS D 1092 66.59 31.86 -34.46
C LYS D 1092 65.73 32.44 -35.58
N ASN D 1093 65.56 33.76 -35.56
CA ASN D 1093 64.66 34.42 -36.50
C ASN D 1093 65.47 35.20 -37.53
N PHE D 1094 65.26 34.87 -38.80
CA PHE D 1094 65.90 35.52 -39.92
C PHE D 1094 64.85 36.26 -40.75
N THR D 1095 65.34 37.10 -41.65
CA THR D 1095 64.49 37.66 -42.68
C THR D 1095 64.25 36.60 -43.76
N THR D 1096 63.08 36.67 -44.38
CA THR D 1096 62.67 35.64 -45.33
C THR D 1096 62.02 36.28 -46.55
N ALA D 1097 62.00 35.53 -47.64
CA ALA D 1097 61.35 35.93 -48.88
C ALA D 1097 60.64 34.72 -49.47
N PRO D 1098 59.61 34.93 -50.28
CA PRO D 1098 58.89 33.79 -50.86
C PRO D 1098 59.62 33.21 -52.05
N ALA D 1099 60.38 34.04 -52.76
CA ALA D 1099 61.10 33.58 -53.95
C ALA D 1099 62.23 34.54 -54.26
N ILE D 1100 63.25 34.01 -54.91
CA ILE D 1100 64.41 34.78 -55.33
C ILE D 1100 64.27 35.05 -56.83
N CYS D 1101 65.06 35.99 -57.34
CA CYS D 1101 65.10 36.27 -58.78
C CYS D 1101 66.52 36.15 -59.30
N HIS D 1102 66.69 35.44 -60.40
CA HIS D 1102 67.96 35.37 -61.11
C HIS D 1102 67.68 35.58 -62.59
N ASP D 1103 68.19 36.66 -63.14
CA ASP D 1103 68.01 36.98 -64.56
C ASP D 1103 66.52 37.09 -64.92
N GLY D 1104 65.71 37.53 -63.97
CA GLY D 1104 64.28 37.64 -64.19
C GLY D 1104 63.49 36.39 -63.94
N LYS D 1105 64.14 35.26 -63.69
CA LYS D 1105 63.45 34.02 -63.38
C LYS D 1105 63.23 33.92 -61.88
N ALA D 1106 61.99 33.60 -61.49
CA ALA D 1106 61.61 33.54 -60.08
C ALA D 1106 61.85 32.12 -59.57
N HIS D 1107 62.83 31.98 -58.69
CA HIS D 1107 63.22 30.70 -58.12
C HIS D 1107 62.52 30.51 -56.78
N PHE D 1108 61.77 29.42 -56.65
CA PHE D 1108 61.13 29.04 -55.41
C PHE D 1108 61.84 27.84 -54.79
N PRO D 1109 61.96 27.79 -53.47
CA PRO D 1109 62.68 26.67 -52.86
C PRO D 1109 62.02 25.34 -53.18
N ARG D 1110 62.86 24.32 -53.41
CA ARG D 1110 62.33 23.01 -53.74
C ARG D 1110 61.48 22.48 -52.61
N GLU D 1111 62.07 22.32 -51.42
CA GLU D 1111 61.34 21.90 -50.24
C GLU D 1111 61.63 22.75 -49.01
N GLY D 1112 62.77 23.44 -48.96
CA GLY D 1112 63.11 24.24 -47.80
C GLY D 1112 62.47 25.61 -47.82
N VAL D 1113 63.24 26.62 -47.38
CA VAL D 1113 62.75 27.98 -47.31
C VAL D 1113 63.94 28.91 -47.34
N PHE D 1114 63.73 30.11 -47.89
CA PHE D 1114 64.79 31.10 -47.98
C PHE D 1114 64.93 31.84 -46.66
N VAL D 1115 66.16 31.96 -46.17
CA VAL D 1115 66.46 32.72 -44.95
C VAL D 1115 67.77 33.45 -45.15
N SER D 1116 67.84 34.68 -44.65
CA SER D 1116 69.02 35.51 -44.81
C SER D 1116 69.60 35.83 -43.44
N ASN D 1117 70.90 35.57 -43.27
CA ASN D 1117 71.59 35.98 -42.05
C ASN D 1117 72.10 37.41 -42.17
N GLY D 1118 71.19 38.31 -42.54
CA GLY D 1118 71.51 39.72 -42.70
C GLY D 1118 72.18 40.11 -44.00
N THR D 1119 73.16 39.32 -44.45
CA THR D 1119 74.01 39.70 -45.57
C THR D 1119 73.60 39.01 -46.88
N HIS D 1120 73.65 37.68 -46.92
CA HIS D 1120 73.26 36.94 -48.12
C HIS D 1120 72.39 35.76 -47.75
N TRP D 1121 71.61 35.32 -48.72
CA TRP D 1121 70.52 34.38 -48.49
C TRP D 1121 71.01 32.93 -48.53
N PHE D 1122 70.15 32.04 -48.05
CA PHE D 1122 70.41 30.61 -48.01
C PHE D 1122 69.08 29.89 -48.09
N VAL D 1123 69.15 28.59 -48.42
CA VAL D 1123 67.99 27.71 -48.40
C VAL D 1123 68.18 26.74 -47.25
N THR D 1124 67.18 26.65 -46.38
CA THR D 1124 67.25 25.77 -45.22
C THR D 1124 65.94 25.03 -45.04
N GLN D 1125 66.02 23.76 -44.68
CA GLN D 1125 64.82 22.99 -44.42
C GLN D 1125 64.03 23.65 -43.31
N ARG D 1126 62.72 23.41 -43.30
CA ARG D 1126 61.80 24.26 -42.56
C ARG D 1126 61.81 24.00 -41.06
N ASN D 1127 62.41 22.89 -40.60
CA ASN D 1127 62.32 22.50 -39.21
C ASN D 1127 63.67 22.36 -38.52
N PHE D 1128 64.76 22.74 -39.19
CA PHE D 1128 66.08 22.67 -38.57
C PHE D 1128 67.03 23.55 -39.38
N TYR D 1129 67.48 24.65 -38.78
CA TYR D 1129 68.35 25.57 -39.48
C TYR D 1129 69.61 24.87 -39.97
N GLU D 1130 69.72 24.69 -41.28
CA GLU D 1130 70.88 24.08 -41.91
C GLU D 1130 71.11 24.78 -43.23
N PRO D 1131 71.70 25.98 -43.21
CA PRO D 1131 71.76 26.80 -44.42
C PRO D 1131 72.61 26.13 -45.50
N GLN D 1132 72.07 26.12 -46.72
CA GLN D 1132 72.77 25.62 -47.88
C GLN D 1132 72.76 26.70 -48.96
N ILE D 1133 73.86 26.78 -49.73
CA ILE D 1133 73.94 27.76 -50.79
C ILE D 1133 72.78 27.55 -51.75
N ILE D 1134 72.15 28.64 -52.16
CA ILE D 1134 70.96 28.58 -53.00
C ILE D 1134 71.39 28.37 -54.44
N THR D 1135 70.96 27.26 -55.05
CA THR D 1135 71.40 26.87 -56.38
C THR D 1135 70.21 26.44 -57.22
N THR D 1136 70.38 26.54 -58.54
CA THR D 1136 69.31 26.15 -59.46
C THR D 1136 68.89 24.69 -59.26
N ASP D 1137 69.85 23.83 -58.93
CA ASP D 1137 69.50 22.45 -58.61
C ASP D 1137 68.62 22.39 -57.37
N ASN D 1138 68.91 23.26 -56.40
CA ASN D 1138 68.24 23.23 -55.11
C ASN D 1138 66.88 23.92 -55.11
N THR D 1139 66.65 24.84 -56.04
CA THR D 1139 65.40 25.59 -56.11
C THR D 1139 64.84 25.54 -57.52
N PHE D 1140 63.53 25.35 -57.64
CA PHE D 1140 62.91 25.23 -58.96
C PHE D 1140 62.48 26.62 -59.43
N VAL D 1141 61.98 26.70 -60.66
CA VAL D 1141 61.65 27.97 -61.29
C VAL D 1141 60.20 27.96 -61.74
N SER D 1142 59.59 29.14 -61.76
CA SER D 1142 58.22 29.30 -62.24
C SER D 1142 57.92 30.79 -62.39
N GLY D 1143 57.27 31.15 -63.50
CA GLY D 1143 56.89 32.53 -63.70
C GLY D 1143 58.09 33.43 -63.85
N ASN D 1144 57.92 34.69 -63.46
CA ASN D 1144 58.98 35.69 -63.59
C ASN D 1144 58.84 36.70 -62.46
N CYS D 1145 59.52 37.83 -62.61
CA CYS D 1145 59.60 38.83 -61.54
C CYS D 1145 58.25 39.48 -61.26
N ASP D 1146 57.47 39.74 -62.30
CA ASP D 1146 56.38 40.72 -62.21
C ASP D 1146 55.23 40.29 -61.30
N VAL D 1147 55.09 39.00 -61.02
CA VAL D 1147 53.87 38.46 -60.43
C VAL D 1147 53.95 38.39 -58.91
N VAL D 1148 55.02 37.78 -58.38
CA VAL D 1148 55.11 37.56 -56.94
C VAL D 1148 55.39 38.87 -56.22
N ILE D 1149 54.85 39.00 -55.01
CA ILE D 1149 55.08 40.15 -54.15
C ILE D 1149 55.92 39.71 -52.97
N GLY D 1150 56.97 40.46 -52.68
CA GLY D 1150 57.94 40.09 -51.66
C GLY D 1150 59.20 39.47 -52.22
N ILE D 1151 59.29 39.32 -53.54
CA ILE D 1151 60.50 38.89 -54.24
C ILE D 1151 61.71 39.68 -53.77
N VAL D 1152 62.88 39.05 -53.79
CA VAL D 1152 64.13 39.69 -53.44
C VAL D 1152 65.21 39.28 -54.43
N ASN D 1153 65.93 40.26 -54.97
CA ASN D 1153 67.01 39.98 -55.91
C ASN D 1153 68.13 39.19 -55.23
N ASN D 1154 68.75 38.28 -55.98
CA ASN D 1154 69.90 37.52 -55.52
C ASN D 1154 70.37 36.65 -56.68
N THR D 1155 71.55 36.07 -56.50
CA THR D 1155 72.14 35.17 -57.49
C THR D 1155 72.07 33.74 -56.97
N VAL D 1156 71.55 32.84 -57.81
CA VAL D 1156 71.45 31.43 -57.46
C VAL D 1156 72.57 30.69 -58.19
N TYR D 1157 73.45 30.06 -57.42
CA TYR D 1157 74.60 29.38 -57.99
C TYR D 1157 74.15 28.31 -58.97
N ASP D 1158 74.69 28.35 -60.19
CA ASP D 1158 74.49 27.27 -61.14
C ASP D 1158 75.63 26.27 -60.96
N PRO D 1159 75.36 25.04 -60.51
CA PRO D 1159 76.47 24.14 -60.18
C PRO D 1159 77.35 23.77 -61.36
N LEU D 1160 76.86 23.92 -62.59
CA LEU D 1160 77.61 23.52 -63.76
C LEU D 1160 78.56 24.60 -64.28
N GLN D 1161 78.49 25.82 -63.74
CA GLN D 1161 79.33 26.90 -64.26
C GLN D 1161 80.82 26.60 -64.13
N PRO D 1162 81.34 26.21 -62.96
CA PRO D 1162 82.80 26.00 -62.87
C PRO D 1162 83.28 24.85 -63.74
N GLU D 1163 82.59 23.72 -63.71
CA GLU D 1163 82.99 22.59 -64.56
C GLU D 1163 82.86 22.97 -66.04
N LEU D 1164 81.79 23.69 -66.39
CA LEU D 1164 81.63 24.11 -67.77
C LEU D 1164 82.80 24.98 -68.22
N ASP D 1165 83.18 25.95 -67.40
CA ASP D 1165 84.31 26.80 -67.75
C ASP D 1165 85.60 25.99 -67.84
N SER D 1166 85.82 25.07 -66.90
CA SER D 1166 87.06 24.30 -66.90
C SER D 1166 87.18 23.43 -68.15
N PHE D 1167 86.09 22.78 -68.54
CA PHE D 1167 86.12 21.83 -69.65
C PHE D 1167 85.42 22.32 -70.91
N LYS D 1168 84.37 23.14 -70.77
CA LYS D 1168 83.66 23.66 -71.94
C LYS D 1168 83.12 22.54 -72.80
N GLN E 33 -53.24 21.16 -15.97
CA GLN E 33 -53.17 22.27 -14.98
C GLN E 33 -52.75 23.57 -15.64
N CYS E 34 -51.51 23.61 -16.14
CA CYS E 34 -50.98 24.81 -16.75
C CYS E 34 -51.75 25.16 -18.02
N VAL E 35 -51.90 26.45 -18.26
CA VAL E 35 -52.60 26.95 -19.44
C VAL E 35 -51.61 26.98 -20.59
N ASN E 36 -51.80 26.12 -21.57
CA ASN E 36 -50.93 26.10 -22.73
C ASN E 36 -50.95 27.46 -23.43
N LEU E 37 -49.77 28.00 -23.72
CA LEU E 37 -49.63 29.33 -24.31
C LEU E 37 -48.44 29.30 -25.27
N THR E 38 -48.73 29.16 -26.56
CA THR E 38 -47.71 29.19 -27.60
C THR E 38 -48.29 29.87 -28.82
N THR E 39 -47.40 30.36 -29.69
CA THR E 39 -47.84 30.95 -30.95
C THR E 39 -48.65 29.93 -31.73
N ARG E 40 -49.34 30.42 -32.76
CA ARG E 40 -50.21 29.55 -33.54
C ARG E 40 -49.46 28.40 -34.20
N THR E 41 -48.14 28.49 -34.29
CA THR E 41 -47.33 27.39 -34.80
C THR E 41 -45.94 27.48 -34.19
N GLN E 42 -45.32 26.32 -33.99
CA GLN E 42 -43.97 26.22 -33.46
C GLN E 42 -43.04 25.75 -34.58
N LEU E 43 -41.99 26.51 -34.84
CA LEU E 43 -41.10 26.24 -35.95
C LEU E 43 -40.04 25.22 -35.56
N PRO E 44 -39.47 24.53 -36.55
CA PRO E 44 -38.43 23.52 -36.24
C PRO E 44 -37.10 24.19 -35.95
N PRO E 45 -36.14 23.45 -35.40
CA PRO E 45 -34.84 24.05 -35.08
C PRO E 45 -34.04 24.38 -36.31
N ALA E 46 -33.15 25.36 -36.15
CA ALA E 46 -32.24 25.77 -37.21
C ALA E 46 -30.82 25.86 -36.65
N TYR E 47 -29.85 25.44 -37.45
CA TYR E 47 -28.47 25.29 -37.01
C TYR E 47 -27.57 26.28 -37.74
N THR E 48 -26.42 26.56 -37.12
CA THR E 48 -25.39 27.38 -37.75
C THR E 48 -24.05 26.98 -37.19
N ASN E 49 -23.04 26.92 -38.06
CA ASN E 49 -21.71 26.54 -37.62
C ASN E 49 -21.11 27.63 -36.75
N SER E 50 -20.61 27.24 -35.57
CA SER E 50 -20.01 28.18 -34.64
C SER E 50 -18.62 28.60 -35.12
N PHE E 51 -18.01 29.54 -34.39
CA PHE E 51 -16.68 30.03 -34.75
C PHE E 51 -15.93 30.38 -33.47
N THR E 52 -15.19 29.39 -32.95
CA THR E 52 -14.15 29.65 -31.96
C THR E 52 -14.69 30.04 -30.58
N ARG E 53 -16.00 30.18 -30.44
CA ARG E 53 -16.57 30.61 -29.17
C ARG E 53 -16.77 29.42 -28.24
N GLY E 54 -16.93 29.71 -26.96
CA GLY E 54 -17.22 28.69 -25.97
C GLY E 54 -16.01 28.17 -25.24
N VAL E 55 -15.11 29.07 -24.84
CA VAL E 55 -13.93 28.72 -24.06
C VAL E 55 -13.92 29.55 -22.80
N TYR E 56 -13.68 28.91 -21.66
CA TYR E 56 -13.70 29.55 -20.35
C TYR E 56 -12.47 29.12 -19.57
N TYR E 57 -12.14 29.90 -18.55
CA TYR E 57 -10.94 29.63 -17.76
C TYR E 57 -11.14 28.32 -17.00
N PRO E 58 -10.50 27.23 -17.43
CA PRO E 58 -10.84 25.92 -16.85
C PRO E 58 -10.58 25.83 -15.36
N ASP E 59 -9.54 26.49 -14.85
CA ASP E 59 -9.12 26.34 -13.47
C ASP E 59 -9.15 27.69 -12.76
N LYS E 60 -8.98 27.63 -11.44
CA LYS E 60 -9.02 28.80 -10.58
C LYS E 60 -7.64 29.37 -10.29
N VAL E 61 -6.69 29.24 -11.23
CA VAL E 61 -5.31 29.64 -11.00
C VAL E 61 -4.92 30.70 -12.01
N PHE E 62 -3.73 31.26 -11.82
CA PHE E 62 -3.18 32.29 -12.68
C PHE E 62 -1.96 31.75 -13.42
N ARG E 63 -1.89 32.06 -14.71
CA ARG E 63 -0.77 31.65 -15.56
C ARG E 63 -0.38 32.83 -16.43
N SER E 64 0.90 32.87 -16.82
CA SER E 64 1.42 33.98 -17.61
C SER E 64 2.28 33.45 -18.75
N SER E 65 1.94 33.85 -19.97
CA SER E 65 2.74 33.53 -21.16
C SER E 65 3.13 32.06 -21.19
N VAL E 66 2.11 31.20 -21.11
CA VAL E 66 2.35 29.77 -20.98
C VAL E 66 1.24 28.99 -21.67
N LEU E 67 1.59 27.84 -22.23
CA LEU E 67 0.64 26.91 -22.81
C LEU E 67 0.30 25.85 -21.78
N HIS E 68 -0.99 25.60 -21.56
CA HIS E 68 -1.44 24.58 -20.63
C HIS E 68 -2.50 23.71 -21.27
N SER E 69 -2.37 22.40 -21.09
CA SER E 69 -3.30 21.42 -21.64
C SER E 69 -4.14 20.85 -20.52
N THR E 70 -5.47 20.93 -20.67
CA THR E 70 -6.38 20.44 -19.64
C THR E 70 -7.64 19.90 -20.31
N GLN E 71 -8.24 18.90 -19.68
CA GLN E 71 -9.45 18.26 -20.19
C GLN E 71 -10.62 18.59 -19.27
N ASP E 72 -11.57 19.36 -19.80
CA ASP E 72 -12.82 19.69 -19.11
C ASP E 72 -13.92 19.74 -20.14
N LEU E 73 -15.13 20.05 -19.70
CA LEU E 73 -16.27 20.18 -20.61
C LEU E 73 -16.12 21.49 -21.39
N PHE E 74 -15.86 21.38 -22.68
CA PHE E 74 -15.66 22.54 -23.55
C PHE E 74 -16.62 22.50 -24.71
N LEU E 75 -16.70 23.61 -25.44
CA LEU E 75 -17.55 23.70 -26.61
C LEU E 75 -16.72 23.39 -27.84
N PRO E 76 -17.00 22.32 -28.61
CA PRO E 76 -16.20 22.04 -29.80
C PRO E 76 -15.96 23.26 -30.66
N PHE E 77 -14.72 23.40 -31.14
CA PHE E 77 -14.33 24.63 -31.82
C PHE E 77 -15.17 24.89 -33.07
N PHE E 78 -15.41 23.86 -33.86
CA PHE E 78 -16.20 23.97 -35.09
C PHE E 78 -17.35 22.97 -35.00
N SER E 79 -18.48 23.42 -34.44
CA SER E 79 -19.64 22.57 -34.27
C SER E 79 -20.90 23.38 -34.54
N ASN E 80 -21.96 22.68 -34.94
CA ASN E 80 -23.23 23.33 -35.20
C ASN E 80 -23.91 23.69 -33.88
N VAL E 81 -24.41 24.92 -33.79
CA VAL E 81 -25.14 25.42 -32.64
C VAL E 81 -26.52 25.86 -33.13
N THR E 82 -27.53 25.60 -32.32
CA THR E 82 -28.90 25.94 -32.70
C THR E 82 -29.17 27.40 -32.40
N TRP E 83 -30.05 28.01 -33.20
CA TRP E 83 -30.45 29.39 -32.98
C TRP E 83 -31.97 29.53 -33.04
N PHE E 84 -32.49 30.37 -32.16
CA PHE E 84 -33.92 30.59 -32.03
C PHE E 84 -34.21 32.08 -31.95
N HIS E 85 -35.46 32.45 -32.23
CA HIS E 85 -35.88 33.84 -32.28
C HIS E 85 -37.14 34.04 -31.46
N ALA E 86 -37.31 35.27 -30.98
CA ALA E 86 -38.54 35.75 -30.35
C ALA E 86 -38.87 37.07 -31.03
N ILE E 87 -39.57 36.97 -32.17
CA ILE E 87 -39.96 38.13 -32.95
C ILE E 87 -41.37 37.90 -33.48
N HIS E 88 -42.36 38.53 -32.86
CA HIS E 88 -43.74 38.37 -33.30
C HIS E 88 -44.54 39.59 -32.86
N VAL E 89 -45.64 39.83 -33.56
CA VAL E 89 -46.50 40.97 -33.25
C VAL E 89 -47.97 40.58 -33.46
N THR E 95 -40.35 36.89 -41.64
CA THR E 95 -40.13 38.18 -41.02
C THR E 95 -40.48 38.15 -39.54
N LYS E 96 -40.96 37.01 -39.06
CA LYS E 96 -41.35 36.86 -37.67
C LYS E 96 -41.16 35.41 -37.25
N ARG E 97 -40.88 35.21 -35.96
CA ARG E 97 -40.70 33.88 -35.42
C ARG E 97 -40.62 33.98 -33.90
N PHE E 98 -41.25 33.03 -33.21
CA PHE E 98 -41.26 32.98 -31.76
C PHE E 98 -40.95 31.57 -31.31
N ASP E 99 -39.98 31.44 -30.41
CA ASP E 99 -39.52 30.15 -29.91
C ASP E 99 -39.59 30.13 -28.39
N ASN E 100 -40.21 29.08 -27.84
CA ASN E 100 -40.23 28.88 -26.40
C ASN E 100 -40.28 27.40 -26.08
N PRO E 101 -39.32 26.60 -26.54
CA PRO E 101 -39.31 25.16 -26.22
C PRO E 101 -38.48 24.86 -24.99
N VAL E 102 -38.51 23.59 -24.60
CA VAL E 102 -37.67 23.05 -23.53
C VAL E 102 -36.57 22.22 -24.18
N LEU E 103 -35.33 22.43 -23.75
CA LEU E 103 -34.18 21.81 -24.38
C LEU E 103 -33.36 21.02 -23.35
N PRO E 104 -32.67 19.97 -23.78
CA PRO E 104 -31.87 19.20 -22.83
C PRO E 104 -30.63 19.96 -22.39
N PHE E 105 -30.10 19.55 -21.23
CA PHE E 105 -28.91 20.17 -20.66
C PHE E 105 -27.63 19.50 -21.16
N ASN E 106 -27.63 18.17 -21.24
CA ASN E 106 -26.50 17.43 -21.80
C ASN E 106 -25.19 17.75 -21.07
N ASP E 107 -25.28 17.91 -19.75
CA ASP E 107 -24.09 18.10 -18.91
C ASP E 107 -23.26 19.28 -19.40
N GLY E 108 -23.88 20.47 -19.35
CA GLY E 108 -23.21 21.69 -19.76
C GLY E 108 -23.91 22.35 -20.93
N VAL E 109 -23.94 23.68 -20.95
CA VAL E 109 -24.62 24.40 -22.02
C VAL E 109 -23.91 25.74 -22.21
N TYR E 110 -23.91 26.22 -23.46
CA TYR E 110 -23.35 27.52 -23.81
C TYR E 110 -24.45 28.33 -24.46
N PHE E 111 -24.83 29.43 -23.81
CA PHE E 111 -25.87 30.33 -24.26
C PHE E 111 -25.23 31.62 -24.75
N ALA E 112 -25.72 32.16 -25.86
CA ALA E 112 -25.26 33.44 -26.36
C ALA E 112 -26.46 34.25 -26.86
N SER E 113 -26.31 35.56 -26.84
CA SER E 113 -27.41 36.43 -27.26
C SER E 113 -26.86 37.79 -27.64
N THR E 114 -27.71 38.56 -28.33
CA THR E 114 -27.40 39.94 -28.69
C THR E 114 -28.71 40.72 -28.71
N GLU E 115 -28.81 41.74 -27.87
CA GLU E 115 -30.04 42.52 -27.78
C GLU E 115 -29.70 43.92 -27.30
N LYS E 116 -30.63 44.85 -27.55
CA LYS E 116 -30.48 46.23 -27.13
C LYS E 116 -31.50 46.65 -26.09
N SER E 117 -32.37 45.74 -25.64
CA SER E 117 -33.40 46.06 -24.66
C SER E 117 -33.47 45.06 -23.52
N ASN E 118 -32.50 44.17 -23.40
CA ASN E 118 -32.47 43.18 -22.33
C ASN E 118 -33.75 42.35 -22.29
N ILE E 119 -34.21 41.92 -23.47
CA ILE E 119 -35.42 41.11 -23.56
C ILE E 119 -35.24 39.82 -22.78
N ILE E 120 -34.11 39.15 -22.98
CA ILE E 120 -33.81 37.94 -22.22
C ILE E 120 -33.45 38.32 -20.79
N ARG E 121 -34.06 37.64 -19.82
CA ARG E 121 -33.92 38.02 -18.42
C ARG E 121 -33.59 36.87 -17.48
N GLY E 122 -33.89 35.61 -17.84
CA GLY E 122 -33.67 34.55 -16.88
C GLY E 122 -33.60 33.18 -17.51
N TRP E 123 -33.29 32.21 -16.65
CA TRP E 123 -33.18 30.81 -17.01
C TRP E 123 -33.85 29.96 -15.95
N ILE E 124 -34.28 28.77 -16.36
CA ILE E 124 -34.86 27.78 -15.47
C ILE E 124 -34.19 26.44 -15.72
N PHE E 125 -33.86 25.73 -14.65
CA PHE E 125 -33.22 24.43 -14.75
C PHE E 125 -33.89 23.46 -13.78
N GLY E 126 -33.84 22.18 -14.12
CA GLY E 126 -34.41 21.17 -13.25
C GLY E 126 -34.48 19.83 -13.95
N THR E 127 -35.05 18.86 -13.24
CA THR E 127 -35.22 17.53 -13.78
C THR E 127 -36.54 17.37 -14.52
N THR E 128 -37.63 17.92 -13.96
CA THR E 128 -38.93 17.85 -14.61
C THR E 128 -39.71 19.14 -14.55
N LEU E 129 -39.21 20.18 -13.87
CA LEU E 129 -39.89 21.47 -13.75
C LEU E 129 -41.32 21.28 -13.25
N ASP E 130 -41.43 20.63 -12.08
CA ASP E 130 -42.70 20.39 -11.43
C ASP E 130 -42.59 20.77 -9.95
N SER E 131 -43.73 20.74 -9.27
CA SER E 131 -43.78 21.07 -7.86
C SER E 131 -43.13 19.99 -6.99
N LYS E 132 -42.87 18.81 -7.53
CA LYS E 132 -42.35 17.69 -6.77
C LYS E 132 -40.85 17.49 -6.96
N THR E 133 -40.17 18.42 -7.64
CA THR E 133 -38.73 18.33 -7.85
C THR E 133 -38.10 19.70 -7.67
N GLN E 134 -36.99 19.75 -6.96
CA GLN E 134 -36.28 21.00 -6.75
C GLN E 134 -35.72 21.51 -8.07
N SER E 135 -35.86 22.81 -8.29
CA SER E 135 -35.47 23.43 -9.55
C SER E 135 -34.81 24.77 -9.28
N LEU E 136 -33.96 25.18 -10.23
CA LEU E 136 -33.22 26.42 -10.15
C LEU E 136 -33.89 27.48 -11.04
N LEU E 137 -34.08 28.67 -10.49
CA LEU E 137 -34.59 29.81 -11.23
C LEU E 137 -33.60 30.97 -11.09
N ILE E 138 -33.15 31.49 -12.23
CA ILE E 138 -32.21 32.61 -12.27
C ILE E 138 -32.89 33.75 -13.02
N VAL E 139 -32.86 34.95 -12.43
CA VAL E 139 -33.48 36.12 -13.04
C VAL E 139 -32.57 37.31 -12.87
N ASN E 140 -32.69 38.28 -13.77
CA ASN E 140 -31.96 39.53 -13.71
C ASN E 140 -32.94 40.69 -13.76
N ASN E 141 -32.58 41.78 -13.08
CA ASN E 141 -33.38 42.99 -13.09
C ASN E 141 -32.44 44.18 -13.01
N ALA E 142 -33.01 45.37 -13.16
CA ALA E 142 -32.21 46.59 -13.13
C ALA E 142 -31.53 46.81 -11.79
N THR E 143 -31.99 46.13 -10.74
CA THR E 143 -31.45 46.32 -9.40
C THR E 143 -30.47 45.22 -8.98
N ASN E 144 -30.81 43.95 -9.22
CA ASN E 144 -30.00 42.85 -8.73
C ASN E 144 -30.19 41.63 -9.62
N VAL E 145 -29.25 40.69 -9.50
CA VAL E 145 -29.34 39.39 -10.15
C VAL E 145 -29.63 38.36 -9.06
N VAL E 146 -30.71 37.62 -9.22
CA VAL E 146 -31.23 36.74 -8.19
C VAL E 146 -31.21 35.30 -8.69
N ILE E 147 -30.88 34.37 -7.80
CA ILE E 147 -30.90 32.94 -8.09
C ILE E 147 -31.54 32.23 -6.92
N LYS E 148 -32.38 31.24 -7.19
CA LYS E 148 -33.05 30.50 -6.15
C LYS E 148 -33.18 29.04 -6.54
N VAL E 149 -33.20 28.17 -5.54
CA VAL E 149 -33.44 26.75 -5.71
C VAL E 149 -34.64 26.38 -4.86
N CYS E 150 -35.75 26.09 -5.52
CA CYS E 150 -37.00 25.74 -4.86
C CYS E 150 -37.79 24.81 -5.77
N GLU E 151 -38.74 24.09 -5.18
CA GLU E 151 -39.60 23.17 -5.93
C GLU E 151 -40.65 23.98 -6.70
N PHE E 152 -40.16 24.75 -7.67
CA PHE E 152 -41.04 25.61 -8.45
C PHE E 152 -42.00 24.78 -9.30
N GLN E 153 -43.24 25.26 -9.40
CA GLN E 153 -44.23 24.67 -10.30
C GLN E 153 -44.29 25.49 -11.58
N PHE E 154 -43.25 25.33 -12.39
CA PHE E 154 -43.14 26.08 -13.63
C PHE E 154 -44.28 25.71 -14.57
N CYS E 155 -44.73 26.70 -15.34
CA CYS E 155 -45.78 26.46 -16.32
C CYS E 155 -45.24 25.64 -17.48
N ASN E 156 -46.18 25.10 -18.27
CA ASN E 156 -45.78 24.35 -19.46
C ASN E 156 -45.15 25.27 -20.50
N ASP E 157 -45.63 26.50 -20.62
CA ASP E 157 -45.10 27.49 -21.53
C ASP E 157 -44.85 28.78 -20.76
N PRO E 158 -43.87 28.78 -19.87
CA PRO E 158 -43.62 29.97 -19.05
C PRO E 158 -42.92 31.07 -19.82
N PHE E 159 -43.05 32.29 -19.30
CA PHE E 159 -42.41 33.46 -19.88
C PHE E 159 -42.69 34.66 -18.98
N LEU E 160 -42.06 35.78 -19.30
CA LEU E 160 -42.24 37.02 -18.58
C LEU E 160 -42.84 38.07 -19.50
N GLY E 161 -43.45 39.10 -18.90
CA GLY E 161 -44.04 40.17 -19.67
C GLY E 161 -44.03 41.47 -18.89
N VAL E 162 -44.19 42.57 -19.63
CA VAL E 162 -44.15 43.90 -19.06
C VAL E 162 -45.29 44.74 -19.63
N TYR E 163 -45.64 45.80 -18.90
CA TYR E 163 -46.64 46.77 -19.32
C TYR E 163 -46.11 48.17 -19.05
N TYR E 164 -46.60 49.13 -19.82
CA TYR E 164 -46.15 50.52 -19.71
C TYR E 164 -47.11 51.33 -18.86
N HIS E 165 -46.56 52.09 -17.92
CA HIS E 165 -47.34 52.98 -17.08
C HIS E 165 -46.57 54.27 -16.87
N LYS E 166 -47.31 55.35 -16.61
CA LYS E 166 -46.68 56.66 -16.46
C LYS E 166 -45.94 56.77 -15.13
N ASN E 167 -46.46 56.13 -14.07
CA ASN E 167 -45.83 56.23 -12.77
C ASN E 167 -44.39 55.74 -12.82
N ASN E 168 -44.16 54.58 -13.43
CA ASN E 168 -42.80 54.07 -13.60
C ASN E 168 -42.07 54.74 -14.75
N LYS E 169 -42.79 55.36 -15.68
CA LYS E 169 -42.22 55.97 -16.87
C LYS E 169 -41.39 55.00 -17.67
N SER E 170 -41.61 53.69 -17.46
CA SER E 170 -40.88 52.66 -18.17
C SER E 170 -41.66 51.36 -18.05
N TRP E 171 -41.26 50.37 -18.83
CA TRP E 171 -41.93 49.07 -18.79
C TRP E 171 -41.69 48.40 -17.45
N MET E 172 -42.77 47.96 -16.81
CA MET E 172 -42.71 47.30 -15.51
C MET E 172 -43.29 45.90 -15.64
N GLU E 173 -42.66 44.93 -14.99
CA GLU E 173 -43.06 43.54 -15.12
C GLU E 173 -44.44 43.34 -14.51
N SER E 174 -45.34 42.71 -15.29
CA SER E 174 -46.68 42.39 -14.82
C SER E 174 -47.11 40.97 -15.14
N GLU E 175 -46.52 40.32 -16.15
CA GLU E 175 -46.88 38.95 -16.52
C GLU E 175 -45.81 38.01 -15.99
N PHE E 176 -45.95 37.65 -14.71
CA PHE E 176 -45.05 36.69 -14.07
C PHE E 176 -45.56 35.27 -14.28
N ARG E 177 -45.71 34.92 -15.57
CA ARG E 177 -46.22 33.61 -15.96
C ARG E 177 -45.13 32.54 -15.94
N VAL E 178 -43.99 32.80 -15.30
CA VAL E 178 -42.91 31.82 -15.27
C VAL E 178 -43.33 30.59 -14.48
N TYR E 179 -44.09 30.78 -13.41
CA TYR E 179 -44.50 29.66 -12.56
C TYR E 179 -45.90 29.91 -12.03
N SER E 180 -46.62 28.81 -11.77
CA SER E 180 -47.92 28.91 -11.13
C SER E 180 -47.77 29.22 -9.64
N SER E 181 -46.82 28.59 -8.97
CA SER E 181 -46.60 28.81 -7.55
C SER E 181 -45.19 28.37 -7.20
N ALA E 182 -44.72 28.83 -6.03
CA ALA E 182 -43.41 28.47 -5.51
C ALA E 182 -43.56 28.00 -4.07
N ASN E 183 -42.84 26.93 -3.72
CA ASN E 183 -42.94 26.37 -2.39
C ASN E 183 -41.67 25.58 -2.09
N ASN E 184 -41.42 25.39 -0.80
CA ASN E 184 -40.30 24.59 -0.32
C ASN E 184 -38.97 25.15 -0.84
N CYS E 185 -38.69 26.39 -0.46
CA CYS E 185 -37.44 27.02 -0.84
C CYS E 185 -36.27 26.32 -0.16
N THR E 186 -35.19 26.11 -0.92
CA THR E 186 -34.02 25.40 -0.41
C THR E 186 -32.72 26.17 -0.54
N PHE E 187 -32.59 27.09 -1.50
CA PHE E 187 -31.38 27.90 -1.58
C PHE E 187 -31.71 29.25 -2.20
N GLU E 188 -30.92 30.26 -1.85
CA GLU E 188 -31.10 31.60 -2.39
C GLU E 188 -29.75 32.28 -2.51
N TYR E 189 -29.66 33.21 -3.45
CA TYR E 189 -28.45 34.00 -3.63
C TYR E 189 -28.81 35.26 -4.42
N VAL E 190 -28.16 36.37 -4.05
CA VAL E 190 -28.38 37.64 -4.72
C VAL E 190 -27.01 38.29 -4.98
N SER E 191 -26.94 39.05 -6.07
CA SER E 191 -25.73 39.76 -6.44
C SER E 191 -26.11 41.01 -7.22
N GLN E 192 -25.11 41.78 -7.60
CA GLN E 192 -25.31 43.00 -8.36
C GLN E 192 -25.12 42.76 -9.84
N PRO E 193 -25.70 43.60 -10.70
CA PRO E 193 -25.46 43.48 -12.15
C PRO E 193 -24.09 44.05 -12.54
N PHE E 194 -23.06 43.23 -12.33
CA PHE E 194 -21.69 43.69 -12.53
C PHE E 194 -21.41 43.97 -14.00
N LEU E 195 -21.77 43.05 -14.88
CA LEU E 195 -21.38 43.11 -16.29
C LEU E 195 -22.40 43.85 -17.15
N MET E 196 -23.52 44.28 -16.61
CA MET E 196 -24.50 45.03 -17.38
C MET E 196 -24.03 46.46 -17.58
N ASP E 197 -24.17 46.95 -18.81
CA ASP E 197 -23.74 48.31 -19.12
C ASP E 197 -24.52 49.33 -18.30
N LEU E 198 -25.85 49.16 -18.22
CA LEU E 198 -26.76 50.03 -17.49
C LEU E 198 -26.93 51.40 -18.15
N GLU E 199 -26.25 51.66 -19.27
CA GLU E 199 -26.37 52.93 -19.97
C GLU E 199 -26.68 52.79 -21.45
N GLY E 200 -26.37 51.65 -22.07
CA GLY E 200 -26.66 51.47 -23.49
C GLY E 200 -28.11 51.14 -23.74
N LYS E 201 -29.00 52.05 -23.34
CA LYS E 201 -30.43 51.81 -23.53
C LYS E 201 -30.78 51.70 -25.01
N GLN E 202 -30.02 52.34 -25.88
CA GLN E 202 -30.26 52.31 -27.31
C GLN E 202 -28.95 52.07 -28.05
N GLY E 203 -29.05 51.47 -29.22
CA GLY E 203 -27.89 51.17 -30.03
C GLY E 203 -28.28 50.30 -31.20
N ASN E 204 -27.33 50.16 -32.12
CA ASN E 204 -27.54 49.36 -33.32
C ASN E 204 -27.10 47.91 -33.12
N PHE E 205 -27.57 47.31 -32.03
CA PHE E 205 -27.31 45.90 -31.73
C PHE E 205 -25.82 45.59 -31.81
N LYS E 206 -25.00 46.53 -31.33
CA LYS E 206 -23.54 46.37 -31.34
C LYS E 206 -23.06 45.83 -30.00
N ASN E 207 -23.53 44.62 -29.67
CA ASN E 207 -23.19 44.00 -28.39
C ASN E 207 -23.37 42.49 -28.52
N LEU E 208 -22.80 41.78 -27.55
CA LEU E 208 -22.90 40.33 -27.51
C LEU E 208 -22.70 39.86 -26.07
N ARG E 209 -23.44 38.84 -25.66
CA ARG E 209 -23.33 38.24 -24.34
C ARG E 209 -23.18 36.74 -24.49
N GLU E 210 -22.25 36.15 -23.75
CA GLU E 210 -21.98 34.72 -23.81
C GLU E 210 -21.84 34.18 -22.40
N PHE E 211 -22.67 33.21 -22.04
CA PHE E 211 -22.63 32.54 -20.75
C PHE E 211 -22.45 31.04 -20.97
N VAL E 212 -21.84 30.38 -19.99
CA VAL E 212 -21.64 28.94 -19.99
C VAL E 212 -22.08 28.41 -18.64
N PHE E 213 -23.03 27.47 -18.65
CA PHE E 213 -23.59 26.90 -17.43
C PHE E 213 -23.14 25.45 -17.31
N LYS E 214 -22.60 25.10 -16.15
CA LYS E 214 -22.19 23.73 -15.87
C LYS E 214 -22.77 23.29 -14.54
N ASN E 215 -23.12 22.00 -14.46
CA ASN E 215 -23.70 21.42 -13.24
C ASN E 215 -23.01 20.09 -12.98
N ILE E 216 -22.11 20.07 -12.00
CA ILE E 216 -21.36 18.85 -11.69
C ILE E 216 -20.88 18.94 -10.25
N ASP E 217 -20.74 17.77 -9.61
CA ASP E 217 -20.24 17.67 -8.24
C ASP E 217 -21.08 18.54 -7.29
N GLY E 218 -22.40 18.49 -7.46
CA GLY E 218 -23.27 19.29 -6.62
C GLY E 218 -23.00 20.77 -6.69
N TYR E 219 -22.43 21.24 -7.81
CA TYR E 219 -22.06 22.62 -7.98
C TYR E 219 -22.57 23.14 -9.31
N PHE E 220 -23.13 24.35 -9.29
CA PHE E 220 -23.61 25.04 -10.48
C PHE E 220 -22.72 26.24 -10.73
N LYS E 221 -22.19 26.34 -11.94
CA LYS E 221 -21.19 27.34 -12.29
C LYS E 221 -21.62 28.09 -13.55
N ILE E 222 -21.55 29.41 -13.48
CA ILE E 222 -21.82 30.30 -14.61
C ILE E 222 -20.54 31.06 -14.92
N TYR E 223 -19.98 30.83 -16.10
CA TYR E 223 -18.88 31.62 -16.64
C TYR E 223 -19.43 32.51 -17.74
N SER E 224 -19.35 33.83 -17.54
CA SER E 224 -20.03 34.75 -18.45
C SER E 224 -19.11 35.89 -18.86
N LYS E 225 -19.40 36.45 -20.02
CA LYS E 225 -18.69 37.61 -20.54
C LYS E 225 -19.61 38.37 -21.48
N HIS E 226 -19.32 39.66 -21.65
CA HIS E 226 -20.01 40.51 -22.60
C HIS E 226 -18.97 41.28 -23.42
N THR E 227 -19.23 41.41 -24.72
CA THR E 227 -18.28 42.03 -25.64
C THR E 227 -19.04 42.92 -26.63
N PRO E 228 -18.68 44.19 -26.76
CA PRO E 228 -19.26 45.01 -27.83
C PRO E 228 -18.74 44.55 -29.20
N ILE E 229 -19.66 44.29 -30.12
CA ILE E 229 -19.33 43.81 -31.45
C ILE E 229 -20.29 44.46 -32.44
N ASN E 230 -19.75 45.30 -33.33
CA ASN E 230 -20.55 45.99 -34.33
C ASN E 230 -20.77 45.17 -35.60
N LEU E 231 -20.18 43.99 -35.69
CA LEU E 231 -20.33 43.17 -36.89
C LEU E 231 -21.74 42.58 -36.96
N VAL E 232 -22.28 42.51 -38.18
CA VAL E 232 -23.62 41.96 -38.38
C VAL E 232 -23.63 40.44 -38.35
N ARG E 233 -22.47 39.79 -38.39
CA ARG E 233 -22.43 38.34 -38.46
C ARG E 233 -23.09 37.71 -37.25
N ASP E 234 -23.75 36.57 -37.47
CA ASP E 234 -24.44 35.89 -36.38
C ASP E 234 -23.50 35.64 -35.21
N LEU E 235 -22.33 35.06 -35.48
CA LEU E 235 -21.32 34.85 -34.47
C LEU E 235 -20.04 35.56 -34.87
N PRO E 236 -19.36 36.22 -33.95
CA PRO E 236 -18.05 36.80 -34.30
C PRO E 236 -17.05 35.71 -34.60
N GLN E 237 -16.17 35.99 -35.56
CA GLN E 237 -15.10 35.06 -35.91
C GLN E 237 -13.88 35.20 -35.01
N GLY E 238 -13.90 36.15 -34.08
CA GLY E 238 -12.77 36.38 -33.20
C GLY E 238 -12.73 35.40 -32.05
N PHE E 239 -11.82 35.68 -31.11
CA PHE E 239 -11.60 34.83 -29.96
C PHE E 239 -11.76 35.66 -28.69
N SER E 240 -12.38 35.05 -27.68
CA SER E 240 -12.52 35.67 -26.37
C SER E 240 -12.94 34.61 -25.37
N ALA E 241 -12.28 34.59 -24.22
CA ALA E 241 -12.56 33.61 -23.19
C ALA E 241 -13.65 34.09 -22.25
N LEU E 242 -14.29 33.14 -21.57
CA LEU E 242 -15.43 33.41 -20.71
C LEU E 242 -14.98 33.38 -19.25
N GLU E 243 -15.33 34.43 -18.51
CA GLU E 243 -14.88 34.64 -17.15
C GLU E 243 -15.86 33.99 -16.17
N PRO E 244 -15.37 33.28 -15.14
CA PRO E 244 -16.29 32.80 -14.10
C PRO E 244 -16.98 33.97 -13.42
N LEU E 245 -18.28 33.84 -13.22
CA LEU E 245 -19.05 34.89 -12.57
C LEU E 245 -19.85 34.41 -11.38
N VAL E 246 -20.40 33.19 -11.43
CA VAL E 246 -21.21 32.68 -10.33
C VAL E 246 -20.84 31.24 -10.06
N ASP E 247 -20.80 30.87 -8.78
CA ASP E 247 -20.58 29.49 -8.36
C ASP E 247 -21.40 29.24 -7.11
N LEU E 248 -22.33 28.31 -7.19
CA LEU E 248 -23.26 28.03 -6.10
C LEU E 248 -23.37 26.53 -5.88
N PRO E 249 -23.83 26.10 -4.71
CA PRO E 249 -24.05 24.68 -4.47
C PRO E 249 -25.45 24.24 -4.86
N ILE E 250 -25.57 22.95 -5.16
CA ILE E 250 -26.85 22.32 -5.45
C ILE E 250 -26.82 20.88 -4.95
N GLY E 251 -27.94 20.18 -5.06
CA GLY E 251 -28.02 18.81 -4.60
C GLY E 251 -28.90 17.91 -5.44
N ILE E 252 -29.15 18.30 -6.69
CA ILE E 252 -30.02 17.54 -7.57
C ILE E 252 -29.49 17.63 -8.99
N ASN E 253 -29.68 16.55 -9.74
CA ASN E 253 -29.30 16.52 -11.14
C ASN E 253 -30.27 17.36 -11.98
N ILE E 254 -29.77 17.88 -13.10
CA ILE E 254 -30.54 18.72 -14.01
C ILE E 254 -30.53 18.07 -15.38
N THR E 255 -31.68 18.10 -16.05
CA THR E 255 -31.83 17.50 -17.38
C THR E 255 -32.51 18.39 -18.39
N ARG E 256 -33.15 19.49 -17.98
CA ARG E 256 -33.86 20.35 -18.91
C ARG E 256 -33.69 21.80 -18.47
N PHE E 257 -33.84 22.71 -19.44
CA PHE E 257 -33.74 24.13 -19.17
C PHE E 257 -34.46 24.89 -20.27
N GLN E 258 -34.72 26.17 -20.01
CA GLN E 258 -35.36 27.04 -20.99
C GLN E 258 -35.07 28.49 -20.63
N THR E 259 -34.89 29.31 -21.65
CA THR E 259 -34.65 30.73 -21.45
C THR E 259 -35.95 31.45 -21.09
N LEU E 260 -35.80 32.63 -20.49
CA LEU E 260 -36.91 33.48 -20.10
C LEU E 260 -36.77 34.82 -20.80
N LEU E 261 -37.86 35.29 -21.41
CA LEU E 261 -37.88 36.55 -22.13
C LEU E 261 -39.08 37.37 -21.67
N ALA E 262 -38.93 38.70 -21.75
CA ALA E 262 -39.97 39.62 -21.32
C ALA E 262 -40.85 39.98 -22.51
N LEU E 263 -42.11 39.55 -22.47
CA LEU E 263 -43.06 39.88 -23.51
C LEU E 263 -43.66 41.27 -23.26
N HIS E 264 -44.58 41.68 -24.13
CA HIS E 264 -45.24 42.96 -24.02
C HIS E 264 -46.74 42.76 -24.10
N ARG E 265 -47.47 43.49 -23.26
CA ARG E 265 -48.92 43.38 -23.24
C ARG E 265 -49.54 44.06 -24.46
N SER E 266 -50.79 43.69 -24.75
CA SER E 266 -51.53 44.28 -25.84
C SER E 266 -53.02 44.23 -25.52
N TYR E 267 -53.77 45.08 -26.19
CA TYR E 267 -55.22 45.18 -26.00
C TYR E 267 -55.92 44.65 -27.24
N LEU E 268 -56.86 43.73 -27.03
CA LEU E 268 -57.62 43.14 -28.13
C LEU E 268 -59.00 42.77 -27.62
N THR E 269 -60.02 43.01 -28.46
CA THR E 269 -61.38 42.64 -28.13
C THR E 269 -61.64 41.19 -28.49
N PRO E 270 -62.68 40.57 -27.92
CA PRO E 270 -62.97 39.18 -28.25
C PRO E 270 -63.19 38.94 -29.73
N GLY E 271 -63.80 39.90 -30.43
CA GLY E 271 -64.06 39.75 -31.84
C GLY E 271 -62.91 40.15 -32.75
N ASP E 272 -61.83 40.71 -32.19
CA ASP E 272 -60.70 41.10 -33.03
C ASP E 272 -60.07 39.89 -33.71
N SER E 273 -59.88 38.81 -32.96
CA SER E 273 -59.28 37.58 -33.50
C SER E 273 -57.93 37.87 -34.13
N SER E 274 -57.16 38.77 -33.52
CA SER E 274 -55.84 39.13 -34.02
C SER E 274 -54.83 38.08 -33.56
N SER E 275 -53.53 38.37 -33.77
CA SER E 275 -52.50 37.41 -33.39
C SER E 275 -52.52 37.14 -31.88
N GLY E 276 -52.61 38.20 -31.09
CA GLY E 276 -52.66 38.07 -29.65
C GLY E 276 -51.32 37.91 -28.96
N TRP E 277 -50.22 37.86 -29.72
CA TRP E 277 -48.88 37.74 -29.17
C TRP E 277 -48.06 38.95 -29.60
N THR E 278 -47.48 39.64 -28.63
CA THR E 278 -46.70 40.84 -28.89
C THR E 278 -45.53 40.91 -27.93
N ALA E 279 -44.36 41.28 -28.47
CA ALA E 279 -43.15 41.39 -27.67
C ALA E 279 -42.05 41.97 -28.55
N GLY E 280 -40.92 42.30 -27.92
CA GLY E 280 -39.79 42.82 -28.66
C GLY E 280 -39.05 41.72 -29.41
N ALA E 281 -38.26 42.15 -30.39
CA ALA E 281 -37.48 41.22 -31.19
C ALA E 281 -36.22 40.80 -30.44
N ALA E 282 -35.89 39.51 -30.54
CA ALA E 282 -34.69 39.00 -29.90
C ALA E 282 -34.33 37.66 -30.53
N ALA E 283 -33.13 37.18 -30.21
CA ALA E 283 -32.69 35.87 -30.69
C ALA E 283 -31.62 35.35 -29.73
N TYR E 284 -31.41 34.04 -29.78
CA TYR E 284 -30.40 33.43 -28.91
C TYR E 284 -29.82 32.18 -29.57
N TYR E 285 -28.67 31.78 -29.04
CA TYR E 285 -27.83 30.72 -29.59
C TYR E 285 -27.56 29.71 -28.49
N VAL E 286 -27.72 28.43 -28.79
CA VAL E 286 -27.56 27.36 -27.81
C VAL E 286 -26.56 26.33 -28.36
N GLY E 287 -25.60 25.95 -27.53
CA GLY E 287 -24.67 24.90 -27.88
C GLY E 287 -24.41 24.00 -26.68
N TYR E 288 -23.90 22.81 -26.97
CA TYR E 288 -23.65 21.80 -25.96
C TYR E 288 -22.16 21.51 -25.85
N LEU E 289 -21.73 21.16 -24.64
CA LEU E 289 -20.33 20.90 -24.34
C LEU E 289 -20.06 19.40 -24.36
N GLN E 290 -18.80 19.07 -24.58
CA GLN E 290 -18.31 17.70 -24.58
C GLN E 290 -16.99 17.66 -23.82
N PRO E 291 -16.62 16.51 -23.26
CA PRO E 291 -15.33 16.38 -22.58
C PRO E 291 -14.21 16.05 -23.56
N ARG E 292 -13.35 17.03 -23.81
CA ARG E 292 -12.15 16.81 -24.62
C ARG E 292 -11.05 17.73 -24.12
N THR E 293 -9.82 17.36 -24.45
CA THR E 293 -8.66 18.13 -24.03
C THR E 293 -8.53 19.40 -24.88
N PHE E 294 -8.13 20.49 -24.24
CA PHE E 294 -7.82 21.74 -24.90
C PHE E 294 -6.42 22.17 -24.49
N LEU E 295 -5.77 22.97 -25.35
CA LEU E 295 -4.50 23.59 -25.03
C LEU E 295 -4.68 25.09 -25.16
N LEU E 296 -4.62 25.79 -24.04
CA LEU E 296 -4.89 27.22 -23.97
C LEU E 296 -3.61 27.98 -23.65
N LYS E 297 -3.47 29.15 -24.25
CA LYS E 297 -2.30 30.00 -24.04
C LYS E 297 -2.69 31.19 -23.19
N TYR E 298 -1.99 31.38 -22.08
CA TYR E 298 -2.18 32.53 -21.19
C TYR E 298 -1.14 33.59 -21.53
N ASN E 299 -1.62 34.78 -21.86
CA ASN E 299 -0.75 35.90 -22.21
C ASN E 299 0.05 36.35 -20.99
N GLU E 300 0.99 37.27 -21.22
CA GLU E 300 1.80 37.78 -20.12
C GLU E 300 0.94 38.48 -19.08
N ASN E 301 -0.09 39.21 -19.52
CA ASN E 301 -1.04 39.77 -18.59
C ASN E 301 -1.86 38.70 -17.87
N GLY E 302 -1.90 37.49 -18.41
CA GLY E 302 -2.62 36.39 -17.80
C GLY E 302 -3.98 36.10 -18.38
N THR E 303 -4.34 36.71 -19.50
CA THR E 303 -5.65 36.54 -20.11
C THR E 303 -5.56 35.50 -21.21
N ILE E 304 -6.50 34.54 -21.20
CA ILE E 304 -6.60 33.55 -22.26
C ILE E 304 -6.72 34.29 -23.59
N THR E 305 -5.76 34.06 -24.48
CA THR E 305 -5.75 34.72 -25.79
C THR E 305 -6.06 33.78 -26.94
N ASP E 306 -5.78 32.49 -26.79
CA ASP E 306 -6.08 31.51 -27.84
C ASP E 306 -6.06 30.12 -27.25
N ALA E 307 -6.64 29.18 -27.99
CA ALA E 307 -6.62 27.78 -27.58
C ALA E 307 -6.86 26.92 -28.81
N VAL E 308 -6.48 25.66 -28.69
CA VAL E 308 -6.63 24.69 -29.78
C VAL E 308 -7.14 23.38 -29.22
N ASP E 309 -7.97 22.70 -30.00
CA ASP E 309 -8.52 21.41 -29.61
C ASP E 309 -7.60 20.29 -30.05
N CYS E 310 -7.68 19.16 -29.35
CA CYS E 310 -6.92 17.97 -29.69
C CYS E 310 -7.76 16.92 -30.42
N ALA E 311 -8.91 17.33 -30.97
CA ALA E 311 -9.76 16.42 -31.73
C ALA E 311 -10.34 17.04 -32.99
N LEU E 312 -10.25 18.35 -33.19
CA LEU E 312 -10.86 18.98 -34.35
C LEU E 312 -10.23 18.45 -35.64
N ASP E 313 -8.94 18.71 -35.84
CA ASP E 313 -8.24 18.36 -37.05
C ASP E 313 -6.88 17.78 -36.69
N PRO E 314 -6.26 17.02 -37.59
CA PRO E 314 -4.94 16.45 -37.28
C PRO E 314 -3.90 17.49 -36.96
N LEU E 315 -3.99 18.68 -37.55
CA LEU E 315 -2.99 19.73 -37.27
C LEU E 315 -3.10 20.19 -35.82
N SER E 316 -4.31 20.47 -35.35
CA SER E 316 -4.49 20.91 -33.97
C SER E 316 -4.07 19.82 -33.00
N GLU E 317 -4.37 18.56 -33.33
CA GLU E 317 -3.97 17.47 -32.46
C GLU E 317 -2.45 17.29 -32.46
N THR E 318 -1.80 17.57 -33.58
CA THR E 318 -0.34 17.60 -33.61
C THR E 318 0.19 18.67 -32.68
N LYS E 319 -0.41 19.87 -32.73
CA LYS E 319 -0.04 20.92 -31.80
C LYS E 319 -0.21 20.45 -30.36
N CYS E 320 -1.31 19.76 -30.08
CA CYS E 320 -1.54 19.23 -28.74
C CYS E 320 -0.43 18.26 -28.34
N THR E 321 0.02 17.43 -29.28
CA THR E 321 1.10 16.50 -28.96
C THR E 321 2.36 17.25 -28.55
N LEU E 322 2.68 18.34 -29.23
CA LEU E 322 3.69 19.27 -28.77
C LEU E 322 3.05 20.17 -27.71
N LYS E 323 3.76 21.23 -27.32
CA LYS E 323 3.24 22.22 -26.38
C LYS E 323 3.42 23.62 -26.95
N SER E 324 3.06 23.78 -28.22
CA SER E 324 3.23 25.05 -28.90
C SER E 324 2.16 25.21 -29.97
N PHE E 325 1.94 26.45 -30.38
CA PHE E 325 1.00 26.74 -31.46
C PHE E 325 1.63 26.63 -32.83
N THR E 326 2.92 26.94 -32.95
CA THR E 326 3.65 26.86 -34.21
C THR E 326 4.43 25.57 -34.24
N VAL E 327 4.20 24.75 -35.26
CA VAL E 327 4.84 23.44 -35.41
C VAL E 327 5.63 23.45 -36.71
N GLU E 328 6.91 23.10 -36.63
CA GLU E 328 7.76 23.09 -37.80
C GLU E 328 7.52 21.83 -38.64
N LYS E 329 7.96 21.88 -39.90
CA LYS E 329 7.74 20.78 -40.81
C LYS E 329 8.43 19.51 -40.31
N GLY E 330 7.77 18.38 -40.50
CA GLY E 330 8.35 17.11 -40.12
C GLY E 330 7.30 16.05 -39.94
N ILE E 331 7.74 14.92 -39.38
CA ILE E 331 6.86 13.82 -39.01
C ILE E 331 6.69 13.87 -37.50
N TYR E 332 5.44 13.91 -37.04
CA TYR E 332 5.14 14.02 -35.62
C TYR E 332 4.29 12.81 -35.21
N GLN E 333 4.92 11.86 -34.51
CA GLN E 333 4.16 10.75 -33.95
C GLN E 333 3.08 11.35 -33.06
N THR E 334 1.83 11.23 -33.49
CA THR E 334 0.74 12.05 -32.97
C THR E 334 -0.23 11.26 -32.09
N SER E 335 -0.75 10.14 -32.58
CA SER E 335 -1.70 9.37 -31.78
C SER E 335 -1.58 7.91 -32.16
N ASN E 336 -2.59 7.12 -31.78
CA ASN E 336 -2.69 5.72 -32.18
C ASN E 336 -4.07 5.46 -32.77
N PHE E 337 -4.09 4.65 -33.82
CA PHE E 337 -5.30 4.22 -34.50
C PHE E 337 -5.63 2.81 -34.07
N ARG E 338 -6.90 2.59 -33.72
CA ARG E 338 -7.39 1.25 -33.37
C ARG E 338 -8.81 1.12 -33.94
N VAL E 339 -9.06 0.03 -34.66
CA VAL E 339 -10.39 -0.22 -35.19
C VAL E 339 -11.24 -0.81 -34.07
N GLN E 340 -12.27 -0.08 -33.67
CA GLN E 340 -13.06 -0.47 -32.50
C GLN E 340 -13.90 -1.71 -32.81
N PRO E 341 -14.29 -2.46 -31.78
CA PRO E 341 -15.15 -3.62 -32.00
C PRO E 341 -16.48 -3.21 -32.63
N THR E 342 -16.99 -4.06 -33.52
CA THR E 342 -18.27 -3.82 -34.16
C THR E 342 -19.42 -4.59 -33.52
N GLU E 343 -19.11 -5.66 -32.79
CA GLU E 343 -20.14 -6.47 -32.15
C GLU E 343 -19.55 -7.16 -30.93
N SER E 344 -20.43 -7.60 -30.04
CA SER E 344 -20.04 -8.34 -28.84
C SER E 344 -20.53 -9.77 -28.98
N ILE E 345 -19.61 -10.72 -28.91
CA ILE E 345 -19.89 -12.13 -29.15
C ILE E 345 -19.61 -12.90 -27.87
N VAL E 346 -20.62 -13.63 -27.39
CA VAL E 346 -20.47 -14.48 -26.21
C VAL E 346 -20.97 -15.86 -26.60
N ARG E 347 -20.12 -16.87 -26.40
CA ARG E 347 -20.47 -18.25 -26.73
C ARG E 347 -20.13 -19.15 -25.56
N PHE E 348 -21.09 -19.99 -25.18
CA PHE E 348 -20.99 -20.91 -24.06
C PHE E 348 -21.56 -22.25 -24.48
N PRO E 349 -21.25 -23.32 -23.75
CA PRO E 349 -21.88 -24.61 -24.07
C PRO E 349 -23.39 -24.50 -24.03
N ASN E 350 -24.04 -25.17 -24.99
CA ASN E 350 -25.47 -24.98 -25.20
C ASN E 350 -26.31 -25.94 -24.34
N ILE E 351 -26.13 -27.25 -24.54
CA ILE E 351 -26.94 -28.22 -23.81
C ILE E 351 -26.48 -28.21 -22.36
N THR E 352 -27.33 -27.69 -21.47
CA THR E 352 -26.97 -27.54 -20.07
C THR E 352 -28.21 -27.62 -19.20
N ASN E 353 -28.05 -28.20 -18.02
CA ASN E 353 -29.10 -28.26 -17.02
C ASN E 353 -28.90 -27.12 -16.02
N LEU E 354 -29.67 -27.13 -14.93
CA LEU E 354 -29.54 -26.12 -13.89
C LEU E 354 -28.74 -26.68 -12.72
N CYS E 355 -27.85 -25.86 -12.18
CA CYS E 355 -26.93 -26.33 -11.15
C CYS E 355 -27.71 -26.75 -9.91
N PRO E 356 -27.29 -27.82 -9.21
CA PRO E 356 -27.98 -28.28 -8.00
C PRO E 356 -27.51 -27.61 -6.72
N PHE E 357 -27.48 -26.27 -6.73
CA PHE E 357 -27.09 -25.54 -5.53
C PHE E 357 -28.06 -25.79 -4.38
N GLY E 358 -29.36 -25.81 -4.68
CA GLY E 358 -30.35 -26.01 -3.64
C GLY E 358 -30.17 -27.34 -2.91
N GLU E 359 -29.63 -28.35 -3.60
CA GLU E 359 -29.39 -29.62 -2.94
C GLU E 359 -28.40 -29.47 -1.79
N VAL E 360 -27.36 -28.67 -1.99
CA VAL E 360 -26.35 -28.50 -0.95
C VAL E 360 -26.81 -27.49 0.09
N PHE E 361 -27.41 -26.39 -0.34
CA PHE E 361 -27.77 -25.32 0.61
C PHE E 361 -28.95 -25.74 1.47
N ASN E 362 -29.99 -26.31 0.87
CA ASN E 362 -31.19 -26.70 1.60
C ASN E 362 -31.09 -28.10 2.18
N ALA E 363 -29.89 -28.67 2.24
CA ALA E 363 -29.74 -30.01 2.80
C ALA E 363 -30.18 -30.01 4.25
N THR E 364 -30.83 -31.10 4.66
CA THR E 364 -31.33 -31.20 6.03
C THR E 364 -30.18 -31.31 7.02
N ARG E 365 -29.37 -32.36 6.90
CA ARG E 365 -28.27 -32.60 7.82
C ARG E 365 -26.98 -32.01 7.28
N PHE E 366 -26.30 -31.22 8.11
CA PHE E 366 -24.98 -30.70 7.79
C PHE E 366 -23.95 -31.50 8.57
N ALA E 367 -23.01 -32.10 7.86
CA ALA E 367 -22.00 -32.92 8.51
C ALA E 367 -21.14 -32.08 9.43
N SER E 368 -20.65 -32.70 10.51
CA SER E 368 -19.79 -32.00 11.44
C SER E 368 -18.49 -31.58 10.76
N VAL E 369 -17.88 -30.51 11.27
CA VAL E 369 -16.70 -29.95 10.62
C VAL E 369 -15.58 -30.97 10.60
N TYR E 370 -15.46 -31.78 11.65
CA TYR E 370 -14.38 -32.76 11.69
C TYR E 370 -14.49 -33.76 10.54
N ALA E 371 -15.66 -33.87 9.92
CA ALA E 371 -15.86 -34.69 8.74
C ALA E 371 -16.66 -33.92 7.70
N TRP E 372 -16.24 -32.69 7.43
CA TRP E 372 -16.99 -31.82 6.52
C TRP E 372 -17.18 -32.50 5.17
N ASN E 373 -18.38 -32.38 4.62
CA ASN E 373 -18.71 -33.07 3.38
C ASN E 373 -18.42 -32.19 2.17
N ARG E 374 -17.98 -32.85 1.10
CA ARG E 374 -17.52 -32.23 -0.13
C ARG E 374 -18.42 -32.67 -1.29
N LYS E 375 -18.87 -31.70 -2.08
CA LYS E 375 -19.72 -31.95 -3.24
C LYS E 375 -19.10 -31.25 -4.44
N ARG E 376 -18.84 -32.02 -5.50
CA ARG E 376 -18.30 -31.48 -6.73
C ARG E 376 -19.45 -31.14 -7.68
N ILE E 377 -19.36 -29.96 -8.32
CA ILE E 377 -20.36 -29.54 -9.28
C ILE E 377 -19.63 -29.15 -10.57
N SER E 378 -20.14 -29.66 -11.69
CA SER E 378 -19.58 -29.44 -13.01
C SER E 378 -20.69 -29.62 -14.03
N ASN E 379 -20.41 -29.26 -15.27
CA ASN E 379 -21.30 -29.45 -16.41
C ASN E 379 -22.75 -29.12 -16.04
N CYS E 380 -22.96 -27.86 -15.68
CA CYS E 380 -24.29 -27.35 -15.38
C CYS E 380 -24.22 -25.83 -15.30
N VAL E 381 -25.35 -25.18 -15.54
CA VAL E 381 -25.43 -23.74 -15.46
C VAL E 381 -25.54 -23.34 -13.99
N ALA E 382 -24.59 -22.56 -13.52
CA ALA E 382 -24.53 -22.13 -12.12
C ALA E 382 -25.12 -20.72 -12.03
N ASP E 383 -26.37 -20.65 -11.59
CA ASP E 383 -27.05 -19.37 -11.42
C ASP E 383 -26.81 -18.89 -9.99
N TYR E 384 -25.87 -17.96 -9.84
CA TYR E 384 -25.52 -17.43 -8.53
C TYR E 384 -26.44 -16.29 -8.09
N SER E 385 -27.40 -15.91 -8.93
CA SER E 385 -28.33 -14.85 -8.55
C SER E 385 -29.10 -15.21 -7.28
N VAL E 386 -29.41 -16.49 -7.09
CA VAL E 386 -30.28 -16.92 -6.00
C VAL E 386 -29.53 -16.90 -4.68
N LEU E 387 -28.24 -16.57 -4.71
CA LEU E 387 -27.43 -16.51 -3.49
C LEU E 387 -27.35 -15.10 -2.92
N TYR E 388 -26.82 -14.14 -3.68
CA TYR E 388 -26.60 -12.79 -3.16
C TYR E 388 -27.83 -11.90 -3.31
N ASN E 389 -28.93 -12.39 -3.88
CA ASN E 389 -30.19 -11.66 -3.88
C ASN E 389 -31.15 -12.18 -2.81
N SER E 390 -30.74 -13.17 -2.01
CA SER E 390 -31.56 -13.71 -0.93
C SER E 390 -31.04 -13.17 0.39
N ALA E 391 -31.87 -12.37 1.08
CA ALA E 391 -31.49 -11.76 2.36
C ALA E 391 -31.62 -12.80 3.46
N SER E 392 -30.76 -13.81 3.39
CA SER E 392 -30.75 -14.90 4.37
C SER E 392 -29.36 -15.26 4.88
N PHE E 393 -28.30 -14.75 4.25
CA PHE E 393 -26.93 -15.11 4.62
C PHE E 393 -26.34 -13.99 5.46
N SER E 394 -25.84 -14.35 6.65
CA SER E 394 -25.22 -13.37 7.52
C SER E 394 -23.82 -13.01 7.04
N THR E 395 -23.09 -13.97 6.48
CA THR E 395 -21.70 -13.78 6.05
C THR E 395 -21.54 -14.33 4.64
N PHE E 396 -21.72 -13.48 3.65
CA PHE E 396 -21.46 -13.82 2.25
C PHE E 396 -20.17 -13.10 1.86
N LYS E 397 -19.05 -13.83 1.90
CA LYS E 397 -17.75 -13.24 1.62
C LYS E 397 -17.14 -13.94 0.41
N CYS E 398 -16.31 -13.21 -0.33
CA CYS E 398 -15.73 -13.73 -1.57
C CYS E 398 -14.28 -13.28 -1.68
N TYR E 399 -13.41 -14.21 -2.08
CA TYR E 399 -11.99 -13.96 -2.25
C TYR E 399 -11.60 -14.33 -3.68
N GLY E 400 -10.99 -13.38 -4.39
CA GLY E 400 -10.59 -13.59 -5.76
C GLY E 400 -11.65 -13.33 -6.79
N VAL E 401 -12.90 -13.18 -6.38
CA VAL E 401 -13.99 -12.90 -7.31
C VAL E 401 -15.08 -12.14 -6.56
N SER E 402 -15.46 -11.00 -7.10
CA SER E 402 -16.54 -10.27 -6.43
C SER E 402 -17.88 -10.92 -6.76
N PRO E 403 -18.74 -11.10 -5.75
CA PRO E 403 -19.99 -11.85 -6.01
C PRO E 403 -20.86 -11.23 -7.07
N THR E 404 -20.91 -9.90 -7.13
CA THR E 404 -21.81 -9.24 -8.08
C THR E 404 -21.51 -9.66 -9.51
N LYS E 405 -20.26 -10.04 -9.79
CA LYS E 405 -19.84 -10.40 -11.13
C LYS E 405 -19.71 -11.91 -11.32
N LEU E 406 -20.17 -12.71 -10.35
CA LEU E 406 -20.09 -14.16 -10.50
C LEU E 406 -21.03 -14.70 -11.56
N ASN E 407 -21.99 -13.89 -12.03
CA ASN E 407 -22.98 -14.40 -12.96
C ASN E 407 -22.38 -14.73 -14.32
N ASP E 408 -21.29 -14.06 -14.70
CA ASP E 408 -20.74 -14.15 -16.06
C ASP E 408 -19.32 -14.69 -16.04
N LEU E 409 -19.09 -15.75 -15.26
CA LEU E 409 -17.79 -16.41 -15.21
C LEU E 409 -17.95 -17.88 -15.57
N CYS E 410 -16.83 -18.53 -15.78
CA CYS E 410 -16.79 -19.96 -16.07
C CYS E 410 -15.66 -20.59 -15.27
N PHE E 411 -15.91 -21.79 -14.74
CA PHE E 411 -14.95 -22.47 -13.88
C PHE E 411 -14.78 -23.91 -14.34
N THR E 412 -13.59 -24.45 -14.07
CA THR E 412 -13.34 -25.86 -14.36
C THR E 412 -14.26 -26.75 -13.55
N ASN E 413 -14.31 -26.53 -12.23
CA ASN E 413 -15.21 -27.23 -11.34
C ASN E 413 -15.44 -26.34 -10.13
N VAL E 414 -16.47 -26.66 -9.34
CA VAL E 414 -16.70 -25.95 -8.09
C VAL E 414 -16.93 -26.97 -6.99
N TYR E 415 -16.21 -26.82 -5.89
CA TYR E 415 -16.31 -27.72 -4.74
C TYR E 415 -17.02 -27.01 -3.61
N ALA E 416 -18.17 -27.53 -3.21
CA ALA E 416 -18.92 -27.00 -2.09
C ALA E 416 -18.63 -27.86 -0.87
N ASP E 417 -18.01 -27.26 0.14
CA ASP E 417 -17.72 -27.92 1.41
C ASP E 417 -18.69 -27.36 2.44
N SER E 418 -19.43 -28.23 3.10
CA SER E 418 -20.48 -27.79 4.03
C SER E 418 -20.21 -28.32 5.43
N PHE E 419 -20.50 -27.50 6.43
CA PHE E 419 -20.36 -27.91 7.83
C PHE E 419 -21.09 -26.89 8.70
N VAL E 420 -20.96 -27.06 10.02
CA VAL E 420 -21.62 -26.19 11.00
C VAL E 420 -20.61 -25.84 12.09
N ILE E 421 -20.46 -24.54 12.36
CA ILE E 421 -19.45 -24.02 13.28
C ILE E 421 -20.14 -23.14 14.30
N ARG E 422 -19.55 -23.02 15.48
CA ARG E 422 -20.05 -22.07 16.46
C ARG E 422 -19.85 -20.65 15.97
N GLY E 423 -20.86 -19.80 16.20
CA GLY E 423 -20.86 -18.48 15.60
C GLY E 423 -19.64 -17.64 15.97
N ASP E 424 -19.07 -17.88 17.14
CA ASP E 424 -17.90 -17.10 17.54
C ASP E 424 -16.71 -17.36 16.63
N GLU E 425 -16.71 -18.46 15.88
CA GLU E 425 -15.60 -18.80 14.99
C GLU E 425 -16.07 -19.08 13.57
N VAL E 426 -17.15 -18.44 13.13
CA VAL E 426 -17.45 -18.46 11.70
C VAL E 426 -16.39 -17.66 10.96
N ARG E 427 -15.90 -16.59 11.58
CA ARG E 427 -14.85 -15.77 10.98
C ARG E 427 -13.61 -16.59 10.67
N GLN E 428 -13.38 -17.67 11.43
CA GLN E 428 -12.15 -18.45 11.25
C GLN E 428 -12.05 -19.04 9.85
N ILE E 429 -13.15 -19.14 9.12
CA ILE E 429 -13.10 -19.71 7.78
C ILE E 429 -12.64 -18.60 6.83
N ALA E 430 -11.33 -18.51 6.62
CA ALA E 430 -10.73 -17.54 5.72
C ALA E 430 -9.25 -17.88 5.55
N PRO E 431 -8.72 -17.79 4.33
CA PRO E 431 -7.33 -18.23 4.13
C PRO E 431 -6.32 -17.43 4.95
N GLY E 432 -6.58 -16.15 5.14
CA GLY E 432 -5.66 -15.30 5.87
C GLY E 432 -5.93 -15.27 7.37
N GLN E 433 -6.16 -16.45 7.96
CA GLN E 433 -6.41 -16.53 9.39
C GLN E 433 -5.96 -17.89 9.90
N THR E 434 -5.40 -17.89 11.10
CA THR E 434 -5.06 -19.09 11.83
C THR E 434 -5.95 -19.19 13.08
N GLY E 435 -6.43 -20.39 13.36
CA GLY E 435 -7.28 -20.61 14.51
C GLY E 435 -7.41 -22.09 14.81
N LYS E 436 -8.04 -22.38 15.94
CA LYS E 436 -8.17 -23.78 16.37
C LYS E 436 -8.94 -24.59 15.34
N ILE E 437 -10.14 -24.11 14.96
CA ILE E 437 -10.93 -24.85 13.98
C ILE E 437 -10.31 -24.73 12.60
N ALA E 438 -9.84 -23.54 12.24
CA ALA E 438 -9.25 -23.34 10.93
C ALA E 438 -7.98 -24.16 10.73
N ASP E 439 -7.36 -24.62 11.82
CA ASP E 439 -6.14 -25.41 11.75
C ASP E 439 -6.39 -26.90 11.90
N TYR E 440 -7.28 -27.30 12.81
CA TYR E 440 -7.50 -28.70 13.10
C TYR E 440 -8.57 -29.34 12.23
N ASN E 441 -9.49 -28.56 11.68
CA ASN E 441 -10.63 -29.12 10.96
C ASN E 441 -10.68 -28.70 9.50
N TYR E 442 -10.55 -27.41 9.21
CA TYR E 442 -10.73 -26.90 7.85
C TYR E 442 -9.73 -25.78 7.60
N LYS E 443 -8.79 -26.00 6.68
CA LYS E 443 -7.79 -25.01 6.32
C LYS E 443 -7.97 -24.62 4.87
N LEU E 444 -7.96 -23.31 4.60
CA LEU E 444 -8.11 -22.83 3.23
C LEU E 444 -6.75 -22.48 2.62
N PRO E 445 -6.57 -22.68 1.32
CA PRO E 445 -5.28 -22.34 0.70
C PRO E 445 -4.98 -20.86 0.82
N ASP E 446 -3.69 -20.55 0.92
CA ASP E 446 -3.27 -19.15 1.00
C ASP E 446 -3.74 -18.37 -0.22
N ASP E 447 -3.68 -18.99 -1.41
CA ASP E 447 -4.18 -18.41 -2.64
C ASP E 447 -5.62 -18.80 -2.93
N PHE E 448 -6.41 -19.05 -1.89
CA PHE E 448 -7.79 -19.50 -2.07
C PHE E 448 -8.57 -18.51 -2.92
N THR E 449 -9.35 -19.05 -3.86
CA THR E 449 -10.23 -18.25 -4.71
C THR E 449 -11.62 -18.88 -4.64
N GLY E 450 -12.52 -18.27 -3.89
CA GLY E 450 -13.85 -18.81 -3.76
C GLY E 450 -14.67 -17.99 -2.79
N CYS E 451 -15.88 -18.46 -2.55
CA CYS E 451 -16.83 -17.79 -1.67
C CYS E 451 -17.06 -18.62 -0.41
N VAL E 452 -17.38 -17.94 0.68
CA VAL E 452 -17.81 -18.57 1.92
C VAL E 452 -19.13 -17.93 2.32
N ILE E 453 -20.16 -18.75 2.48
CA ILE E 453 -21.50 -18.28 2.78
C ILE E 453 -21.94 -18.98 4.07
N ALA E 454 -22.16 -18.20 5.11
CA ALA E 454 -22.52 -18.71 6.42
C ALA E 454 -23.76 -17.98 6.93
N TRP E 455 -24.68 -18.74 7.52
CA TRP E 455 -25.89 -18.15 8.07
C TRP E 455 -26.26 -18.83 9.38
N ASN E 456 -26.84 -18.05 10.28
CA ASN E 456 -27.26 -18.58 11.57
C ASN E 456 -28.25 -19.71 11.38
N SER E 457 -28.12 -20.74 12.20
CA SER E 457 -29.00 -21.91 12.13
C SER E 457 -29.42 -22.35 13.52
N ASN E 458 -29.76 -21.39 14.38
CA ASN E 458 -30.25 -21.73 15.71
C ASN E 458 -31.57 -22.47 15.64
N ASN E 459 -32.44 -22.08 14.71
CA ASN E 459 -33.78 -22.63 14.63
C ASN E 459 -33.84 -23.99 13.96
N LEU E 460 -32.70 -24.56 13.56
CA LEU E 460 -32.68 -25.84 12.86
C LEU E 460 -31.71 -26.85 13.44
N ASP E 461 -30.71 -26.42 14.23
CA ASP E 461 -29.66 -27.32 14.70
C ASP E 461 -29.49 -27.27 16.21
N SER E 462 -30.40 -26.64 16.94
CA SER E 462 -30.28 -26.48 18.38
C SER E 462 -31.40 -27.25 19.06
N LYS E 463 -31.04 -28.14 19.98
CA LYS E 463 -31.99 -28.94 20.73
C LYS E 463 -32.23 -28.32 22.09
N VAL E 464 -33.43 -28.54 22.63
CA VAL E 464 -33.86 -27.80 23.81
C VAL E 464 -32.89 -28.01 24.96
N GLY E 465 -32.43 -29.23 25.16
CA GLY E 465 -31.55 -29.52 26.28
C GLY E 465 -30.09 -29.64 25.90
N GLY E 466 -29.72 -29.16 24.72
CA GLY E 466 -28.34 -29.15 24.31
C GLY E 466 -27.98 -30.24 23.32
N ASN E 467 -27.84 -29.87 22.05
CA ASN E 467 -27.45 -30.83 21.03
C ASN E 467 -26.00 -31.25 21.23
N TYR E 468 -25.74 -32.55 21.09
CA TYR E 468 -24.41 -33.12 21.29
C TYR E 468 -24.09 -34.10 20.16
N ASN E 469 -24.36 -33.70 18.92
CA ASN E 469 -24.02 -34.51 17.76
C ASN E 469 -23.05 -33.87 16.80
N TYR E 470 -22.75 -32.58 16.96
CA TYR E 470 -21.77 -31.88 16.13
C TYR E 470 -20.47 -31.77 16.91
N LEU E 471 -19.46 -32.49 16.46
CA LEU E 471 -18.17 -32.55 17.13
C LEU E 471 -17.15 -31.71 16.37
N TYR E 472 -15.99 -31.53 17.01
CA TYR E 472 -14.85 -30.91 16.33
C TYR E 472 -13.56 -31.45 16.95
N ARG E 473 -12.58 -31.70 16.09
CA ARG E 473 -11.29 -32.19 16.57
C ARG E 473 -10.54 -31.04 17.24
N LEU E 474 -10.04 -31.30 18.45
CA LEU E 474 -9.36 -30.28 19.24
C LEU E 474 -7.88 -30.53 19.43
N PHE E 475 -7.44 -31.79 19.37
CA PHE E 475 -6.03 -32.14 19.55
C PHE E 475 -5.57 -32.95 18.34
N ARG E 476 -4.43 -32.56 17.78
CA ARG E 476 -3.85 -33.30 16.67
C ARG E 476 -2.34 -33.05 16.65
N LYS E 477 -1.62 -33.95 15.98
CA LYS E 477 -0.16 -33.85 15.95
C LYS E 477 0.29 -32.57 15.28
N SER E 478 -0.34 -32.20 14.16
CA SER E 478 0.07 -31.02 13.41
C SER E 478 -1.14 -30.46 12.67
N ASN E 479 -1.03 -29.19 12.29
CA ASN E 479 -2.11 -28.53 11.57
C ASN E 479 -2.34 -29.17 10.22
N LEU E 480 -3.58 -29.10 9.76
CA LEU E 480 -3.96 -29.70 8.49
C LEU E 480 -3.62 -28.76 7.33
N LYS E 481 -3.08 -29.34 6.26
CA LYS E 481 -2.82 -28.58 5.05
C LYS E 481 -4.15 -28.27 4.36
N PRO E 482 -4.17 -27.30 3.46
CA PRO E 482 -5.44 -26.86 2.86
C PRO E 482 -6.20 -28.02 2.23
N PHE E 483 -7.52 -28.02 2.44
CA PHE E 483 -8.40 -29.04 1.90
C PHE E 483 -7.93 -30.44 2.28
N GLU E 484 -7.57 -30.61 3.55
CA GLU E 484 -7.18 -31.90 4.10
C GLU E 484 -8.22 -32.32 5.12
N ARG E 485 -8.79 -33.51 4.92
CA ARG E 485 -9.83 -34.03 5.80
C ARG E 485 -9.29 -35.21 6.57
N ASP E 486 -9.44 -35.17 7.90
CA ASP E 486 -8.98 -36.25 8.77
C ASP E 486 -10.15 -36.67 9.65
N ILE E 487 -10.56 -37.94 9.51
CA ILE E 487 -11.67 -38.50 10.25
C ILE E 487 -11.21 -39.54 11.25
N SER E 488 -9.91 -39.67 11.46
CA SER E 488 -9.40 -40.61 12.44
C SER E 488 -9.83 -40.21 13.85
N THR E 489 -10.06 -41.21 14.70
CA THR E 489 -10.54 -40.99 16.06
C THR E 489 -9.61 -41.61 17.09
N GLU E 490 -8.32 -41.71 16.78
CA GLU E 490 -7.36 -42.26 17.72
C GLU E 490 -7.10 -41.26 18.85
N ILE E 491 -6.84 -41.78 20.04
CA ILE E 491 -6.62 -40.93 21.21
C ILE E 491 -5.32 -40.16 21.03
N TYR E 492 -5.39 -38.85 21.26
CA TYR E 492 -4.21 -38.00 21.14
C TYR E 492 -3.25 -38.25 22.30
N GLN E 493 -1.95 -38.14 22.00
CA GLN E 493 -0.89 -38.32 22.97
C GLN E 493 -0.19 -37.00 23.20
N ALA E 494 -0.05 -36.61 24.47
CA ALA E 494 0.66 -35.40 24.85
C ALA E 494 1.84 -35.65 25.77
N GLY E 495 2.14 -36.92 26.07
CA GLY E 495 3.24 -37.25 26.95
C GLY E 495 4.17 -38.29 26.35
N SER E 496 4.48 -39.32 27.12
CA SER E 496 5.37 -40.39 26.67
C SER E 496 4.69 -41.75 26.66
N THR E 497 4.00 -42.11 27.73
CA THR E 497 3.37 -43.42 27.81
C THR E 497 2.29 -43.54 26.73
N PRO E 498 2.24 -44.65 25.98
CA PRO E 498 1.20 -44.79 24.97
C PRO E 498 -0.18 -44.80 25.59
N CYS E 499 -1.15 -44.21 24.86
CA CYS E 499 -2.51 -44.15 25.36
C CYS E 499 -3.10 -45.54 25.53
N ASN E 500 -2.84 -46.43 24.58
CA ASN E 500 -3.39 -47.78 24.60
C ASN E 500 -4.91 -47.78 24.62
N GLY E 501 -5.52 -46.81 23.95
CA GLY E 501 -6.97 -46.75 23.84
C GLY E 501 -7.67 -46.41 25.15
N VAL E 502 -6.98 -45.73 26.06
CA VAL E 502 -7.53 -45.37 27.36
C VAL E 502 -7.28 -43.89 27.61
N GLU E 503 -8.30 -43.19 28.11
CA GLU E 503 -8.17 -41.79 28.43
C GLU E 503 -7.34 -41.60 29.71
N GLY E 504 -6.76 -40.43 29.85
CA GLY E 504 -5.98 -40.11 31.03
C GLY E 504 -5.32 -38.77 30.88
N PHE E 505 -4.57 -38.40 31.91
CA PHE E 505 -3.82 -37.15 31.89
C PHE E 505 -2.88 -37.14 30.69
N ASN E 506 -2.89 -36.02 29.96
CA ASN E 506 -2.16 -35.89 28.70
C ASN E 506 -2.65 -36.89 27.65
N CYS E 507 -3.84 -37.46 27.87
CA CYS E 507 -4.45 -38.43 26.95
C CYS E 507 -5.93 -38.08 26.87
N TYR E 508 -6.28 -37.24 25.90
CA TYR E 508 -7.64 -36.74 25.74
C TYR E 508 -8.22 -37.20 24.41
N PHE E 509 -9.55 -37.28 24.36
CA PHE E 509 -10.22 -37.67 23.14
C PHE E 509 -9.98 -36.62 22.05
N PRO E 510 -9.68 -37.03 20.82
CA PRO E 510 -9.39 -36.04 19.78
C PRO E 510 -10.55 -35.09 19.51
N LEU E 511 -11.79 -35.56 19.64
CA LEU E 511 -12.96 -34.78 19.28
C LEU E 511 -13.72 -34.36 20.54
N GLN E 512 -14.25 -33.14 20.51
CA GLN E 512 -15.08 -32.60 21.58
C GLN E 512 -16.43 -32.23 20.99
N SER E 513 -17.50 -32.54 21.74
CA SER E 513 -18.84 -32.18 21.33
C SER E 513 -19.05 -30.67 21.48
N TYR E 514 -19.99 -30.14 20.70
CA TYR E 514 -20.20 -28.70 20.68
C TYR E 514 -21.08 -28.26 21.84
N GLY E 515 -22.32 -28.73 21.87
CA GLY E 515 -23.25 -28.36 22.92
C GLY E 515 -24.05 -27.11 22.61
N PHE E 516 -24.71 -27.09 21.45
CA PHE E 516 -25.58 -25.98 21.10
C PHE E 516 -26.87 -26.04 21.92
N GLN E 517 -27.31 -24.88 22.39
CA GLN E 517 -28.58 -24.76 23.09
C GLN E 517 -29.29 -23.53 22.54
N PRO E 518 -30.62 -23.57 22.41
CA PRO E 518 -31.33 -22.43 21.80
C PRO E 518 -31.16 -21.14 22.57
N THR E 519 -30.93 -21.19 23.87
CA THR E 519 -30.79 -19.99 24.67
C THR E 519 -29.39 -19.42 24.67
N ASN E 520 -28.42 -20.12 24.07
CA ASN E 520 -27.05 -19.64 24.07
C ASN E 520 -26.95 -18.26 23.42
N GLY E 521 -25.83 -17.59 23.65
CA GLY E 521 -25.59 -16.32 23.03
C GLY E 521 -25.32 -16.45 21.54
N VAL E 522 -25.35 -15.31 20.86
CA VAL E 522 -25.18 -15.30 19.41
C VAL E 522 -23.86 -15.96 19.04
N GLY E 523 -22.80 -15.67 19.80
CA GLY E 523 -21.50 -16.26 19.51
C GLY E 523 -21.41 -17.74 19.76
N TYR E 524 -22.43 -18.35 20.36
CA TYR E 524 -22.41 -19.77 20.68
C TYR E 524 -23.38 -20.59 19.83
N GLN E 525 -24.26 -19.96 19.08
CA GLN E 525 -25.25 -20.68 18.30
C GLN E 525 -24.62 -21.30 17.05
N PRO E 526 -25.26 -22.31 16.48
CA PRO E 526 -24.69 -23.01 15.31
C PRO E 526 -24.97 -22.25 14.03
N TYR E 527 -23.90 -21.85 13.35
CA TYR E 527 -23.97 -21.26 12.01
C TYR E 527 -23.64 -22.32 10.99
N ARG E 528 -24.49 -22.45 9.97
CA ARG E 528 -24.24 -23.36 8.87
C ARG E 528 -23.40 -22.63 7.83
N VAL E 529 -22.28 -23.25 7.45
CA VAL E 529 -21.31 -22.65 6.55
C VAL E 529 -21.15 -23.56 5.32
N VAL E 530 -21.13 -22.94 4.15
CA VAL E 530 -20.84 -23.61 2.90
C VAL E 530 -19.84 -22.78 2.13
N VAL E 531 -18.72 -23.39 1.74
CA VAL E 531 -17.64 -22.70 1.04
C VAL E 531 -17.54 -23.29 -0.35
N LEU E 532 -17.66 -22.44 -1.36
CA LEU E 532 -17.55 -22.83 -2.75
C LEU E 532 -16.15 -22.44 -3.25
N SER E 533 -15.34 -23.43 -3.58
CA SER E 533 -14.02 -23.21 -4.12
C SER E 533 -14.07 -23.41 -5.63
N PHE E 534 -13.65 -22.40 -6.37
CA PHE E 534 -13.66 -22.45 -7.83
C PHE E 534 -12.31 -22.92 -8.34
N GLU E 535 -12.33 -23.74 -9.39
CA GLU E 535 -11.11 -24.28 -9.99
C GLU E 535 -10.88 -23.56 -11.31
N LEU E 536 -10.04 -22.52 -11.28
CA LEU E 536 -9.67 -21.77 -12.48
C LEU E 536 -8.35 -22.32 -12.99
N LEU E 537 -8.42 -23.50 -13.58
CA LEU E 537 -7.24 -24.20 -14.09
C LEU E 537 -7.05 -23.92 -15.58
N HIS E 538 -5.93 -24.42 -16.10
CA HIS E 538 -5.64 -24.32 -17.52
C HIS E 538 -6.36 -25.46 -18.24
N ALA E 539 -7.66 -25.58 -18.02
CA ALA E 539 -8.46 -26.73 -18.43
C ALA E 539 -9.81 -26.25 -18.97
N PRO E 540 -10.63 -27.11 -19.56
CA PRO E 540 -11.87 -26.63 -20.16
C PRO E 540 -12.96 -26.38 -19.11
N ALA E 541 -13.62 -25.24 -19.25
CA ALA E 541 -14.67 -24.84 -18.33
C ALA E 541 -15.83 -25.83 -18.40
N THR E 542 -16.34 -26.20 -17.22
CA THR E 542 -17.50 -27.07 -17.12
C THR E 542 -18.66 -26.45 -16.35
N VAL E 543 -18.43 -25.42 -15.55
CA VAL E 543 -19.49 -24.67 -14.86
C VAL E 543 -19.55 -23.30 -15.49
N CYS E 544 -20.74 -22.90 -15.92
CA CYS E 544 -20.94 -21.62 -16.59
C CYS E 544 -22.18 -20.95 -16.03
N GLY E 545 -22.22 -19.63 -16.13
CA GLY E 545 -23.35 -18.87 -15.67
C GLY E 545 -24.44 -18.79 -16.70
N PRO E 546 -25.51 -18.05 -16.40
CA PRO E 546 -26.56 -17.87 -17.40
C PRO E 546 -26.26 -16.71 -18.33
N LYS E 547 -26.10 -17.00 -19.62
CA LYS E 547 -25.81 -15.96 -20.60
C LYS E 547 -26.15 -16.48 -21.98
N LYS E 548 -27.03 -15.76 -22.68
CA LYS E 548 -27.46 -16.17 -24.01
C LYS E 548 -26.27 -16.24 -24.96
N SER E 549 -26.04 -17.41 -25.54
CA SER E 549 -24.99 -17.55 -26.54
C SER E 549 -25.34 -16.73 -27.78
N THR E 550 -24.32 -16.13 -28.38
CA THR E 550 -24.50 -15.27 -29.54
C THR E 550 -24.01 -15.97 -30.81
N ASN E 551 -24.53 -15.52 -31.94
CA ASN E 551 -24.14 -16.09 -33.22
C ASN E 551 -22.67 -15.80 -33.51
N LEU E 552 -22.02 -16.73 -34.21
CA LEU E 552 -20.61 -16.59 -34.52
C LEU E 552 -20.41 -15.70 -35.74
N VAL E 553 -19.48 -14.76 -35.64
CA VAL E 553 -19.14 -13.88 -36.74
C VAL E 553 -17.63 -13.90 -36.90
N LYS E 554 -17.19 -13.78 -38.15
CA LYS E 554 -15.78 -13.89 -38.49
C LYS E 554 -15.38 -12.77 -39.43
N ASN E 555 -14.07 -12.45 -39.41
CA ASN E 555 -13.47 -11.46 -40.29
C ASN E 555 -13.83 -10.03 -39.92
N LYS E 556 -14.21 -9.78 -38.67
CA LYS E 556 -14.49 -8.44 -38.19
C LYS E 556 -14.07 -8.36 -36.72
N CYS E 557 -13.39 -7.27 -36.37
CA CYS E 557 -12.94 -7.11 -34.99
C CYS E 557 -14.14 -7.05 -34.06
N VAL E 558 -14.23 -8.02 -33.15
CA VAL E 558 -15.34 -8.11 -32.22
C VAL E 558 -14.79 -8.26 -30.81
N ASN E 559 -15.63 -7.93 -29.83
CA ASN E 559 -15.33 -8.10 -28.42
C ASN E 559 -15.99 -9.39 -27.96
N PHE E 560 -15.19 -10.43 -27.78
CA PHE E 560 -15.70 -11.79 -27.66
C PHE E 560 -15.41 -12.37 -26.28
N ASN E 561 -16.16 -13.42 -25.95
CA ASN E 561 -15.98 -14.19 -24.72
C ASN E 561 -16.24 -15.65 -25.04
N PHE E 562 -15.20 -16.48 -24.94
CA PHE E 562 -15.29 -17.92 -25.18
C PHE E 562 -15.07 -18.62 -23.84
N ASN E 563 -16.13 -19.14 -23.24
CA ASN E 563 -16.03 -19.90 -21.99
C ASN E 563 -15.28 -19.12 -20.92
N GLY E 564 -15.59 -17.83 -20.78
CA GLY E 564 -15.00 -16.98 -19.77
C GLY E 564 -13.72 -16.32 -20.23
N LEU E 565 -13.07 -16.87 -21.26
CA LEU E 565 -11.88 -16.26 -21.83
C LEU E 565 -12.35 -15.05 -22.64
N THR E 566 -12.17 -13.87 -22.09
CA THR E 566 -12.59 -12.64 -22.74
C THR E 566 -11.46 -12.08 -23.58
N GLY E 567 -11.81 -11.35 -24.63
CA GLY E 567 -10.80 -10.77 -25.48
C GLY E 567 -11.44 -9.92 -26.56
N THR E 568 -10.59 -9.37 -27.42
CA THR E 568 -11.03 -8.57 -28.55
C THR E 568 -10.14 -8.86 -29.74
N GLY E 569 -10.75 -8.90 -30.92
CA GLY E 569 -10.01 -9.14 -32.14
C GLY E 569 -10.90 -9.74 -33.20
N VAL E 570 -10.30 -10.00 -34.35
CA VAL E 570 -10.98 -10.59 -35.50
C VAL E 570 -10.56 -12.05 -35.62
N LEU E 571 -11.53 -12.94 -35.68
CA LEU E 571 -11.29 -14.37 -35.62
C LEU E 571 -11.78 -15.05 -36.89
N THR E 572 -10.98 -16.02 -37.37
CA THR E 572 -11.29 -16.78 -38.56
C THR E 572 -10.94 -18.24 -38.33
N GLU E 573 -11.55 -19.12 -39.12
CA GLU E 573 -11.26 -20.55 -39.01
C GLU E 573 -9.77 -20.80 -39.21
N SER E 574 -9.21 -21.66 -38.36
CA SER E 574 -7.77 -21.87 -38.31
C SER E 574 -7.35 -22.97 -39.27
N ASN E 575 -6.39 -22.66 -40.13
CA ASN E 575 -5.78 -23.71 -40.96
C ASN E 575 -5.06 -24.72 -40.08
N LYS E 576 -4.36 -24.25 -39.06
CA LYS E 576 -3.77 -25.16 -38.09
C LYS E 576 -4.87 -25.90 -37.34
N LYS E 577 -4.60 -27.14 -36.96
CA LYS E 577 -5.58 -28.00 -36.35
C LYS E 577 -5.16 -28.37 -34.94
N PHE E 578 -6.15 -28.61 -34.08
CA PHE E 578 -5.94 -28.92 -32.68
C PHE E 578 -6.14 -30.42 -32.45
N LEU E 579 -5.38 -30.96 -31.51
CA LEU E 579 -5.61 -32.33 -31.09
C LEU E 579 -6.95 -32.41 -30.36
N PRO E 580 -7.60 -33.57 -30.37
CA PRO E 580 -8.98 -33.64 -29.82
C PRO E 580 -9.06 -33.17 -28.38
N PHE E 581 -7.99 -33.33 -27.60
CA PHE E 581 -8.02 -32.97 -26.19
C PHE E 581 -7.64 -31.52 -25.93
N GLN E 582 -7.13 -30.80 -26.93
CA GLN E 582 -6.69 -29.43 -26.74
C GLN E 582 -7.83 -28.45 -26.95
N GLN E 583 -7.76 -27.31 -26.26
CA GLN E 583 -8.78 -26.28 -26.32
C GLN E 583 -8.26 -24.99 -26.95
N PHE E 584 -7.20 -24.42 -26.41
CA PHE E 584 -6.74 -23.09 -26.81
C PHE E 584 -5.41 -23.17 -27.55
N GLY E 585 -5.09 -22.08 -28.24
CA GLY E 585 -3.76 -21.86 -28.76
C GLY E 585 -3.14 -20.65 -28.08
N ARG E 586 -1.84 -20.71 -27.86
CA ARG E 586 -1.14 -19.68 -27.10
C ARG E 586 0.11 -19.25 -27.84
N ASP E 587 0.51 -18.00 -27.60
CA ASP E 587 1.68 -17.40 -28.23
C ASP E 587 2.82 -17.28 -27.22
N ILE E 588 3.93 -16.71 -27.67
CA ILE E 588 5.09 -16.56 -26.80
C ILE E 588 4.77 -15.64 -25.65
N ALA E 589 3.95 -14.61 -25.88
CA ALA E 589 3.56 -13.67 -24.85
C ALA E 589 2.46 -14.21 -23.94
N ASP E 590 2.08 -15.47 -24.09
CA ASP E 590 1.05 -16.14 -23.30
C ASP E 590 -0.35 -15.65 -23.64
N THR E 591 -0.49 -14.66 -24.51
CA THR E 591 -1.82 -14.23 -24.94
C THR E 591 -2.42 -15.26 -25.88
N THR E 592 -3.72 -15.43 -25.79
CA THR E 592 -4.40 -16.45 -26.59
C THR E 592 -4.21 -16.17 -28.07
N ASP E 593 -3.95 -17.24 -28.83
CA ASP E 593 -3.77 -17.17 -30.27
C ASP E 593 -4.97 -17.76 -31.01
N ALA E 594 -5.43 -18.94 -30.60
CA ALA E 594 -6.56 -19.58 -31.21
C ALA E 594 -7.40 -20.25 -30.13
N VAL E 595 -8.67 -20.49 -30.46
CA VAL E 595 -9.62 -21.11 -29.55
C VAL E 595 -10.42 -22.15 -30.32
N ARG E 596 -11.23 -22.90 -29.59
CA ARG E 596 -12.13 -23.89 -30.16
C ARG E 596 -13.56 -23.54 -29.75
N ASP E 597 -14.46 -23.48 -30.73
CA ASP E 597 -15.82 -23.07 -30.44
C ASP E 597 -16.43 -24.06 -29.44
N PRO E 598 -17.04 -23.59 -28.35
CA PRO E 598 -17.60 -24.52 -27.36
C PRO E 598 -18.78 -25.33 -27.89
N GLN E 599 -19.35 -24.97 -29.04
CA GLN E 599 -20.56 -25.61 -29.54
C GLN E 599 -20.31 -26.41 -30.81
N THR E 600 -19.72 -25.82 -31.83
CA THR E 600 -19.42 -26.53 -33.07
C THR E 600 -18.01 -27.12 -33.09
N LEU E 601 -17.19 -26.85 -32.08
CA LEU E 601 -15.86 -27.45 -31.96
C LEU E 601 -15.03 -27.20 -33.22
N GLU E 602 -15.12 -25.99 -33.76
CA GLU E 602 -14.31 -25.58 -34.90
C GLU E 602 -13.26 -24.60 -34.43
N ILE E 603 -12.03 -24.77 -34.93
CA ILE E 603 -10.89 -23.99 -34.46
C ILE E 603 -10.94 -22.61 -35.10
N LEU E 604 -10.89 -21.57 -34.27
CA LEU E 604 -10.93 -20.19 -34.71
C LEU E 604 -9.65 -19.48 -34.28
N ASP E 605 -8.98 -18.84 -35.24
CA ASP E 605 -7.84 -18.00 -34.89
C ASP E 605 -8.31 -16.75 -34.19
N ILE E 606 -7.39 -16.10 -33.48
CA ILE E 606 -7.64 -14.82 -32.84
C ILE E 606 -6.51 -13.89 -33.25
N THR E 607 -6.81 -12.94 -34.13
CA THR E 607 -5.85 -11.96 -34.61
C THR E 607 -6.27 -10.58 -34.11
N PRO E 608 -5.47 -9.90 -33.28
CA PRO E 608 -5.85 -8.54 -32.89
C PRO E 608 -5.99 -7.66 -34.13
N CYS E 609 -7.07 -6.88 -34.16
CA CYS E 609 -7.41 -6.18 -35.38
C CYS E 609 -6.45 -5.02 -35.63
N SER E 610 -6.53 -4.46 -36.84
CA SER E 610 -5.55 -3.48 -37.28
C SER E 610 -5.46 -2.32 -36.30
N PHE E 611 -4.23 -1.95 -35.94
CA PHE E 611 -4.00 -0.82 -35.06
C PHE E 611 -2.52 -0.49 -35.06
N GLY E 612 -2.22 0.81 -34.98
CA GLY E 612 -0.84 1.25 -35.00
C GLY E 612 -0.75 2.76 -34.91
N GLY E 613 0.49 3.23 -34.80
CA GLY E 613 0.74 4.65 -34.64
C GLY E 613 0.09 5.51 -35.71
N VAL E 614 0.04 6.82 -35.47
CA VAL E 614 -0.55 7.77 -36.41
C VAL E 614 0.28 9.04 -36.34
N SER E 615 0.98 9.36 -37.43
CA SER E 615 1.81 10.54 -37.54
C SER E 615 1.15 11.55 -38.46
N VAL E 616 1.61 12.80 -38.37
CA VAL E 616 0.97 13.93 -39.05
C VAL E 616 2.05 14.66 -39.84
N ILE E 617 2.16 14.35 -41.13
CA ILE E 617 3.03 15.06 -42.05
C ILE E 617 2.52 16.49 -42.15
N THR E 618 3.30 17.45 -41.68
CA THR E 618 2.94 18.85 -41.77
C THR E 618 4.06 19.64 -42.43
N PRO E 619 3.74 20.55 -43.34
CA PRO E 619 4.79 21.35 -44.00
C PRO E 619 5.24 22.57 -43.20
N GLY E 620 4.89 22.65 -41.92
CA GLY E 620 5.22 23.81 -41.12
C GLY E 620 4.14 24.87 -41.19
N THR E 621 3.65 25.32 -40.03
CA THR E 621 2.57 26.30 -40.02
C THR E 621 2.94 27.55 -40.81
N ASN E 622 4.22 27.91 -40.84
CA ASN E 622 4.65 29.10 -41.56
C ASN E 622 4.30 29.03 -43.05
N THR E 623 4.16 27.82 -43.60
CA THR E 623 3.88 27.67 -45.03
C THR E 623 2.39 27.54 -45.30
N SER E 624 1.74 26.53 -44.73
CA SER E 624 0.32 26.30 -44.96
C SER E 624 -0.23 25.47 -43.81
N ASN E 625 -1.56 25.47 -43.69
CA ASN E 625 -2.24 24.80 -42.59
C ASN E 625 -2.82 23.45 -42.97
N GLN E 626 -2.50 22.94 -44.15
CA GLN E 626 -3.00 21.65 -44.61
C GLN E 626 -1.94 20.58 -44.37
N VAL E 627 -2.35 19.45 -43.81
CA VAL E 627 -1.44 18.38 -43.44
C VAL E 627 -1.97 17.07 -44.00
N ALA E 628 -1.09 16.08 -44.04
CA ALA E 628 -1.43 14.74 -44.49
C ALA E 628 -1.13 13.75 -43.37
N VAL E 629 -2.06 12.86 -43.10
CA VAL E 629 -1.95 11.93 -41.98
C VAL E 629 -1.46 10.59 -42.48
N LEU E 630 -0.48 10.02 -41.79
CA LEU E 630 0.08 8.72 -42.12
C LEU E 630 -0.23 7.74 -41.00
N TYR E 631 -0.94 6.67 -41.32
CA TYR E 631 -1.20 5.59 -40.38
C TYR E 631 -0.10 4.54 -40.54
N GLN E 632 0.57 4.22 -39.44
CA GLN E 632 1.87 3.54 -39.53
C GLN E 632 1.74 2.18 -40.18
N ASP E 633 0.77 1.37 -39.77
CA ASP E 633 0.70 -0.01 -40.21
C ASP E 633 -0.72 -0.43 -40.55
N VAL E 634 -1.46 0.42 -41.25
CA VAL E 634 -2.84 0.14 -41.59
C VAL E 634 -2.96 -0.05 -43.10
N ASN E 635 -4.01 -0.76 -43.50
CA ASN E 635 -4.24 -1.16 -44.88
C ASN E 635 -5.35 -0.27 -45.44
N CYS E 636 -4.97 0.82 -46.09
CA CYS E 636 -5.94 1.72 -46.70
C CYS E 636 -6.47 1.14 -48.01
N ASN E 660 -6.15 11.00 -53.66
CA ASN E 660 -6.18 11.53 -52.30
C ASN E 660 -5.57 10.53 -51.32
N VAL E 661 -5.69 9.25 -51.63
CA VAL E 661 -5.17 8.18 -50.78
C VAL E 661 -4.03 7.49 -51.52
N PHE E 662 -3.10 6.95 -50.75
CA PHE E 662 -1.90 6.34 -51.31
C PHE E 662 -1.38 5.31 -50.33
N GLN E 663 -1.22 4.07 -50.79
CA GLN E 663 -0.63 3.04 -49.97
C GLN E 663 0.90 3.18 -49.96
N THR E 664 1.53 2.54 -48.99
CA THR E 664 2.98 2.67 -48.85
C THR E 664 3.47 1.64 -47.85
N ARG E 665 4.67 1.12 -48.10
CA ARG E 665 5.25 0.12 -47.21
C ARG E 665 5.33 0.64 -45.78
N ALA E 666 5.48 1.96 -45.60
CA ALA E 666 5.52 2.58 -44.29
C ALA E 666 4.14 2.96 -43.78
N GLY E 667 3.09 2.31 -44.27
CA GLY E 667 1.75 2.55 -43.81
C GLY E 667 0.96 3.44 -44.76
N CYS E 668 -0.34 3.51 -44.49
CA CYS E 668 -1.24 4.29 -45.32
C CYS E 668 -0.93 5.77 -45.21
N LEU E 669 -1.07 6.50 -46.32
CA LEU E 669 -0.85 7.94 -46.36
C LEU E 669 -2.07 8.59 -46.97
N ILE E 670 -2.66 9.55 -46.25
CA ILE E 670 -3.88 10.22 -46.67
C ILE E 670 -3.62 11.71 -46.69
N GLY E 671 -4.04 12.37 -47.76
CA GLY E 671 -3.87 13.80 -47.90
C GLY E 671 -2.66 14.23 -48.72
N ALA E 672 -1.87 13.29 -49.21
CA ALA E 672 -0.71 13.59 -50.06
C ALA E 672 -0.90 12.95 -51.41
N GLU E 673 -0.61 13.70 -52.47
CA GLU E 673 -0.82 13.26 -53.84
C GLU E 673 0.46 12.60 -54.35
N HIS E 674 0.38 11.31 -54.67
CA HIS E 674 1.52 10.60 -55.22
C HIS E 674 1.84 11.12 -56.61
N VAL E 675 3.14 11.23 -56.90
CA VAL E 675 3.61 11.78 -58.17
C VAL E 675 4.72 10.89 -58.72
N ASN E 676 4.76 10.77 -60.04
CA ASN E 676 5.74 9.90 -60.68
C ASN E 676 7.16 10.46 -60.52
N ASN E 677 7.34 11.75 -60.80
CA ASN E 677 8.66 12.35 -60.69
C ASN E 677 9.10 12.40 -59.23
N SER E 678 10.42 12.38 -59.03
CA SER E 678 11.02 12.33 -57.70
C SER E 678 11.97 13.50 -57.51
N TYR E 679 11.96 14.07 -56.31
CA TYR E 679 12.80 15.20 -55.95
C TYR E 679 13.65 14.83 -54.74
N GLU E 680 14.77 15.52 -54.57
CA GLU E 680 15.49 15.45 -53.31
C GLU E 680 14.52 15.80 -52.21
N CYS E 681 14.33 14.91 -51.24
CA CYS E 681 13.15 14.98 -50.42
C CYS E 681 13.41 15.67 -49.09
N ASP E 682 12.35 16.29 -48.56
CA ASP E 682 12.42 17.10 -47.36
C ASP E 682 11.92 16.35 -46.13
N ILE E 683 10.69 15.85 -46.18
CA ILE E 683 10.06 15.15 -45.06
C ILE E 683 10.15 13.65 -45.31
N PRO E 684 10.88 12.89 -44.49
CA PRO E 684 10.98 11.44 -44.70
C PRO E 684 9.83 10.73 -43.99
N ILE E 685 9.06 9.94 -44.74
CA ILE E 685 7.96 9.20 -44.14
C ILE E 685 8.36 7.74 -43.98
N GLY E 686 9.24 7.25 -44.85
CA GLY E 686 9.85 5.96 -44.66
C GLY E 686 9.71 5.07 -45.89
N ALA E 687 10.46 3.97 -45.84
CA ALA E 687 10.46 2.97 -46.92
C ALA E 687 10.84 3.61 -48.25
N GLY E 688 11.79 4.53 -48.21
CA GLY E 688 12.21 5.21 -49.42
C GLY E 688 11.21 6.21 -49.95
N ILE E 689 10.16 6.52 -49.19
CA ILE E 689 9.14 7.47 -49.59
C ILE E 689 9.25 8.69 -48.69
N CYS E 690 9.11 9.87 -49.30
CA CYS E 690 9.14 11.14 -48.60
C CYS E 690 7.94 11.96 -49.00
N ALA E 691 7.75 13.09 -48.31
CA ALA E 691 6.67 14.03 -48.61
C ALA E 691 7.21 15.45 -48.57
N SER E 692 6.48 16.36 -49.20
CA SER E 692 6.89 17.75 -49.21
C SER E 692 5.79 18.61 -49.80
N TYR E 693 5.72 19.86 -49.33
CA TYR E 693 4.83 20.84 -49.92
C TYR E 693 5.28 21.18 -51.33
N GLN E 694 4.32 21.44 -52.22
CA GLN E 694 4.65 21.76 -53.59
C GLN E 694 3.49 22.52 -54.22
N THR E 695 3.80 23.18 -55.34
CA THR E 695 2.80 23.96 -56.07
C THR E 695 2.26 23.17 -57.26
N SER E 708 -2.18 26.67 -57.39
CA SER E 708 -2.58 25.93 -56.19
C SER E 708 -1.41 25.17 -55.61
N GLN E 709 -1.47 24.90 -54.31
CA GLN E 709 -0.43 24.15 -53.60
C GLN E 709 -1.06 22.96 -52.90
N SER E 710 -0.23 21.99 -52.57
CA SER E 710 -0.68 20.77 -51.89
C SER E 710 0.55 20.06 -51.33
N ILE E 711 0.33 18.85 -50.83
CA ILE E 711 1.39 18.00 -50.29
C ILE E 711 1.57 16.83 -51.23
N ILE E 712 2.80 16.63 -51.70
CA ILE E 712 3.13 15.56 -52.64
C ILE E 712 4.05 14.57 -51.96
N ALA E 713 3.76 13.29 -52.11
CA ALA E 713 4.61 12.21 -51.63
C ALA E 713 5.20 11.47 -52.81
N TYR E 714 6.48 11.12 -52.70
CA TYR E 714 7.20 10.56 -53.82
C TYR E 714 8.28 9.62 -53.32
N THR E 715 8.97 8.98 -54.26
CA THR E 715 10.13 8.16 -53.95
C THR E 715 11.36 9.06 -53.90
N MET E 716 12.02 9.11 -52.75
CA MET E 716 13.18 9.96 -52.59
C MET E 716 14.16 9.76 -53.74
N SER E 717 14.80 10.86 -54.15
CA SER E 717 15.80 10.84 -55.21
C SER E 717 17.17 11.04 -54.58
N LEU E 718 18.11 10.15 -54.91
CA LEU E 718 19.39 10.15 -54.22
C LEU E 718 20.27 11.31 -54.65
N GLY E 719 20.31 11.61 -55.94
CA GLY E 719 21.13 12.72 -56.41
C GLY E 719 21.04 12.85 -57.91
N ALA E 720 21.74 13.86 -58.42
CA ALA E 720 21.77 14.15 -59.85
C ALA E 720 22.76 13.22 -60.51
N GLU E 721 22.27 12.11 -61.08
CA GLU E 721 23.14 11.13 -61.69
C GLU E 721 23.96 11.76 -62.82
N ASN E 722 25.26 11.47 -62.83
CA ASN E 722 26.14 11.96 -63.88
C ASN E 722 27.28 10.97 -64.05
N SER E 723 27.53 10.57 -65.29
CA SER E 723 28.54 9.58 -65.61
C SER E 723 29.84 10.28 -65.98
N VAL E 724 30.92 9.91 -65.28
CA VAL E 724 32.23 10.48 -65.59
C VAL E 724 32.71 9.94 -66.93
N ALA E 725 33.27 10.82 -67.76
CA ALA E 725 33.68 10.46 -69.11
C ALA E 725 34.97 9.64 -69.07
N TYR E 726 34.89 8.49 -68.41
CA TYR E 726 36.06 7.64 -68.22
C TYR E 726 36.53 7.08 -69.55
N SER E 727 37.85 7.09 -69.75
CA SER E 727 38.48 6.48 -70.91
C SER E 727 39.88 6.06 -70.52
N ASN E 728 40.37 4.97 -71.12
CA ASN E 728 41.61 4.37 -70.68
C ASN E 728 42.82 5.27 -70.88
N ASN E 729 42.67 6.40 -71.56
CA ASN E 729 43.81 7.27 -71.81
C ASN E 729 43.48 8.75 -71.65
N SER E 730 42.42 9.10 -70.92
CA SER E 730 42.01 10.48 -70.73
C SER E 730 41.99 10.81 -69.25
N ILE E 731 42.62 11.93 -68.89
CA ILE E 731 42.67 12.41 -67.52
C ILE E 731 42.16 13.85 -67.51
N ALA E 732 41.42 14.20 -66.47
CA ALA E 732 40.90 15.55 -66.30
C ALA E 732 41.71 16.25 -65.22
N ILE E 733 42.28 17.40 -65.56
CA ILE E 733 43.16 18.10 -64.63
C ILE E 733 42.53 19.43 -64.24
N PRO E 734 42.56 19.82 -62.97
CA PRO E 734 42.07 21.14 -62.59
C PRO E 734 42.94 22.25 -63.13
N THR E 735 42.32 23.38 -63.42
CA THR E 735 43.01 24.58 -63.86
C THR E 735 42.70 25.77 -62.97
N ASN E 736 41.84 25.61 -61.97
CA ASN E 736 41.48 26.72 -61.09
C ASN E 736 41.01 26.13 -59.77
N PHE E 737 40.92 26.99 -58.76
CA PHE E 737 40.53 26.61 -57.42
C PHE E 737 39.50 27.59 -56.89
N THR E 738 38.78 27.17 -55.85
CA THR E 738 37.78 28.02 -55.19
C THR E 738 37.88 27.71 -53.70
N ILE E 739 38.71 28.47 -52.99
CA ILE E 739 38.85 28.27 -51.56
C ILE E 739 37.49 28.42 -50.90
N SER E 740 37.13 27.43 -50.09
CA SER E 740 35.83 27.38 -49.45
C SER E 740 36.02 27.34 -47.94
N VAL E 741 35.01 27.85 -47.23
CA VAL E 741 35.01 27.86 -45.78
C VAL E 741 33.70 27.25 -45.32
N THR E 742 33.79 26.22 -44.48
CA THR E 742 32.62 25.48 -44.03
C THR E 742 32.60 25.39 -42.51
N THR E 743 31.42 25.58 -41.94
CA THR E 743 31.24 25.46 -40.50
C THR E 743 30.96 24.03 -40.09
N GLU E 744 31.14 23.75 -38.80
CA GLU E 744 30.77 22.46 -38.23
C GLU E 744 30.55 22.67 -36.74
N ILE E 745 29.29 22.65 -36.31
CA ILE E 745 28.96 22.85 -34.91
C ILE E 745 29.16 21.53 -34.17
N LEU E 746 29.71 21.62 -32.96
CA LEU E 746 29.92 20.43 -32.15
C LEU E 746 29.57 20.72 -30.70
N PRO E 747 28.64 19.99 -30.10
CA PRO E 747 28.41 20.13 -28.65
C PRO E 747 29.66 19.73 -27.88
N VAL E 748 29.92 20.45 -26.79
CA VAL E 748 31.09 20.20 -25.95
C VAL E 748 30.74 19.97 -24.49
N SER E 749 29.60 20.44 -24.00
CA SER E 749 29.26 20.26 -22.60
C SER E 749 27.81 20.66 -22.39
N MET E 750 27.16 20.00 -21.43
CA MET E 750 25.79 20.28 -21.08
C MET E 750 25.73 20.92 -19.70
N THR E 751 24.58 21.50 -19.37
CA THR E 751 24.43 22.18 -18.09
C THR E 751 24.72 21.23 -16.94
N LYS E 752 25.49 21.72 -15.97
CA LYS E 752 25.89 20.92 -14.81
C LYS E 752 24.79 21.04 -13.77
N THR E 753 23.81 20.15 -13.85
CA THR E 753 22.71 20.14 -12.89
C THR E 753 23.03 19.21 -11.73
N SER E 754 22.44 19.52 -10.57
CA SER E 754 22.61 18.71 -9.37
C SER E 754 21.35 18.86 -8.54
N VAL E 755 20.80 17.72 -8.11
CA VAL E 755 19.52 17.70 -7.40
C VAL E 755 19.70 16.96 -6.09
N ASP E 756 19.21 17.56 -5.01
CA ASP E 756 19.12 16.90 -3.71
C ASP E 756 18.02 15.84 -3.79
N CYS E 757 18.38 14.57 -3.61
CA CYS E 757 17.36 13.53 -3.55
C CYS E 757 16.53 13.68 -2.29
N THR E 758 17.19 13.94 -1.16
CA THR E 758 16.49 13.97 0.12
C THR E 758 15.37 15.01 0.09
N MET E 759 15.65 16.20 -0.40
CA MET E 759 14.65 17.27 -0.43
C MET E 759 13.82 17.25 -1.70
N TYR E 760 14.17 16.43 -2.69
CA TYR E 760 13.32 16.28 -3.87
C TYR E 760 12.18 15.31 -3.59
N ILE E 761 12.50 14.14 -3.02
CA ILE E 761 11.45 13.18 -2.71
C ILE E 761 10.47 13.78 -1.71
N CYS E 762 10.98 14.45 -0.68
CA CYS E 762 10.11 15.19 0.25
C CYS E 762 10.96 16.21 0.97
N GLY E 763 10.65 17.49 0.77
CA GLY E 763 11.43 18.58 1.32
C GLY E 763 10.81 19.15 2.59
N ASP E 764 11.66 19.41 3.58
CA ASP E 764 11.24 20.02 4.84
C ASP E 764 10.10 19.25 5.48
N SER E 765 10.20 17.91 5.44
CA SER E 765 9.23 17.03 6.08
C SER E 765 10.02 15.87 6.70
N THR E 766 10.42 16.03 7.96
CA THR E 766 11.23 15.02 8.62
C THR E 766 10.51 13.67 8.64
N GLU E 767 9.19 13.68 8.69
CA GLU E 767 8.45 12.42 8.76
C GLU E 767 8.69 11.57 7.53
N CYS E 768 8.68 12.18 6.35
CA CYS E 768 8.97 11.43 5.13
C CYS E 768 10.45 11.15 4.97
N SER E 769 11.32 12.05 5.47
CA SER E 769 12.75 11.81 5.39
C SER E 769 13.14 10.57 6.18
N ASN E 770 12.53 10.38 7.35
CA ASN E 770 12.82 9.18 8.13
C ASN E 770 12.44 7.92 7.36
N LEU E 771 11.29 7.93 6.70
CA LEU E 771 10.88 6.77 5.91
C LEU E 771 11.83 6.56 4.73
N LEU E 772 12.23 7.65 4.08
CA LEU E 772 13.13 7.54 2.93
C LEU E 772 14.49 6.99 3.35
N LEU E 773 14.90 7.24 4.59
CA LEU E 773 16.17 6.71 5.06
C LEU E 773 16.19 5.19 5.03
N GLN E 774 15.02 4.55 4.98
CA GLN E 774 14.97 3.09 4.95
C GLN E 774 15.55 2.54 3.66
N TYR E 775 15.34 3.24 2.54
CA TYR E 775 15.84 2.78 1.25
C TYR E 775 17.36 2.77 1.17
N GLY E 776 18.04 3.43 2.12
CA GLY E 776 19.49 3.33 2.20
C GLY E 776 20.17 4.44 1.43
N SER E 777 21.12 4.06 0.58
CA SER E 777 22.02 5.01 -0.08
C SER E 777 21.58 5.36 -1.48
N PHE E 778 20.27 5.39 -1.75
CA PHE E 778 19.81 5.79 -3.07
C PHE E 778 20.10 7.26 -3.34
N CYS E 779 19.77 8.13 -2.39
CA CYS E 779 20.06 9.55 -2.54
C CYS E 779 21.56 9.76 -2.78
N THR E 780 22.39 9.09 -2.00
CA THR E 780 23.83 9.29 -2.12
C THR E 780 24.34 8.81 -3.47
N GLN E 781 23.85 7.66 -3.96
CA GLN E 781 24.21 7.23 -5.30
C GLN E 781 23.83 8.26 -6.34
N LEU E 782 22.59 8.74 -6.29
CA LEU E 782 22.09 9.62 -7.34
C LEU E 782 22.90 10.92 -7.36
N ASN E 783 23.18 11.46 -6.18
CA ASN E 783 24.01 12.65 -6.08
C ASN E 783 25.41 12.38 -6.62
N ARG E 784 25.98 11.21 -6.30
CA ARG E 784 27.32 10.89 -6.79
C ARG E 784 27.36 10.85 -8.31
N ALA E 785 26.38 10.19 -8.92
CA ALA E 785 26.34 10.09 -10.37
C ALA E 785 26.16 11.47 -11.01
N LEU E 786 25.26 12.27 -10.47
CA LEU E 786 25.02 13.59 -11.05
C LEU E 786 26.27 14.47 -10.93
N THR E 787 26.95 14.40 -9.79
CA THR E 787 28.19 15.17 -9.64
C THR E 787 29.28 14.66 -10.56
N GLY E 788 29.33 13.35 -10.80
CA GLY E 788 30.27 12.83 -11.77
C GLY E 788 30.04 13.42 -13.15
N ILE E 789 28.77 13.47 -13.56
CA ILE E 789 28.45 14.10 -14.85
C ILE E 789 28.89 15.56 -14.85
N ALA E 790 28.60 16.27 -13.75
CA ALA E 790 28.90 17.70 -13.70
C ALA E 790 30.39 17.95 -13.83
N VAL E 791 31.22 17.17 -13.13
CA VAL E 791 32.66 17.37 -13.25
C VAL E 791 33.17 16.92 -14.61
N GLU E 792 32.56 15.87 -15.18
CA GLU E 792 32.94 15.45 -16.52
C GLU E 792 32.72 16.55 -17.54
N GLN E 793 31.68 17.36 -17.36
CA GLN E 793 31.46 18.46 -18.30
C GLN E 793 32.62 19.45 -18.28
N ASP E 794 33.09 19.81 -17.08
CA ASP E 794 34.24 20.71 -16.98
C ASP E 794 35.47 20.08 -17.60
N LYS E 795 35.69 18.79 -17.35
CA LYS E 795 36.81 18.11 -17.99
C LYS E 795 36.68 18.18 -19.50
N ASN E 796 35.48 18.03 -20.03
CA ASN E 796 35.27 18.06 -21.47
C ASN E 796 35.65 19.41 -22.05
N THR E 797 35.13 20.49 -21.46
CA THR E 797 35.43 21.80 -22.03
C THR E 797 36.91 22.12 -21.92
N GLN E 798 37.54 21.76 -20.78
CA GLN E 798 38.97 22.01 -20.64
C GLN E 798 39.77 21.19 -21.65
N GLU E 799 39.35 19.94 -21.88
CA GLU E 799 40.04 19.09 -22.85
C GLU E 799 39.96 19.69 -24.24
N VAL E 800 38.80 20.23 -24.61
CA VAL E 800 38.63 20.78 -25.95
C VAL E 800 39.45 22.06 -26.11
N PHE E 801 39.21 23.04 -25.25
CA PHE E 801 39.75 24.38 -25.51
C PHE E 801 41.17 24.55 -24.98
N ALA E 802 41.47 23.99 -23.81
CA ALA E 802 42.77 24.21 -23.18
C ALA E 802 43.82 23.30 -23.83
N GLN E 803 44.11 23.59 -25.09
CA GLN E 803 45.12 22.86 -25.84
C GLN E 803 46.48 23.52 -25.81
N VAL E 804 46.55 24.81 -25.55
CA VAL E 804 47.79 25.59 -25.61
C VAL E 804 48.20 25.98 -24.21
N LYS E 805 49.50 25.86 -23.92
CA LYS E 805 50.01 26.16 -22.59
C LYS E 805 50.20 27.65 -22.34
N GLN E 806 50.08 28.49 -23.36
CA GLN E 806 50.20 29.93 -23.18
C GLN E 806 49.26 30.64 -24.13
N ILE E 807 48.99 31.90 -23.82
CA ILE E 807 48.01 32.71 -24.54
C ILE E 807 48.76 33.59 -25.52
N TYR E 808 48.62 33.29 -26.81
CA TYR E 808 49.23 34.11 -27.85
C TYR E 808 48.34 35.29 -28.17
N LYS E 809 48.97 36.42 -28.48
CA LYS E 809 48.26 37.67 -28.77
C LYS E 809 48.51 38.05 -30.21
N THR E 810 47.45 38.42 -30.93
CA THR E 810 47.59 38.83 -32.31
C THR E 810 48.41 40.11 -32.40
N PRO E 811 49.23 40.26 -33.45
CA PRO E 811 50.03 41.47 -33.56
C PRO E 811 49.16 42.69 -33.76
N PRO E 812 49.61 43.87 -33.33
CA PRO E 812 48.78 45.07 -33.45
C PRO E 812 48.62 45.57 -34.88
N ILE E 813 49.39 45.06 -35.83
CA ILE E 813 49.33 45.48 -37.23
C ILE E 813 48.71 44.34 -38.03
N LYS E 814 47.80 44.70 -38.93
CA LYS E 814 46.95 43.74 -39.63
C LYS E 814 47.40 43.51 -41.08
N ASP E 815 48.71 43.46 -41.33
CA ASP E 815 49.23 43.19 -42.67
C ASP E 815 49.52 41.69 -42.75
N PHE E 816 48.51 40.92 -43.13
CA PHE E 816 48.65 39.49 -43.30
C PHE E 816 48.79 39.07 -44.76
N GLY E 817 48.97 40.03 -45.67
CA GLY E 817 49.13 39.72 -47.07
C GLY E 817 47.85 39.74 -47.87
N GLY E 818 46.76 40.28 -47.33
CA GLY E 818 45.48 40.36 -48.01
C GLY E 818 44.36 39.62 -47.31
N PHE E 819 44.68 38.65 -46.45
CA PHE E 819 43.64 37.94 -45.73
C PHE E 819 43.04 38.83 -44.67
N ASN E 820 41.72 38.73 -44.50
CA ASN E 820 40.96 39.61 -43.62
C ASN E 820 40.39 38.77 -42.48
N PHE E 821 41.11 38.71 -41.37
CA PHE E 821 40.66 37.99 -40.20
C PHE E 821 39.81 38.85 -39.28
N SER E 822 39.51 40.09 -39.67
CA SER E 822 38.73 40.97 -38.80
C SER E 822 37.39 40.34 -38.44
N GLN E 823 36.85 39.50 -39.33
CA GLN E 823 35.58 38.84 -39.06
C GLN E 823 35.74 37.59 -38.21
N ILE E 824 36.96 37.25 -37.82
CA ILE E 824 37.24 36.04 -37.04
C ILE E 824 37.92 36.38 -35.72
N LEU E 825 38.87 37.31 -35.74
CA LEU E 825 39.60 37.66 -34.52
C LEU E 825 38.70 38.44 -33.57
N PRO E 826 39.05 38.48 -32.29
CA PRO E 826 38.22 39.22 -31.32
C PRO E 826 38.14 40.69 -31.68
N ASP E 827 36.98 41.29 -31.37
CA ASP E 827 36.74 42.69 -31.63
C ASP E 827 36.90 43.46 -30.32
N PRO E 828 37.90 44.34 -30.19
CA PRO E 828 38.06 45.06 -28.91
C PRO E 828 36.88 45.95 -28.56
N SER E 829 36.08 46.37 -29.54
CA SER E 829 35.04 47.36 -29.27
C SER E 829 34.02 46.85 -28.26
N LYS E 830 33.57 45.61 -28.42
CA LYS E 830 32.50 45.10 -27.59
C LYS E 830 32.96 44.93 -26.15
N PRO E 831 32.03 44.99 -25.19
CA PRO E 831 32.44 44.79 -23.79
C PRO E 831 33.10 43.45 -23.55
N SER E 832 32.63 42.40 -24.22
CA SER E 832 33.24 41.08 -24.16
C SER E 832 34.07 40.88 -25.42
N LYS E 833 35.31 40.42 -25.23
CA LYS E 833 36.21 40.24 -26.36
C LYS E 833 35.81 39.01 -27.15
N ARG E 834 34.70 39.12 -27.87
CA ARG E 834 34.17 38.04 -28.70
C ARG E 834 34.26 38.45 -30.17
N SER E 835 34.66 37.51 -31.02
CA SER E 835 34.72 37.80 -32.44
C SER E 835 33.32 37.99 -33.01
N PRO E 836 33.18 38.80 -34.06
CA PRO E 836 31.84 39.03 -34.62
C PRO E 836 31.11 37.75 -34.99
N ILE E 837 31.81 36.76 -35.55
CA ILE E 837 31.17 35.47 -35.79
C ILE E 837 30.79 34.82 -34.47
N GLU E 838 31.62 34.97 -33.44
CA GLU E 838 31.23 34.48 -32.13
C GLU E 838 30.02 35.23 -31.58
N ASP E 839 29.94 36.53 -31.84
CA ASP E 839 28.75 37.28 -31.42
C ASP E 839 27.50 36.73 -32.09
N LEU E 840 27.56 36.53 -33.40
CA LEU E 840 26.42 35.98 -34.12
C LEU E 840 26.12 34.55 -33.71
N LEU E 841 27.13 33.82 -33.23
CA LEU E 841 26.92 32.46 -32.75
C LEU E 841 26.30 32.43 -31.36
N PHE E 842 26.59 33.44 -30.54
CA PHE E 842 26.09 33.52 -29.17
C PHE E 842 24.68 34.09 -29.13
N ASN E 843 24.39 35.08 -29.98
CA ASN E 843 23.05 35.67 -30.00
C ASN E 843 22.03 34.78 -30.67
N LYS E 844 22.46 33.83 -31.51
CA LYS E 844 21.56 32.98 -32.28
C LYS E 844 21.27 31.64 -31.60
N VAL E 845 21.29 31.60 -30.27
CA VAL E 845 21.04 30.36 -29.55
C VAL E 845 20.65 30.70 -28.12
N THR E 846 19.72 29.92 -27.57
CA THR E 846 19.18 30.18 -26.25
C THR E 846 18.92 28.88 -25.50
N CYS E 870 10.23 30.57 -14.43
CA CYS E 870 11.49 30.27 -13.77
C CYS E 870 11.26 29.59 -12.41
N ALA E 871 10.03 29.16 -12.17
CA ALA E 871 9.70 28.54 -10.90
C ALA E 871 10.28 27.13 -10.79
N GLN E 872 10.38 26.41 -11.91
CA GLN E 872 10.85 25.03 -11.88
C GLN E 872 12.25 24.91 -11.31
N LYS E 873 13.06 25.96 -11.41
CA LYS E 873 14.49 25.90 -11.15
C LYS E 873 14.84 25.98 -9.67
N PHE E 874 13.89 25.72 -8.76
CA PHE E 874 14.18 25.84 -7.34
C PHE E 874 13.56 24.72 -6.50
N ASN E 875 12.97 23.70 -7.11
CA ASN E 875 12.33 22.63 -6.36
C ASN E 875 13.34 21.53 -6.00
N GLY E 876 14.39 21.94 -5.30
CA GLY E 876 15.42 21.02 -4.86
C GLY E 876 16.49 20.72 -5.88
N LEU E 877 16.65 21.56 -6.90
CA LEU E 877 17.64 21.35 -7.94
C LEU E 877 18.37 22.67 -8.21
N THR E 878 19.60 22.55 -8.68
CA THR E 878 20.42 23.71 -9.00
C THR E 878 21.31 23.39 -10.19
N VAL E 879 21.88 24.42 -10.78
CA VAL E 879 22.82 24.28 -11.89
C VAL E 879 24.11 24.96 -11.48
N LEU E 880 25.18 24.17 -11.35
CA LEU E 880 26.46 24.72 -10.96
C LEU E 880 27.08 25.49 -12.12
N PRO E 881 27.79 26.59 -11.85
CA PRO E 881 28.41 27.34 -12.94
C PRO E 881 29.53 26.54 -13.57
N PRO E 882 29.79 26.75 -14.87
CA PRO E 882 30.94 26.09 -15.49
C PRO E 882 32.25 26.64 -14.95
N LEU E 883 33.28 25.79 -14.95
CA LEU E 883 34.58 26.22 -14.46
C LEU E 883 35.10 27.42 -15.25
N LEU E 884 35.08 27.30 -16.58
CA LEU E 884 35.60 28.36 -17.45
C LEU E 884 34.43 29.24 -17.89
N THR E 885 34.45 30.50 -17.47
CA THR E 885 33.43 31.43 -17.92
C THR E 885 33.53 31.60 -19.43
N ASP E 886 32.43 32.07 -20.03
CA ASP E 886 32.44 32.30 -21.47
C ASP E 886 33.57 33.22 -21.87
N GLU E 887 33.94 34.16 -21.01
CA GLU E 887 35.08 35.03 -21.31
C GLU E 887 36.38 34.23 -21.38
N MET E 888 36.58 33.30 -20.44
CA MET E 888 37.81 32.52 -20.45
C MET E 888 37.86 31.58 -21.64
N ILE E 889 36.72 30.98 -21.99
CA ILE E 889 36.66 30.13 -23.18
C ILE E 889 36.97 30.95 -24.43
N ALA E 890 36.42 32.16 -24.51
CA ALA E 890 36.71 33.02 -25.64
C ALA E 890 38.18 33.39 -25.69
N GLN E 891 38.80 33.60 -24.52
CA GLN E 891 40.23 33.88 -24.49
C GLN E 891 41.04 32.71 -24.98
N TYR E 892 40.67 31.49 -24.57
CA TYR E 892 41.34 30.29 -25.07
C TYR E 892 41.22 30.21 -26.59
N THR E 893 40.01 30.42 -27.11
CA THR E 893 39.80 30.36 -28.55
C THR E 893 40.64 31.41 -29.27
N SER E 894 40.67 32.63 -28.74
CA SER E 894 41.45 33.68 -29.36
C SER E 894 42.93 33.35 -29.35
N ALA E 895 43.42 32.76 -28.26
CA ALA E 895 44.82 32.36 -28.21
C ALA E 895 45.12 31.32 -29.29
N LEU E 896 44.28 30.29 -29.40
CA LEU E 896 44.49 29.28 -30.43
C LEU E 896 44.47 29.92 -31.81
N LEU E 897 43.52 30.82 -32.04
CA LEU E 897 43.34 31.40 -33.36
C LEU E 897 44.50 32.29 -33.75
N ALA E 898 44.96 33.14 -32.82
CA ALA E 898 46.11 33.99 -33.09
C ALA E 898 47.37 33.18 -33.27
N GLY E 899 47.53 32.10 -32.50
CA GLY E 899 48.65 31.22 -32.72
C GLY E 899 48.64 30.62 -34.11
N THR E 900 47.47 30.16 -34.56
CA THR E 900 47.38 29.62 -35.91
C THR E 900 47.72 30.67 -36.95
N ILE E 901 47.21 31.90 -36.77
CA ILE E 901 47.45 32.95 -37.75
C ILE E 901 48.94 33.27 -37.85
N THR E 902 49.59 33.46 -36.70
CA THR E 902 50.93 34.03 -36.66
C THR E 902 52.05 33.01 -36.60
N SER E 903 51.74 31.72 -36.43
CA SER E 903 52.78 30.71 -36.31
C SER E 903 52.43 29.41 -37.04
N GLY E 904 51.35 29.39 -37.82
CA GLY E 904 51.00 28.17 -38.51
C GLY E 904 50.70 27.06 -37.54
N TRP E 905 51.36 25.92 -37.73
CA TRP E 905 51.12 24.73 -36.93
C TRP E 905 52.21 24.48 -35.90
N THR E 906 53.20 25.37 -35.82
CA THR E 906 54.35 25.07 -34.96
C THR E 906 54.01 25.23 -33.49
N PHE E 907 53.15 26.19 -33.15
CA PHE E 907 52.80 26.39 -31.75
C PHE E 907 52.20 25.16 -31.11
N GLY E 908 51.61 24.28 -31.91
CA GLY E 908 51.05 23.03 -31.41
C GLY E 908 52.05 21.93 -31.19
N ALA E 909 53.33 22.17 -31.50
CA ALA E 909 54.37 21.16 -31.29
C ALA E 909 55.67 21.91 -31.01
N GLY E 910 55.95 22.11 -29.72
CA GLY E 910 57.12 22.84 -29.32
C GLY E 910 56.84 24.32 -29.10
N PRO E 911 57.85 25.17 -29.30
CA PRO E 911 57.65 26.60 -29.10
C PRO E 911 57.15 27.29 -30.36
N ALA E 912 56.19 28.19 -30.17
CA ALA E 912 55.61 28.92 -31.29
C ALA E 912 56.68 29.76 -31.97
N LEU E 913 56.72 29.70 -33.30
CA LEU E 913 57.72 30.42 -34.08
C LEU E 913 57.04 31.08 -35.27
N GLN E 914 57.36 32.34 -35.51
CA GLN E 914 56.61 33.12 -36.49
C GLN E 914 56.92 32.64 -37.91
N ILE E 915 56.04 33.02 -38.83
CA ILE E 915 56.24 32.79 -40.25
C ILE E 915 55.22 33.64 -40.99
N PRO E 916 55.61 34.43 -42.00
CA PRO E 916 54.64 35.31 -42.66
C PRO E 916 53.47 34.50 -43.20
N PHE E 917 52.27 35.05 -43.07
CA PHE E 917 51.08 34.26 -43.39
C PHE E 917 51.07 33.74 -44.81
N PRO E 918 51.32 34.54 -45.85
CA PRO E 918 51.31 33.97 -47.20
C PRO E 918 52.29 32.82 -47.35
N MET E 919 53.43 32.87 -46.66
CA MET E 919 54.35 31.74 -46.69
C MET E 919 53.75 30.53 -45.98
N GLN E 920 53.00 30.75 -44.90
CA GLN E 920 52.33 29.64 -44.25
C GLN E 920 51.30 29.00 -45.17
N MET E 921 50.55 29.83 -45.90
CA MET E 921 49.60 29.28 -46.85
C MET E 921 50.31 28.55 -47.98
N ALA E 922 51.50 29.01 -48.37
CA ALA E 922 52.30 28.24 -49.32
C ALA E 922 52.69 26.89 -48.75
N TYR E 923 53.06 26.86 -47.47
CA TYR E 923 53.39 25.60 -46.81
C TYR E 923 52.20 24.65 -46.87
N ARG E 924 51.00 25.17 -46.59
CA ARG E 924 49.81 24.34 -46.58
C ARG E 924 49.44 23.87 -47.98
N PHE E 925 49.53 24.76 -48.97
CA PHE E 925 49.33 24.36 -50.36
C PHE E 925 50.25 23.22 -50.72
N ASN E 926 51.54 23.34 -50.40
CA ASN E 926 52.45 22.23 -50.57
C ASN E 926 51.93 21.00 -49.84
N GLY E 927 51.32 21.20 -48.68
CA GLY E 927 50.77 20.08 -47.93
C GLY E 927 49.72 19.32 -48.73
N ILE E 928 48.87 20.03 -49.46
CA ILE E 928 47.82 19.37 -50.23
C ILE E 928 48.32 18.99 -51.61
N GLY E 929 49.62 19.16 -51.85
CA GLY E 929 50.23 18.70 -53.08
C GLY E 929 50.26 19.70 -54.21
N VAL E 930 49.99 20.97 -53.94
CA VAL E 930 50.05 22.03 -54.95
C VAL E 930 51.28 22.86 -54.67
N THR E 931 52.16 22.98 -55.66
CA THR E 931 53.46 23.59 -55.46
C THR E 931 53.32 24.99 -54.87
N GLN E 932 54.43 25.51 -54.33
CA GLN E 932 54.41 26.82 -53.69
C GLN E 932 53.93 27.90 -54.65
N ASN E 933 54.50 27.94 -55.86
CA ASN E 933 54.24 29.06 -56.76
C ASN E 933 52.75 29.26 -56.99
N VAL E 934 51.99 28.18 -57.09
CA VAL E 934 50.57 28.28 -57.41
C VAL E 934 49.86 29.23 -56.46
N LEU E 935 50.39 29.39 -55.24
CA LEU E 935 49.85 30.39 -54.34
C LEU E 935 50.35 31.79 -54.73
N TYR E 936 51.66 32.00 -54.66
CA TYR E 936 52.19 33.34 -54.86
C TYR E 936 51.76 33.92 -56.21
N GLU E 937 51.89 33.12 -57.27
CA GLU E 937 51.56 33.62 -58.61
C GLU E 937 50.19 34.26 -58.65
N ASN E 938 49.28 33.87 -57.76
CA ASN E 938 47.94 34.46 -57.71
C ASN E 938 47.53 34.69 -56.27
N GLN E 939 48.49 35.05 -55.41
CA GLN E 939 48.17 35.22 -53.99
C GLN E 939 46.97 36.13 -53.81
N LYS E 940 46.99 37.30 -54.45
CA LYS E 940 45.86 38.22 -54.38
C LYS E 940 44.55 37.47 -54.51
N LEU E 941 44.38 36.74 -55.62
CA LEU E 941 43.12 36.05 -55.84
C LEU E 941 42.78 35.16 -54.65
N ILE E 942 43.73 34.31 -54.24
CA ILE E 942 43.50 33.47 -53.08
C ILE E 942 42.92 34.31 -51.94
N ALA E 943 43.65 35.35 -51.55
CA ALA E 943 43.22 36.15 -50.41
C ALA E 943 41.77 36.57 -50.58
N ASN E 944 41.44 37.14 -51.74
CA ASN E 944 40.08 37.61 -51.96
C ASN E 944 39.08 36.51 -51.65
N GLN E 945 39.28 35.34 -52.27
CA GLN E 945 38.36 34.24 -52.03
C GLN E 945 38.22 33.99 -50.54
N PHE E 946 39.35 33.82 -49.85
CA PHE E 946 39.31 33.64 -48.41
C PHE E 946 38.38 34.66 -47.78
N ASN E 947 38.69 35.95 -47.98
CA ASN E 947 37.89 36.98 -47.36
C ASN E 947 36.41 36.77 -47.67
N SER E 948 36.09 36.64 -48.95
CA SER E 948 34.70 36.45 -49.34
C SER E 948 34.10 35.29 -48.57
N ALA E 949 34.78 34.14 -48.60
CA ALA E 949 34.25 32.97 -47.92
C ALA E 949 33.90 33.31 -46.48
N ILE E 950 34.83 33.95 -45.76
CA ILE E 950 34.56 34.26 -44.36
C ILE E 950 33.29 35.09 -44.26
N GLY E 951 33.22 36.18 -45.03
CA GLY E 951 32.02 36.99 -44.99
C GLY E 951 30.79 36.13 -45.21
N LYS E 952 30.84 35.28 -46.24
CA LYS E 952 29.67 34.49 -46.58
C LYS E 952 29.18 33.71 -45.37
N ILE E 953 30.09 33.05 -44.65
CA ILE E 953 29.61 32.17 -43.59
C ILE E 953 28.84 32.96 -42.56
N GLN E 954 29.32 34.17 -42.24
CA GLN E 954 28.58 34.99 -41.29
C GLN E 954 27.15 35.17 -41.77
N ASP E 955 26.97 35.58 -43.03
CA ASP E 955 25.63 35.73 -43.57
C ASP E 955 24.91 34.39 -43.57
N SER E 956 25.61 33.31 -43.91
CA SER E 956 24.99 31.99 -43.83
C SER E 956 24.69 31.61 -42.40
N LEU E 957 25.54 32.04 -41.45
CA LEU E 957 25.32 31.70 -40.05
C LEU E 957 24.11 32.43 -39.50
N SER E 958 23.83 33.63 -40.00
CA SER E 958 22.63 34.38 -39.63
C SER E 958 21.44 33.97 -40.50
N SER E 959 21.19 32.66 -40.56
CA SER E 959 20.10 32.13 -41.36
C SER E 959 18.76 32.30 -40.65
N ALA E 963 22.53 25.97 -39.42
CA ALA E 963 22.07 26.56 -38.17
C ALA E 963 22.80 25.95 -36.98
N LEU E 964 22.43 26.37 -35.78
CA LEU E 964 23.02 25.87 -34.55
C LEU E 964 22.18 24.76 -33.93
N GLY E 965 21.54 23.94 -34.77
CA GLY E 965 20.67 22.90 -34.26
C GLY E 965 21.38 21.93 -33.32
N LYS E 966 22.68 21.73 -33.52
CA LYS E 966 23.39 20.75 -32.70
C LYS E 966 23.45 21.17 -31.24
N LEU E 967 23.46 22.47 -30.96
CA LEU E 967 23.51 22.99 -29.59
C LEU E 967 22.13 23.31 -29.04
N GLN E 968 21.26 23.90 -29.86
CA GLN E 968 19.86 24.03 -29.47
C GLN E 968 19.27 22.70 -29.07
N ASP E 969 19.64 21.62 -29.78
CA ASP E 969 19.11 20.31 -29.45
C ASP E 969 19.57 19.88 -28.05
N VAL E 970 20.83 20.11 -27.74
CA VAL E 970 21.34 19.73 -26.42
C VAL E 970 20.61 20.49 -25.33
N VAL E 971 20.51 21.81 -25.47
CA VAL E 971 19.89 22.61 -24.43
C VAL E 971 18.42 22.26 -24.30
N ASN E 972 17.73 22.04 -25.43
CA ASN E 972 16.32 21.67 -25.38
C ASN E 972 16.12 20.33 -24.72
N GLN E 973 16.99 19.35 -25.02
CA GLN E 973 16.87 18.04 -24.40
C GLN E 973 17.05 18.14 -22.88
N ASN E 974 18.06 18.89 -22.45
CA ASN E 974 18.28 19.02 -21.01
C ASN E 974 17.12 19.74 -20.35
N ALA E 975 16.60 20.79 -20.99
CA ALA E 975 15.46 21.51 -20.42
C ALA E 975 14.25 20.61 -20.32
N GLN E 976 13.99 19.81 -21.36
CA GLN E 976 12.86 18.89 -21.32
C GLN E 976 13.02 17.88 -20.18
N ALA E 977 14.24 17.35 -20.02
CA ALA E 977 14.47 16.39 -18.95
C ALA E 977 14.20 17.00 -17.59
N LEU E 978 14.76 18.19 -17.34
CA LEU E 978 14.57 18.83 -16.05
C LEU E 978 13.11 19.18 -15.81
N ASN E 979 12.42 19.68 -16.85
CA ASN E 979 11.02 20.03 -16.70
C ASN E 979 10.18 18.82 -16.38
N THR E 980 10.44 17.69 -17.05
CA THR E 980 9.69 16.47 -16.76
C THR E 980 9.97 15.99 -15.34
N LEU E 981 11.23 16.08 -14.91
CA LEU E 981 11.56 15.70 -13.54
C LEU E 981 10.77 16.55 -12.54
N VAL E 982 10.72 17.86 -12.77
CA VAL E 982 10.02 18.73 -11.83
C VAL E 982 8.52 18.47 -11.87
N LYS E 983 7.98 18.20 -13.06
CA LYS E 983 6.55 17.98 -13.18
C LYS E 983 6.13 16.64 -12.60
N GLN E 984 7.04 15.68 -12.53
CA GLN E 984 6.70 14.40 -11.91
C GLN E 984 6.31 14.57 -10.45
N LEU E 985 6.69 15.67 -9.81
CA LEU E 985 6.23 15.93 -8.45
C LEU E 985 4.73 16.16 -8.39
N SER E 986 4.10 16.53 -9.51
CA SER E 986 2.66 16.74 -9.51
C SER E 986 1.90 15.42 -9.48
N SER E 987 2.47 14.37 -10.05
CA SER E 987 1.82 13.07 -10.06
C SER E 987 1.73 12.50 -8.66
N ASN E 988 0.71 11.68 -8.42
CA ASN E 988 0.46 11.10 -7.11
C ASN E 988 0.82 9.62 -7.02
N PHE E 989 1.07 8.95 -8.14
CA PHE E 989 1.48 7.55 -8.13
C PHE E 989 0.49 6.67 -7.39
N GLY E 990 -0.78 7.06 -7.38
CA GLY E 990 -1.82 6.31 -6.72
C GLY E 990 -2.06 6.69 -5.27
N ALA E 991 -1.23 7.56 -4.70
CA ALA E 991 -1.48 8.02 -3.34
C ALA E 991 -2.75 8.86 -3.30
N ILE E 992 -3.14 9.28 -2.09
CA ILE E 992 -4.38 10.03 -1.95
C ILE E 992 -4.24 11.42 -2.57
N SER E 993 -3.06 12.03 -2.45
CA SER E 993 -2.83 13.33 -3.06
C SER E 993 -1.36 13.44 -3.44
N SER E 994 -1.08 14.34 -4.38
CA SER E 994 0.29 14.55 -4.83
C SER E 994 1.09 15.36 -3.83
N VAL E 995 0.46 16.33 -3.17
CA VAL E 995 1.16 17.18 -2.20
C VAL E 995 1.38 16.36 -0.93
N LEU E 996 2.64 16.11 -0.60
CA LEU E 996 2.95 15.31 0.57
C LEU E 996 2.52 16.01 1.85
N ASN E 997 2.52 17.34 1.86
CA ASN E 997 2.12 18.08 3.05
C ASN E 997 0.65 17.81 3.38
N ASP E 998 -0.21 17.75 2.36
CA ASP E 998 -1.62 17.49 2.60
C ASP E 998 -1.82 16.14 3.28
N ILE E 999 -1.14 15.11 2.80
CA ILE E 999 -1.27 13.78 3.38
C ILE E 999 -0.71 13.78 4.81
N LEU E 1000 0.46 14.39 5.00
CA LEU E 1000 1.05 14.41 6.32
C LEU E 1000 0.21 15.22 7.30
N SER E 1001 -0.65 16.11 6.80
CA SER E 1001 -1.50 16.91 7.66
C SER E 1001 -2.80 16.20 8.01
N ARG E 1002 -3.57 15.80 6.99
CA ARG E 1002 -4.91 15.29 7.23
C ARG E 1002 -4.91 13.88 7.80
N LEU E 1003 -3.90 13.07 7.52
CA LEU E 1003 -3.91 11.66 7.85
C LEU E 1003 -3.03 11.37 9.05
N ASP E 1004 -3.37 10.30 9.77
CA ASP E 1004 -2.65 9.87 10.95
C ASP E 1004 -1.33 9.21 10.55
N PRO E 1005 -0.34 9.20 11.44
CA PRO E 1005 0.97 8.64 11.08
C PRO E 1005 0.86 7.21 10.57
N PRO E 1006 0.23 6.31 11.32
CA PRO E 1006 0.17 4.91 10.84
C PRO E 1006 -0.51 4.77 9.50
N GLU E 1007 -1.51 5.60 9.21
CA GLU E 1007 -2.18 5.55 7.91
C GLU E 1007 -1.40 6.33 6.86
N ALA E 1008 -0.86 7.49 7.22
CA ALA E 1008 -0.11 8.30 6.27
C ALA E 1008 1.18 7.61 5.84
N GLU E 1009 1.66 6.63 6.61
CA GLU E 1009 2.92 5.99 6.28
C GLU E 1009 2.85 5.29 4.93
N VAL E 1010 1.75 4.57 4.67
CA VAL E 1010 1.64 3.84 3.41
C VAL E 1010 1.55 4.81 2.23
N GLN E 1011 0.76 5.88 2.39
CA GLN E 1011 0.62 6.85 1.30
C GLN E 1011 1.94 7.54 1.00
N ILE E 1012 2.66 7.95 2.05
CA ILE E 1012 3.95 8.60 1.84
C ILE E 1012 4.95 7.61 1.28
N ASP E 1013 4.83 6.33 1.62
CA ASP E 1013 5.69 5.32 1.01
C ASP E 1013 5.43 5.20 -0.48
N ARG E 1014 4.16 5.22 -0.88
CA ARG E 1014 3.84 5.19 -2.30
C ARG E 1014 4.42 6.41 -3.01
N LEU E 1015 4.25 7.59 -2.40
CA LEU E 1015 4.81 8.82 -2.98
C LEU E 1015 6.32 8.73 -3.10
N ILE E 1016 6.98 8.22 -2.06
CA ILE E 1016 8.44 8.10 -2.07
C ILE E 1016 8.88 7.16 -3.18
N THR E 1017 8.21 6.01 -3.30
CA THR E 1017 8.57 5.07 -4.35
C THR E 1017 8.45 5.72 -5.72
N GLY E 1018 7.34 6.40 -5.97
CA GLY E 1018 7.15 7.03 -7.27
C GLY E 1018 8.20 8.09 -7.56
N ARG E 1019 8.43 8.98 -6.60
CA ARG E 1019 9.37 10.08 -6.82
C ARG E 1019 10.78 9.55 -6.98
N LEU E 1020 11.16 8.55 -6.18
CA LEU E 1020 12.49 7.96 -6.31
C LEU E 1020 12.66 7.29 -7.67
N GLN E 1021 11.63 6.59 -8.15
CA GLN E 1021 11.73 5.98 -9.47
C GLN E 1021 11.90 7.05 -10.55
N SER E 1022 11.13 8.13 -10.46
CA SER E 1022 11.25 9.19 -11.46
C SER E 1022 12.63 9.82 -11.44
N LEU E 1023 13.17 10.08 -10.25
CA LEU E 1023 14.49 10.69 -10.15
C LEU E 1023 15.57 9.74 -10.66
N GLN E 1024 15.46 8.45 -10.36
CA GLN E 1024 16.41 7.47 -10.88
C GLN E 1024 16.35 7.44 -12.40
N THR E 1025 15.15 7.51 -12.97
CA THR E 1025 15.02 7.55 -14.42
C THR E 1025 15.73 8.77 -14.99
N TYR E 1026 15.53 9.93 -14.37
CA TYR E 1026 16.18 11.14 -14.84
C TYR E 1026 17.69 11.00 -14.77
N VAL E 1027 18.21 10.44 -13.68
CA VAL E 1027 19.66 10.31 -13.53
C VAL E 1027 20.22 9.36 -14.59
N THR E 1028 19.55 8.24 -14.83
CA THR E 1028 20.04 7.30 -15.84
C THR E 1028 20.03 7.94 -17.23
N GLN E 1029 18.94 8.63 -17.57
CA GLN E 1029 18.89 9.28 -18.88
C GLN E 1029 19.95 10.36 -19.00
N GLN E 1030 20.22 11.09 -17.90
CA GLN E 1030 21.29 12.07 -17.92
C GLN E 1030 22.65 11.42 -18.11
N LEU E 1031 22.86 10.25 -17.51
CA LEU E 1031 24.12 9.54 -17.73
C LEU E 1031 24.29 9.20 -19.21
N ILE E 1032 23.22 8.69 -19.83
CA ILE E 1032 23.30 8.38 -21.26
C ILE E 1032 23.61 9.63 -22.07
N ARG E 1033 22.89 10.72 -21.79
CA ARG E 1033 23.05 11.94 -22.56
C ARG E 1033 24.44 12.53 -22.38
N ALA E 1034 24.95 12.49 -21.15
CA ALA E 1034 26.29 13.00 -20.88
C ALA E 1034 27.35 12.12 -21.53
N ALA E 1035 27.12 10.81 -21.65
CA ALA E 1035 28.04 9.98 -22.41
C ALA E 1035 28.06 10.38 -23.87
N GLU E 1036 26.88 10.65 -24.44
CA GLU E 1036 26.83 11.12 -25.82
C GLU E 1036 27.58 12.43 -25.98
N ILE E 1037 27.36 13.37 -25.06
CA ILE E 1037 28.04 14.66 -25.12
C ILE E 1037 29.53 14.49 -24.94
N ARG E 1038 29.95 13.53 -24.13
CA ARG E 1038 31.38 13.28 -23.94
C ARG E 1038 32.01 12.72 -25.20
N ALA E 1039 31.29 11.85 -25.91
CA ALA E 1039 31.79 11.40 -27.21
C ALA E 1039 31.93 12.57 -28.17
N SER E 1040 30.93 13.45 -28.19
CA SER E 1040 31.01 14.63 -29.05
C SER E 1040 32.19 15.52 -28.64
N ALA E 1041 32.43 15.66 -27.35
CA ALA E 1041 33.52 16.51 -26.88
C ALA E 1041 34.87 15.91 -27.21
N ASN E 1042 34.99 14.58 -27.14
CA ASN E 1042 36.23 13.93 -27.56
C ASN E 1042 36.47 14.14 -29.05
N LEU E 1043 35.40 14.02 -29.85
CA LEU E 1043 35.55 14.28 -31.28
C LEU E 1043 35.96 15.73 -31.52
N ALA E 1044 35.39 16.66 -30.77
CA ALA E 1044 35.77 18.07 -30.91
C ALA E 1044 37.21 18.29 -30.49
N ALA E 1045 37.66 17.61 -29.44
CA ALA E 1045 39.05 17.77 -28.99
C ALA E 1045 40.01 17.27 -30.07
N THR E 1046 39.74 16.10 -30.63
CA THR E 1046 40.63 15.60 -31.69
C THR E 1046 40.55 16.46 -32.93
N LYS E 1047 39.36 16.99 -33.23
CA LYS E 1047 39.21 17.86 -34.39
C LYS E 1047 40.01 19.15 -34.22
N MET E 1048 39.95 19.74 -33.02
CA MET E 1048 40.75 20.93 -32.76
C MET E 1048 42.24 20.60 -32.82
N SER E 1049 42.64 19.46 -32.25
CA SER E 1049 44.05 19.10 -32.28
C SER E 1049 44.54 18.98 -33.72
N GLU E 1050 43.84 18.19 -34.53
CA GLU E 1050 44.37 17.77 -35.82
C GLU E 1050 44.06 18.76 -36.95
N CYS E 1051 42.97 19.51 -36.87
CA CYS E 1051 42.66 20.48 -37.90
C CYS E 1051 43.17 21.87 -37.58
N VAL E 1052 43.07 22.31 -36.32
CA VAL E 1052 43.49 23.67 -35.97
C VAL E 1052 44.99 23.73 -35.75
N LEU E 1053 45.51 22.91 -34.84
CA LEU E 1053 46.95 22.93 -34.56
C LEU E 1053 47.76 22.30 -35.66
N GLY E 1054 47.18 21.93 -36.79
CA GLY E 1054 47.94 21.35 -37.87
C GLY E 1054 47.10 21.23 -39.12
N GLN E 1055 47.66 20.55 -40.11
CA GLN E 1055 46.96 20.27 -41.36
C GLN E 1055 46.80 18.77 -41.49
N SER E 1056 45.58 18.32 -41.74
CA SER E 1056 45.23 16.91 -41.67
C SER E 1056 45.04 16.34 -43.07
N LYS E 1057 45.47 15.10 -43.25
CA LYS E 1057 45.24 14.37 -44.48
C LYS E 1057 43.94 13.57 -44.46
N ARG E 1058 43.26 13.53 -43.32
CA ARG E 1058 41.98 12.82 -43.25
C ARG E 1058 40.95 13.52 -44.13
N VAL E 1059 40.18 12.72 -44.86
CA VAL E 1059 39.47 13.23 -46.03
C VAL E 1059 38.38 14.22 -45.67
N ASP E 1060 37.32 13.76 -44.99
CA ASP E 1060 36.22 14.63 -44.63
C ASP E 1060 36.28 15.08 -43.18
N PHE E 1061 37.32 14.69 -42.45
CA PHE E 1061 37.45 15.10 -41.06
C PHE E 1061 37.31 16.62 -40.93
N CYS E 1062 38.24 17.36 -41.51
CA CYS E 1062 38.25 18.82 -41.43
C CYS E 1062 37.65 19.39 -42.70
N GLY E 1063 36.32 19.32 -42.78
CA GLY E 1063 35.59 19.96 -43.86
C GLY E 1063 35.76 19.25 -45.20
N LYS E 1064 34.77 19.38 -46.06
CA LYS E 1064 34.82 18.75 -47.37
C LYS E 1064 35.79 19.48 -48.29
N GLY E 1065 36.57 18.71 -49.03
CA GLY E 1065 37.64 19.25 -49.86
C GLY E 1065 39.00 18.97 -49.24
N TYR E 1066 40.03 19.51 -49.90
CA TYR E 1066 41.37 19.43 -49.36
C TYR E 1066 41.54 20.47 -48.27
N HIS E 1067 42.17 20.06 -47.16
CA HIS E 1067 42.24 20.89 -45.97
C HIS E 1067 43.41 21.85 -46.05
N LEU E 1068 43.16 23.11 -45.68
CA LEU E 1068 44.20 24.11 -45.54
C LEU E 1068 44.38 24.53 -44.09
N MET E 1069 43.32 25.00 -43.43
CA MET E 1069 43.48 25.41 -42.04
C MET E 1069 42.12 25.73 -41.44
N SER E 1070 41.97 25.48 -40.14
CA SER E 1070 40.71 25.68 -39.46
C SER E 1070 40.88 26.68 -38.32
N PHE E 1071 39.85 27.50 -38.12
CA PHE E 1071 39.79 28.45 -37.03
C PHE E 1071 38.60 28.12 -36.14
N PRO E 1072 38.78 28.01 -34.82
CA PRO E 1072 37.64 27.73 -33.95
C PRO E 1072 36.91 29.00 -33.53
N GLN E 1073 35.70 28.78 -33.02
CA GLN E 1073 34.87 29.85 -32.48
C GLN E 1073 34.00 29.24 -31.39
N SER E 1074 33.97 29.85 -30.22
CA SER E 1074 33.31 29.25 -29.07
C SER E 1074 31.83 29.64 -29.05
N ALA E 1075 30.95 28.69 -29.32
CA ALA E 1075 29.53 28.89 -29.13
C ALA E 1075 29.14 28.40 -27.75
N PRO E 1076 28.06 28.91 -27.18
CA PRO E 1076 27.70 28.50 -25.80
C PRO E 1076 27.42 27.00 -25.75
N HIS E 1077 28.20 26.31 -24.92
CA HIS E 1077 28.11 24.86 -24.77
C HIS E 1077 28.54 24.13 -26.04
N GLY E 1078 29.48 24.70 -26.78
CA GLY E 1078 29.94 24.02 -27.98
C GLY E 1078 30.99 24.83 -28.72
N VAL E 1079 31.51 24.23 -29.79
CA VAL E 1079 32.55 24.82 -30.60
C VAL E 1079 32.11 24.80 -32.06
N VAL E 1080 32.72 25.67 -32.86
CA VAL E 1080 32.34 25.83 -34.26
C VAL E 1080 33.62 26.06 -35.05
N PHE E 1081 33.90 25.17 -36.00
CA PHE E 1081 35.13 25.24 -36.79
C PHE E 1081 34.82 25.82 -38.15
N LEU E 1082 35.59 26.85 -38.55
CA LEU E 1082 35.48 27.41 -39.89
C LEU E 1082 36.61 26.79 -40.74
N HIS E 1083 36.41 25.54 -41.13
CA HIS E 1083 37.42 24.87 -41.94
C HIS E 1083 37.61 25.60 -43.25
N VAL E 1084 38.85 25.88 -43.60
CA VAL E 1084 39.23 26.51 -44.86
C VAL E 1084 39.90 25.44 -45.70
N THR E 1085 39.27 25.13 -46.83
CA THR E 1085 39.63 23.99 -47.65
C THR E 1085 39.77 24.42 -49.11
N TYR E 1086 40.62 23.70 -49.83
CA TYR E 1086 40.91 23.97 -51.23
C TYR E 1086 40.23 22.93 -52.09
N VAL E 1087 39.41 23.37 -53.05
CA VAL E 1087 38.66 22.48 -53.92
C VAL E 1087 38.86 22.91 -55.38
N PRO E 1088 39.30 22.02 -56.26
CA PRO E 1088 39.37 22.39 -57.68
C PRO E 1088 37.98 22.68 -58.23
N ALA E 1089 37.90 23.61 -59.18
CA ALA E 1089 36.62 24.11 -59.66
C ALA E 1089 36.44 24.08 -61.17
N GLN E 1090 37.51 24.14 -61.96
CA GLN E 1090 37.43 24.00 -63.40
C GLN E 1090 38.38 22.90 -63.83
N GLU E 1091 37.91 22.01 -64.70
CA GLU E 1091 38.69 20.84 -65.10
C GLU E 1091 38.73 20.75 -66.61
N LYS E 1092 39.89 20.35 -67.14
CA LYS E 1092 40.08 20.24 -68.58
C LYS E 1092 40.51 18.82 -68.94
N ASN E 1093 39.97 18.36 -70.08
CA ASN E 1093 40.31 17.07 -70.67
C ASN E 1093 41.78 17.07 -71.04
N PHE E 1094 42.42 15.90 -71.02
CA PHE E 1094 43.76 15.74 -71.57
C PHE E 1094 44.03 14.28 -71.89
N THR E 1095 44.49 14.01 -73.12
CA THR E 1095 45.05 12.71 -73.41
C THR E 1095 46.32 12.53 -72.61
N THR E 1096 46.46 11.38 -71.96
CA THR E 1096 47.57 11.13 -71.05
C THR E 1096 48.30 9.86 -71.46
N ALA E 1097 49.27 9.48 -70.64
CA ALA E 1097 50.08 8.29 -70.89
C ALA E 1097 50.92 7.98 -69.65
N PRO E 1098 51.03 6.71 -69.26
CA PRO E 1098 51.82 6.42 -68.04
C PRO E 1098 53.27 6.83 -68.14
N ALA E 1099 53.87 6.75 -69.33
CA ALA E 1099 55.28 7.05 -69.48
C ALA E 1099 55.55 7.46 -70.92
N ILE E 1100 56.73 8.02 -71.15
CA ILE E 1100 57.13 8.54 -72.46
C ILE E 1100 58.39 7.80 -72.89
N CYS E 1101 58.32 7.15 -74.04
CA CYS E 1101 59.47 6.40 -74.56
C CYS E 1101 60.36 7.37 -75.32
N HIS E 1102 61.46 7.79 -74.68
CA HIS E 1102 62.36 8.75 -75.31
C HIS E 1102 63.17 8.10 -76.42
N ASP E 1103 64.03 7.14 -76.05
CA ASP E 1103 64.74 6.33 -77.03
C ASP E 1103 65.03 4.99 -76.36
N GLY E 1104 64.16 4.00 -76.62
CA GLY E 1104 64.32 2.73 -75.94
C GLY E 1104 64.40 2.88 -74.44
N LYS E 1105 63.66 3.83 -73.89
CA LYS E 1105 63.82 4.22 -72.49
C LYS E 1105 62.54 4.90 -72.04
N ALA E 1106 61.92 4.39 -70.98
CA ALA E 1106 60.64 4.89 -70.50
C ALA E 1106 60.88 5.91 -69.40
N HIS E 1107 60.40 7.14 -69.62
CA HIS E 1107 60.47 8.20 -68.63
C HIS E 1107 59.13 8.30 -67.93
N PHE E 1108 59.14 8.19 -66.60
CA PHE E 1108 57.96 8.36 -65.79
C PHE E 1108 58.03 9.69 -65.05
N PRO E 1109 56.90 10.37 -64.85
CA PRO E 1109 56.94 11.68 -64.20
C PRO E 1109 57.51 11.58 -62.79
N ARG E 1110 58.32 12.57 -62.43
CA ARG E 1110 58.91 12.57 -61.10
C ARG E 1110 57.87 12.85 -60.03
N GLU E 1111 57.07 13.90 -60.23
CA GLU E 1111 56.10 14.32 -59.23
C GLU E 1111 54.72 14.52 -59.83
N GLY E 1112 54.66 14.91 -61.10
CA GLY E 1112 53.42 15.23 -61.77
C GLY E 1112 52.89 14.08 -62.60
N VAL E 1113 52.09 14.43 -63.60
CA VAL E 1113 51.48 13.47 -64.51
C VAL E 1113 51.59 14.01 -65.93
N PHE E 1114 51.70 13.11 -66.89
CA PHE E 1114 51.84 13.50 -68.28
C PHE E 1114 50.47 13.82 -68.88
N VAL E 1115 50.42 14.91 -69.66
CA VAL E 1115 49.22 15.34 -70.35
C VAL E 1115 49.61 15.74 -71.77
N SER E 1116 48.60 16.00 -72.59
CA SER E 1116 48.85 16.39 -73.97
C SER E 1116 47.63 17.10 -74.52
N ASN E 1117 47.88 18.15 -75.31
CA ASN E 1117 46.84 18.82 -76.08
C ASN E 1117 47.33 18.87 -77.52
N GLY E 1118 46.65 18.14 -78.40
CA GLY E 1118 47.03 18.08 -79.79
C GLY E 1118 48.37 17.43 -80.04
N THR E 1119 49.36 18.22 -80.43
CA THR E 1119 50.64 17.71 -80.93
C THR E 1119 51.79 18.00 -79.98
N HIS E 1120 51.52 18.19 -78.70
CA HIS E 1120 52.57 18.46 -77.73
C HIS E 1120 52.22 17.79 -76.40
N TRP E 1121 53.26 17.30 -75.72
CA TRP E 1121 53.12 16.65 -74.43
C TRP E 1121 53.76 17.49 -73.34
N PHE E 1122 53.25 17.34 -72.13
CA PHE E 1122 53.71 18.13 -70.99
C PHE E 1122 53.63 17.27 -69.74
N VAL E 1123 54.27 17.73 -68.69
CA VAL E 1123 54.17 17.13 -67.35
C VAL E 1123 53.67 18.22 -66.42
N THR E 1124 52.56 17.96 -65.74
CA THR E 1124 51.87 18.95 -64.94
C THR E 1124 51.69 18.45 -63.52
N GLN E 1125 51.38 19.37 -62.61
CA GLN E 1125 50.96 18.96 -61.28
C GLN E 1125 49.64 18.19 -61.39
N ARG E 1126 49.42 17.27 -60.45
CA ARG E 1126 48.20 16.49 -60.49
C ARG E 1126 46.99 17.31 -60.05
N ASN E 1127 47.18 18.26 -59.14
CA ASN E 1127 46.09 19.03 -58.57
C ASN E 1127 45.94 20.41 -59.22
N PHE E 1128 46.69 20.67 -60.29
CA PHE E 1128 46.61 21.95 -60.98
C PHE E 1128 47.12 21.75 -62.39
N TYR E 1129 46.79 22.70 -63.26
CA TYR E 1129 47.24 22.65 -64.66
C TYR E 1129 48.38 23.63 -64.83
N GLU E 1130 49.61 23.12 -64.74
CA GLU E 1130 50.82 23.92 -64.94
C GLU E 1130 51.71 23.16 -65.91
N PRO E 1131 51.51 23.35 -67.21
CA PRO E 1131 52.32 22.63 -68.19
C PRO E 1131 53.79 23.00 -68.09
N GLN E 1132 54.65 22.03 -68.40
CA GLN E 1132 56.08 22.24 -68.41
C GLN E 1132 56.70 21.28 -69.40
N ILE E 1133 57.73 21.74 -70.11
CA ILE E 1133 58.40 20.87 -71.07
C ILE E 1133 58.96 19.67 -70.32
N ILE E 1134 58.96 18.52 -71.00
CA ILE E 1134 59.31 17.25 -70.35
C ILE E 1134 60.83 17.13 -70.42
N THR E 1135 61.49 17.75 -69.45
CA THR E 1135 62.94 17.73 -69.36
C THR E 1135 63.40 16.49 -68.60
N THR E 1136 64.65 16.11 -68.85
CA THR E 1136 65.19 14.91 -68.23
C THR E 1136 65.14 14.97 -66.70
N ASP E 1137 65.11 16.17 -66.13
CA ASP E 1137 65.00 16.33 -64.69
C ASP E 1137 63.56 16.29 -64.20
N ASN E 1138 62.58 16.44 -65.09
CA ASN E 1138 61.19 16.31 -64.71
C ASN E 1138 60.74 14.85 -64.61
N THR E 1139 61.52 13.94 -65.16
CA THR E 1139 61.13 12.54 -65.28
C THR E 1139 62.31 11.64 -64.95
N PHE E 1140 62.02 10.45 -64.44
CA PHE E 1140 63.03 9.47 -64.12
C PHE E 1140 62.81 8.23 -64.99
N VAL E 1141 63.89 7.60 -65.43
CA VAL E 1141 63.84 6.49 -66.35
C VAL E 1141 63.91 5.18 -65.58
N SER E 1142 63.17 4.18 -66.03
CA SER E 1142 63.19 2.86 -65.41
C SER E 1142 62.94 1.81 -66.50
N GLY E 1143 64.03 1.30 -67.06
CA GLY E 1143 63.95 0.19 -67.99
C GLY E 1143 63.56 0.62 -69.40
N ASN E 1144 63.59 -0.36 -70.30
CA ASN E 1144 63.19 -0.13 -71.67
C ASN E 1144 61.71 0.24 -71.74
N CYS E 1145 61.28 0.68 -72.91
CA CYS E 1145 59.93 1.20 -73.13
C CYS E 1145 59.04 0.22 -73.87
N ASP E 1146 59.21 -1.08 -73.63
CA ASP E 1146 58.37 -2.11 -74.25
C ASP E 1146 57.52 -2.89 -73.26
N VAL E 1147 57.79 -2.80 -71.96
CA VAL E 1147 57.04 -3.57 -70.98
C VAL E 1147 55.91 -2.78 -70.34
N VAL E 1148 55.83 -1.48 -70.58
CA VAL E 1148 54.77 -0.64 -70.03
C VAL E 1148 53.64 -0.55 -71.05
N ILE E 1149 52.42 -0.82 -70.60
CA ILE E 1149 51.24 -0.78 -71.46
C ILE E 1149 50.72 0.64 -71.49
N GLY E 1150 50.58 1.20 -72.68
CA GLY E 1150 50.13 2.57 -72.86
C GLY E 1150 51.22 3.58 -73.10
N ILE E 1151 52.47 3.15 -73.26
CA ILE E 1151 53.55 4.07 -73.54
C ILE E 1151 53.23 4.89 -74.79
N VAL E 1152 53.75 6.11 -74.84
CA VAL E 1152 53.66 6.96 -76.02
C VAL E 1152 55.05 7.43 -76.38
N ASN E 1153 55.26 7.67 -77.67
CA ASN E 1153 56.54 8.15 -78.17
C ASN E 1153 56.59 9.67 -78.07
N ASN E 1154 57.75 10.18 -77.64
CA ASN E 1154 57.96 11.61 -77.58
C ASN E 1154 59.42 11.87 -77.22
N THR E 1155 59.83 13.13 -77.34
CA THR E 1155 61.18 13.55 -77.03
C THR E 1155 61.20 14.32 -75.72
N VAL E 1156 62.25 14.13 -74.94
CA VAL E 1156 62.42 14.77 -73.64
C VAL E 1156 63.60 15.71 -73.72
N TYR E 1157 63.37 16.97 -73.36
CA TYR E 1157 64.41 17.98 -73.43
C TYR E 1157 65.55 17.63 -72.46
N ASP E 1158 66.67 18.33 -72.61
CA ASP E 1158 67.81 18.16 -71.74
C ASP E 1158 68.66 19.42 -71.74
N PRO E 1159 68.76 20.13 -70.62
CA PRO E 1159 69.56 21.38 -70.62
C PRO E 1159 71.03 21.15 -70.94
N LEU E 1160 71.54 19.93 -70.76
CA LEU E 1160 72.93 19.67 -71.09
C LEU E 1160 73.23 19.96 -72.55
N GLN E 1161 72.26 19.77 -73.44
CA GLN E 1161 72.49 20.11 -74.85
C GLN E 1161 72.71 21.60 -75.03
N PRO E 1162 71.87 22.50 -74.52
CA PRO E 1162 72.23 23.93 -74.55
C PRO E 1162 73.55 24.22 -73.87
N GLU E 1163 73.85 23.53 -72.77
CA GLU E 1163 75.13 23.76 -72.10
C GLU E 1163 76.30 23.46 -73.01
N LEU E 1164 76.23 22.34 -73.74
CA LEU E 1164 77.32 21.96 -74.65
C LEU E 1164 77.48 22.99 -75.76
N ASP E 1165 76.37 23.47 -76.32
CA ASP E 1165 76.41 24.43 -77.40
C ASP E 1165 77.11 25.72 -76.96
N GLN F 1 -44.75 33.55 33.98
CA GLN F 1 -44.66 32.55 35.07
C GLN F 1 -45.77 31.53 34.84
N ILE F 2 -45.39 30.25 34.74
CA ILE F 2 -46.31 29.19 34.34
C ILE F 2 -47.51 29.16 35.28
N THR F 3 -48.70 29.46 34.75
CA THR F 3 -49.91 29.57 35.56
C THR F 3 -50.82 28.39 35.26
N LEU F 4 -51.37 27.78 36.31
CA LEU F 4 -52.18 26.58 36.17
C LEU F 4 -53.30 26.62 37.21
N LYS F 5 -54.49 26.20 36.79
CA LYS F 5 -55.69 26.31 37.61
C LYS F 5 -56.68 25.24 37.19
N GLU F 6 -57.77 25.12 37.93
CA GLU F 6 -58.80 24.14 37.63
C GLU F 6 -60.18 24.78 37.73
N SER F 7 -61.19 24.04 37.28
CA SER F 7 -62.56 24.53 37.25
C SER F 7 -63.53 23.35 37.15
N GLY F 8 -64.72 23.56 37.70
CA GLY F 8 -65.75 22.54 37.71
C GLY F 8 -66.35 22.38 39.10
N PRO F 9 -67.57 21.85 39.17
CA PRO F 9 -68.20 21.68 40.48
C PRO F 9 -67.46 20.66 41.33
N THR F 10 -67.52 20.87 42.64
CA THR F 10 -66.87 19.97 43.59
C THR F 10 -67.77 18.84 44.05
N LEU F 11 -69.09 19.00 43.96
CA LEU F 11 -70.03 17.97 44.35
C LEU F 11 -70.36 17.09 43.14
N VAL F 12 -70.34 15.77 43.35
CA VAL F 12 -70.63 14.82 42.28
C VAL F 12 -71.66 13.81 42.79
N LYS F 13 -72.35 13.19 41.85
CA LYS F 13 -73.33 12.16 42.13
C LYS F 13 -72.76 10.80 41.79
N SER F 14 -73.03 9.81 42.65
CA SER F 14 -72.57 8.46 42.39
C SER F 14 -73.20 7.91 41.12
N THR F 15 -72.40 7.17 40.34
CA THR F 15 -72.80 6.55 39.09
C THR F 15 -73.01 7.55 37.96
N GLN F 16 -72.83 8.85 38.21
CA GLN F 16 -72.92 9.85 37.16
C GLN F 16 -71.62 9.84 36.37
N THR F 17 -71.40 10.87 35.55
CA THR F 17 -70.15 11.06 34.83
C THR F 17 -69.48 12.32 35.36
N LEU F 18 -68.26 12.19 35.85
CA LEU F 18 -67.49 13.32 36.35
C LEU F 18 -66.86 14.07 35.19
N THR F 19 -66.90 15.40 35.27
CA THR F 19 -66.30 16.27 34.27
C THR F 19 -65.54 17.39 34.99
N LEU F 20 -64.30 17.63 34.57
CA LEU F 20 -63.47 18.67 35.15
C LEU F 20 -62.70 19.37 34.06
N THR F 21 -62.43 20.67 34.27
CA THR F 21 -61.62 21.46 33.36
C THR F 21 -60.34 21.89 34.06
N CYS F 22 -59.24 21.89 33.34
CA CYS F 22 -57.96 22.39 33.85
C CYS F 22 -57.44 23.44 32.89
N THR F 23 -57.21 24.64 33.41
CA THR F 23 -56.79 25.78 32.61
C THR F 23 -55.31 26.07 32.84
N PHE F 24 -54.66 26.60 31.82
CA PHE F 24 -53.24 26.91 31.90
C PHE F 24 -52.96 28.18 31.10
N SER F 25 -51.84 28.81 31.41
CA SER F 25 -51.40 29.99 30.68
C SER F 25 -49.91 30.18 30.91
N GLY F 26 -49.28 30.89 29.98
CA GLY F 26 -47.85 31.11 29.99
C GLY F 26 -47.06 30.21 29.06
N PHE F 27 -47.71 29.21 28.46
CA PHE F 27 -47.01 28.29 27.57
C PHE F 27 -48.03 27.62 26.66
N SER F 28 -47.53 27.05 25.56
CA SER F 28 -48.34 26.31 24.62
C SER F 28 -48.11 24.81 24.81
N LEU F 29 -49.19 24.04 24.68
CA LEU F 29 -49.11 22.60 24.87
C LEU F 29 -48.69 21.85 23.61
N SER F 30 -48.67 22.52 22.45
CA SER F 30 -48.24 21.85 21.23
C SER F 30 -46.74 21.66 21.17
N THR F 31 -45.98 22.34 22.04
CA THR F 31 -44.53 22.26 22.00
C THR F 31 -44.07 20.84 22.30
N TYR F 32 -43.01 20.42 21.62
CA TYR F 32 -42.45 19.08 21.85
C TYR F 32 -41.92 18.98 23.28
N GLY F 33 -42.03 17.79 23.85
CA GLY F 33 -41.54 17.55 25.19
C GLY F 33 -42.41 18.10 26.30
N VAL F 34 -43.62 18.54 25.99
CA VAL F 34 -44.52 19.13 26.98
C VAL F 34 -45.87 18.43 26.88
N GLY F 35 -46.36 17.94 28.03
CA GLY F 35 -47.69 17.35 28.10
C GLY F 35 -48.40 17.83 29.35
N VAL F 36 -49.62 17.33 29.53
CA VAL F 36 -50.41 17.62 30.73
C VAL F 36 -51.00 16.31 31.26
N GLY F 37 -50.91 16.13 32.57
CA GLY F 37 -51.38 14.92 33.21
C GLY F 37 -52.14 15.22 34.48
N TRP F 38 -52.69 14.15 35.07
CA TRP F 38 -53.63 14.24 36.18
C TRP F 38 -53.19 13.32 37.31
N ILE F 39 -53.58 13.67 38.53
CA ILE F 39 -53.30 12.83 39.69
C ILE F 39 -54.26 13.22 40.80
N ARG F 40 -54.80 12.22 41.48
CA ARG F 40 -55.74 12.43 42.57
C ARG F 40 -55.13 11.90 43.87
N GLN F 41 -55.68 12.38 44.98
CA GLN F 41 -55.15 12.10 46.31
C GLN F 41 -56.29 11.98 47.31
N PRO F 42 -56.59 10.78 47.81
CA PRO F 42 -57.55 10.66 48.91
C PRO F 42 -56.90 11.03 50.24
N PRO F 43 -57.68 11.52 51.20
CA PRO F 43 -57.07 11.93 52.48
C PRO F 43 -56.36 10.77 53.15
N GLY F 44 -55.18 11.06 53.69
CA GLY F 44 -54.42 10.10 54.47
C GLY F 44 -53.59 9.13 53.67
N LYS F 45 -53.85 8.96 52.38
CA LYS F 45 -53.13 8.02 51.54
C LYS F 45 -52.24 8.78 50.56
N ALA F 46 -51.37 8.04 49.90
CA ALA F 46 -50.50 8.64 48.89
C ALA F 46 -51.31 8.99 47.64
N LEU F 47 -50.75 9.88 46.83
CA LEU F 47 -51.42 10.30 45.61
C LEU F 47 -51.67 9.11 44.69
N GLU F 48 -52.49 9.33 43.67
CA GLU F 48 -52.95 8.25 42.78
C GLU F 48 -52.96 8.80 41.35
N TRP F 49 -51.88 8.55 40.61
CA TRP F 49 -51.78 9.02 39.24
C TRP F 49 -52.86 8.39 38.38
N LEU F 50 -53.47 9.20 37.52
CA LEU F 50 -54.61 8.78 36.71
C LEU F 50 -54.26 8.60 35.24
N ALA F 51 -53.73 9.63 34.59
CA ALA F 51 -53.47 9.57 33.16
C ALA F 51 -52.68 10.80 32.76
N LEU F 52 -52.34 10.89 31.48
CA LEU F 52 -51.56 11.99 30.95
C LEU F 52 -51.65 11.99 29.44
N ILE F 53 -51.38 13.14 28.84
CA ILE F 53 -51.42 13.31 27.40
C ILE F 53 -50.20 14.12 26.98
N TYR F 54 -49.51 13.66 25.96
CA TYR F 54 -48.34 14.35 25.44
C TYR F 54 -48.75 15.37 24.38
N TRP F 55 -47.78 16.19 23.98
CA TRP F 55 -48.02 17.20 22.95
C TRP F 55 -48.62 16.58 21.69
N ASP F 56 -48.10 15.43 21.28
CA ASP F 56 -48.48 14.81 20.01
C ASP F 56 -49.79 14.05 20.09
N ASP F 57 -50.59 14.25 21.13
CA ASP F 57 -51.92 13.67 21.28
C ASP F 57 -51.84 12.18 21.57
N ASP F 58 -50.64 11.65 21.78
CA ASP F 58 -50.48 10.24 22.09
C ASP F 58 -50.95 9.97 23.51
N LYS F 59 -52.26 10.11 23.75
CA LYS F 59 -52.81 9.94 25.08
C LYS F 59 -52.33 8.63 25.69
N ARG F 60 -52.33 8.57 27.01
CA ARG F 60 -51.95 7.37 27.72
C ARG F 60 -52.73 7.31 29.04
N TYR F 61 -52.83 6.10 29.58
CA TYR F 61 -53.64 5.87 30.76
C TYR F 61 -52.97 4.81 31.64
N THR F 62 -53.29 4.87 32.92
CA THR F 62 -52.90 3.77 33.81
C THR F 62 -53.79 2.56 33.52
N PRO F 63 -53.25 1.35 33.68
CA PRO F 63 -54.07 0.16 33.34
C PRO F 63 -55.33 0.02 34.18
N SER F 64 -55.24 0.33 35.47
CA SER F 64 -56.32 -0.03 36.39
C SER F 64 -57.61 0.74 36.14
N LEU F 65 -57.55 1.84 35.41
CA LEU F 65 -58.73 2.69 35.21
C LEU F 65 -59.02 2.96 33.74
N LYS F 66 -58.31 2.31 32.82
CA LYS F 66 -58.39 2.69 31.41
C LYS F 66 -59.83 2.76 30.92
N SER F 67 -60.66 1.80 31.33
CA SER F 67 -62.04 1.78 30.85
C SER F 67 -62.80 3.02 31.26
N ARG F 68 -62.33 3.73 32.29
CA ARG F 68 -63.07 4.82 32.90
C ARG F 68 -62.55 6.20 32.53
N LEU F 69 -61.26 6.34 32.32
CA LEU F 69 -60.66 7.65 32.08
C LEU F 69 -60.97 8.13 30.66
N THR F 70 -61.07 9.45 30.50
CA THR F 70 -61.17 10.06 29.19
C THR F 70 -60.62 11.48 29.28
N ILE F 71 -59.85 11.88 28.28
CA ILE F 71 -59.18 13.17 28.29
C ILE F 71 -59.31 13.80 26.91
N THR F 72 -59.71 15.07 26.89
CA THR F 72 -59.90 15.81 25.64
C THR F 72 -59.14 17.13 25.73
N LYS F 73 -58.65 17.58 24.57
CA LYS F 73 -57.66 18.64 24.53
C LYS F 73 -57.92 19.57 23.35
N ASP F 74 -57.39 20.78 23.46
CA ASP F 74 -57.20 21.65 22.31
C ASP F 74 -56.32 22.82 22.71
N THR F 75 -55.27 23.09 21.94
CA THR F 75 -54.35 24.16 22.30
C THR F 75 -55.04 25.53 22.22
N SER F 76 -55.90 25.73 21.22
CA SER F 76 -56.53 27.04 21.04
C SER F 76 -57.37 27.42 22.26
N LYS F 77 -57.96 26.43 22.94
CA LYS F 77 -58.76 26.73 24.12
C LYS F 77 -57.89 27.08 25.32
N ASN F 78 -56.65 26.61 25.35
CA ASN F 78 -55.75 26.77 26.48
C ASN F 78 -56.20 26.00 27.71
N GLN F 79 -57.11 25.05 27.57
CA GLN F 79 -57.52 24.20 28.68
C GLN F 79 -57.67 22.76 28.20
N VAL F 80 -57.84 21.87 29.17
CA VAL F 80 -58.05 20.45 28.93
C VAL F 80 -59.25 20.01 29.76
N VAL F 81 -59.90 18.94 29.30
CA VAL F 81 -61.08 18.40 29.98
C VAL F 81 -60.81 16.95 30.33
N LEU F 82 -61.07 16.59 31.59
CA LEU F 82 -60.94 15.22 32.07
C LEU F 82 -62.31 14.73 32.51
N THR F 83 -62.73 13.57 31.98
CA THR F 83 -64.01 12.99 32.33
C THR F 83 -63.84 11.54 32.76
N MET F 84 -64.72 11.12 33.66
CA MET F 84 -64.71 9.77 34.21
C MET F 84 -66.15 9.27 34.28
N THR F 85 -66.30 7.94 34.29
CA THR F 85 -67.61 7.31 34.29
C THR F 85 -67.77 6.46 35.54
N ASN F 86 -69.02 6.30 35.97
CA ASN F 86 -69.38 5.42 37.09
C ASN F 86 -68.67 5.87 38.38
N MET F 87 -69.07 7.06 38.83
CA MET F 87 -68.52 7.60 40.07
C MET F 87 -68.87 6.72 41.25
N ASP F 88 -67.93 6.66 42.21
CA ASP F 88 -68.04 5.82 43.39
C ASP F 88 -67.69 6.65 44.62
N PRO F 89 -68.42 6.49 45.72
CA PRO F 89 -68.08 7.27 46.94
C PRO F 89 -66.60 7.28 47.27
N LEU F 90 -65.88 6.18 47.02
CA LEU F 90 -64.46 6.15 47.33
C LEU F 90 -63.64 7.12 46.48
N ASP F 91 -64.22 7.66 45.40
CA ASP F 91 -63.50 8.62 44.58
C ASP F 91 -63.33 9.97 45.26
N THR F 92 -63.98 10.19 46.41
CA THR F 92 -63.84 11.46 47.12
C THR F 92 -62.38 11.72 47.44
N ALA F 93 -61.81 12.76 46.84
CA ALA F 93 -60.38 13.05 46.96
C ALA F 93 -60.11 14.43 46.37
N THR F 94 -58.84 14.82 46.39
CA THR F 94 -58.40 16.08 45.81
C THR F 94 -57.65 15.80 44.51
N TYR F 95 -58.10 16.41 43.43
CA TYR F 95 -57.50 16.23 42.11
C TYR F 95 -56.52 17.36 41.80
N TYR F 96 -55.59 17.07 40.89
CA TYR F 96 -54.55 18.03 40.51
C TYR F 96 -54.08 17.72 39.11
N CYS F 97 -54.05 18.73 38.24
CA CYS F 97 -53.42 18.62 36.94
C CYS F 97 -52.03 19.24 36.99
N ALA F 98 -51.20 18.87 36.02
CA ALA F 98 -49.81 19.33 36.01
C ALA F 98 -49.23 19.18 34.61
N GLN F 99 -48.06 19.77 34.42
CA GLN F 99 -47.32 19.72 33.17
C GLN F 99 -46.26 18.63 33.28
N HIS F 100 -46.21 17.76 32.28
CA HIS F 100 -45.36 16.56 32.30
C HIS F 100 -44.27 16.65 31.26
N THR F 101 -43.02 16.48 31.72
CA THR F 101 -41.86 16.30 30.84
C THR F 101 -40.87 15.44 31.61
N VAL F 102 -40.62 14.22 31.14
CA VAL F 102 -39.66 13.32 31.78
C VAL F 102 -38.31 14.02 31.79
N PRO F 103 -37.49 13.88 32.85
CA PRO F 103 -37.71 13.14 34.11
C PRO F 103 -38.28 14.00 35.23
N THR F 104 -38.55 15.28 34.97
CA THR F 104 -39.11 16.16 36.00
C THR F 104 -40.62 15.92 36.06
N ILE F 105 -40.97 14.76 36.60
CA ILE F 105 -42.35 14.28 36.61
C ILE F 105 -43.26 15.34 37.21
N PHE F 106 -44.20 15.84 36.42
CA PHE F 106 -45.18 16.83 36.85
C PHE F 106 -44.48 17.99 37.58
N ASP F 107 -43.65 18.72 36.83
CA ASP F 107 -42.83 19.75 37.45
C ASP F 107 -43.69 20.82 38.12
N TYR F 108 -44.74 21.26 37.45
CA TYR F 108 -45.59 22.35 37.95
C TYR F 108 -47.00 21.83 38.13
N TRP F 109 -47.47 21.85 39.38
CA TRP F 109 -48.82 21.45 39.72
C TRP F 109 -49.76 22.65 39.73
N GLY F 110 -51.05 22.37 39.70
CA GLY F 110 -52.07 23.38 39.91
C GLY F 110 -52.43 23.47 41.38
N GLN F 111 -53.56 24.11 41.65
CA GLN F 111 -54.08 24.18 43.00
C GLN F 111 -54.95 22.98 43.36
N GLY F 112 -55.47 22.27 42.36
CA GLY F 112 -56.31 21.13 42.59
C GLY F 112 -57.74 21.51 42.90
N THR F 113 -58.56 20.47 43.08
CA THR F 113 -59.98 20.65 43.35
C THR F 113 -60.47 19.52 44.24
N LEU F 114 -61.26 19.88 45.25
CA LEU F 114 -61.88 18.89 46.11
C LEU F 114 -63.08 18.29 45.39
N VAL F 115 -63.18 16.97 45.40
CA VAL F 115 -64.27 16.26 44.73
C VAL F 115 -64.82 15.21 45.69
N THR F 116 -66.14 15.08 45.72
CA THR F 116 -66.81 14.10 46.56
C THR F 116 -67.93 13.44 45.78
N VAL F 117 -68.04 12.13 45.92
CA VAL F 117 -69.10 11.35 45.28
C VAL F 117 -70.09 10.97 46.38
N SER F 118 -71.31 11.50 46.29
CA SER F 118 -72.31 11.25 47.32
C SER F 118 -73.68 11.62 46.78
N SER F 119 -74.64 10.72 46.92
CA SER F 119 -76.02 10.97 46.56
C SER F 119 -76.89 11.34 47.75
N ALA F 120 -76.30 11.45 48.94
CA ALA F 120 -77.06 11.76 50.15
C ALA F 120 -77.65 13.16 50.07
N SER F 121 -78.79 13.34 50.72
CA SER F 121 -79.49 14.62 50.78
C SER F 121 -79.33 15.23 52.15
N THR F 122 -79.81 16.47 52.27
CA THR F 122 -79.67 17.22 53.52
C THR F 122 -80.27 16.43 54.68
N LYS F 123 -79.55 16.39 55.80
CA LYS F 123 -79.99 15.63 56.96
C LYS F 123 -79.46 16.30 58.22
N GLY F 124 -80.24 16.19 59.30
CA GLY F 124 -79.88 16.77 60.56
C GLY F 124 -79.01 15.85 61.40
N PRO F 125 -78.60 16.31 62.57
CA PRO F 125 -77.72 15.51 63.42
C PRO F 125 -78.46 14.64 64.43
N SER F 126 -77.77 13.62 64.90
CA SER F 126 -78.23 12.74 65.97
C SER F 126 -77.17 12.71 67.06
N VAL F 127 -77.61 12.84 68.31
CA VAL F 127 -76.73 13.04 69.45
C VAL F 127 -76.79 11.83 70.36
N PHE F 128 -75.63 11.41 70.87
CA PHE F 128 -75.51 10.33 71.82
C PHE F 128 -74.49 10.71 72.87
N PRO F 129 -74.52 10.08 74.04
CA PRO F 129 -73.51 10.34 75.06
C PRO F 129 -72.30 9.42 74.95
N LEU F 130 -71.15 9.96 75.37
CA LEU F 130 -69.89 9.23 75.39
C LEU F 130 -69.24 9.37 76.76
N ALA F 131 -70.02 9.16 77.82
CA ALA F 131 -69.51 9.32 79.17
C ALA F 131 -68.54 8.20 79.51
N PRO F 132 -67.63 8.43 80.48
CA PRO F 132 -66.70 7.37 80.86
C PRO F 132 -67.38 6.18 81.54
N SER F 133 -66.59 5.20 81.97
CA SER F 133 -67.15 3.96 82.49
C SER F 133 -67.83 4.17 83.84
N SER F 134 -67.17 4.86 84.76
CA SER F 134 -67.64 4.97 86.13
C SER F 134 -67.69 6.43 86.56
N LYS F 135 -68.39 6.67 87.67
CA LYS F 135 -68.52 8.02 88.22
C LYS F 135 -67.30 8.37 89.07
N SER F 136 -66.10 8.20 88.50
CA SER F 136 -64.87 8.44 89.23
C SER F 136 -63.75 8.75 88.24
N THR F 137 -62.67 9.32 88.77
CA THR F 137 -61.52 9.71 87.96
C THR F 137 -60.25 9.42 88.73
N SER F 138 -59.13 9.44 88.01
CA SER F 138 -57.82 9.19 88.61
C SER F 138 -57.12 10.50 89.01
N GLY F 139 -56.93 11.39 88.05
CA GLY F 139 -56.20 12.62 88.29
C GLY F 139 -57.08 13.80 88.67
N GLY F 140 -58.10 13.54 89.49
CA GLY F 140 -58.98 14.60 89.97
C GLY F 140 -59.86 15.25 88.92
N THR F 141 -59.68 14.92 87.65
CA THR F 141 -60.52 15.47 86.59
C THR F 141 -60.69 14.43 85.50
N ALA F 142 -61.78 14.56 84.74
CA ALA F 142 -62.09 13.60 83.69
C ALA F 142 -62.99 14.27 82.66
N ALA F 143 -63.09 13.61 81.51
CA ALA F 143 -63.80 14.15 80.36
C ALA F 143 -65.16 13.48 80.20
N LEU F 144 -66.16 14.29 79.87
CA LEU F 144 -67.49 13.82 79.50
C LEU F 144 -67.71 14.14 78.03
N GLY F 145 -68.19 13.14 77.28
CA GLY F 145 -68.25 13.25 75.83
C GLY F 145 -69.64 13.29 75.24
N CYS F 146 -69.73 13.88 74.05
CA CYS F 146 -71.00 13.99 73.30
C CYS F 146 -70.70 13.73 71.83
N LEU F 147 -71.42 12.79 71.23
CA LEU F 147 -71.18 12.34 69.87
C LEU F 147 -72.31 12.80 68.96
N VAL F 148 -71.96 13.47 67.87
CA VAL F 148 -72.90 13.87 66.83
C VAL F 148 -72.64 13.01 65.61
N LYS F 149 -73.70 12.49 65.00
CA LYS F 149 -73.56 11.54 63.90
C LYS F 149 -74.73 11.69 62.95
N ASP F 150 -74.53 11.25 61.70
CA ASP F 150 -75.59 11.19 60.70
C ASP F 150 -76.06 12.58 60.29
N TYR F 151 -75.18 13.57 60.32
CA TYR F 151 -75.50 14.93 59.90
C TYR F 151 -74.83 15.22 58.57
N PHE F 152 -75.60 15.74 57.61
CA PHE F 152 -75.10 16.05 56.30
C PHE F 152 -75.81 17.32 55.80
N PRO F 153 -75.09 18.26 55.19
CA PRO F 153 -73.64 18.30 54.96
C PRO F 153 -72.89 18.97 56.11
N GLU F 154 -71.57 19.03 56.04
CA GLU F 154 -70.79 19.72 57.05
C GLU F 154 -71.02 21.23 56.96
N PRO F 155 -70.73 21.97 58.04
CA PRO F 155 -70.35 21.51 59.38
C PRO F 155 -71.54 21.41 60.32
N VAL F 156 -71.29 21.24 61.62
CA VAL F 156 -72.33 21.22 62.64
C VAL F 156 -71.78 21.90 63.90
N THR F 157 -72.64 22.64 64.59
CA THR F 157 -72.23 23.44 65.74
C THR F 157 -72.57 22.70 67.04
N VAL F 158 -71.68 22.80 68.02
CA VAL F 158 -71.84 22.12 69.31
C VAL F 158 -71.59 23.11 70.43
N SER F 159 -72.13 22.79 71.60
CA SER F 159 -71.96 23.58 72.81
C SER F 159 -72.32 22.72 74.01
N TRP F 160 -72.07 23.25 75.20
CA TRP F 160 -72.35 22.53 76.44
C TRP F 160 -73.14 23.43 77.39
N ASN F 161 -74.22 22.89 77.95
CA ASN F 161 -75.04 23.61 78.93
C ASN F 161 -75.50 24.94 78.35
N SER F 162 -75.84 24.95 77.06
CA SER F 162 -76.30 26.16 76.38
C SER F 162 -75.29 27.30 76.56
N GLY F 163 -74.01 26.96 76.48
CA GLY F 163 -72.96 27.94 76.63
C GLY F 163 -72.67 28.37 78.05
N ALA F 164 -73.23 27.69 79.04
CA ALA F 164 -73.05 28.06 80.43
C ALA F 164 -71.76 27.51 81.04
N LEU F 165 -71.01 26.69 80.31
CA LEU F 165 -69.79 26.09 80.81
C LEU F 165 -68.68 26.23 79.79
N THR F 166 -67.45 26.36 80.28
CA THR F 166 -66.28 26.45 79.42
C THR F 166 -65.10 25.66 79.98
N SER F 167 -65.31 24.80 80.97
CA SER F 167 -64.22 24.06 81.61
C SER F 167 -63.72 23.00 80.65
N GLY F 168 -62.62 23.30 79.96
CA GLY F 168 -61.98 22.33 79.08
C GLY F 168 -62.88 21.81 77.98
N VAL F 169 -63.56 22.71 77.29
CA VAL F 169 -64.43 22.31 76.19
C VAL F 169 -63.58 22.04 74.95
N HIS F 170 -63.77 20.87 74.35
CA HIS F 170 -63.06 20.49 73.14
C HIS F 170 -64.04 19.96 72.11
N THR F 171 -63.70 20.15 70.84
CA THR F 171 -64.50 19.64 69.73
C THR F 171 -63.56 19.22 68.62
N PHE F 172 -63.46 17.91 68.38
CA PHE F 172 -62.48 17.38 67.44
C PHE F 172 -63.02 17.43 66.01
N PRO F 173 -62.15 17.33 65.02
CA PRO F 173 -62.61 17.38 63.62
C PRO F 173 -63.54 16.22 63.30
N ALA F 174 -64.45 16.47 62.36
CA ALA F 174 -65.41 15.45 61.96
C ALA F 174 -64.78 14.44 61.01
N VAL F 175 -65.42 13.28 60.90
CA VAL F 175 -64.99 12.21 60.02
C VAL F 175 -66.16 11.80 59.13
N LEU F 176 -65.90 11.65 57.84
CA LEU F 176 -66.94 11.22 56.90
C LEU F 176 -67.10 9.70 56.99
N GLN F 177 -68.31 9.26 57.27
CA GLN F 177 -68.58 7.83 57.38
C GLN F 177 -68.71 7.20 56.00
N SER F 178 -68.74 5.86 55.99
CA SER F 178 -68.84 5.14 54.72
C SER F 178 -70.14 5.48 54.00
N SER F 179 -71.24 5.61 54.75
CA SER F 179 -72.53 5.91 54.14
C SER F 179 -72.58 7.29 53.50
N GLY F 180 -71.61 8.16 53.80
CA GLY F 180 -71.60 9.51 53.29
C GLY F 180 -72.02 10.57 54.30
N LEU F 181 -72.54 10.16 55.46
CA LEU F 181 -72.89 11.09 56.51
C LEU F 181 -71.68 11.31 57.42
N TYR F 182 -71.74 12.41 58.18
CA TYR F 182 -70.62 12.86 58.98
C TYR F 182 -70.77 12.43 60.44
N SER F 183 -69.72 12.71 61.22
CA SER F 183 -69.69 12.38 62.64
C SER F 183 -68.56 13.16 63.30
N LEU F 184 -68.80 13.61 64.53
CA LEU F 184 -67.78 14.30 65.32
C LEU F 184 -68.10 14.12 66.79
N SER F 185 -67.21 14.62 67.64
CA SER F 185 -67.34 14.48 69.09
C SER F 185 -66.90 15.77 69.77
N SER F 186 -67.44 15.99 70.97
CA SER F 186 -67.07 17.11 71.82
C SER F 186 -66.87 16.60 73.24
N VAL F 187 -66.06 17.32 74.01
CA VAL F 187 -65.67 16.88 75.35
C VAL F 187 -65.68 18.08 76.29
N VAL F 188 -66.03 17.82 77.56
CA VAL F 188 -65.96 18.82 78.62
C VAL F 188 -65.26 18.20 79.82
N THR F 189 -64.31 18.93 80.40
CA THR F 189 -63.51 18.44 81.51
C THR F 189 -64.10 18.93 82.83
N VAL F 190 -64.28 18.01 83.77
CA VAL F 190 -64.88 18.33 85.06
C VAL F 190 -64.17 17.56 86.17
N PRO F 191 -64.20 18.07 87.40
CA PRO F 191 -63.58 17.35 88.52
C PRO F 191 -64.28 16.03 88.79
N SER F 192 -63.57 15.16 89.53
CA SER F 192 -64.07 13.82 89.78
C SER F 192 -65.35 13.84 90.60
N SER F 193 -65.38 14.64 91.68
CA SER F 193 -66.54 14.66 92.55
C SER F 193 -67.77 15.25 91.86
N SER F 194 -67.59 16.01 90.77
CA SER F 194 -68.72 16.63 90.12
C SER F 194 -69.69 15.60 89.56
N LEU F 195 -69.19 14.44 89.14
CA LEU F 195 -70.05 13.44 88.52
C LEU F 195 -71.18 13.05 89.46
N GLY F 196 -72.40 13.01 88.92
CA GLY F 196 -73.56 12.73 89.73
C GLY F 196 -73.94 13.83 90.69
N THR F 197 -73.30 14.99 90.61
CA THR F 197 -73.57 16.09 91.52
C THR F 197 -73.77 17.44 90.82
N GLN F 198 -73.27 17.62 89.61
CA GLN F 198 -73.43 18.86 88.86
C GLN F 198 -74.01 18.54 87.49
N THR F 199 -75.04 19.28 87.09
CA THR F 199 -75.70 19.03 85.81
C THR F 199 -74.77 19.39 84.65
N TYR F 200 -74.79 18.56 83.61
CA TYR F 200 -74.01 18.79 82.41
C TYR F 200 -74.82 18.34 81.19
N ILE F 201 -74.92 19.20 80.19
CA ILE F 201 -75.71 18.93 78.99
C ILE F 201 -74.89 19.31 77.76
N CYS F 202 -75.22 18.66 76.64
CA CYS F 202 -74.60 18.91 75.35
C CYS F 202 -75.67 19.32 74.36
N ASN F 203 -75.43 20.42 73.65
CA ASN F 203 -76.38 20.99 72.69
C ASN F 203 -75.73 20.99 71.31
N VAL F 204 -76.53 20.71 70.28
CA VAL F 204 -76.06 20.67 68.91
C VAL F 204 -77.05 21.41 68.02
N ASN F 205 -76.52 22.22 67.12
CA ASN F 205 -77.31 23.00 66.17
C ASN F 205 -76.79 22.80 64.76
N HIS F 206 -77.71 22.66 63.81
CA HIS F 206 -77.39 22.46 62.40
C HIS F 206 -78.27 23.42 61.60
N LYS F 207 -77.66 24.51 61.12
CA LYS F 207 -78.43 25.51 60.38
C LYS F 207 -78.98 24.97 59.07
N PRO F 208 -78.22 24.24 58.24
CA PRO F 208 -78.77 23.82 56.93
C PRO F 208 -80.08 23.05 57.06
N SER F 209 -80.21 22.20 58.07
CA SER F 209 -81.45 21.49 58.33
C SER F 209 -82.30 22.18 59.40
N ASN F 210 -81.82 23.27 59.97
CA ASN F 210 -82.55 24.00 61.01
C ASN F 210 -82.94 23.06 62.14
N THR F 211 -81.98 22.26 62.60
CA THR F 211 -82.20 21.25 63.62
C THR F 211 -81.46 21.63 64.89
N LYS F 212 -82.07 21.31 66.03
CA LYS F 212 -81.46 21.55 67.33
C LYS F 212 -81.75 20.36 68.23
N VAL F 213 -80.71 19.85 68.90
CA VAL F 213 -80.83 18.68 69.75
C VAL F 213 -80.09 18.94 71.05
N ASP F 214 -80.56 18.31 72.13
CA ASP F 214 -79.95 18.42 73.45
C ASP F 214 -79.85 17.04 74.06
N LYS F 215 -78.89 16.87 74.97
CA LYS F 215 -78.66 15.57 75.58
C LYS F 215 -77.93 15.76 76.91
N ARG F 216 -78.55 15.34 78.01
CA ARG F 216 -77.86 15.34 79.29
C ARG F 216 -76.78 14.27 79.28
N VAL F 217 -75.61 14.62 79.81
CA VAL F 217 -74.44 13.74 79.77
C VAL F 217 -73.93 13.62 81.21
N GLU F 218 -74.27 12.51 81.87
CA GLU F 218 -73.70 12.14 83.15
C GLU F 218 -73.42 10.64 83.10
N PRO F 219 -72.27 10.20 83.61
CA PRO F 219 -71.93 8.78 83.50
C PRO F 219 -72.93 7.88 84.22
N LYS F 220 -73.16 6.71 83.64
CA LYS F 220 -73.94 5.65 84.27
C LYS F 220 -73.02 4.51 84.61
N SER F 221 -72.92 4.18 85.90
CA SER F 221 -71.99 3.16 86.34
C SER F 221 -72.28 1.82 85.68
N CYS F 222 -71.22 1.13 85.28
CA CYS F 222 -71.33 -0.18 84.63
C CYS F 222 -71.22 -1.33 85.63
N ASP F 223 -71.12 -1.04 86.92
CA ASP F 223 -70.99 -2.10 87.93
C ASP F 223 -72.21 -3.01 87.96
N LYS F 224 -73.36 -2.52 87.51
CA LYS F 224 -74.58 -3.32 87.50
C LYS F 224 -74.36 -4.67 86.82
N GLN G 1 -41.38 -6.30 46.58
CA GLN G 1 -41.65 -4.87 46.90
C GLN G 1 -41.81 -4.04 45.64
N SER G 2 -42.98 -3.41 45.51
CA SER G 2 -43.24 -2.48 44.42
C SER G 2 -43.33 -1.03 44.88
N ALA G 3 -43.40 -0.79 46.19
CA ALA G 3 -43.45 0.56 46.74
C ALA G 3 -42.23 0.79 47.61
N LEU G 4 -41.57 1.92 47.40
CA LEU G 4 -40.33 2.20 48.12
C LEU G 4 -40.62 2.38 49.61
N THR G 5 -39.55 2.56 50.38
CA THR G 5 -39.63 2.61 51.83
C THR G 5 -39.27 4.01 52.34
N GLN G 6 -39.92 4.38 53.44
CA GLN G 6 -39.67 5.63 54.13
C GLN G 6 -40.01 5.43 55.59
N PRO G 7 -39.48 6.26 56.47
CA PRO G 7 -39.80 6.16 57.88
C PRO G 7 -41.00 6.98 58.35
N ALA G 8 -41.35 6.83 59.62
CA ALA G 8 -42.53 7.49 60.14
C ALA G 8 -42.37 9.01 60.14
N SER G 9 -41.22 9.50 60.62
CA SER G 9 -40.97 10.92 60.73
C SER G 9 -39.48 11.14 60.91
N VAL G 10 -39.10 12.41 61.09
CA VAL G 10 -37.71 12.78 61.32
C VAL G 10 -37.70 14.18 61.91
N SER G 11 -36.63 14.50 62.64
CA SER G 11 -36.48 15.83 63.20
C SER G 11 -35.11 15.94 63.86
N GLY G 12 -34.64 17.16 63.97
CA GLY G 12 -33.34 17.43 64.58
C GLY G 12 -33.28 18.85 65.09
N SER G 13 -32.11 19.21 65.62
CA SER G 13 -31.89 20.55 66.13
C SER G 13 -31.79 21.55 64.98
N PRO G 14 -32.02 22.83 65.26
CA PRO G 14 -31.92 23.83 64.19
C PRO G 14 -30.49 23.97 63.69
N GLU G 15 -30.35 24.37 62.43
CA GLU G 15 -29.07 24.50 61.74
C GLU G 15 -28.32 23.18 61.65
N GLN G 16 -28.98 22.07 61.95
CA GLN G 16 -28.35 20.76 61.95
C GLN G 16 -28.35 20.17 60.54
N SER G 17 -27.71 19.03 60.39
CA SER G 17 -27.80 18.22 59.18
C SER G 17 -28.25 16.83 59.56
N ILE G 18 -29.02 16.19 58.67
CA ILE G 18 -29.62 14.89 58.97
C ILE G 18 -30.12 14.29 57.67
N THR G 19 -30.17 12.97 57.62
CA THR G 19 -30.47 12.23 56.39
C THR G 19 -31.81 11.53 56.52
N ILE G 20 -32.67 11.74 55.54
CA ILE G 20 -33.89 10.95 55.36
C ILE G 20 -33.55 9.76 54.50
N SER G 21 -33.87 8.56 54.97
CA SER G 21 -33.50 7.32 54.31
C SER G 21 -34.68 6.73 53.55
N CYS G 22 -34.44 6.31 52.31
CA CYS G 22 -35.42 5.64 51.48
C CYS G 22 -34.83 4.32 51.03
N SER G 23 -35.66 3.29 50.97
CA SER G 23 -35.18 1.93 50.73
C SER G 23 -36.10 1.21 49.76
N GLY G 24 -35.57 0.14 49.17
CA GLY G 24 -36.31 -0.66 48.22
C GLY G 24 -35.51 -1.87 47.75
N THR G 25 -35.52 -2.12 46.45
CA THR G 25 -34.81 -3.26 45.88
C THR G 25 -34.07 -2.82 44.63
N SER G 26 -33.06 -3.59 44.25
CA SER G 26 -32.32 -3.32 43.02
C SER G 26 -33.22 -3.36 41.80
N ARG G 27 -34.37 -4.04 41.90
CA ARG G 27 -35.31 -4.09 40.78
C ARG G 27 -35.83 -2.71 40.42
N ASP G 28 -35.86 -1.78 41.38
CA ASP G 28 -36.38 -0.44 41.14
C ASP G 28 -35.51 0.69 41.68
N ILE G 29 -34.65 0.45 42.66
CA ILE G 29 -33.83 1.49 43.26
C ILE G 29 -32.41 0.97 43.44
N GLY G 30 -31.44 1.84 43.19
CA GLY G 30 -30.04 1.46 43.34
C GLY G 30 -29.50 0.82 42.08
N GLY G 31 -30.08 -0.31 41.68
CA GLY G 31 -29.73 -0.92 40.42
C GLY G 31 -30.28 -0.21 39.21
N TYR G 32 -31.16 0.76 39.43
CA TYR G 32 -31.71 1.58 38.36
C TYR G 32 -31.58 3.05 38.74
N ASN G 33 -31.40 3.89 37.74
CA ASN G 33 -31.30 5.33 37.92
C ASN G 33 -32.70 5.91 38.10
N TYR G 34 -32.81 7.23 38.03
CA TYR G 34 -34.08 7.95 37.99
C TYR G 34 -34.79 7.98 39.34
N VAL G 35 -34.07 7.73 40.44
CA VAL G 35 -34.67 7.90 41.75
C VAL G 35 -34.93 9.39 42.00
N ALA G 36 -35.97 9.67 42.78
CA ALA G 36 -36.36 11.05 43.04
C ALA G 36 -36.90 11.19 44.44
N TRP G 37 -36.60 12.33 45.06
CA TRP G 37 -37.13 12.72 46.36
C TRP G 37 -38.14 13.83 46.17
N TYR G 38 -38.94 14.08 47.21
CA TYR G 38 -39.99 15.08 47.12
C TYR G 38 -40.26 15.68 48.49
N GLN G 39 -40.58 16.97 48.50
CA GLN G 39 -40.99 17.69 49.70
C GLN G 39 -42.45 18.12 49.55
N HIS G 40 -43.14 18.24 50.68
CA HIS G 40 -44.59 18.48 50.67
C HIS G 40 -44.92 19.34 51.88
N HIS G 41 -45.12 20.63 51.66
CA HIS G 41 -45.65 21.47 52.73
C HIS G 41 -47.14 21.16 52.86
N PRO G 42 -47.61 20.72 54.03
CA PRO G 42 -49.02 20.34 54.13
C PRO G 42 -49.95 21.46 53.69
N GLY G 43 -50.97 21.09 52.91
CA GLY G 43 -51.87 22.05 52.32
C GLY G 43 -51.39 22.66 51.02
N LYS G 44 -50.13 22.45 50.65
CA LYS G 44 -49.55 23.03 49.45
C LYS G 44 -49.01 21.93 48.54
N ALA G 45 -48.77 22.29 47.29
CA ALA G 45 -48.38 21.31 46.28
C ALA G 45 -46.89 20.97 46.41
N PRO G 46 -46.53 19.70 46.61
CA PRO G 46 -45.12 19.32 46.67
C PRO G 46 -44.24 19.93 45.58
N LYS G 47 -42.92 19.94 45.81
CA LYS G 47 -41.95 20.46 44.86
C LYS G 47 -40.77 19.50 44.79
N LEU G 48 -40.17 19.40 43.61
CA LEU G 48 -39.08 18.47 43.37
C LEU G 48 -37.81 18.94 44.07
N MET G 49 -37.10 18.01 44.69
CA MET G 49 -35.82 18.29 45.33
C MET G 49 -34.66 17.57 44.65
N ILE G 50 -34.71 16.24 44.55
CA ILE G 50 -33.70 15.47 43.85
C ILE G 50 -34.41 14.69 42.75
N TYR G 51 -33.84 14.70 41.54
CA TYR G 51 -34.56 14.17 40.39
C TYR G 51 -33.97 12.90 39.81
N GLU G 52 -32.66 12.70 39.80
CA GLU G 52 -32.08 11.47 39.27
C GLU G 52 -31.40 10.64 40.35
N VAL G 53 -30.33 11.12 40.96
CA VAL G 53 -29.75 10.44 42.12
C VAL G 53 -29.45 11.43 43.23
N SER G 54 -28.59 12.41 42.94
CA SER G 54 -28.15 13.37 43.93
C SER G 54 -27.97 14.76 43.32
N ASN G 55 -28.61 15.02 42.19
CA ASN G 55 -28.40 16.27 41.48
C ASN G 55 -28.95 17.44 42.28
N ARG G 56 -28.23 18.56 42.22
CA ARG G 56 -28.74 19.80 42.75
C ARG G 56 -30.09 20.07 42.05
N PRO G 57 -31.08 20.59 42.77
CA PRO G 57 -32.41 20.73 42.19
C PRO G 57 -32.56 21.75 41.08
N SER G 58 -33.77 21.85 40.53
CA SER G 58 -33.99 22.79 39.44
C SER G 58 -33.76 24.22 39.89
N GLY G 59 -34.39 24.64 40.99
CA GLY G 59 -34.30 26.03 41.40
C GLY G 59 -34.25 26.33 42.89
N VAL G 60 -33.80 25.40 43.74
CA VAL G 60 -33.82 25.60 45.19
C VAL G 60 -32.45 25.27 45.76
N SER G 61 -32.35 25.35 47.09
CA SER G 61 -31.06 25.37 47.77
C SER G 61 -30.32 24.04 47.60
N ASN G 62 -29.01 24.10 47.83
CA ASN G 62 -28.12 22.95 47.70
C ASN G 62 -27.86 22.24 49.03
N ARG G 63 -28.55 22.64 50.11
CA ARG G 63 -28.38 21.94 51.37
C ARG G 63 -28.84 20.49 51.27
N PHE G 64 -29.58 20.14 50.23
CA PHE G 64 -30.05 18.79 50.01
C PHE G 64 -29.06 18.03 49.11
N SER G 65 -29.03 16.71 49.28
CA SER G 65 -28.15 15.88 48.47
C SER G 65 -28.66 14.46 48.49
N GLY G 66 -28.33 13.71 47.43
CA GLY G 66 -28.76 12.33 47.30
C GLY G 66 -27.65 11.35 47.62
N SER G 67 -27.95 10.07 47.39
CA SER G 67 -26.99 8.98 47.61
C SER G 67 -27.12 7.96 46.48
N LYS G 68 -26.02 7.25 46.23
CA LYS G 68 -25.94 6.29 45.14
C LYS G 68 -25.78 4.86 45.67
N SER G 69 -26.47 4.55 46.77
CA SER G 69 -26.36 3.22 47.36
C SER G 69 -26.89 2.17 46.39
N GLY G 70 -26.29 0.97 46.47
CA GLY G 70 -26.70 -0.10 45.57
C GLY G 70 -28.16 -0.49 45.72
N ASN G 71 -28.74 -0.23 46.89
CA ASN G 71 -30.17 -0.47 47.11
C ASN G 71 -30.85 0.64 47.89
N MET G 72 -30.12 1.56 48.52
CA MET G 72 -30.70 2.59 49.36
C MET G 72 -30.62 3.95 48.67
N ALA G 73 -31.22 4.95 49.32
CA ALA G 73 -31.11 6.32 48.89
C ALA G 73 -31.21 7.20 50.13
N SER G 74 -30.54 8.35 50.10
CA SER G 74 -30.47 9.23 51.26
C SER G 74 -30.58 10.67 50.81
N LEU G 75 -31.57 11.38 51.34
CA LEU G 75 -31.70 12.82 51.17
C LEU G 75 -31.08 13.48 52.40
N THR G 76 -29.85 13.97 52.26
CA THR G 76 -29.13 14.58 53.38
C THR G 76 -29.44 16.07 53.37
N ILE G 77 -30.37 16.49 54.22
CA ILE G 77 -30.78 17.88 54.33
C ILE G 77 -30.00 18.52 55.46
N SER G 78 -29.35 19.65 55.17
CA SER G 78 -28.50 20.34 56.11
C SER G 78 -29.06 21.72 56.41
N GLY G 79 -28.81 22.20 57.63
CA GLY G 79 -29.25 23.52 58.03
C GLY G 79 -30.75 23.63 58.17
N LEU G 80 -31.31 22.97 59.18
CA LEU G 80 -32.75 22.98 59.38
C LEU G 80 -33.23 24.38 59.74
N GLN G 81 -34.30 24.82 59.09
CA GLN G 81 -34.92 26.11 59.32
C GLN G 81 -36.41 25.91 59.58
N ALA G 82 -37.04 26.96 60.11
CA ALA G 82 -38.47 26.88 60.41
C ALA G 82 -39.30 26.59 59.17
N GLU G 83 -38.83 27.03 57.99
CA GLU G 83 -39.55 26.75 56.76
C GLU G 83 -39.56 25.26 56.46
N ASP G 84 -38.46 24.56 56.75
CA ASP G 84 -38.29 23.19 56.29
C ASP G 84 -39.36 22.25 56.83
N LYS G 85 -40.08 22.63 57.89
CA LYS G 85 -41.10 21.76 58.46
C LYS G 85 -42.07 21.31 57.39
N ALA G 86 -42.09 20.00 57.09
CA ALA G 86 -42.96 19.49 56.03
C ALA G 86 -42.84 17.97 55.90
N ASP G 87 -43.62 17.37 55.02
CA ASP G 87 -43.54 15.95 54.75
C ASP G 87 -42.61 15.69 53.56
N TYR G 88 -42.30 14.42 53.34
CA TYR G 88 -41.36 14.02 52.30
C TYR G 88 -41.83 12.72 51.67
N TYR G 89 -41.34 12.49 50.45
CA TYR G 89 -41.76 11.35 49.65
C TYR G 89 -40.57 10.85 48.83
N CYS G 90 -40.63 9.56 48.47
CA CYS G 90 -39.61 8.90 47.67
C CYS G 90 -40.31 8.21 46.50
N THR G 91 -39.88 8.52 45.28
CA THR G 91 -40.51 7.97 44.08
C THR G 91 -39.45 7.52 43.09
N SER G 92 -39.83 6.57 42.25
CA SER G 92 -38.95 6.03 41.23
C SER G 92 -39.79 5.35 40.17
N TYR G 93 -39.15 5.00 39.05
CA TYR G 93 -39.82 4.33 37.95
C TYR G 93 -39.75 2.82 38.16
N THR G 94 -40.89 2.16 37.96
CA THR G 94 -40.97 0.72 38.18
C THR G 94 -40.34 -0.04 37.02
N THR G 95 -39.99 -1.30 37.29
CA THR G 95 -39.49 -2.16 36.22
C THR G 95 -40.50 -2.26 35.09
N GLY G 96 -41.79 -2.29 35.44
CA GLY G 96 -42.83 -2.14 34.45
C GLY G 96 -43.09 -0.69 34.13
N SER G 97 -43.97 -0.46 33.16
CA SER G 97 -44.27 0.90 32.74
C SER G 97 -45.21 1.58 33.74
N THR G 98 -44.69 1.85 34.94
CA THR G 98 -45.47 2.51 35.97
C THR G 98 -44.52 3.22 36.93
N VAL G 99 -45.04 4.24 37.59
CA VAL G 99 -44.28 5.05 38.54
C VAL G 99 -44.93 4.92 39.92
N VAL G 100 -44.11 4.68 40.93
CA VAL G 100 -44.60 4.45 42.29
C VAL G 100 -44.05 5.52 43.22
N PHE G 101 -44.83 5.88 44.22
CA PHE G 101 -44.40 6.78 45.27
C PHE G 101 -43.83 5.97 46.43
N GLY G 102 -43.61 6.62 47.57
CA GLY G 102 -43.15 5.98 48.77
C GLY G 102 -44.25 5.87 49.82
N GLY G 103 -43.82 5.74 51.07
CA GLY G 103 -44.73 5.63 52.19
C GLY G 103 -44.97 6.91 52.96
N GLY G 104 -44.35 8.01 52.55
CA GLY G 104 -44.51 9.28 53.24
C GLY G 104 -43.46 9.47 54.32
N THR G 105 -43.35 10.72 54.77
CA THR G 105 -42.34 11.07 55.78
C THR G 105 -42.75 12.40 56.39
N LYS G 106 -42.39 12.61 57.66
CA LYS G 106 -42.62 13.86 58.35
C LYS G 106 -41.30 14.43 58.84
N LEU G 107 -41.20 15.77 58.86
CA LEU G 107 -39.98 16.46 59.23
C LEU G 107 -40.33 17.73 59.99
N THR G 108 -39.86 17.82 61.24
CA THR G 108 -40.06 18.98 62.09
C THR G 108 -38.72 19.41 62.68
N VAL G 109 -38.70 20.61 63.27
CA VAL G 109 -37.45 21.25 63.65
C VAL G 109 -37.27 21.31 65.17
N LEU G 110 -38.00 20.47 65.92
CA LEU G 110 -37.87 20.43 67.38
C LEU G 110 -37.97 21.84 67.98
N GLY G 111 -39.04 22.55 67.61
CA GLY G 111 -39.25 23.90 68.09
C GLY G 111 -39.48 24.00 69.58
N GLN G 112 -40.34 23.14 70.13
CA GLN G 112 -40.61 23.11 71.55
C GLN G 112 -39.87 21.92 72.16
N PRO G 113 -39.76 21.84 73.49
CA PRO G 113 -39.00 20.73 74.09
C PRO G 113 -39.71 19.40 73.88
N LYS G 114 -38.90 18.35 73.78
CA LYS G 114 -39.45 17.01 73.63
C LYS G 114 -40.30 16.65 74.84
N ALA G 115 -41.47 16.07 74.58
CA ALA G 115 -42.42 15.76 75.63
C ALA G 115 -42.91 14.32 75.46
N ALA G 116 -42.95 13.59 76.56
CA ALA G 116 -43.47 12.22 76.52
C ALA G 116 -45.00 12.25 76.41
N PRO G 117 -45.60 11.20 75.87
CA PRO G 117 -47.05 11.20 75.66
C PRO G 117 -47.83 10.64 76.84
N SER G 118 -48.90 11.36 77.19
CA SER G 118 -49.88 10.88 78.15
C SER G 118 -50.88 9.98 77.44
N VAL G 119 -51.04 8.76 77.95
CA VAL G 119 -51.84 7.72 77.30
C VAL G 119 -52.89 7.23 78.29
N THR G 120 -54.11 7.02 77.79
CA THR G 120 -55.21 6.52 78.61
C THR G 120 -56.00 5.50 77.81
N LEU G 121 -56.62 4.56 78.51
CA LEU G 121 -57.45 3.52 77.91
C LEU G 121 -58.79 3.45 78.63
N PHE G 122 -59.86 3.33 77.85
CA PHE G 122 -61.21 3.26 78.37
C PHE G 122 -61.89 2.01 77.82
N PRO G 123 -62.55 1.21 78.66
CA PRO G 123 -63.19 -0.02 78.17
C PRO G 123 -64.60 0.26 77.68
N PRO G 124 -65.29 -0.76 77.18
CA PRO G 124 -66.65 -0.54 76.67
C PRO G 124 -67.60 -0.09 77.77
N SER G 125 -68.60 0.69 77.38
CA SER G 125 -69.61 1.19 78.30
C SER G 125 -70.82 0.26 78.31
N SER G 126 -71.65 0.42 79.35
CA SER G 126 -72.85 -0.40 79.47
C SER G 126 -73.81 -0.13 78.31
N GLU G 127 -73.99 1.14 77.94
CA GLU G 127 -74.85 1.46 76.81
C GLU G 127 -74.30 0.86 75.52
N GLU G 128 -72.97 0.91 75.34
CA GLU G 128 -72.38 0.32 74.15
C GLU G 128 -72.64 -1.18 74.07
N LEU G 129 -72.50 -1.87 75.21
CA LEU G 129 -72.83 -3.30 75.24
C LEU G 129 -74.30 -3.52 74.93
N GLN G 130 -75.18 -2.67 75.47
CA GLN G 130 -76.60 -2.80 75.17
C GLN G 130 -76.87 -2.64 73.68
N ALA G 131 -76.01 -1.91 72.96
CA ALA G 131 -76.11 -1.76 71.52
C ALA G 131 -75.38 -2.86 70.77
N ASN G 132 -75.08 -3.98 71.43
CA ASN G 132 -74.38 -5.09 70.80
C ASN G 132 -73.04 -4.64 70.23
N LYS G 133 -72.33 -3.80 70.96
CA LYS G 133 -71.03 -3.30 70.54
C LYS G 133 -70.14 -3.12 71.75
N ALA G 134 -68.83 -3.14 71.51
CA ALA G 134 -67.85 -2.96 72.59
C ALA G 134 -66.58 -2.37 71.98
N THR G 135 -66.36 -1.09 72.22
CA THR G 135 -65.21 -0.38 71.66
C THR G 135 -64.30 0.06 72.80
N LEU G 136 -63.03 -0.34 72.71
CA LEU G 136 -62.00 0.12 73.64
C LEU G 136 -61.30 1.32 73.02
N VAL G 137 -61.16 2.40 73.80
CA VAL G 137 -60.70 3.69 73.29
C VAL G 137 -59.35 4.00 73.91
N CYS G 138 -58.35 4.23 73.06
CA CYS G 138 -57.02 4.63 73.49
C CYS G 138 -56.80 6.08 73.09
N LEU G 139 -56.46 6.92 74.06
CA LEU G 139 -56.28 8.35 73.84
C LEU G 139 -54.86 8.75 74.18
N ILE G 140 -54.25 9.58 73.33
CA ILE G 140 -52.90 10.06 73.51
C ILE G 140 -52.92 11.58 73.41
N SER G 141 -52.15 12.24 74.27
CA SER G 141 -52.11 13.70 74.25
C SER G 141 -50.87 14.18 74.98
N ASP G 142 -50.61 15.48 74.86
CA ASP G 142 -49.54 16.15 75.60
C ASP G 142 -48.18 15.51 75.30
N PHE G 143 -47.77 15.65 74.04
CA PHE G 143 -46.50 15.10 73.59
C PHE G 143 -45.99 15.93 72.41
N TYR G 144 -44.71 15.76 72.11
CA TYR G 144 -44.10 16.44 70.97
C TYR G 144 -42.71 15.86 70.76
N PRO G 145 -42.23 15.71 69.51
CA PRO G 145 -42.86 16.09 68.23
C PRO G 145 -44.07 15.24 67.87
N GLY G 146 -44.87 15.72 66.92
CA GLY G 146 -46.14 15.07 66.59
C GLY G 146 -46.02 13.93 65.62
N ALA G 147 -45.32 12.86 66.01
CA ALA G 147 -45.23 11.64 65.24
C ALA G 147 -45.31 10.45 66.18
N VAL G 148 -46.29 9.58 65.97
CA VAL G 148 -46.58 8.49 66.89
C VAL G 148 -46.73 7.18 66.12
N THR G 149 -46.58 6.09 66.85
CA THR G 149 -46.94 4.76 66.36
C THR G 149 -47.84 4.11 67.40
N VAL G 150 -48.88 3.42 66.93
CA VAL G 150 -49.87 2.84 67.83
C VAL G 150 -50.05 1.37 67.49
N ALA G 151 -50.38 0.58 68.49
CA ALA G 151 -50.68 -0.83 68.28
C ALA G 151 -51.58 -1.34 69.40
N TRP G 152 -52.22 -2.48 69.14
CA TRP G 152 -53.11 -3.12 70.08
C TRP G 152 -52.69 -4.56 70.28
N LYS G 153 -52.89 -5.06 71.50
CA LYS G 153 -52.52 -6.41 71.87
C LYS G 153 -53.67 -7.08 72.61
N ALA G 154 -53.80 -8.39 72.40
CA ALA G 154 -54.85 -9.18 73.05
C ALA G 154 -54.25 -10.51 73.47
N ASP G 155 -54.27 -10.79 74.77
CA ASP G 155 -53.73 -12.03 75.32
C ASP G 155 -52.25 -12.20 74.97
N SER G 156 -51.52 -11.08 74.93
CA SER G 156 -50.10 -11.06 74.60
C SER G 156 -49.83 -11.44 73.15
N SER G 157 -50.83 -11.35 72.28
CA SER G 157 -50.69 -11.67 70.87
C SER G 157 -51.21 -10.51 70.04
N PRO G 158 -50.66 -10.29 68.84
CA PRO G 158 -51.11 -9.16 68.02
C PRO G 158 -52.59 -9.25 67.68
N VAL G 159 -53.24 -8.10 67.63
CA VAL G 159 -54.62 -7.97 67.19
C VAL G 159 -54.63 -6.96 66.04
N LYS G 160 -55.25 -7.34 64.93
CA LYS G 160 -55.27 -6.50 63.73
C LYS G 160 -56.68 -6.21 63.22
N ALA G 161 -57.65 -7.06 63.52
CA ALA G 161 -59.02 -6.82 63.09
C ALA G 161 -59.73 -5.88 64.06
N GLY G 162 -60.46 -4.92 63.52
CA GLY G 162 -61.21 -3.97 64.32
C GLY G 162 -60.40 -2.82 64.87
N VAL G 163 -59.12 -2.70 64.51
CA VAL G 163 -58.27 -1.62 64.99
C VAL G 163 -58.39 -0.44 64.03
N GLU G 164 -58.50 0.76 64.59
CA GLU G 164 -58.56 1.98 63.80
C GLU G 164 -57.74 3.06 64.48
N THR G 165 -57.10 3.91 63.67
CA THR G 165 -56.23 4.97 64.17
C THR G 165 -56.52 6.24 63.39
N THR G 166 -56.24 7.38 64.01
CA THR G 166 -56.44 8.69 63.42
C THR G 166 -55.14 9.49 63.44
N THR G 167 -55.01 10.39 62.47
CA THR G 167 -53.78 11.16 62.34
C THR G 167 -53.64 12.14 63.52
N PRO G 168 -52.42 12.36 64.00
CA PRO G 168 -52.22 13.39 65.03
C PRO G 168 -52.41 14.78 64.47
N SER G 169 -52.79 15.70 65.35
CA SER G 169 -53.01 17.10 64.98
C SER G 169 -52.48 17.98 66.10
N LYS G 170 -52.73 19.28 65.97
CA LYS G 170 -52.28 20.26 66.94
C LYS G 170 -53.43 20.64 67.87
N GLN G 171 -53.16 20.63 69.17
CA GLN G 171 -54.11 21.06 70.18
C GLN G 171 -53.92 22.54 70.49
N SER G 172 -54.87 23.08 71.27
CA SER G 172 -54.83 24.49 71.62
C SER G 172 -53.59 24.83 72.44
N ASN G 173 -53.22 23.95 73.37
CA ASN G 173 -52.06 24.21 74.23
C ASN G 173 -50.73 23.99 73.49
N ASN G 174 -50.75 23.82 72.17
CA ASN G 174 -49.57 23.74 71.31
C ASN G 174 -48.89 22.38 71.37
N LYS G 175 -49.51 21.38 71.99
CA LYS G 175 -49.02 20.01 71.95
C LYS G 175 -49.75 19.26 70.84
N TYR G 176 -49.55 17.95 70.78
CA TYR G 176 -50.20 17.10 69.78
C TYR G 176 -50.93 15.97 70.48
N ALA G 177 -51.92 15.41 69.79
CA ALA G 177 -52.76 14.37 70.37
C ALA G 177 -53.24 13.44 69.28
N ALA G 178 -53.72 12.27 69.70
CA ALA G 178 -54.19 11.25 68.76
C ALA G 178 -55.17 10.32 69.47
N SER G 179 -55.91 9.55 68.67
CA SER G 179 -56.91 8.63 69.19
C SER G 179 -56.87 7.34 68.38
N SER G 180 -57.26 6.24 69.04
CA SER G 180 -57.36 4.95 68.38
C SER G 180 -58.47 4.15 69.04
N TYR G 181 -59.08 3.26 68.25
CA TYR G 181 -60.21 2.46 68.71
C TYR G 181 -59.99 0.99 68.37
N LEU G 182 -60.54 0.12 69.20
CA LEU G 182 -60.55 -1.32 68.95
C LEU G 182 -61.98 -1.81 69.14
N SER G 183 -62.58 -2.31 68.06
CA SER G 183 -63.99 -2.69 68.05
C SER G 183 -64.13 -4.20 68.14
N LEU G 184 -64.98 -4.66 69.06
CA LEU G 184 -65.26 -6.08 69.25
C LEU G 184 -66.69 -6.21 69.73
N THR G 185 -67.25 -7.40 69.54
CA THR G 185 -68.57 -7.69 70.09
C THR G 185 -68.45 -7.92 71.59
N PRO G 186 -69.57 -7.80 72.33
CA PRO G 186 -69.50 -7.98 73.79
C PRO G 186 -68.89 -9.31 74.19
N GLU G 187 -69.20 -10.39 73.47
CA GLU G 187 -68.67 -11.71 73.82
C GLU G 187 -67.15 -11.75 73.66
N GLN G 188 -66.64 -11.19 72.56
CA GLN G 188 -65.19 -11.19 72.35
C GLN G 188 -64.48 -10.43 73.45
N TRP G 189 -65.01 -9.27 73.84
CA TRP G 189 -64.40 -8.49 74.91
C TRP G 189 -64.44 -9.25 76.22
N LYS G 190 -65.62 -9.73 76.61
CA LYS G 190 -65.77 -10.40 77.90
C LYS G 190 -65.00 -11.71 77.93
N SER G 191 -65.05 -12.47 76.83
CA SER G 191 -64.48 -13.82 76.85
C SER G 191 -62.99 -13.80 77.11
N HIS G 192 -62.26 -12.88 76.47
CA HIS G 192 -60.81 -12.89 76.58
C HIS G 192 -60.36 -12.42 77.96
N ARG G 193 -59.06 -12.53 78.21
CA ARG G 193 -58.49 -12.30 79.53
C ARG G 193 -57.85 -10.92 79.69
N SER G 194 -57.43 -10.29 78.60
CA SER G 194 -56.80 -8.98 78.72
C SER G 194 -56.71 -8.33 77.34
N TYR G 195 -56.60 -7.00 77.36
CA TYR G 195 -56.38 -6.20 76.16
C TYR G 195 -55.44 -5.06 76.52
N SER G 196 -54.73 -4.55 75.52
CA SER G 196 -53.74 -3.51 75.78
C SER G 196 -53.56 -2.63 74.56
N CYS G 197 -53.20 -1.37 74.82
CA CYS G 197 -52.86 -0.40 73.79
C CYS G 197 -51.45 0.12 74.05
N GLN G 198 -50.63 0.16 73.00
CA GLN G 198 -49.25 0.59 73.09
C GLN G 198 -49.01 1.77 72.16
N VAL G 199 -48.25 2.74 72.66
CA VAL G 199 -47.92 3.96 71.93
C VAL G 199 -46.40 4.14 71.96
N THR G 200 -45.84 4.52 70.82
CA THR G 200 -44.40 4.72 70.67
C THR G 200 -44.15 6.12 70.11
N HIS G 201 -43.22 6.83 70.74
CA HIS G 201 -42.89 8.20 70.34
C HIS G 201 -41.52 8.55 70.90
N GLU G 202 -40.66 9.13 70.07
CA GLU G 202 -39.34 9.58 70.50
C GLU G 202 -38.51 8.41 71.02
N GLY G 203 -38.87 7.21 70.58
CA GLY G 203 -38.21 6.00 71.04
C GLY G 203 -38.84 5.45 72.29
N SER G 204 -39.37 6.33 73.13
CA SER G 204 -40.09 5.89 74.32
C SER G 204 -41.36 5.14 73.94
N THR G 205 -41.79 4.24 74.82
CA THR G 205 -42.98 3.46 74.59
C THR G 205 -43.78 3.35 75.88
N VAL G 206 -45.09 3.47 75.76
CA VAL G 206 -46.02 3.36 76.89
C VAL G 206 -47.08 2.34 76.54
N GLU G 207 -47.61 1.69 77.58
CA GLU G 207 -48.62 0.64 77.41
C GLU G 207 -49.67 0.78 78.49
N LYS G 208 -50.93 0.54 78.12
CA LYS G 208 -52.04 0.52 79.06
C LYS G 208 -52.85 -0.74 78.83
N THR G 209 -53.39 -1.29 79.91
CA THR G 209 -54.02 -2.61 79.88
C THR G 209 -55.36 -2.57 80.61
N VAL G 210 -56.28 -3.40 80.14
CA VAL G 210 -57.58 -3.61 80.77
C VAL G 210 -57.94 -5.09 80.65
N ALA G 211 -58.99 -5.50 81.37
CA ALA G 211 -59.44 -6.87 81.31
C ALA G 211 -60.88 -6.96 81.81
N PRO G 212 -61.72 -7.83 81.24
CA PRO G 212 -63.09 -7.96 81.77
C PRO G 212 -63.12 -8.36 83.23
N THR G 213 -62.20 -9.21 83.67
CA THR G 213 -62.18 -9.62 85.08
C THR G 213 -61.97 -8.41 85.98
N GLU G 214 -61.07 -7.49 85.58
CA GLU G 214 -60.89 -6.26 86.35
C GLU G 214 -62.16 -5.44 86.35
N CYS G 215 -62.83 -5.32 85.19
CA CYS G 215 -64.08 -4.57 85.12
C CYS G 215 -65.20 -5.24 85.92
N SER G 216 -65.03 -6.49 86.29
CA SER G 216 -66.05 -7.19 87.07
C SER G 216 -66.24 -6.53 88.43
C1 NAG H . 65.90 43.91 -58.61
C2 NAG H . 65.76 45.38 -58.29
C3 NAG H . 64.79 46.03 -59.26
C4 NAG H . 65.21 45.76 -60.70
C5 NAG H . 65.46 44.26 -60.92
C6 NAG H . 66.06 43.97 -62.27
C7 NAG H . 64.19 45.12 -56.43
C8 NAG H . 63.91 45.43 -54.99
N2 NAG H . 65.34 45.59 -56.91
O3 NAG H . 64.76 47.44 -59.03
O4 NAG H . 64.16 46.18 -61.58
O5 NAG H . 66.36 43.75 -59.94
O6 NAG H . 67.42 44.36 -62.34
O7 NAG H . 63.40 44.48 -57.11
C1 NAG H . 64.63 47.23 -62.45
C2 NAG H . 63.55 47.47 -63.51
C3 NAG H . 63.97 48.60 -64.44
C4 NAG H . 64.31 49.85 -63.63
C5 NAG H . 65.34 49.52 -62.56
C6 NAG H . 65.63 50.69 -61.64
C7 NAG H . 64.20 45.61 -64.99
C8 NAG H . 63.74 44.37 -65.69
N2 NAG H . 63.28 46.26 -64.26
O3 NAG H . 62.91 48.88 -65.34
O4 NAG H . 64.83 50.85 -64.49
O5 NAG H . 64.87 48.45 -61.74
O6 NAG H . 65.91 51.87 -62.38
O7 NAG H . 65.36 46.01 -65.06
C1 NAG I . 76.40 35.00 -42.65
C2 NAG I . 77.44 35.19 -41.53
C3 NAG I . 78.86 35.15 -42.08
C4 NAG I . 79.06 33.85 -42.83
C5 NAG I . 78.06 33.78 -43.97
C6 NAG I . 78.17 32.51 -44.78
C7 NAG I . 77.23 37.64 -41.40
C8 NAG I . 76.96 38.82 -40.50
N2 NAG I . 77.20 36.44 -40.81
O3 NAG I . 79.80 35.26 -41.01
O4 NAG I . 80.40 33.67 -43.29
O5 NAG I . 76.73 33.80 -43.42
O6 NAG I . 78.41 32.80 -46.16
O7 NAG I . 77.46 37.78 -42.59
C1 NAG I . 80.95 34.68 -44.17
C2 NAG I . 82.45 34.47 -44.15
C3 NAG I . 83.13 35.48 -45.06
C4 NAG I . 82.55 35.38 -46.46
C5 NAG I . 81.03 35.53 -46.41
C6 NAG I . 80.38 35.30 -47.76
C7 NAG I . 83.57 33.56 -42.17
C8 NAG I . 84.06 33.83 -40.77
N2 NAG I . 82.98 34.57 -42.79
O3 NAG I . 84.53 35.21 -45.10
O4 NAG I . 83.09 36.42 -47.28
O5 NAG I . 80.47 34.56 -45.51
O6 NAG I . 79.50 34.18 -47.72
O7 NAG I . 83.72 32.45 -42.70
C1 NAG J . 71.67 21.45 -28.81
C2 NAG J . 73.11 21.96 -28.89
C3 NAG J . 74.05 20.99 -28.18
C4 NAG J . 73.56 20.73 -26.76
C5 NAG J . 72.11 20.27 -26.78
C6 NAG J . 71.52 20.10 -25.39
C7 NAG J . 73.68 23.36 -30.82
C8 NAG J . 74.10 23.37 -32.26
N2 NAG J . 73.52 22.16 -30.26
O3 NAG J . 75.36 21.53 -28.15
O4 NAG J . 74.36 19.73 -26.14
O5 NAG J . 71.30 21.25 -27.45
O6 NAG J . 70.11 19.93 -25.45
O7 NAG J . 73.48 24.40 -30.20
C1 NAG J . 74.88 20.21 -24.88
C2 NAG J . 75.14 19.03 -23.97
C3 NAG J . 75.74 19.50 -22.64
C4 NAG J . 76.98 20.34 -22.90
C5 NAG J . 76.65 21.48 -23.87
C6 NAG J . 77.87 22.29 -24.27
C7 NAG J . 73.66 17.09 -24.28
C8 NAG J . 72.35 16.46 -23.92
N2 NAG J . 73.92 18.28 -23.73
O3 NAG J . 76.09 18.36 -21.85
O4 NAG J . 77.45 20.90 -21.68
O5 NAG J . 76.09 20.95 -25.08
O6 NAG J . 78.67 22.61 -23.14
O7 NAG J . 74.45 16.54 -25.04
C1 NAG K . 71.57 1.62 -20.07
C2 NAG K . 73.04 1.76 -19.71
C3 NAG K . 73.37 0.91 -18.49
C4 NAG K . 72.44 1.29 -17.33
C5 NAG K . 70.99 1.18 -17.79
C6 NAG K . 70.01 1.64 -16.73
C7 NAG K . 73.89 0.17 -21.39
C8 NAG K . 74.84 -0.03 -22.52
N2 NAG K . 73.90 1.39 -20.83
O3 NAG K . 74.73 1.12 -18.11
O4 NAG K . 72.66 0.41 -16.23
O5 NAG K . 70.77 1.99 -18.94
O6 NAG K . 68.67 1.51 -17.18
O7 NAG K . 73.16 -0.73 -20.97
C1 NAG K . 72.93 1.21 -15.06
C2 NAG K . 73.05 0.27 -13.86
C3 NAG K . 73.40 1.06 -12.61
C4 NAG K . 74.64 1.92 -12.84
C5 NAG K . 74.46 2.77 -14.09
C6 NAG K . 75.71 3.56 -14.46
C7 NAG K . 70.65 0.06 -13.42
C8 NAG K . 69.50 -0.89 -13.24
N2 NAG K . 71.84 -0.50 -13.67
O3 NAG K . 73.63 0.17 -11.53
O4 NAG K . 74.87 2.77 -11.72
O5 NAG K . 74.15 1.94 -15.22
O6 NAG K . 76.82 2.68 -14.64
O7 NAG K . 70.50 1.28 -13.34
C1 NAG L . 1.48 -33.47 -40.24
C2 NAG L . -0.04 -33.47 -40.23
C3 NAG L . -0.56 -34.10 -41.51
C4 NAG L . -0.01 -33.36 -42.71
C5 NAG L . 1.52 -33.32 -42.66
C6 NAG L . 2.13 -32.46 -43.74
C7 NAG L . -0.43 -35.48 -38.86
C8 NAG L . -1.04 -36.01 -37.59
N2 NAG L . -0.56 -34.17 -39.06
O3 NAG L . -1.99 -34.05 -41.52
O4 NAG L . -0.41 -34.01 -43.92
O5 NAG L . 1.96 -32.77 -41.40
O6 NAG L . 1.68 -32.87 -45.03
O7 NAG L . 0.12 -36.22 -39.66
C1 NAG M . 25.31 -25.41 31.72
C2 NAG M . 25.82 -26.67 32.40
C3 NAG M . 27.04 -26.36 33.27
C4 NAG M . 28.10 -25.64 32.43
C5 NAG M . 27.50 -24.42 31.75
C6 NAG M . 28.46 -23.72 30.81
C7 NAG M . 24.05 -28.33 32.77
C8 NAG M . 23.02 -28.83 33.74
N2 NAG M . 24.78 -27.29 33.20
O3 NAG M . 27.57 -27.56 33.80
O4 NAG M . 29.17 -25.23 33.26
O5 NAG M . 26.37 -24.81 30.96
O6 NAG M . 29.29 -24.66 30.14
O7 NAG M . 24.20 -28.82 31.66
C1 NAG N . 42.60 -25.86 -1.82
C2 NAG N . 42.96 -27.32 -2.02
C3 NAG N . 44.42 -27.56 -1.65
C4 NAG N . 45.33 -26.61 -2.42
C5 NAG N . 44.85 -25.16 -2.23
C6 NAG N . 45.63 -24.18 -3.08
C7 NAG N . 41.03 -28.83 -1.78
C8 NAG N . 40.24 -29.68 -0.85
N2 NAG N . 42.08 -28.19 -1.25
O3 NAG N . 44.77 -28.91 -1.95
O4 NAG N . 46.67 -26.73 -1.96
O5 NAG N . 43.48 -25.03 -2.60
O6 NAG N . 45.37 -24.37 -4.46
O7 NAG N . 40.75 -28.72 -2.97
C1 NAG O . 78.57 -2.58 -35.98
C2 NAG O . 79.34 -1.30 -36.32
C3 NAG O . 80.80 -1.64 -36.64
C4 NAG O . 81.42 -2.45 -35.51
C5 NAG O . 80.55 -3.68 -35.21
C6 NAG O . 81.04 -4.47 -34.02
C7 NAG O . 77.60 0.10 -37.31
C8 NAG O . 77.10 0.77 -38.56
N2 NAG O . 78.73 -0.60 -37.43
O3 NAG O . 81.54 -0.43 -36.82
O4 NAG O . 82.73 -2.88 -35.88
O5 NAG O . 79.21 -3.27 -34.91
O6 NAG O . 80.45 -5.76 -33.99
O7 NAG O . 76.99 0.18 -36.24
C1 NAG P . 56.11 -12.11 -57.31
C2 NAG P . 56.97 -12.81 -58.36
C3 NAG P . 56.08 -13.44 -59.44
C4 NAG P . 55.03 -14.33 -58.81
C5 NAG P . 54.23 -13.54 -57.77
C6 NAG P . 53.22 -14.37 -57.03
C7 NAG P . 59.18 -12.18 -59.21
C8 NAG P . 60.00 -11.10 -59.83
N2 NAG P . 57.90 -11.88 -58.97
O3 NAG P . 56.89 -14.18 -60.33
O4 NAG P . 54.14 -14.84 -59.79
O5 NAG P . 55.14 -13.01 -56.79
O6 NAG P . 52.47 -15.18 -57.94
O7 NAG P . 59.65 -13.28 -58.93
C1 NAG Q . 76.53 -7.49 -57.66
C2 NAG Q . 76.40 -9.01 -57.65
C3 NAG Q . 77.23 -9.63 -58.77
C4 NAG Q . 76.88 -8.98 -60.11
C5 NAG Q . 77.00 -7.47 -60.01
C6 NAG Q . 76.56 -6.76 -61.27
C7 NAG Q . 76.76 -10.86 -56.07
C8 NAG Q . 77.22 -11.25 -54.69
N2 NAG Q . 76.80 -9.56 -56.36
O3 NAG Q . 76.99 -11.03 -58.84
O4 NAG Q . 77.76 -9.46 -61.12
O5 NAG Q . 76.16 -6.98 -58.95
O6 NAG Q . 75.91 -5.53 -60.97
O7 NAG Q . 76.36 -11.70 -56.88
C1 NAG R . 88.23 5.37 -46.45
C2 NAG R . 89.01 4.70 -45.33
C3 NAG R . 89.85 5.73 -44.58
C4 NAG R . 90.74 6.49 -45.56
C5 NAG R . 89.90 7.08 -46.69
C6 NAG R . 90.74 7.73 -47.76
C7 NAG R . 87.92 2.69 -44.45
C8 NAG R . 86.96 2.14 -43.43
N2 NAG R . 88.12 4.01 -44.42
O3 NAG R . 90.66 5.07 -43.61
O4 NAG R . 91.42 7.54 -44.87
O5 NAG R . 89.14 6.04 -47.33
O6 NAG R . 90.92 6.86 -48.88
O7 NAG R . 88.47 1.96 -45.27
C1 NAG S . 54.77 -32.44 -20.30
C2 NAG S . 53.97 -32.33 -19.00
C3 NAG S . 54.60 -33.19 -17.91
C4 NAG S . 54.76 -34.63 -18.41
C5 NAG S . 55.51 -34.65 -19.73
C6 NAG S . 55.57 -36.03 -20.35
C7 NAG S . 52.73 -30.28 -18.46
C8 NAG S . 52.83 -28.86 -17.99
N2 NAG S . 53.88 -30.94 -18.56
O3 NAG S . 53.78 -33.17 -16.75
O4 NAG S . 55.48 -35.39 -17.45
O5 NAG S . 54.84 -33.81 -20.69
O6 NAG S . 54.28 -36.57 -20.54
O7 NAG S . 51.65 -30.80 -18.75
C1 NAG T . 36.26 -10.74 -64.55
C2 NAG T . 35.19 -11.83 -64.62
C3 NAG T . 35.61 -12.96 -65.54
C4 NAG T . 36.02 -12.40 -66.89
C5 NAG T . 37.10 -11.34 -66.71
C6 NAG T . 37.51 -10.74 -68.06
C7 NAG T . 34.04 -13.32 -63.07
C8 NAG T . 33.88 -13.73 -61.64
N2 NAG T . 34.91 -12.33 -63.28
O3 NAG T . 34.52 -13.88 -65.71
O4 NAG T . 36.52 -13.45 -67.72
O5 NAG T . 36.62 -10.30 -65.86
O6 NAG T . 36.44 -9.95 -68.58
O7 NAG T . 33.43 -13.85 -63.97
C1 NAG U . 69.00 -13.33 -44.09
C2 NAG U . 70.03 -13.96 -43.14
C3 NAG U . 69.64 -15.40 -42.80
C4 NAG U . 68.20 -15.46 -42.31
C5 NAG U . 67.28 -14.82 -43.34
C6 NAG U . 65.84 -14.77 -42.89
C7 NAG U . 72.01 -12.78 -44.00
C8 NAG U . 73.38 -12.94 -44.59
N2 NAG U . 71.37 -13.92 -43.71
O3 NAG U . 70.52 -15.90 -41.80
O4 NAG U . 67.82 -16.82 -42.11
O5 NAG U . 67.69 -13.47 -43.55
O6 NAG U . 65.65 -13.87 -41.80
O7 NAG U . 71.52 -11.68 -43.80
C1 NAG V . 46.52 -7.21 18.24
C2 NAG V . 47.42 -6.39 19.17
C3 NAG V . 48.89 -6.63 18.84
C4 NAG V . 49.19 -8.12 18.86
C5 NAG V . 48.22 -8.87 17.95
C6 NAG V . 48.40 -10.38 17.99
C7 NAG V . 47.36 -4.11 20.06
C8 NAG V . 46.96 -2.68 19.80
N2 NAG V . 47.10 -4.97 19.09
O3 NAG V . 49.70 -5.96 19.79
O4 NAG V . 50.53 -8.35 18.41
O5 NAG V . 46.87 -8.60 18.34
O6 NAG V . 48.05 -10.89 19.27
O7 NAG V . 47.88 -4.45 21.11
C1 NAG W . 42.47 44.30 -5.19
C2 NAG W . 43.00 45.39 -4.27
C3 NAG W . 41.84 46.14 -3.62
C4 NAG W . 40.88 46.66 -4.67
C5 NAG W . 40.45 45.52 -5.59
C6 NAG W . 39.58 45.99 -6.74
C7 NAG W . 43.49 43.93 -2.35
C8 NAG W . 44.55 43.46 -1.38
N2 NAG W . 43.88 44.83 -3.26
O3 NAG W . 42.35 47.24 -2.85
O4 NAG W . 39.73 47.24 -4.06
O5 NAG W . 41.59 44.89 -6.16
O6 NAG W . 38.37 46.58 -6.29
O7 NAG W . 42.34 43.49 -2.32
C1 NAG X . 23.65 39.98 -2.05
C2 NAG X . 23.12 40.38 -3.42
C3 NAG X . 23.63 41.77 -3.80
C4 NAG X . 23.29 42.78 -2.70
C5 NAG X . 23.80 42.28 -1.35
C6 NAG X . 23.39 43.16 -0.20
C7 NAG X . 22.70 38.40 -4.79
C8 NAG X . 23.24 37.49 -5.85
N2 NAG X . 23.49 39.41 -4.44
O3 NAG X . 23.03 42.18 -5.03
O4 NAG X . 23.89 44.03 -2.99
O5 NAG X . 23.28 40.96 -1.08
O6 NAG X . 22.00 43.46 -0.24
O7 NAG X . 21.60 38.22 -4.28
C1 NAG Y . 55.81 43.62 -46.64
C2 NAG Y . 56.02 45.10 -46.88
C3 NAG Y . 56.28 45.37 -48.36
C4 NAG Y . 57.43 44.52 -48.85
C5 NAG Y . 57.18 43.05 -48.52
C6 NAG Y . 58.35 42.16 -48.84
C7 NAG Y . 54.93 46.72 -45.38
C8 NAG Y . 53.66 47.43 -45.05
N2 NAG Y . 54.88 45.88 -46.42
O3 NAG Y . 56.59 46.75 -48.53
O4 NAG Y . 57.59 44.66 -50.25
O5 NAG Y . 56.92 42.89 -47.12
O6 NAG Y . 59.17 42.72 -49.87
O7 NAG Y . 55.96 46.90 -44.75
C1 NAG Z . 64.11 38.78 -34.32
C2 NAG Z . 64.40 39.90 -35.33
C3 NAG Z . 64.74 41.19 -34.60
C4 NAG Z . 63.65 41.55 -33.59
C5 NAG Z . 63.41 40.38 -32.65
C6 NAG Z . 62.27 40.61 -31.69
C7 NAG Z . 65.44 39.77 -37.54
C8 NAG Z . 66.64 39.31 -38.32
N2 NAG Z . 65.46 39.52 -36.23
O3 NAG Z . 64.88 42.25 -35.54
O4 NAG Z . 64.05 42.69 -32.84
O5 NAG Z . 63.08 39.21 -33.41
O6 NAG Z . 61.72 39.38 -31.24
O7 NAG Z . 64.49 40.32 -38.08
C1 NAG AA . 50.83 11.54 3.94
C2 NAG AA . 52.05 11.12 3.13
C3 NAG AA . 52.19 9.60 3.16
C4 NAG AA . 52.20 9.09 4.59
C5 NAG AA . 50.98 9.61 5.34
C6 NAG AA . 50.98 9.25 6.81
C7 NAG AA . 52.31 12.84 1.40
C8 NAG AA . 52.16 13.16 -0.05
N2 NAG AA . 51.96 11.59 1.76
O3 NAG AA . 53.40 9.22 2.51
O4 NAG AA . 52.19 7.67 4.60
O5 NAG AA . 50.93 11.04 5.27
O6 NAG AA . 49.68 9.32 7.37
O7 NAG AA . 52.73 13.65 2.21
C1 NAG BA . -27.18 23.37 22.50
C2 NAG BA . -27.24 24.54 23.48
C3 NAG BA . -26.09 25.51 23.23
C4 NAG BA . -24.76 24.77 23.22
C5 NAG BA . -24.81 23.61 22.24
C6 NAG BA . -23.56 22.76 22.25
C7 NAG BA . -28.97 25.80 22.29
C8 NAG BA . -30.31 26.47 22.39
N2 NAG BA . -28.52 25.22 23.41
O3 NAG BA . -26.09 26.51 24.25
O4 NAG BA . -23.71 25.66 22.85
O5 NAG BA . -25.91 22.74 22.58
O6 NAG BA . -23.81 21.49 22.86
O7 NAG BA . -28.32 25.80 21.24
C1 NAG CA . -25.47 -28.30 -28.79
C2 NAG CA . -24.62 -27.99 -30.02
C3 NAG CA . -24.18 -29.29 -30.69
C4 NAG CA . -23.47 -30.18 -29.68
C5 NAG CA . -24.34 -30.39 -28.44
C6 NAG CA . -23.64 -31.17 -27.35
C7 NAG CA . -26.51 -27.52 -31.52
C8 NAG CA . -27.12 -26.53 -32.47
N2 NAG CA . -25.36 -27.16 -30.96
O3 NAG CA . -23.30 -28.99 -31.77
O4 NAG CA . -23.18 -31.45 -30.26
O5 NAG CA . -24.72 -29.12 -27.88
O6 NAG CA . -24.49 -32.16 -26.80
O7 NAG CA . -27.05 -28.59 -31.28
C1 NAG DA . 8.29 32.25 -42.39
C2 NAG DA . 9.70 32.38 -41.82
C3 NAG DA . 10.24 33.77 -42.08
C4 NAG DA . 10.15 34.13 -43.56
C5 NAG DA . 8.73 33.91 -44.06
C6 NAG DA . 8.59 34.11 -45.55
C7 NAG DA . 9.03 32.73 -39.49
C8 NAG DA . 9.18 32.27 -38.07
N2 NAG DA . 9.73 32.06 -40.41
O3 NAG DA . 11.60 33.85 -41.65
O4 NAG DA . 10.52 35.48 -43.76
O5 NAG DA . 8.30 32.57 -43.79
O6 NAG DA . 9.28 35.29 -45.98
O7 NAG DA . 8.30 33.68 -39.79
C1 NAG EA . -2.90 -4.62 -47.70
C2 NAG EA . -2.59 -6.09 -47.42
C3 NAG EA . -2.18 -6.79 -48.73
C4 NAG EA . -3.24 -6.58 -49.80
C5 NAG EA . -3.52 -5.09 -49.97
C6 NAG EA . -4.65 -4.81 -50.94
C7 NAG EA . -1.81 -6.36 -45.12
C8 NAG EA . -0.62 -6.49 -44.22
N2 NAG EA . -1.55 -6.22 -46.42
O3 NAG EA . -2.02 -8.19 -48.47
O4 NAG EA . -2.79 -7.12 -51.03
O5 NAG EA . -3.91 -4.51 -48.71
O6 NAG EA . -5.69 -5.77 -50.81
O7 NAG EA . -2.96 -6.37 -44.68
C1 NAG FA . 2.75 7.38 -63.44
C2 NAG FA . 1.28 7.74 -63.64
C3 NAG FA . 0.47 6.50 -63.98
C4 NAG FA . 1.08 5.77 -65.17
C5 NAG FA . 2.56 5.49 -64.92
C6 NAG FA . 3.27 4.89 -66.11
C7 NAG FA . 0.28 9.66 -62.47
C8 NAG FA . -0.25 10.17 -61.16
N2 NAG FA . 0.74 8.40 -62.46
O3 NAG FA . -0.87 6.86 -64.28
O4 NAG FA . 0.41 4.53 -65.39
O5 NAG FA . 3.25 6.72 -64.61
O6 NAG FA . 3.10 5.70 -67.27
O7 NAG FA . 0.27 10.34 -63.48
C1 NAG GA . 42.33 2.08 -75.00
C2 NAG GA . 43.74 1.53 -75.27
C3 NAG GA . 44.00 1.52 -76.77
C4 NAG GA . 42.90 0.78 -77.50
C5 NAG GA . 41.53 1.35 -77.13
C6 NAG GA . 40.39 0.58 -77.73
C7 NAG GA . 45.33 1.92 -73.45
C8 NAG GA . 46.34 2.86 -72.87
N2 NAG GA . 44.74 2.32 -74.58
O3 NAG GA . 45.26 0.89 -77.02
O4 NAG GA . 43.08 0.88 -78.91
O5 NAG GA . 41.36 1.31 -75.71
O6 NAG GA . 40.33 0.74 -79.14
O7 NAG GA . 45.05 0.86 -72.91
C1 NAG HA . 39.66 31.29 -61.38
C2 NAG HA . 40.09 32.06 -62.63
C3 NAG HA . 40.14 33.55 -62.34
C4 NAG HA . 38.81 34.02 -61.78
C5 NAG HA . 38.42 33.18 -60.56
C6 NAG HA . 37.06 33.52 -60.02
C7 NAG HA . 41.64 31.36 -64.39
C8 NAG HA . 43.02 30.88 -64.71
N2 NAG HA . 41.38 31.58 -63.10
O3 NAG HA . 40.44 34.25 -63.54
O4 NAG HA . 38.89 35.39 -61.40
O5 NAG HA . 38.40 31.80 -60.92
O6 NAG HA . 36.15 33.84 -61.06
O7 NAG HA . 40.80 31.55 -65.28
C1 NAG IA . 58.18 4.60 -81.18
C2 NAG IA . 57.18 3.77 -81.97
C3 NAG IA . 57.74 2.37 -82.23
C4 NAG IA . 59.11 2.46 -82.89
C5 NAG IA . 60.04 3.35 -82.07
C6 NAG IA . 61.37 3.60 -82.73
C7 NAG IA . 54.81 3.14 -81.79
C8 NAG IA . 53.59 3.13 -80.92
N2 NAG IA . 55.91 3.68 -81.26
O3 NAG IA . 56.85 1.64 -83.07
O4 NAG IA . 59.69 1.16 -83.00
O5 NAG IA . 59.43 4.64 -81.88
O6 NAG IA . 61.35 4.77 -83.53
O7 NAG IA . 54.81 2.67 -82.93
C1 NAG JA . -33.77 -23.80 -1.44
C2 NAG JA . -34.35 -22.79 -0.44
C3 NAG JA . -34.61 -21.46 -1.13
C4 NAG JA . -33.35 -20.97 -1.84
C5 NAG JA . -32.82 -22.06 -2.77
C6 NAG JA . -31.49 -21.69 -3.41
C7 NAG JA . -36.02 -22.88 1.35
C8 NAG JA . -37.30 -23.50 1.83
N2 NAG JA . -35.57 -23.30 0.16
O3 NAG JA . -35.02 -20.49 -0.17
O4 NAG JA . -33.63 -19.80 -2.59
O5 NAG JA . -32.60 -23.27 -2.03
O6 NAG JA . -30.44 -21.73 -2.47
O7 NAG JA . -35.43 -22.03 2.01
C1 NAG KA . 49.00 22.48 -77.34
C2 NAG KA . 48.23 23.12 -78.51
C3 NAG KA . 49.10 24.15 -79.20
C4 NAG KA . 49.62 25.17 -78.19
C5 NAG KA . 50.34 24.46 -77.05
C6 NAG KA . 50.77 25.41 -75.96
C7 NAG KA . 46.93 22.39 -80.45
C8 NAG KA . 46.57 21.26 -81.36
N2 NAG KA . 47.77 22.12 -79.46
O3 NAG KA . 48.33 24.82 -80.20
O4 NAG KA . 50.52 26.07 -78.83
O5 NAG KA . 49.46 23.50 -76.45
O6 NAG KA . 49.65 26.02 -75.33
O7 NAG KA . 46.49 23.53 -80.63
C1 NAG LA . 35.89 15.89 -71.29
C2 NAG LA . 34.91 16.50 -70.29
C3 NAG LA . 33.53 15.87 -70.43
C4 NAG LA . 33.05 15.96 -71.86
C5 NAG LA . 34.07 15.33 -72.79
C6 NAG LA . 33.72 15.50 -74.26
C7 NAG LA . 36.26 17.20 -68.35
C8 NAG LA . 36.64 16.89 -66.93
N2 NAG LA . 35.40 16.36 -68.92
O3 NAG LA . 32.62 16.53 -69.56
O4 NAG LA . 31.80 15.29 -72.00
O5 NAG LA . 35.34 15.96 -72.61
O6 NAG LA . 33.58 16.87 -74.60
O7 NAG LA . 36.72 18.16 -68.95
C1 NAG MA . 38.45 43.83 -44.30
C2 NAG MA . 37.27 43.96 -43.33
C3 NAG MA . 36.95 45.44 -43.11
C4 NAG MA . 38.19 46.19 -42.65
C5 NAG MA . 39.34 45.94 -43.62
C6 NAG MA . 40.65 46.55 -43.16
C7 NAG MA . 35.95 41.94 -43.74
C8 NAG MA . 34.69 41.37 -44.31
N2 NAG MA . 36.09 43.27 -43.83
O3 NAG MA . 35.92 45.56 -42.13
O4 NAG MA . 37.92 47.58 -42.58
O5 NAG MA . 39.57 44.53 -43.77
O6 NAG MA . 41.32 45.69 -42.25
O7 NAG MA . 36.80 41.22 -43.23
#